data_2BDI
#
_entry.id   2BDI
#
_cell.length_a   147.050
_cell.length_b   73.860
_cell.length_c   154.380
_cell.angle_alpha   90.00
_cell.angle_beta   102.41
_cell.angle_gamma   90.00
#
_symmetry.space_group_name_H-M   'P 1 21 1'
#
loop_
_entity.id
_entity.type
_entity.pdbx_description
1 polymer Kallikrein-4
2 non-polymer 'COBALT (II) ION'
3 non-polymer 'P-AMINO BENZAMIDINE'
4 water water
#
_entity_poly.entity_id   1
_entity_poly.type   'polypeptide(L)'
_entity_poly.pdbx_seq_one_letter_code
;IINGEDCSPHSQPWQAALVMENELFCSGVLVHPQWVLSAAHCFQNSYTIGLGLHSLEADQEPGSQMVEASLSVRHPEYNR
PLLANDLMLIKLDESVSESDTIRSISIASQCPTAGNSCLVSGWGLLANGRMPTVLQCVNVSVVSEEVCSKLYDPLYHPSM
FCAGGGQDQKDSCNGDSGGPLICNGYLQGLVSFGKAPCGQVGVPGVYTNLCKFTEWIEKTVQA
;
_entity_poly.pdbx_strand_id   A,B,C,D,E,F,G,H,I,J,K,L,M,N,O,P
#
loop_
_chem_comp.id
_chem_comp.type
_chem_comp.name
_chem_comp.formula
CO non-polymer 'COBALT (II) ION' 'Co 2'
PBZ non-polymer 'P-AMINO BENZAMIDINE' 'C7 H10 N3 1'
#
# COMPACT_ATOMS: atom_id res chain seq x y z
N ILE A 1 -35.22 -3.24 10.64
CA ILE A 1 -34.35 -4.27 10.06
C ILE A 1 -35.27 -5.35 9.48
N ILE A 2 -34.99 -5.77 8.26
CA ILE A 2 -35.81 -6.81 7.65
C ILE A 2 -35.08 -8.14 7.66
N ASN A 3 -35.74 -9.17 8.18
CA ASN A 3 -35.15 -10.51 8.27
C ASN A 3 -33.87 -10.57 9.05
N GLY A 4 -33.88 -9.93 10.23
CA GLY A 4 -32.72 -9.97 11.15
C GLY A 4 -33.15 -10.61 12.48
N GLU A 5 -32.39 -10.38 13.53
CA GLU A 5 -32.77 -10.95 14.81
C GLU A 5 -32.38 -10.01 15.97
N ASP A 6 -32.92 -10.28 17.16
CA ASP A 6 -32.60 -9.47 18.31
C ASP A 6 -31.09 -9.41 18.46
N CYS A 7 -30.49 -8.21 18.51
CA CYS A 7 -29.04 -8.16 18.73
C CYS A 7 -28.77 -8.70 20.16
N SER A 8 -27.51 -9.12 20.38
CA SER A 8 -27.04 -9.49 21.70
C SER A 8 -27.04 -8.19 22.51
N PRO A 9 -27.87 -8.14 23.55
CA PRO A 9 -27.99 -6.94 24.41
C PRO A 9 -26.69 -6.25 24.63
N HIS A 10 -26.65 -5.01 24.20
CA HIS A 10 -25.49 -4.19 24.34
C HIS A 10 -24.31 -4.56 23.51
N SER A 11 -24.54 -5.29 22.41
CA SER A 11 -23.47 -5.68 21.49
C SER A 11 -23.02 -4.54 20.57
N GLN A 12 -23.82 -3.46 20.54
CA GLN A 12 -23.54 -2.29 19.70
C GLN A 12 -23.66 -1.09 20.60
N PRO A 13 -22.69 -0.92 21.48
CA PRO A 13 -22.72 0.22 22.40
C PRO A 13 -22.70 1.64 21.76
N TRP A 14 -22.43 1.73 20.44
CA TRP A 14 -22.34 3.06 19.79
C TRP A 14 -23.72 3.43 19.29
N GLN A 15 -24.66 2.50 19.37
CA GLN A 15 -25.97 2.76 18.89
C GLN A 15 -26.68 3.87 19.68
N ALA A 16 -27.18 4.89 19.00
CA ALA A 16 -27.93 5.99 19.57
C ALA A 16 -29.35 5.99 19.07
N ALA A 17 -30.31 6.07 19.95
CA ALA A 17 -31.70 6.11 19.52
C ALA A 17 -32.17 7.60 19.55
N LEU A 18 -32.92 8.03 18.54
CA LEU A 18 -33.43 9.37 18.48
C LEU A 18 -34.97 9.28 18.63
N VAL A 19 -35.50 9.78 19.75
CA VAL A 19 -36.97 9.76 19.99
C VAL A 19 -37.54 11.16 20.05
N MET A 20 -38.79 11.23 19.57
CA MET A 20 -39.53 12.49 19.47
C MET A 20 -40.53 12.46 20.56
N GLU A 21 -41.69 13.07 20.31
CA GLU A 21 -42.69 13.15 21.35
C GLU A 21 -42.59 11.94 22.24
N ASN A 22 -42.75 10.74 21.70
CA ASN A 22 -42.67 9.56 22.56
C ASN A 22 -42.30 8.36 21.73
N GLU A 23 -41.77 8.60 20.54
CA GLU A 23 -41.49 7.47 19.69
C GLU A 23 -40.13 7.61 18.99
N LEU A 24 -39.62 6.49 18.51
CA LEU A 24 -38.34 6.45 17.87
C LEU A 24 -38.54 6.79 16.44
N PHE A 25 -37.68 7.65 15.88
CA PHE A 25 -37.80 8.01 14.45
C PHE A 25 -36.48 7.84 13.69
N CYS A 26 -35.39 7.63 14.43
CA CYS A 26 -34.15 7.53 13.77
C CYS A 26 -33.22 6.90 14.70
N SER A 27 -31.90 6.80 14.34
CA SER A 27 -30.80 6.25 15.16
C SER A 27 -29.56 7.09 14.85
N GLY A 28 -28.48 6.90 15.59
CA GLY A 28 -27.25 7.68 15.34
C GLY A 28 -26.05 6.85 15.82
N VAL A 29 -24.86 7.32 15.62
CA VAL A 29 -23.77 6.53 16.06
C VAL A 29 -22.89 7.43 16.88
N LEU A 30 -22.57 6.98 18.08
CA LEU A 30 -21.70 7.74 18.98
C LEU A 30 -20.30 7.70 18.44
N VAL A 31 -19.86 8.73 17.78
CA VAL A 31 -18.55 8.61 17.22
C VAL A 31 -17.55 9.34 18.06
N HIS A 32 -18.02 9.85 19.20
CA HIS A 32 -17.20 10.64 20.11
C HIS A 32 -18.00 10.83 21.34
N PRO A 33 -17.33 11.10 22.46
CA PRO A 33 -18.06 11.28 23.74
C PRO A 33 -19.17 12.33 23.76
N GLN A 34 -18.93 13.43 23.02
CA GLN A 34 -19.94 14.48 22.89
C GLN A 34 -20.58 14.73 21.48
N TRP A 35 -20.53 13.70 20.63
CA TRP A 35 -21.03 13.80 19.28
C TRP A 35 -21.69 12.54 18.82
N VAL A 36 -22.89 12.69 18.28
CA VAL A 36 -23.62 11.59 17.70
C VAL A 36 -23.75 11.83 16.19
N LEU A 37 -23.27 10.85 15.37
CA LEU A 37 -23.33 10.90 13.88
C LEU A 37 -24.65 10.34 13.50
N SER A 38 -25.23 10.97 12.47
CA SER A 38 -26.52 10.54 12.00
C SER A 38 -26.87 11.00 10.60
N ALA A 39 -28.08 10.65 10.16
CA ALA A 39 -28.47 11.00 8.79
C ALA A 39 -28.99 12.37 8.78
N ALA A 40 -28.46 13.19 7.88
CA ALA A 40 -28.98 14.59 7.75
C ALA A 40 -30.50 14.64 7.66
N HIS A 41 -31.11 13.65 7.03
CA HIS A 41 -32.53 13.71 6.97
C HIS A 41 -33.20 13.38 8.27
N CYS A 42 -32.47 13.37 9.37
CA CYS A 42 -33.06 13.15 10.66
C CYS A 42 -32.96 14.43 11.60
N PHE A 43 -32.53 15.49 10.97
CA PHE A 43 -32.39 16.74 11.64
C PHE A 43 -33.66 17.17 12.38
N GLN A 44 -33.45 17.71 13.59
CA GLN A 44 -34.49 18.28 14.44
C GLN A 44 -33.91 19.52 15.12
N ASN A 45 -34.77 20.25 15.84
CA ASN A 45 -34.27 21.47 16.53
C ASN A 45 -33.69 21.04 17.84
N SER A 46 -34.24 19.96 18.35
CA SER A 46 -33.71 19.44 19.58
C SER A 46 -33.98 17.92 19.57
N TYR A 47 -33.01 17.15 20.06
CA TYR A 47 -33.16 15.71 20.05
C TYR A 47 -33.12 15.21 21.47
N THR A 48 -33.67 14.01 21.63
CA THR A 48 -33.64 13.30 22.91
C THR A 48 -32.95 11.98 22.62
N ILE A 49 -31.61 11.97 22.64
CA ILE A 49 -30.85 10.79 22.34
C ILE A 49 -30.78 9.76 23.50
N GLY A 50 -31.01 8.50 23.19
CA GLY A 50 -30.91 7.46 24.19
C GLY A 50 -29.69 6.58 23.93
N LEU A 51 -28.76 6.54 24.87
CA LEU A 51 -27.58 5.70 24.74
C LEU A 51 -27.66 4.49 25.64
N GLY A 52 -26.90 3.48 25.30
CA GLY A 52 -26.82 2.26 26.10
C GLY A 52 -28.10 1.50 26.14
N LEU A 53 -29.00 1.76 25.18
CA LEU A 53 -30.28 1.02 25.16
C LEU A 53 -30.29 -0.32 24.43
N HIS A 54 -31.39 -1.04 24.58
CA HIS A 54 -31.56 -2.31 23.91
C HIS A 54 -33.03 -2.35 23.70
N SER A 55 -33.77 -1.98 24.69
CA SER A 55 -35.19 -1.91 24.45
C SER A 55 -35.46 -0.39 24.58
N LEU A 56 -36.53 0.09 23.96
CA LEU A 56 -36.81 1.50 23.97
C LEU A 56 -37.19 2.00 25.36
N GLU A 57 -37.61 1.04 26.18
CA GLU A 57 -37.99 1.29 27.61
C GLU A 57 -36.75 1.71 28.41
N ALA A 58 -36.36 2.97 28.28
CA ALA A 58 -35.19 3.48 28.97
C ALA A 58 -35.04 3.06 30.43
N ASP A 59 -36.16 3.11 31.17
CA ASP A 59 -36.15 2.73 32.62
C ASP A 59 -36.27 1.18 32.79
N GLN A 60 -35.48 0.42 32.02
CA GLN A 60 -35.52 -1.01 32.06
C GLN A 60 -34.15 -1.37 31.60
N GLU A 61 -33.33 -0.38 31.31
CA GLU A 61 -32.00 -0.66 30.85
C GLU A 61 -31.02 0.08 31.75
N PRO A 62 -30.20 -0.63 32.50
CA PRO A 62 -29.22 -0.09 33.41
C PRO A 62 -28.37 1.03 32.90
N GLY A 63 -27.18 0.72 32.41
CA GLY A 63 -26.27 1.77 32.01
C GLY A 63 -26.81 2.76 31.02
N SER A 64 -28.10 2.66 30.71
CA SER A 64 -28.70 3.59 29.75
C SER A 64 -28.69 5.07 30.20
N GLN A 65 -28.58 5.98 29.23
CA GLN A 65 -28.59 7.42 29.51
C GLN A 65 -29.37 8.20 28.44
N MET A 66 -30.49 8.80 28.83
CA MET A 66 -31.25 9.61 27.94
C MET A 66 -30.75 11.01 27.94
N VAL A 67 -29.63 11.31 27.29
CA VAL A 67 -29.15 12.67 27.21
C VAL A 67 -30.00 13.58 26.25
N GLU A 68 -29.63 14.86 26.16
CA GLU A 68 -30.30 15.84 25.32
C GLU A 68 -29.30 16.64 24.55
N ALA A 69 -29.77 17.14 23.42
CA ALA A 69 -28.91 17.99 22.55
C ALA A 69 -29.75 18.88 21.64
N SER A 70 -29.10 19.92 21.12
CA SER A 70 -29.85 20.79 20.23
C SER A 70 -28.94 21.33 19.14
N LEU A 71 -27.62 21.33 19.34
CA LEU A 71 -26.76 21.83 18.24
C LEU A 71 -26.49 20.71 17.23
N SER A 72 -27.06 20.81 16.02
CA SER A 72 -26.84 19.80 14.96
C SER A 72 -26.19 20.43 13.76
N VAL A 73 -25.28 19.74 13.09
CA VAL A 73 -24.66 20.35 11.93
C VAL A 73 -24.87 19.40 10.77
N ARG A 74 -25.79 19.74 9.85
CA ARG A 74 -26.01 18.92 8.63
C ARG A 74 -24.83 19.19 7.66
N HIS A 75 -24.49 18.27 6.81
CA HIS A 75 -23.44 18.59 5.92
C HIS A 75 -23.84 19.70 4.90
N PRO A 76 -22.94 20.60 4.65
CA PRO A 76 -23.16 21.67 3.70
C PRO A 76 -23.94 21.28 2.44
N GLU A 77 -23.48 20.21 1.72
CA GLU A 77 -24.09 19.74 0.44
C GLU A 77 -25.22 18.73 0.61
N TYR A 78 -25.78 18.60 1.80
CA TYR A 78 -26.81 17.63 1.91
C TYR A 78 -27.90 17.86 0.91
N ASN A 79 -28.48 16.80 0.37
CA ASN A 79 -29.56 16.84 -0.62
C ASN A 79 -29.26 17.55 -1.97
N ARG A 80 -28.00 17.76 -2.27
CA ARG A 80 -27.61 18.39 -3.50
C ARG A 80 -26.46 17.54 -3.97
N PRO A 81 -26.70 16.59 -4.86
CA PRO A 81 -27.94 16.23 -5.52
C PRO A 81 -28.92 15.59 -4.65
N LEU A 82 -30.11 15.46 -5.20
CA LEU A 82 -31.22 14.98 -4.45
C LEU A 82 -30.79 13.75 -3.66
N LEU A 83 -31.07 13.76 -2.39
CA LEU A 83 -30.71 12.64 -1.54
C LEU A 83 -29.18 12.46 -1.14
N ALA A 84 -28.26 13.14 -1.79
CA ALA A 84 -26.89 12.96 -1.43
C ALA A 84 -26.36 13.62 -0.14
N ASN A 85 -25.11 13.27 0.21
CA ASN A 85 -24.46 13.74 1.41
C ASN A 85 -25.40 13.70 2.61
N ASP A 86 -26.09 12.58 2.85
CA ASP A 86 -27.04 12.45 3.92
C ASP A 86 -26.40 12.19 5.28
N LEU A 87 -25.43 13.00 5.71
CA LEU A 87 -24.92 12.82 7.13
C LEU A 87 -25.04 14.13 7.97
N MET A 88 -25.14 13.96 9.27
CA MET A 88 -25.24 15.08 10.20
C MET A 88 -24.66 14.76 11.59
N LEU A 89 -23.84 15.67 12.13
CA LEU A 89 -23.28 15.52 13.48
C LEU A 89 -24.17 16.30 14.51
N ILE A 90 -24.60 15.60 15.53
CA ILE A 90 -25.36 16.20 16.62
C ILE A 90 -24.42 16.32 17.83
N LYS A 91 -24.27 17.53 18.37
CA LYS A 91 -23.40 17.77 19.59
C LYS A 91 -24.28 17.69 20.79
N LEU A 92 -23.92 16.77 21.66
CA LEU A 92 -24.66 16.51 22.88
C LEU A 92 -24.42 17.63 23.91
N ASP A 93 -25.46 17.96 24.70
CA ASP A 93 -25.33 19.06 25.67
C ASP A 93 -24.18 18.74 26.61
N GLU A 94 -24.33 17.63 27.29
CA GLU A 94 -23.33 17.19 28.22
C GLU A 94 -22.64 15.94 27.69
N SER A 95 -21.33 16.05 27.51
CA SER A 95 -20.51 14.89 27.10
C SER A 95 -20.75 13.58 27.94
N VAL A 96 -20.87 12.39 27.34
CA VAL A 96 -21.19 11.18 28.13
C VAL A 96 -19.94 10.45 28.51
N SER A 97 -20.07 9.56 29.49
CA SER A 97 -18.92 8.80 29.94
C SER A 97 -19.02 7.38 29.41
N GLU A 98 -18.04 7.01 28.58
CA GLU A 98 -18.01 5.67 27.96
C GLU A 98 -18.19 4.55 28.97
N SER A 99 -19.37 4.00 29.09
CA SER A 99 -19.56 2.96 30.01
C SER A 99 -19.39 1.57 29.42
N ASP A 100 -19.93 0.62 30.16
CA ASP A 100 -19.86 -0.76 29.77
C ASP A 100 -20.79 -1.01 28.60
N THR A 101 -21.96 -0.39 28.61
CA THR A 101 -22.92 -0.57 27.57
C THR A 101 -23.01 0.63 26.67
N ILE A 102 -22.10 1.61 26.81
CA ILE A 102 -22.14 2.80 25.97
C ILE A 102 -20.76 3.15 25.53
N ARG A 103 -20.32 2.73 24.34
CA ARG A 103 -18.96 3.08 23.93
C ARG A 103 -19.03 3.71 22.55
N SER A 104 -18.06 4.54 22.20
CA SER A 104 -18.13 5.15 20.87
C SER A 104 -17.39 4.29 19.85
N ILE A 105 -17.69 4.41 18.53
CA ILE A 105 -17.02 3.63 17.50
C ILE A 105 -16.30 4.49 16.51
N SER A 106 -15.28 3.97 15.82
CA SER A 106 -14.57 4.83 14.90
C SER A 106 -15.02 4.61 13.46
N ILE A 107 -14.86 5.69 12.70
CA ILE A 107 -15.34 5.72 11.35
C ILE A 107 -14.31 5.17 10.44
N ALA A 108 -14.70 4.24 9.55
CA ALA A 108 -13.77 3.69 8.58
C ALA A 108 -13.09 4.76 7.70
N SER A 109 -11.80 4.68 7.46
CA SER A 109 -11.17 5.70 6.64
C SER A 109 -11.01 5.15 5.22
N GLN A 110 -11.12 3.84 5.09
CA GLN A 110 -11.05 3.18 3.78
C GLN A 110 -12.52 2.97 3.20
N CYS A 111 -12.67 2.79 1.88
CA CYS A 111 -14.04 2.60 1.35
C CYS A 111 -14.61 1.21 1.20
N PRO A 112 -15.90 1.12 1.30
CA PRO A 112 -16.52 -0.19 1.21
C PRO A 112 -15.89 -1.10 0.14
N THR A 113 -15.77 -2.43 0.41
CA THR A 113 -15.25 -3.33 -0.64
C THR A 113 -16.38 -4.26 -0.99
N ALA A 114 -16.58 -4.43 -2.27
CA ALA A 114 -17.69 -5.22 -2.74
C ALA A 114 -17.65 -6.62 -2.21
N GLY A 115 -18.79 -7.15 -1.83
CA GLY A 115 -18.77 -8.53 -1.38
C GLY A 115 -18.59 -8.71 0.11
N ASN A 116 -17.87 -7.74 0.68
CA ASN A 116 -17.64 -7.70 2.10
C ASN A 116 -18.91 -7.73 2.91
N SER A 117 -18.96 -8.54 3.94
CA SER A 117 -20.22 -8.67 4.69
C SER A 117 -20.18 -7.81 5.90
N CYS A 118 -21.30 -7.05 6.15
CA CYS A 118 -21.34 -6.11 7.28
C CYS A 118 -22.61 -6.23 8.00
N LEU A 119 -22.64 -5.46 9.09
CA LEU A 119 -23.82 -5.56 9.91
C LEU A 119 -24.45 -4.24 10.05
N VAL A 120 -25.76 -4.27 10.19
CA VAL A 120 -26.48 -3.02 10.40
C VAL A 120 -27.51 -3.36 11.48
N SER A 121 -27.87 -2.35 12.30
CA SER A 121 -28.80 -2.56 13.41
C SER A 121 -29.68 -1.37 13.57
N GLY A 122 -30.85 -1.59 14.15
CA GLY A 122 -31.80 -0.49 14.36
C GLY A 122 -33.15 -0.94 14.84
N TRP A 123 -33.99 0.02 15.22
CA TRP A 123 -35.34 -0.34 15.72
C TRP A 123 -36.42 -0.13 14.66
N GLY A 124 -36.00 -0.04 13.37
CA GLY A 124 -36.93 0.22 12.29
C GLY A 124 -37.87 -0.94 12.07
N LEU A 125 -38.86 -0.76 11.19
CA LEU A 125 -39.85 -1.77 10.84
C LEU A 125 -39.21 -3.12 10.50
N LEU A 126 -39.95 -4.17 10.82
CA LEU A 126 -39.55 -5.55 10.59
C LEU A 126 -40.22 -6.10 9.34
N ALA A 127 -39.80 -7.31 8.95
CA ALA A 127 -40.37 -7.99 7.77
C ALA A 127 -41.91 -8.01 7.78
N ASN A 128 -42.47 -8.01 8.98
CA ASN A 128 -43.94 -8.02 9.18
C ASN A 128 -44.55 -6.62 9.20
N GLY A 129 -43.73 -5.60 8.91
CA GLY A 129 -44.23 -4.23 8.91
C GLY A 129 -44.47 -3.77 10.31
N ARG A 130 -43.87 -4.44 11.28
CA ARG A 130 -44.07 -4.10 12.65
C ARG A 130 -42.81 -3.62 13.30
N MET A 131 -42.93 -2.78 14.31
CA MET A 131 -41.75 -2.24 15.03
C MET A 131 -41.32 -3.24 16.06
N PRO A 132 -40.01 -3.48 16.16
CA PRO A 132 -39.47 -4.44 17.14
C PRO A 132 -39.43 -3.93 18.55
N THR A 133 -39.30 -4.82 19.53
CA THR A 133 -39.24 -4.36 20.93
C THR A 133 -37.79 -4.11 21.34
N VAL A 134 -36.86 -4.84 20.69
CA VAL A 134 -35.44 -4.62 20.98
C VAL A 134 -34.64 -4.31 19.73
N LEU A 135 -33.40 -3.85 19.90
CA LEU A 135 -32.54 -3.47 18.77
C LEU A 135 -32.30 -4.65 17.84
N GLN A 136 -32.52 -4.47 16.53
CA GLN A 136 -32.37 -5.57 15.58
C GLN A 136 -31.01 -5.53 14.91
N CYS A 137 -30.53 -6.73 14.49
CA CYS A 137 -29.21 -6.94 13.84
C CYS A 137 -29.38 -7.87 12.69
N VAL A 138 -28.62 -7.50 11.60
CA VAL A 138 -28.65 -8.24 10.35
C VAL A 138 -27.41 -8.02 9.54
N ASN A 139 -27.12 -9.00 8.71
CA ASN A 139 -25.91 -8.84 7.90
C ASN A 139 -26.24 -8.63 6.42
N VAL A 140 -25.50 -7.72 5.81
CA VAL A 140 -25.76 -7.46 4.39
C VAL A 140 -24.42 -7.26 3.77
N SER A 141 -24.22 -7.63 2.48
CA SER A 141 -22.87 -7.45 1.94
C SER A 141 -22.79 -6.28 1.01
N VAL A 142 -21.60 -5.70 0.95
CA VAL A 142 -21.45 -4.53 0.12
C VAL A 142 -21.69 -4.97 -1.33
N VAL A 143 -22.44 -4.20 -2.12
CA VAL A 143 -22.68 -4.47 -3.52
C VAL A 143 -21.73 -3.64 -4.40
N SER A 144 -21.38 -4.08 -5.59
CA SER A 144 -20.37 -3.30 -6.35
C SER A 144 -20.81 -2.01 -6.83
N GLU A 145 -19.84 -1.11 -6.97
CA GLU A 145 -20.19 0.25 -7.39
C GLU A 145 -20.97 0.20 -8.71
N GLU A 146 -20.51 -0.63 -9.68
CA GLU A 146 -21.23 -0.68 -10.90
C GLU A 146 -22.67 -1.00 -10.68
N VAL A 147 -22.92 -2.15 -10.12
CA VAL A 147 -24.32 -2.46 -9.96
C VAL A 147 -25.08 -1.31 -9.25
N CYS A 148 -24.44 -0.74 -8.20
CA CYS A 148 -25.15 0.33 -7.45
C CYS A 148 -25.53 1.52 -8.39
N SER A 149 -24.50 2.05 -8.98
CA SER A 149 -24.77 3.21 -9.70
C SER A 149 -25.76 2.98 -10.85
N LYS A 150 -25.76 1.80 -11.44
CA LYS A 150 -26.70 1.61 -12.52
C LYS A 150 -28.06 1.35 -11.89
N LEU A 151 -28.12 0.56 -10.85
CA LEU A 151 -29.42 0.36 -10.29
C LEU A 151 -30.08 1.63 -9.78
N TYR A 152 -29.30 2.63 -9.41
CA TYR A 152 -29.91 3.79 -8.78
C TYR A 152 -29.68 5.06 -9.53
N ASP A 153 -29.13 4.93 -10.76
CA ASP A 153 -28.97 6.03 -11.66
C ASP A 153 -30.42 6.69 -11.76
N PRO A 154 -30.54 8.02 -11.81
CA PRO A 154 -29.47 9.00 -11.77
C PRO A 154 -29.37 9.53 -10.41
N LEU A 155 -30.07 8.96 -9.45
CA LEU A 155 -29.94 9.41 -8.06
C LEU A 155 -28.60 9.00 -7.38
N TYR A 156 -27.86 8.02 -7.93
CA TYR A 156 -26.65 7.58 -7.20
C TYR A 156 -25.58 8.58 -7.15
N HIS A 157 -24.95 8.73 -5.98
CA HIS A 157 -23.85 9.74 -5.86
C HIS A 157 -22.69 9.15 -5.15
N PRO A 158 -21.51 9.67 -5.34
CA PRO A 158 -20.39 9.08 -4.63
C PRO A 158 -20.48 9.13 -3.14
N SER A 159 -21.48 9.80 -2.61
CA SER A 159 -21.55 9.90 -1.17
C SER A 159 -22.40 8.85 -0.69
N MET A 160 -22.58 7.84 -1.53
CA MET A 160 -23.45 6.72 -1.09
C MET A 160 -22.95 5.39 -1.58
N PHE A 161 -23.44 4.29 -0.99
CA PHE A 161 -23.09 2.96 -1.40
C PHE A 161 -24.13 2.01 -1.05
N CYS A 162 -24.05 0.90 -1.78
CA CYS A 162 -25.08 -0.11 -1.62
C CYS A 162 -24.70 -1.36 -0.82
N ALA A 163 -25.67 -1.94 -0.16
CA ALA A 163 -25.33 -3.13 0.57
C ALA A 163 -26.57 -3.95 0.72
N GLY A 164 -26.41 -5.25 0.58
CA GLY A 164 -27.56 -6.13 0.68
C GLY A 164 -28.21 -6.36 -0.69
N GLY A 165 -29.54 -6.46 -0.73
CA GLY A 165 -30.15 -6.68 -2.02
C GLY A 165 -30.08 -8.14 -2.44
N GLY A 166 -29.62 -8.99 -1.53
CA GLY A 166 -29.51 -10.37 -1.80
C GLY A 166 -30.85 -11.06 -1.83
N GLN A 167 -30.79 -12.35 -2.16
CA GLN A 167 -31.99 -13.14 -2.27
C GLN A 167 -32.56 -13.39 -0.88
N ASP A 168 -31.70 -13.34 0.12
CA ASP A 168 -32.18 -13.58 1.47
C ASP A 168 -33.08 -12.53 2.04
N GLN A 169 -33.30 -11.52 1.22
CA GLN A 169 -34.14 -10.44 1.63
C GLN A 169 -33.77 -9.77 2.98
N LYS A 170 -32.50 -9.65 3.25
CA LYS A 170 -32.04 -9.03 4.47
C LYS A 170 -31.77 -7.52 4.13
N ASP A 171 -32.31 -6.60 4.91
CA ASP A 171 -32.10 -5.20 4.62
C ASP A 171 -32.57 -4.27 5.75
N SER A 172 -32.25 -2.98 5.68
CA SER A 172 -32.75 -2.06 6.64
C SER A 172 -34.09 -1.66 6.14
N CYS A 173 -34.64 -0.68 6.76
CA CYS A 173 -35.95 -0.24 6.47
C CYS A 173 -36.42 1.06 7.32
N ASN A 174 -37.61 1.52 7.08
CA ASN A 174 -38.05 2.71 7.76
C ASN A 174 -37.86 2.65 9.26
N GLY A 175 -37.22 3.70 9.81
CA GLY A 175 -37.01 3.73 11.25
C GLY A 175 -35.60 3.37 11.54
N ASP A 176 -34.84 2.99 10.55
CA ASP A 176 -33.45 2.64 10.79
C ASP A 176 -32.55 3.73 10.28
N SER A 177 -33.15 4.80 9.75
CA SER A 177 -32.38 5.85 9.15
C SER A 177 -31.36 6.31 10.13
N GLY A 178 -30.13 6.57 9.65
CA GLY A 178 -29.05 7.07 10.52
C GLY A 178 -28.42 6.00 11.32
N GLY A 179 -28.97 4.78 11.23
CA GLY A 179 -28.40 3.60 11.89
C GLY A 179 -27.00 3.29 11.33
N PRO A 180 -26.27 2.48 12.05
CA PRO A 180 -24.89 2.11 11.68
C PRO A 180 -24.76 0.90 10.76
N LEU A 181 -23.71 0.94 9.94
CA LEU A 181 -23.39 -0.17 9.13
C LEU A 181 -21.90 -0.36 9.41
N ILE A 182 -21.61 -1.43 10.17
CA ILE A 182 -20.22 -1.74 10.60
C ILE A 182 -19.59 -2.76 9.71
N CYS A 183 -18.33 -2.46 9.42
CA CYS A 183 -17.52 -3.34 8.56
C CYS A 183 -16.21 -3.61 9.19
N ASN A 184 -16.09 -4.86 9.67
CA ASN A 184 -14.81 -5.23 10.26
C ASN A 184 -14.55 -4.29 11.39
N GLY A 185 -15.59 -4.15 12.23
CA GLY A 185 -15.49 -3.25 13.36
C GLY A 185 -15.33 -1.73 13.12
N TYR A 186 -15.51 -1.26 11.91
CA TYR A 186 -15.49 0.14 11.73
C TYR A 186 -16.89 0.58 11.30
N LEU A 187 -17.18 1.87 11.54
CA LEU A 187 -18.45 2.47 11.14
C LEU A 187 -18.18 2.77 9.68
N GLN A 188 -18.89 2.02 8.80
CA GLN A 188 -18.68 2.16 7.34
C GLN A 188 -19.75 3.12 6.74
N GLY A 189 -21.00 2.99 7.23
CA GLY A 189 -22.04 3.87 6.76
C GLY A 189 -23.26 4.12 7.65
N LEU A 190 -24.17 4.90 7.13
CA LEU A 190 -25.39 5.17 7.84
C LEU A 190 -26.59 4.81 7.00
N VAL A 191 -27.58 4.23 7.62
CA VAL A 191 -28.79 3.91 6.90
C VAL A 191 -29.36 5.20 6.33
N SER A 192 -29.39 5.36 5.01
CA SER A 192 -29.90 6.56 4.28
C SER A 192 -31.23 6.37 3.60
N PHE A 193 -31.30 5.61 2.52
CA PHE A 193 -32.58 5.36 1.88
C PHE A 193 -32.50 4.08 1.05
N GLY A 194 -33.61 3.79 0.39
CA GLY A 194 -33.70 2.65 -0.53
C GLY A 194 -35.13 2.50 -1.08
N LYS A 195 -35.30 1.73 -2.15
CA LYS A 195 -36.63 1.48 -2.73
C LYS A 195 -37.59 0.77 -1.75
N ALA A 196 -38.87 0.92 -1.99
CA ALA A 196 -39.88 0.33 -1.09
C ALA A 196 -40.73 -0.48 -1.95
N PRO A 197 -41.26 -1.58 -1.41
CA PRO A 197 -41.01 -1.94 -0.01
C PRO A 197 -39.54 -2.36 0.20
N CYS A 198 -39.21 -2.56 1.46
CA CYS A 198 -37.87 -2.98 1.76
C CYS A 198 -37.77 -4.47 1.57
N GLY A 199 -36.49 -4.93 1.60
CA GLY A 199 -36.14 -6.33 1.40
C GLY A 199 -36.44 -6.97 0.07
N GLN A 200 -36.39 -6.18 -1.00
CA GLN A 200 -36.66 -6.74 -2.32
C GLN A 200 -35.42 -7.34 -2.87
N VAL A 201 -35.64 -8.46 -3.56
CA VAL A 201 -34.48 -9.15 -4.14
C VAL A 201 -33.87 -8.29 -5.22
N GLY A 202 -32.58 -8.15 -5.24
CA GLY A 202 -32.02 -7.38 -6.32
C GLY A 202 -32.08 -5.88 -6.14
N VAL A 203 -32.56 -5.48 -4.99
CA VAL A 203 -32.66 -4.05 -4.76
C VAL A 203 -31.98 -3.74 -3.44
N PRO A 204 -30.72 -3.44 -3.52
CA PRO A 204 -29.98 -3.15 -2.28
C PRO A 204 -30.41 -1.83 -1.65
N GLY A 205 -30.01 -1.61 -0.38
CA GLY A 205 -30.31 -0.36 0.29
C GLY A 205 -29.14 0.58 0.10
N VAL A 206 -29.37 1.91 0.27
CA VAL A 206 -28.31 2.91 0.12
C VAL A 206 -27.89 3.39 1.53
N TYR A 207 -26.58 3.60 1.69
CA TYR A 207 -25.99 4.00 2.96
C TYR A 207 -25.02 5.17 2.69
N THR A 208 -24.89 6.09 3.64
CA THR A 208 -24.03 7.22 3.46
C THR A 208 -22.58 6.74 3.44
N ASN A 209 -21.81 7.13 2.46
CA ASN A 209 -20.48 6.64 2.34
C ASN A 209 -19.48 7.40 3.17
N LEU A 210 -19.48 7.09 4.45
CA LEU A 210 -18.64 7.83 5.44
C LEU A 210 -17.20 7.94 5.12
N CYS A 211 -16.68 6.93 4.46
CA CYS A 211 -15.32 6.99 4.19
C CYS A 211 -15.00 8.24 3.53
N LYS A 212 -16.05 8.93 2.96
CA LYS A 212 -15.86 10.15 2.10
C LYS A 212 -15.91 11.49 2.86
N PHE A 213 -16.35 11.44 4.11
CA PHE A 213 -16.50 12.67 4.88
C PHE A 213 -15.61 12.71 6.16
N THR A 214 -14.53 11.93 6.14
CA THR A 214 -13.67 11.90 7.34
C THR A 214 -13.21 13.35 7.66
N GLU A 215 -12.54 14.00 6.73
CA GLU A 215 -12.11 15.35 7.00
C GLU A 215 -13.23 16.24 7.53
N TRP A 216 -14.40 16.21 6.94
CA TRP A 216 -15.48 17.05 7.45
C TRP A 216 -15.87 16.63 8.83
N ILE A 217 -16.09 15.33 9.04
CA ILE A 217 -16.49 14.86 10.37
C ILE A 217 -15.47 15.33 11.39
N GLU A 218 -14.20 15.34 11.02
CA GLU A 218 -13.16 15.75 11.94
C GLU A 218 -13.21 17.26 12.22
N LYS A 219 -13.01 18.05 11.20
CA LYS A 219 -13.01 19.47 11.34
C LYS A 219 -14.21 19.97 12.12
N THR A 220 -15.28 19.20 12.14
CA THR A 220 -16.49 19.60 12.83
C THR A 220 -16.44 19.19 14.26
N VAL A 221 -16.24 17.90 14.53
CA VAL A 221 -16.22 17.41 15.89
C VAL A 221 -15.22 18.15 16.70
N GLN A 222 -14.04 18.33 16.12
CA GLN A 222 -12.94 19.01 16.82
C GLN A 222 -13.18 20.48 16.88
N ALA A 223 -12.59 21.18 15.93
CA ALA A 223 -12.77 22.65 15.84
C ALA A 223 -14.30 23.06 15.83
N ILE B 1 -45.85 -21.65 -8.28
CA ILE B 1 -46.18 -21.55 -9.73
C ILE B 1 -47.41 -20.65 -9.93
N ILE B 2 -47.29 -19.67 -10.82
CA ILE B 2 -48.40 -18.78 -11.04
C ILE B 2 -49.14 -19.15 -12.32
N ASN B 3 -50.47 -19.36 -12.20
CA ASN B 3 -51.34 -19.75 -13.33
C ASN B 3 -50.96 -21.07 -14.00
N GLY B 4 -50.72 -22.08 -13.16
CA GLY B 4 -50.41 -23.39 -13.68
C GLY B 4 -51.44 -24.38 -13.17
N GLU B 5 -51.15 -25.68 -13.16
CA GLU B 5 -52.08 -26.67 -12.68
C GLU B 5 -51.40 -27.83 -11.99
N ASP B 6 -52.18 -28.63 -11.29
CA ASP B 6 -51.63 -29.75 -10.59
C ASP B 6 -50.89 -30.60 -11.58
N CYS B 7 -49.63 -30.91 -11.31
CA CYS B 7 -48.84 -31.85 -12.12
C CYS B 7 -49.49 -33.25 -12.22
N SER B 8 -49.26 -34.00 -13.25
CA SER B 8 -49.72 -35.36 -13.28
C SER B 8 -48.83 -36.05 -12.20
N PRO B 9 -49.46 -36.60 -11.17
CA PRO B 9 -48.74 -37.28 -10.08
C PRO B 9 -47.56 -38.03 -10.54
N HIS B 10 -46.40 -37.64 -10.07
CA HIS B 10 -45.18 -38.28 -10.41
C HIS B 10 -44.68 -38.13 -11.80
N SER B 11 -45.13 -37.08 -12.47
CA SER B 11 -44.70 -36.77 -13.84
C SER B 11 -43.33 -36.13 -13.88
N GLN B 12 -42.83 -35.72 -12.71
CA GLN B 12 -41.49 -35.08 -12.57
C GLN B 12 -40.75 -35.78 -11.48
N PRO B 13 -40.35 -37.02 -11.72
CA PRO B 13 -39.64 -37.79 -10.72
C PRO B 13 -38.31 -37.22 -10.23
N TRP B 14 -37.79 -36.16 -10.88
CA TRP B 14 -36.48 -35.59 -10.49
C TRP B 14 -36.71 -34.49 -9.47
N GLN B 15 -37.96 -34.17 -9.25
CA GLN B 15 -38.30 -33.10 -8.33
C GLN B 15 -37.96 -33.46 -6.92
N ALA B 16 -37.20 -32.58 -6.27
CA ALA B 16 -36.78 -32.74 -4.88
C ALA B 16 -37.36 -31.62 -4.04
N ALA B 17 -37.99 -31.94 -2.93
CA ALA B 17 -38.53 -30.92 -2.08
C ALA B 17 -37.54 -30.67 -0.90
N LEU B 18 -37.32 -29.41 -0.52
CA LEU B 18 -36.45 -29.06 0.57
C LEU B 18 -37.31 -28.47 1.68
N VAL B 19 -37.43 -29.20 2.80
CA VAL B 19 -38.22 -28.73 3.95
C VAL B 19 -37.38 -28.49 5.17
N MET B 20 -37.81 -27.48 5.93
CA MET B 20 -37.12 -27.02 7.15
C MET B 20 -37.90 -27.51 8.27
N GLU B 21 -37.92 -26.73 9.34
CA GLU B 21 -38.63 -27.17 10.54
C GLU B 21 -39.82 -28.04 10.17
N ASN B 22 -40.75 -27.50 9.40
CA ASN B 22 -41.89 -28.34 9.04
C ASN B 22 -42.51 -27.79 7.80
N GLU B 23 -41.75 -26.99 7.06
CA GLU B 23 -42.34 -26.39 5.87
C GLU B 23 -41.38 -26.44 4.67
N LEU B 24 -41.95 -26.31 3.48
CA LEU B 24 -41.18 -26.32 2.26
C LEU B 24 -40.61 -24.92 2.00
N PHE B 25 -39.35 -24.83 1.63
CA PHE B 25 -38.78 -23.53 1.36
C PHE B 25 -38.07 -23.50 0.00
N CYS B 26 -37.92 -24.62 -0.58
CA CYS B 26 -37.20 -24.62 -1.82
C CYS B 26 -37.39 -26.01 -2.55
N SER B 27 -36.76 -26.20 -3.72
CA SER B 27 -36.88 -27.47 -4.42
C SER B 27 -35.50 -27.74 -4.95
N GLY B 28 -35.30 -28.93 -5.54
CA GLY B 28 -33.99 -29.29 -6.14
C GLY B 28 -34.19 -30.28 -7.24
N VAL B 29 -33.15 -30.66 -7.95
CA VAL B 29 -33.39 -31.57 -9.01
C VAL B 29 -32.41 -32.66 -8.81
N LEU B 30 -32.92 -33.89 -8.80
CA LEU B 30 -32.06 -35.08 -8.67
C LEU B 30 -31.26 -35.24 -9.94
N VAL B 31 -30.01 -34.86 -9.94
CA VAL B 31 -29.30 -34.98 -11.18
C VAL B 31 -28.39 -36.19 -11.16
N HIS B 32 -28.49 -36.96 -10.09
CA HIS B 32 -27.66 -38.11 -9.90
C HIS B 32 -28.22 -38.83 -8.68
N PRO B 33 -27.93 -40.13 -8.55
CA PRO B 33 -28.44 -40.91 -7.41
C PRO B 33 -28.13 -40.37 -6.04
N GLN B 34 -26.94 -39.80 -5.91
CA GLN B 34 -26.58 -39.21 -4.64
C GLN B 34 -26.33 -37.66 -4.61
N TRP B 35 -26.94 -36.97 -5.57
CA TRP B 35 -26.77 -35.55 -5.69
C TRP B 35 -28.02 -34.84 -6.09
N VAL B 36 -28.36 -33.79 -5.35
CA VAL B 36 -29.49 -32.93 -5.63
C VAL B 36 -28.99 -31.54 -6.01
N LEU B 37 -29.36 -31.10 -7.24
CA LEU B 37 -29.00 -29.76 -7.77
C LEU B 37 -30.05 -28.79 -7.31
N SER B 38 -29.57 -27.59 -6.94
CA SER B 38 -30.43 -26.60 -6.43
C SER B 38 -29.90 -25.20 -6.48
N ALA B 39 -30.68 -24.25 -5.98
CA ALA B 39 -30.22 -22.86 -6.03
C ALA B 39 -29.31 -22.56 -4.88
N ALA B 40 -28.15 -22.00 -5.17
CA ALA B 40 -27.26 -21.58 -4.10
C ALA B 40 -27.92 -20.77 -3.01
N HIS B 41 -28.91 -20.00 -3.31
CA HIS B 41 -29.55 -19.25 -2.28
C HIS B 41 -30.50 -20.07 -1.50
N CYS B 42 -30.41 -21.39 -1.60
CA CYS B 42 -31.24 -22.31 -0.76
C CYS B 42 -30.36 -23.07 0.27
N PHE B 43 -29.09 -22.76 0.29
CA PHE B 43 -28.14 -23.39 1.17
C PHE B 43 -28.54 -23.42 2.61
N GLN B 44 -28.29 -24.56 3.24
CA GLN B 44 -28.56 -24.80 4.65
C GLN B 44 -27.41 -25.65 5.20
N ASN B 45 -27.41 -25.89 6.53
CA ASN B 45 -26.33 -26.71 7.11
C ASN B 45 -26.72 -28.14 6.98
N SER B 46 -27.99 -28.35 6.97
CA SER B 46 -28.43 -29.68 6.80
C SER B 46 -29.82 -29.58 6.15
N TYR B 47 -30.11 -30.51 5.21
CA TYR B 47 -31.38 -30.49 4.52
C TYR B 47 -32.16 -31.77 4.79
N THR B 48 -33.46 -31.68 4.59
CA THR B 48 -34.34 -32.82 4.69
C THR B 48 -35.04 -32.88 3.34
N ILE B 49 -34.42 -33.55 2.38
CA ILE B 49 -34.93 -33.68 1.03
C ILE B 49 -36.00 -34.75 0.88
N GLY B 50 -37.09 -34.40 0.21
CA GLY B 50 -38.17 -35.34 -0.06
C GLY B 50 -38.22 -35.67 -1.54
N LEU B 51 -38.01 -36.94 -1.87
CA LEU B 51 -38.07 -37.43 -3.24
C LEU B 51 -39.35 -38.23 -3.51
N GLY B 52 -39.75 -38.33 -4.76
CA GLY B 52 -40.90 -39.08 -5.14
C GLY B 52 -42.17 -38.53 -4.59
N LEU B 53 -42.19 -37.27 -4.22
CA LEU B 53 -43.44 -36.67 -3.68
C LEU B 53 -44.37 -36.06 -4.71
N HIS B 54 -45.54 -35.68 -4.26
CA HIS B 54 -46.54 -35.04 -5.12
C HIS B 54 -47.26 -34.13 -4.16
N SER B 55 -47.55 -34.65 -2.98
CA SER B 55 -48.14 -33.78 -2.01
C SER B 55 -47.02 -33.72 -0.95
N LEU B 56 -47.00 -32.66 -0.15
CA LEU B 56 -45.97 -32.50 0.86
C LEU B 56 -46.09 -33.57 1.98
N GLU B 57 -47.30 -34.14 2.11
CA GLU B 57 -47.65 -35.17 3.08
C GLU B 57 -46.87 -36.44 2.73
N ALA B 58 -45.60 -36.49 3.07
CA ALA B 58 -44.76 -37.66 2.77
C ALA B 58 -45.42 -39.03 3.05
N ASP B 59 -46.12 -39.15 4.18
CA ASP B 59 -46.77 -40.40 4.55
C ASP B 59 -48.14 -40.51 3.87
N GLN B 60 -48.18 -40.23 2.57
CA GLN B 60 -49.42 -40.29 1.77
C GLN B 60 -48.93 -40.56 0.36
N GLU B 61 -47.64 -40.67 0.20
CA GLU B 61 -47.09 -40.91 -1.11
C GLU B 61 -46.21 -42.13 -1.03
N PRO B 62 -46.56 -43.18 -1.75
CA PRO B 62 -45.83 -44.43 -1.82
C PRO B 62 -44.36 -44.40 -1.96
N GLY B 63 -43.90 -44.54 -3.19
CA GLY B 63 -42.47 -44.56 -3.41
C GLY B 63 -41.66 -43.42 -2.87
N SER B 64 -42.29 -42.55 -2.11
CA SER B 64 -41.60 -41.38 -1.54
C SER B 64 -40.49 -41.72 -0.55
N GLN B 65 -39.45 -40.92 -0.52
CA GLN B 65 -38.35 -41.12 0.38
C GLN B 65 -37.82 -39.82 0.94
N MET B 66 -37.97 -39.63 2.26
CA MET B 66 -37.47 -38.46 2.92
C MET B 66 -36.02 -38.67 3.35
N VAL B 67 -35.07 -38.61 2.44
CA VAL B 67 -33.68 -38.71 2.81
C VAL B 67 -33.12 -37.45 3.53
N GLU B 68 -31.84 -37.53 3.93
CA GLU B 68 -31.14 -36.45 4.61
C GLU B 68 -29.81 -36.20 4.03
N ALA B 69 -29.35 -34.97 4.21
CA ALA B 69 -28.04 -34.59 3.73
C ALA B 69 -27.49 -33.39 4.44
N SER B 70 -26.18 -33.21 4.36
CA SER B 70 -25.59 -32.05 5.00
C SER B 70 -24.42 -31.49 4.22
N LEU B 71 -23.79 -32.29 3.36
CA LEU B 71 -22.69 -31.72 2.58
C LEU B 71 -23.22 -30.98 1.32
N SER B 72 -23.11 -29.64 1.29
CA SER B 72 -23.61 -28.85 0.14
C SER B 72 -22.44 -28.10 -0.46
N VAL B 73 -22.41 -27.94 -1.76
CA VAL B 73 -21.32 -27.20 -2.33
C VAL B 73 -21.96 -26.07 -3.20
N ARG B 74 -21.85 -24.80 -2.74
CA ARG B 74 -22.38 -23.67 -3.50
C ARG B 74 -21.32 -23.37 -4.54
N HIS B 75 -21.72 -22.76 -5.64
CA HIS B 75 -20.68 -22.43 -6.61
C HIS B 75 -19.72 -21.33 -6.14
N PRO B 76 -18.48 -21.52 -6.38
CA PRO B 76 -17.46 -20.57 -6.02
C PRO B 76 -17.83 -19.13 -6.17
N GLU B 77 -18.36 -18.74 -7.35
CA GLU B 77 -18.77 -17.33 -7.71
C GLU B 77 -20.18 -16.96 -7.40
N TYR B 78 -20.87 -17.76 -6.63
CA TYR B 78 -22.23 -17.40 -6.33
C TYR B 78 -22.34 -16.00 -5.80
N ASN B 79 -23.38 -15.28 -6.17
CA ASN B 79 -23.62 -13.90 -5.78
C ASN B 79 -22.56 -12.83 -6.13
N ARG B 80 -21.67 -13.17 -7.06
CA ARG B 80 -20.67 -12.25 -7.52
C ARG B 80 -20.70 -12.39 -9.02
N PRO B 81 -21.37 -11.50 -9.71
CA PRO B 81 -22.11 -10.33 -9.27
C PRO B 81 -23.36 -10.66 -8.56
N LEU B 82 -23.90 -9.61 -7.99
CA LEU B 82 -25.07 -9.78 -7.19
C LEU B 82 -26.08 -10.68 -7.85
N LEU B 83 -26.49 -11.71 -7.15
CA LEU B 83 -27.48 -12.66 -7.65
C LEU B 83 -26.97 -13.71 -8.70
N ALA B 84 -25.77 -13.57 -9.23
CA ALA B 84 -25.34 -14.51 -10.22
C ALA B 84 -24.85 -15.90 -9.72
N ASN B 85 -24.62 -16.80 -10.69
CA ASN B 85 -24.17 -18.13 -10.38
C ASN B 85 -24.96 -18.77 -9.25
N ASP B 86 -26.27 -18.67 -9.28
CA ASP B 86 -27.11 -19.17 -8.23
C ASP B 86 -27.34 -20.69 -8.28
N LEU B 87 -26.31 -21.53 -8.35
CA LEU B 87 -26.54 -22.96 -8.28
C LEU B 87 -25.73 -23.61 -7.13
N MET B 88 -26.26 -24.73 -6.61
CA MET B 88 -25.55 -25.52 -5.54
C MET B 88 -25.84 -27.02 -5.61
N LEU B 89 -24.80 -27.82 -5.46
CA LEU B 89 -25.00 -29.29 -5.38
C LEU B 89 -25.06 -29.78 -3.93
N ILE B 90 -26.12 -30.50 -3.61
CA ILE B 90 -26.29 -31.09 -2.29
C ILE B 90 -26.00 -32.62 -2.40
N LYS B 91 -25.02 -33.14 -1.63
CA LYS B 91 -24.69 -34.57 -1.65
C LYS B 91 -25.52 -35.24 -0.56
N LEU B 92 -26.35 -36.21 -0.98
CA LEU B 92 -27.20 -36.93 -0.10
C LEU B 92 -26.38 -37.91 0.79
N ASP B 93 -26.84 -38.11 2.05
CA ASP B 93 -26.11 -39.00 2.95
C ASP B 93 -26.02 -40.37 2.30
N GLU B 94 -27.19 -40.94 2.07
CA GLU B 94 -27.27 -42.24 1.48
C GLU B 94 -27.81 -42.12 0.08
N SER B 95 -27.05 -42.59 -0.91
CA SER B 95 -27.51 -42.63 -2.32
C SER B 95 -28.93 -43.28 -2.48
N VAL B 96 -29.82 -42.74 -3.30
CA VAL B 96 -31.17 -43.32 -3.46
C VAL B 96 -31.26 -44.23 -4.63
N SER B 97 -32.31 -45.05 -4.63
CA SER B 97 -32.49 -46.03 -5.70
C SER B 97 -33.59 -45.56 -6.61
N GLU B 98 -33.21 -45.27 -7.87
CA GLU B 98 -34.12 -44.76 -8.87
C GLU B 98 -35.38 -45.62 -8.94
N SER B 99 -36.45 -45.18 -8.35
CA SER B 99 -37.66 -45.95 -8.43
C SER B 99 -38.57 -45.51 -9.58
N ASP B 100 -39.80 -45.94 -9.43
CA ASP B 100 -40.83 -45.66 -10.41
C ASP B 100 -41.21 -44.20 -10.34
N THR B 101 -41.29 -43.65 -9.12
CA THR B 101 -41.66 -42.27 -8.93
C THR B 101 -40.48 -41.40 -8.58
N ILE B 102 -39.27 -41.93 -8.64
CA ILE B 102 -38.09 -41.15 -8.29
C ILE B 102 -36.96 -41.40 -9.27
N ARG B 103 -36.81 -40.57 -10.29
CA ARG B 103 -35.75 -40.83 -11.24
C ARG B 103 -34.93 -39.56 -11.41
N SER B 104 -33.68 -39.67 -11.78
CA SER B 104 -32.90 -38.47 -11.93
C SER B 104 -33.00 -37.96 -13.34
N ILE B 105 -32.66 -36.67 -13.61
CA ILE B 105 -32.75 -36.10 -14.99
C ILE B 105 -31.43 -35.54 -15.37
N SER B 106 -31.18 -35.41 -16.67
CA SER B 106 -29.90 -34.91 -17.13
C SER B 106 -29.96 -33.42 -17.52
N ILE B 107 -28.80 -32.78 -17.32
CA ILE B 107 -28.70 -31.40 -17.48
C ILE B 107 -28.41 -31.10 -18.90
N ALA B 108 -29.15 -30.15 -19.52
CA ALA B 108 -28.89 -29.72 -20.88
C ALA B 108 -27.47 -29.24 -21.13
N SER B 109 -26.84 -29.66 -22.20
CA SER B 109 -25.48 -29.20 -22.43
C SER B 109 -25.50 -28.02 -23.42
N GLN B 110 -26.62 -27.90 -24.15
CA GLN B 110 -26.81 -26.81 -25.08
C GLN B 110 -27.57 -25.57 -24.36
N CYS B 111 -27.42 -24.31 -24.84
CA CYS B 111 -28.07 -23.26 -24.18
C CYS B 111 -29.51 -23.09 -24.54
N PRO B 112 -30.32 -22.33 -23.74
CA PRO B 112 -31.73 -22.07 -24.00
C PRO B 112 -31.93 -21.41 -25.38
N THR B 113 -32.99 -21.74 -26.13
CA THR B 113 -33.21 -21.08 -27.41
C THR B 113 -34.48 -20.27 -27.26
N ALA B 114 -34.39 -19.04 -27.72
CA ALA B 114 -35.52 -18.13 -27.57
C ALA B 114 -36.78 -18.66 -28.14
N GLY B 115 -37.87 -18.46 -27.47
CA GLY B 115 -39.11 -18.90 -28.05
C GLY B 115 -39.53 -20.27 -27.67
N ASN B 116 -38.53 -21.07 -27.40
CA ASN B 116 -38.74 -22.45 -26.99
C ASN B 116 -39.59 -22.57 -25.76
N SER B 117 -40.54 -23.49 -25.76
CA SER B 117 -41.46 -23.58 -24.63
C SER B 117 -41.01 -24.65 -23.69
N CYS B 118 -40.92 -24.41 -22.37
CA CYS B 118 -40.53 -25.47 -21.48
C CYS B 118 -41.51 -25.58 -20.36
N LEU B 119 -41.06 -26.22 -19.30
CA LEU B 119 -41.96 -26.42 -18.17
C LEU B 119 -41.18 -26.24 -16.90
N VAL B 120 -41.89 -25.77 -15.90
CA VAL B 120 -41.29 -25.54 -14.62
C VAL B 120 -42.35 -26.01 -13.65
N SER B 121 -41.88 -26.58 -12.51
CA SER B 121 -42.79 -27.11 -11.48
C SER B 121 -42.30 -26.80 -10.10
N GLY B 122 -43.23 -26.74 -9.14
CA GLY B 122 -42.84 -26.46 -7.78
C GLY B 122 -44.01 -26.26 -6.85
N TRP B 123 -43.72 -26.12 -5.55
CA TRP B 123 -44.78 -25.96 -4.57
C TRP B 123 -44.88 -24.52 -4.08
N GLY B 124 -44.29 -23.62 -4.85
CA GLY B 124 -44.28 -22.19 -4.47
C GLY B 124 -45.64 -21.58 -4.53
N LEU B 125 -45.72 -20.30 -4.08
CA LEU B 125 -47.01 -19.54 -4.05
C LEU B 125 -47.74 -19.58 -5.39
N LEU B 126 -49.07 -19.56 -5.29
CA LEU B 126 -49.98 -19.58 -6.44
C LEU B 126 -50.45 -18.18 -6.77
N ALA B 127 -51.16 -18.06 -7.88
CA ALA B 127 -51.69 -16.76 -8.34
C ALA B 127 -52.48 -16.05 -7.22
N ASN B 128 -53.09 -16.85 -6.34
CA ASN B 128 -53.87 -16.34 -5.20
C ASN B 128 -52.99 -16.03 -3.95
N GLY B 129 -51.68 -16.13 -4.11
CA GLY B 129 -50.80 -15.87 -3.00
C GLY B 129 -50.89 -17.00 -2.00
N ARG B 130 -51.38 -18.15 -2.42
CA ARG B 130 -51.53 -19.26 -1.53
C ARG B 130 -50.64 -20.40 -1.92
N MET B 131 -50.24 -21.21 -0.97
CA MET B 131 -49.39 -22.38 -1.22
C MET B 131 -50.27 -23.53 -1.69
N PRO B 132 -49.84 -24.25 -2.71
CA PRO B 132 -50.61 -25.37 -3.25
C PRO B 132 -50.49 -26.63 -2.42
N THR B 133 -51.41 -27.58 -2.63
CA THR B 133 -51.35 -28.84 -1.85
C THR B 133 -50.52 -29.87 -2.61
N VAL B 134 -50.49 -29.74 -3.96
CA VAL B 134 -49.69 -30.67 -4.76
C VAL B 134 -48.73 -29.92 -5.68
N LEU B 135 -47.77 -30.65 -6.23
CA LEU B 135 -46.75 -30.06 -7.11
C LEU B 135 -47.41 -29.40 -8.31
N GLN B 136 -47.04 -28.15 -8.58
CA GLN B 136 -47.61 -27.40 -9.68
C GLN B 136 -46.75 -27.47 -10.89
N CYS B 137 -47.46 -27.40 -12.03
CA CYS B 137 -46.88 -27.48 -13.39
C CYS B 137 -47.22 -26.32 -14.29
N VAL B 138 -46.28 -25.68 -15.03
CA VAL B 138 -46.67 -24.59 -15.94
C VAL B 138 -45.68 -24.44 -17.09
N ASN B 139 -46.16 -23.85 -18.20
CA ASN B 139 -45.26 -23.69 -19.28
C ASN B 139 -44.86 -22.26 -19.51
N VAL B 140 -43.60 -22.04 -19.81
CA VAL B 140 -43.18 -20.68 -20.05
C VAL B 140 -42.18 -20.76 -21.18
N SER B 141 -42.04 -19.71 -22.02
CA SER B 141 -41.07 -19.88 -23.09
C SER B 141 -39.84 -19.09 -22.85
N VAL B 142 -38.75 -19.54 -23.44
CA VAL B 142 -37.52 -18.85 -23.24
C VAL B 142 -37.65 -17.49 -23.85
N VAL B 143 -37.15 -16.46 -23.21
CA VAL B 143 -37.16 -15.12 -23.77
C VAL B 143 -35.76 -14.76 -24.42
N SER B 144 -35.67 -13.91 -25.41
CA SER B 144 -34.38 -13.67 -25.98
C SER B 144 -33.38 -13.01 -25.10
N GLU B 145 -32.12 -13.29 -25.36
CA GLU B 145 -31.08 -12.70 -24.55
C GLU B 145 -31.14 -11.19 -24.54
N GLU B 146 -31.40 -10.56 -25.66
CA GLU B 146 -31.48 -9.16 -25.70
C GLU B 146 -32.55 -8.68 -24.76
N VAL B 147 -33.78 -9.12 -24.99
CA VAL B 147 -34.76 -8.61 -24.10
C VAL B 147 -34.36 -8.82 -22.64
N CYS B 148 -33.88 -10.07 -22.38
CA CYS B 148 -33.48 -10.46 -21.03
C CYS B 148 -32.51 -9.48 -20.47
N SER B 149 -31.35 -9.29 -21.09
CA SER B 149 -30.35 -8.43 -20.53
C SER B 149 -30.74 -6.99 -20.38
N LYS B 150 -31.60 -6.48 -21.25
CA LYS B 150 -32.00 -5.07 -21.12
C LYS B 150 -32.99 -4.98 -20.07
N LEU B 151 -33.92 -5.87 -20.02
CA LEU B 151 -34.90 -5.79 -18.94
C LEU B 151 -34.30 -5.94 -17.55
N TYR B 152 -33.15 -6.54 -17.38
CA TYR B 152 -32.65 -6.81 -16.06
C TYR B 152 -31.33 -6.24 -15.85
N ASP B 153 -30.86 -5.44 -16.77
CA ASP B 153 -29.60 -4.69 -16.67
C ASP B 153 -29.76 -3.89 -15.29
N PRO B 154 -28.71 -3.76 -14.50
CA PRO B 154 -27.38 -4.27 -14.70
C PRO B 154 -27.22 -5.51 -13.92
N LEU B 155 -28.29 -6.04 -13.38
CA LEU B 155 -28.19 -7.29 -12.70
C LEU B 155 -28.04 -8.51 -13.62
N TYR B 156 -28.27 -8.40 -14.89
CA TYR B 156 -28.25 -9.61 -15.70
C TYR B 156 -26.86 -10.17 -15.93
N HIS B 157 -26.68 -11.49 -15.83
CA HIS B 157 -25.36 -12.05 -16.03
C HIS B 157 -25.47 -13.27 -16.90
N PRO B 158 -24.40 -13.68 -17.50
CA PRO B 158 -24.49 -14.85 -18.35
C PRO B 158 -24.88 -16.12 -17.66
N SER B 159 -24.93 -16.09 -16.36
CA SER B 159 -25.25 -17.33 -15.69
C SER B 159 -26.67 -17.37 -15.44
N MET B 160 -27.41 -16.64 -16.21
CA MET B 160 -28.87 -16.66 -16.04
C MET B 160 -29.58 -16.46 -17.35
N PHE B 161 -30.87 -16.73 -17.39
CA PHE B 161 -31.74 -16.55 -18.52
C PHE B 161 -33.15 -16.38 -18.14
N CYS B 162 -33.86 -15.65 -19.02
CA CYS B 162 -35.28 -15.40 -18.72
C CYS B 162 -36.27 -16.41 -19.35
N ALA B 163 -37.41 -16.58 -18.79
CA ALA B 163 -38.38 -17.44 -19.44
C ALA B 163 -39.74 -17.00 -19.00
N GLY B 164 -40.72 -16.99 -19.91
CA GLY B 164 -42.06 -16.54 -19.50
C GLY B 164 -42.23 -15.03 -19.67
N GLY B 165 -42.98 -14.37 -18.80
CA GLY B 165 -43.15 -12.94 -18.98
C GLY B 165 -44.21 -12.62 -20.00
N GLY B 166 -44.91 -13.64 -20.42
CA GLY B 166 -45.92 -13.45 -21.42
C GLY B 166 -47.18 -12.87 -20.82
N GLN B 167 -48.13 -12.60 -21.69
CA GLN B 167 -49.35 -11.99 -21.31
C GLN B 167 -50.18 -12.93 -20.51
N ASP B 168 -49.96 -14.22 -20.69
CA ASP B 168 -50.75 -15.18 -19.95
C ASP B 168 -50.45 -15.22 -18.47
N GLN B 169 -49.49 -14.41 -18.08
CA GLN B 169 -49.12 -14.35 -16.71
C GLN B 169 -48.77 -15.68 -16.07
N LYS B 170 -48.06 -16.51 -16.82
CA LYS B 170 -47.59 -17.82 -16.31
C LYS B 170 -46.13 -17.62 -15.81
N ASP B 171 -45.84 -18.04 -14.59
CA ASP B 171 -44.48 -17.86 -14.07
C ASP B 171 -44.21 -18.59 -12.76
N SER B 172 -42.98 -18.64 -12.30
CA SER B 172 -42.72 -19.25 -11.03
C SER B 172 -42.95 -18.17 -10.01
N CYS B 173 -42.75 -18.50 -8.73
CA CYS B 173 -42.88 -17.59 -7.61
C CYS B 173 -42.16 -18.07 -6.35
N ASN B 174 -42.23 -17.24 -5.34
CA ASN B 174 -41.64 -17.59 -4.07
C ASN B 174 -41.98 -19.01 -3.62
N GLY B 175 -40.91 -19.76 -3.28
CA GLY B 175 -41.10 -21.14 -2.87
C GLY B 175 -40.81 -22.10 -3.97
N ASP B 176 -40.52 -21.58 -5.15
CA ASP B 176 -40.18 -22.47 -6.27
C ASP B 176 -38.67 -22.42 -6.52
N SER B 177 -37.94 -21.65 -5.72
CA SER B 177 -36.54 -21.45 -5.91
C SER B 177 -35.88 -22.76 -6.00
N GLY B 178 -34.92 -22.89 -6.91
CA GLY B 178 -34.23 -24.12 -7.07
C GLY B 178 -35.00 -25.21 -7.86
N GLY B 179 -36.26 -24.91 -8.17
CA GLY B 179 -37.07 -25.81 -8.94
C GLY B 179 -36.48 -25.91 -10.36
N PRO B 180 -36.93 -26.97 -11.05
CA PRO B 180 -36.51 -27.27 -12.41
C PRO B 180 -37.23 -26.53 -13.54
N LEU B 181 -36.47 -26.30 -14.61
CA LEU B 181 -37.06 -25.78 -15.81
C LEU B 181 -36.55 -26.75 -16.87
N ILE B 182 -37.46 -27.59 -17.32
CA ILE B 182 -37.14 -28.62 -18.35
C ILE B 182 -37.47 -28.13 -19.79
N CYS B 183 -36.52 -28.47 -20.65
CA CYS B 183 -36.58 -28.20 -22.01
C CYS B 183 -36.37 -29.40 -22.91
N ASN B 184 -37.45 -29.83 -23.51
CA ASN B 184 -37.28 -30.96 -24.41
C ASN B 184 -36.61 -32.07 -23.61
N GLY B 185 -37.19 -32.30 -22.45
CA GLY B 185 -36.68 -33.34 -21.58
C GLY B 185 -35.32 -33.14 -20.92
N TYR B 186 -34.71 -31.98 -21.02
CA TYR B 186 -33.48 -31.75 -20.32
C TYR B 186 -33.69 -30.72 -19.24
N LEU B 187 -32.85 -30.78 -18.23
CA LEU B 187 -32.88 -29.82 -17.13
C LEU B 187 -32.16 -28.64 -17.71
N GLN B 188 -32.90 -27.57 -18.00
CA GLN B 188 -32.34 -26.36 -18.63
C GLN B 188 -31.93 -25.33 -17.59
N GLY B 189 -32.77 -25.20 -16.55
CA GLY B 189 -32.42 -24.24 -15.51
C GLY B 189 -33.06 -24.45 -14.12
N LEU B 190 -32.71 -23.51 -13.22
CA LEU B 190 -33.30 -23.56 -11.88
C LEU B 190 -33.98 -22.27 -11.59
N VAL B 191 -35.12 -22.36 -10.92
CA VAL B 191 -35.83 -21.18 -10.52
C VAL B 191 -34.88 -20.37 -9.60
N SER B 192 -34.45 -19.17 -10.02
CA SER B 192 -33.54 -18.27 -9.32
C SER B 192 -34.22 -17.08 -8.71
N PHE B 193 -34.60 -16.11 -9.49
CA PHE B 193 -35.27 -14.93 -8.97
C PHE B 193 -36.11 -14.23 -10.05
N GLY B 194 -36.77 -13.15 -9.67
CA GLY B 194 -37.54 -12.36 -10.62
C GLY B 194 -38.23 -11.23 -9.92
N LYS B 195 -38.71 -10.22 -10.64
CA LYS B 195 -39.40 -9.07 -10.01
C LYS B 195 -40.70 -9.47 -9.33
N ALA B 196 -41.15 -8.63 -8.42
CA ALA B 196 -42.38 -8.97 -7.66
C ALA B 196 -43.30 -7.82 -7.84
N PRO B 197 -44.59 -8.09 -7.83
CA PRO B 197 -45.11 -9.45 -7.67
C PRO B 197 -44.77 -10.34 -8.89
N CYS B 198 -44.99 -11.63 -8.73
CA CYS B 198 -44.78 -12.53 -9.85
C CYS B 198 -45.85 -12.40 -10.97
N GLY B 199 -45.66 -13.13 -12.02
CA GLY B 199 -46.65 -13.11 -13.08
C GLY B 199 -47.02 -11.79 -13.74
N GLN B 200 -46.09 -10.84 -13.77
CA GLN B 200 -46.36 -9.58 -14.40
C GLN B 200 -46.09 -9.66 -15.87
N VAL B 201 -46.96 -9.02 -16.65
CA VAL B 201 -46.84 -9.07 -18.07
C VAL B 201 -45.56 -8.39 -18.43
N GLY B 202 -44.78 -8.98 -19.32
CA GLY B 202 -43.57 -8.26 -19.74
C GLY B 202 -42.43 -8.31 -18.79
N VAL B 203 -42.62 -9.11 -17.76
CA VAL B 203 -41.53 -9.25 -16.79
C VAL B 203 -41.27 -10.75 -16.60
N PRO B 204 -40.37 -11.30 -17.39
CA PRO B 204 -40.07 -12.72 -17.27
C PRO B 204 -39.33 -13.03 -15.96
N GLY B 205 -39.29 -14.30 -15.57
CA GLY B 205 -38.53 -14.72 -14.40
C GLY B 205 -37.12 -15.08 -14.83
N VAL B 206 -36.18 -15.09 -13.88
CA VAL B 206 -34.75 -15.44 -14.13
C VAL B 206 -34.48 -16.89 -13.61
N TYR B 207 -33.65 -17.64 -14.35
CA TYR B 207 -33.37 -19.00 -14.03
C TYR B 207 -31.89 -19.16 -14.17
N THR B 208 -31.33 -20.08 -13.40
CA THR B 208 -29.87 -20.30 -13.52
C THR B 208 -29.54 -21.01 -14.85
N ASN B 209 -28.56 -20.49 -15.57
CA ASN B 209 -28.28 -21.03 -16.86
C ASN B 209 -27.37 -22.20 -16.83
N LEU B 210 -27.94 -23.33 -16.50
CA LEU B 210 -27.14 -24.56 -16.29
C LEU B 210 -26.21 -24.96 -17.41
N CYS B 211 -26.50 -24.59 -18.63
CA CYS B 211 -25.65 -25.05 -19.72
C CYS B 211 -24.29 -24.40 -19.41
N LYS B 212 -24.27 -23.46 -18.54
CA LYS B 212 -23.02 -22.85 -18.38
C LYS B 212 -22.12 -23.48 -17.30
N PHE B 213 -22.66 -24.38 -16.50
CA PHE B 213 -21.89 -24.98 -15.41
C PHE B 213 -21.74 -26.48 -15.51
N THR B 214 -21.83 -27.02 -16.73
CA THR B 214 -21.73 -28.49 -16.89
C THR B 214 -20.38 -28.94 -16.32
N GLU B 215 -19.27 -28.42 -16.82
CA GLU B 215 -17.99 -28.84 -16.27
C GLU B 215 -17.92 -28.76 -14.71
N TRP B 216 -18.37 -27.68 -14.09
CA TRP B 216 -18.37 -27.62 -12.65
C TRP B 216 -19.30 -28.68 -12.08
N ILE B 217 -20.52 -28.80 -12.53
CA ILE B 217 -21.41 -29.76 -11.99
C ILE B 217 -20.77 -31.13 -12.05
N GLU B 218 -20.01 -31.38 -13.10
CA GLU B 218 -19.41 -32.69 -13.26
C GLU B 218 -18.26 -32.89 -12.30
N LYS B 219 -17.26 -32.04 -12.41
CA LYS B 219 -16.10 -32.14 -11.57
C LYS B 219 -16.47 -32.28 -10.08
N THR B 220 -17.66 -31.80 -9.71
CA THR B 220 -18.09 -31.84 -8.34
C THR B 220 -18.74 -33.14 -8.02
N VAL B 221 -19.78 -33.48 -8.75
CA VAL B 221 -20.51 -34.72 -8.52
C VAL B 221 -19.60 -35.90 -8.52
N GLN B 222 -18.73 -35.94 -9.50
CA GLN B 222 -17.79 -37.06 -9.64
C GLN B 222 -16.70 -36.95 -8.62
N ALA B 223 -15.57 -36.36 -9.03
CA ALA B 223 -14.43 -36.15 -8.14
C ALA B 223 -14.87 -35.44 -6.82
N ILE C 1 -62.47 -1.19 -19.64
CA ILE C 1 -62.27 0.24 -20.05
C ILE C 1 -62.19 1.09 -18.80
N ILE C 2 -61.17 1.93 -18.70
CA ILE C 2 -61.00 2.77 -17.53
C ILE C 2 -61.44 4.17 -17.85
N ASN C 3 -62.38 4.70 -17.02
CA ASN C 3 -62.93 6.07 -17.21
C ASN C 3 -63.62 6.31 -18.54
N GLY C 4 -64.49 5.36 -18.91
CA GLY C 4 -65.26 5.50 -20.13
C GLY C 4 -66.75 5.48 -19.78
N GLU C 5 -67.63 5.20 -20.74
CA GLU C 5 -69.04 5.13 -20.46
C GLU C 5 -69.74 4.06 -21.29
N ASP C 6 -70.96 3.71 -20.91
CA ASP C 6 -71.72 2.71 -21.65
C ASP C 6 -71.77 3.18 -23.09
N CYS C 7 -71.28 2.39 -24.00
CA CYS C 7 -71.35 2.66 -25.39
C CYS C 7 -72.86 2.72 -25.83
N SER C 8 -73.20 3.43 -26.88
CA SER C 8 -74.57 3.48 -27.41
C SER C 8 -74.84 2.02 -27.95
N PRO C 9 -75.86 1.37 -27.36
CA PRO C 9 -76.24 0.00 -27.73
C PRO C 9 -76.09 -0.22 -29.18
N HIS C 10 -75.24 -1.16 -29.50
CA HIS C 10 -74.99 -1.56 -30.90
C HIS C 10 -74.29 -0.56 -31.76
N SER C 11 -73.57 0.35 -31.15
CA SER C 11 -72.80 1.35 -31.88
C SER C 11 -71.52 0.79 -32.48
N GLN C 12 -71.12 -0.42 -32.03
CA GLN C 12 -69.87 -1.11 -32.47
C GLN C 12 -70.28 -2.51 -32.87
N PRO C 13 -71.00 -2.63 -33.96
CA PRO C 13 -71.43 -3.93 -34.43
C PRO C 13 -70.32 -4.96 -34.78
N TRP C 14 -69.07 -4.53 -34.80
CA TRP C 14 -67.98 -5.44 -35.16
C TRP C 14 -67.45 -6.06 -33.89
N GLN C 15 -67.91 -5.58 -32.77
CA GLN C 15 -67.41 -6.12 -31.50
C GLN C 15 -67.80 -7.56 -31.29
N ALA C 16 -66.81 -8.40 -30.99
CA ALA C 16 -67.00 -9.82 -30.71
C ALA C 16 -66.62 -10.14 -29.30
N ALA C 17 -67.49 -10.80 -28.57
CA ALA C 17 -67.16 -11.18 -27.20
C ALA C 17 -66.66 -12.65 -27.17
N LEU C 18 -65.60 -12.94 -26.40
CA LEU C 18 -65.09 -14.29 -26.30
C LEU C 18 -65.34 -14.76 -24.87
N VAL C 19 -66.22 -15.74 -24.70
CA VAL C 19 -66.52 -16.30 -23.37
C VAL C 19 -66.09 -17.74 -23.25
N MET C 20 -65.68 -18.08 -22.03
CA MET C 20 -65.19 -19.40 -21.66
C MET C 20 -66.27 -20.07 -20.89
N GLU C 21 -65.88 -20.90 -19.95
CA GLU C 21 -66.89 -21.64 -19.21
C GLU C 21 -68.18 -20.81 -19.09
N ASN C 22 -68.10 -19.64 -18.49
CA ASN C 22 -69.31 -18.86 -18.37
C ASN C 22 -68.93 -17.41 -18.22
N GLU C 23 -67.72 -17.06 -18.60
CA GLU C 23 -67.34 -15.69 -18.38
C GLU C 23 -66.59 -15.14 -19.58
N LEU C 24 -66.54 -13.82 -19.69
CA LEU C 24 -65.86 -13.14 -20.76
C LEU C 24 -64.37 -13.03 -20.43
N PHE C 25 -63.50 -13.34 -21.37
CA PHE C 25 -62.09 -13.21 -21.11
C PHE C 25 -61.38 -12.35 -22.18
N CYS C 26 -62.07 -12.04 -23.28
CA CYS C 26 -61.44 -11.19 -24.30
C CYS C 26 -62.46 -10.80 -25.23
N SER C 27 -62.03 -10.12 -26.31
CA SER C 27 -62.97 -9.58 -27.36
C SER C 27 -62.32 -9.81 -28.69
N GLY C 28 -63.05 -9.56 -29.77
CA GLY C 28 -62.49 -9.73 -31.14
C GLY C 28 -63.14 -8.77 -32.10
N VAL C 29 -62.69 -8.70 -33.33
CA VAL C 29 -63.32 -7.78 -34.19
C VAL C 29 -63.69 -8.54 -35.40
N LEU C 30 -64.97 -8.42 -35.77
CA LEU C 30 -65.49 -9.14 -37.00
C LEU C 30 -64.91 -8.45 -38.19
N VAL C 31 -63.91 -9.02 -38.82
CA VAL C 31 -63.32 -8.31 -39.93
C VAL C 31 -63.77 -8.90 -41.24
N HIS C 32 -64.68 -9.87 -41.13
CA HIS C 32 -65.19 -10.58 -42.26
C HIS C 32 -66.32 -11.43 -41.77
N PRO C 33 -67.24 -11.82 -42.66
CA PRO C 33 -68.39 -12.62 -42.24
C PRO C 33 -68.10 -13.90 -41.49
N GLN C 34 -67.01 -14.55 -41.88
CA GLN C 34 -66.59 -15.79 -41.22
C GLN C 34 -65.22 -15.74 -40.48
N TRP C 35 -64.80 -14.54 -40.10
CA TRP C 35 -63.53 -14.36 -39.44
C TRP C 35 -63.56 -13.31 -38.35
N VAL C 36 -63.07 -13.66 -37.19
CA VAL C 36 -62.97 -12.75 -36.08
C VAL C 36 -61.48 -12.50 -35.76
N LEU C 37 -61.04 -11.24 -35.81
CA LEU C 37 -59.67 -10.84 -35.51
C LEU C 37 -59.59 -10.65 -34.02
N SER C 38 -58.45 -11.03 -33.47
CA SER C 38 -58.23 -10.92 -32.07
C SER C 38 -56.80 -10.95 -31.65
N ALA C 39 -56.59 -10.91 -30.33
CA ALA C 39 -55.19 -10.93 -29.84
C ALA C 39 -54.71 -12.35 -29.73
N ALA C 40 -53.54 -12.60 -30.26
CA ALA C 40 -52.95 -13.94 -30.19
C ALA C 40 -52.92 -14.44 -28.76
N HIS C 41 -52.73 -13.57 -27.79
CA HIS C 41 -52.72 -14.09 -26.48
C HIS C 41 -54.08 -14.42 -26.00
N CYS C 42 -55.02 -14.54 -26.93
CA CYS C 42 -56.41 -14.91 -26.57
C CYS C 42 -56.81 -16.21 -27.04
N PHE C 43 -55.83 -16.92 -27.65
CA PHE C 43 -55.99 -18.23 -28.26
C PHE C 43 -56.59 -19.30 -27.35
N GLN C 44 -57.45 -20.12 -27.92
CA GLN C 44 -58.10 -21.22 -27.24
C GLN C 44 -58.27 -22.35 -28.24
N ASN C 45 -58.75 -23.51 -27.79
CA ASN C 45 -58.92 -24.63 -28.71
C ASN C 45 -60.22 -24.51 -29.34
N SER C 46 -61.14 -23.89 -28.59
CA SER C 46 -62.45 -23.66 -29.15
C SER C 46 -63.00 -22.40 -28.48
N TYR C 47 -63.70 -21.56 -29.24
CA TYR C 47 -64.23 -20.35 -28.70
C TYR C 47 -65.70 -20.36 -28.82
N THR C 48 -66.32 -19.52 -28.00
CA THR C 48 -67.77 -19.31 -28.05
C THR C 48 -67.92 -17.79 -28.24
N ILE C 49 -67.88 -17.34 -29.48
CA ILE C 49 -68.00 -15.95 -29.82
C ILE C 49 -69.44 -15.41 -29.80
N GLY C 50 -69.62 -14.26 -29.15
CA GLY C 50 -70.93 -13.63 -29.11
C GLY C 50 -70.94 -12.37 -29.97
N LEU C 51 -71.80 -12.33 -30.99
CA LEU C 51 -71.89 -11.16 -31.85
C LEU C 51 -73.19 -10.37 -31.58
N GLY C 52 -73.19 -9.10 -31.96
CA GLY C 52 -74.36 -8.29 -31.81
C GLY C 52 -74.76 -8.09 -30.36
N LEU C 53 -73.85 -8.29 -29.42
CA LEU C 53 -74.20 -8.05 -28.00
C LEU C 53 -74.01 -6.62 -27.51
N HIS C 54 -74.44 -6.40 -26.30
CA HIS C 54 -74.27 -5.11 -25.64
C HIS C 54 -74.15 -5.49 -24.19
N SER C 55 -75.00 -6.38 -23.76
CA SER C 55 -74.83 -6.84 -22.41
C SER C 55 -74.40 -8.30 -22.62
N LEU C 56 -73.71 -8.88 -21.64
CA LEU C 56 -73.22 -10.26 -21.79
C LEU C 56 -74.36 -11.27 -21.81
N GLU C 57 -75.51 -10.85 -21.28
CA GLU C 57 -76.75 -11.64 -21.22
C GLU C 57 -77.28 -11.87 -22.66
N ALA C 58 -76.68 -12.79 -23.39
CA ALA C 58 -77.06 -13.07 -24.77
C ALA C 58 -78.60 -13.13 -25.01
N ASP C 59 -79.33 -13.79 -24.09
CA ASP C 59 -80.78 -13.93 -24.25
C ASP C 59 -81.50 -12.68 -23.71
N GLN C 60 -81.02 -11.48 -24.10
CA GLN C 60 -81.62 -10.22 -23.67
C GLN C 60 -81.24 -9.30 -24.78
N GLU C 61 -80.55 -9.80 -25.79
CA GLU C 61 -80.15 -8.97 -26.89
C GLU C 61 -80.66 -9.61 -28.17
N PRO C 62 -81.56 -8.94 -28.87
CA PRO C 62 -82.16 -9.40 -30.12
C PRO C 62 -81.24 -9.94 -31.15
N GLY C 63 -80.85 -9.12 -32.12
CA GLY C 63 -80.02 -9.64 -33.19
C GLY C 63 -78.78 -10.37 -32.79
N SER C 64 -78.57 -10.61 -31.49
CA SER C 64 -77.38 -11.29 -31.03
C SER C 64 -77.27 -12.73 -31.53
N GLN C 65 -76.03 -13.20 -31.75
CA GLN C 65 -75.77 -14.55 -32.20
C GLN C 65 -74.52 -15.16 -31.52
N MET C 66 -74.74 -16.18 -30.71
CA MET C 66 -73.64 -16.86 -30.05
C MET C 66 -73.10 -17.96 -30.94
N VAL C 67 -72.32 -17.63 -31.97
CA VAL C 67 -71.75 -18.65 -32.80
C VAL C 67 -70.57 -19.41 -32.12
N GLU C 68 -70.02 -20.41 -32.79
CA GLU C 68 -68.91 -21.22 -32.32
C GLU C 68 -67.81 -21.37 -33.37
N ALA C 69 -66.61 -21.63 -32.88
CA ALA C 69 -65.48 -21.78 -33.76
C ALA C 69 -64.37 -22.53 -33.10
N SER C 70 -63.47 -23.07 -33.92
CA SER C 70 -62.35 -23.78 -33.33
C SER C 70 -61.09 -23.60 -34.12
N LEU C 71 -61.19 -23.21 -35.39
CA LEU C 71 -59.94 -23.04 -36.15
C LEU C 71 -59.40 -21.64 -35.91
N SER C 72 -58.26 -21.52 -35.22
CA SER C 72 -57.63 -20.20 -34.96
C SER C 72 -56.28 -20.16 -35.58
N VAL C 73 -55.84 -19.03 -36.10
CA VAL C 73 -54.51 -18.95 -36.67
C VAL C 73 -53.77 -17.81 -36.00
N ARG C 74 -52.79 -18.10 -35.14
CA ARG C 74 -52.00 -17.08 -34.46
C ARG C 74 -50.95 -16.63 -35.46
N HIS C 75 -50.47 -15.43 -35.38
CA HIS C 75 -49.45 -15.07 -36.26
C HIS C 75 -48.12 -15.81 -36.02
N PRO C 76 -47.55 -16.26 -37.06
CA PRO C 76 -46.25 -16.96 -37.01
C PRO C 76 -45.27 -16.44 -36.01
N GLU C 77 -45.02 -15.12 -36.00
CA GLU C 77 -44.05 -14.48 -35.07
C GLU C 77 -44.61 -14.01 -33.74
N TYR C 78 -45.80 -14.48 -33.37
CA TYR C 78 -46.31 -14.00 -32.14
C TYR C 78 -45.31 -14.24 -30.99
N ASN C 79 -45.22 -13.33 -30.03
CA ASN C 79 -44.35 -13.40 -28.89
C ASN C 79 -42.86 -13.50 -29.14
N ARG C 80 -42.47 -13.20 -30.34
CA ARG C 80 -41.06 -13.19 -30.70
C ARG C 80 -40.88 -11.88 -31.43
N PRO C 81 -40.38 -10.81 -30.75
CA PRO C 81 -39.95 -10.71 -29.37
C PRO C 81 -41.01 -10.76 -28.46
N LEU C 82 -40.62 -10.86 -27.19
CA LEU C 82 -41.60 -11.02 -26.11
C LEU C 82 -42.75 -10.06 -26.28
N LEU C 83 -43.97 -10.60 -26.28
CA LEU C 83 -45.12 -9.77 -26.42
C LEU C 83 -45.49 -9.22 -27.87
N ALA C 84 -44.60 -9.31 -28.83
CA ALA C 84 -44.90 -8.79 -30.15
C ALA C 84 -45.84 -9.59 -31.05
N ASN C 85 -46.22 -9.00 -32.19
CA ASN C 85 -47.08 -9.62 -33.10
C ASN C 85 -48.29 -10.27 -32.41
N ASP C 86 -48.95 -9.57 -31.49
CA ASP C 86 -50.06 -10.12 -30.79
C ASP C 86 -51.40 -10.16 -31.55
N LEU C 87 -51.46 -10.70 -32.74
CA LEU C 87 -52.77 -10.78 -33.38
C LEU C 87 -53.07 -12.30 -33.80
N MET C 88 -54.37 -12.63 -33.87
CA MET C 88 -54.80 -13.94 -34.28
C MET C 88 -56.17 -13.94 -35.02
N LEU C 89 -56.31 -14.66 -36.13
CA LEU C 89 -57.61 -14.76 -36.82
C LEU C 89 -58.34 -16.05 -36.39
N ILE C 90 -59.58 -15.91 -35.97
CA ILE C 90 -60.41 -17.05 -35.61
C ILE C 90 -61.45 -17.26 -36.73
N LYS C 91 -61.46 -18.45 -37.34
CA LYS C 91 -62.44 -18.78 -38.41
C LYS C 91 -63.66 -19.39 -37.77
N LEU C 92 -64.80 -18.73 -37.97
CA LEU C 92 -66.07 -19.16 -37.39
C LEU C 92 -66.59 -20.42 -38.13
N ASP C 93 -67.27 -21.29 -37.39
CA ASP C 93 -67.79 -22.53 -37.99
C ASP C 93 -68.70 -22.18 -39.13
N GLU C 94 -69.74 -21.47 -38.81
CA GLU C 94 -70.71 -21.04 -39.77
C GLU C 94 -70.62 -19.54 -39.96
N SER C 95 -70.40 -19.11 -41.19
CA SER C 95 -70.36 -17.69 -41.55
C SER C 95 -71.62 -16.94 -41.07
N VAL C 96 -71.49 -15.72 -40.52
CA VAL C 96 -72.68 -14.98 -40.02
C VAL C 96 -73.24 -14.05 -41.06
N SER C 97 -74.49 -13.62 -40.86
CA SER C 97 -75.12 -12.71 -41.81
C SER C 97 -75.15 -11.33 -41.20
N GLU C 98 -74.46 -10.41 -41.86
CA GLU C 98 -74.35 -9.01 -41.38
C GLU C 98 -75.72 -8.41 -41.08
N SER C 99 -76.09 -8.36 -39.82
CA SER C 99 -77.35 -7.80 -39.49
C SER C 99 -77.28 -6.31 -39.14
N ASP C 100 -78.33 -5.88 -38.50
CA ASP C 100 -78.50 -4.52 -38.09
C ASP C 100 -77.56 -4.23 -36.93
N THR C 101 -77.43 -5.20 -36.04
CA THR C 101 -76.55 -5.02 -34.91
C THR C 101 -75.25 -5.79 -35.01
N ILE C 102 -75.00 -6.37 -36.17
CA ILE C 102 -73.78 -7.16 -36.35
C ILE C 102 -73.14 -6.89 -37.67
N ARG C 103 -72.18 -6.01 -37.73
CA ARG C 103 -71.60 -5.73 -39.03
C ARG C 103 -70.08 -5.86 -38.90
N SER C 104 -69.40 -6.15 -39.99
CA SER C 104 -67.96 -6.29 -39.90
C SER C 104 -67.28 -4.94 -40.17
N ILE C 105 -66.02 -4.72 -39.75
CA ILE C 105 -65.35 -3.44 -39.98
C ILE C 105 -64.05 -3.68 -40.70
N SER C 106 -63.54 -2.67 -41.39
CA SER C 106 -62.31 -2.88 -42.15
C SER C 106 -61.09 -2.36 -41.43
N ILE C 107 -59.99 -2.97 -41.76
CA ILE C 107 -58.75 -2.72 -41.09
C ILE C 107 -58.03 -1.61 -41.74
N ALA C 108 -57.57 -0.64 -41.00
CA ALA C 108 -56.82 0.47 -41.55
C ALA C 108 -55.59 0.04 -42.32
N SER C 109 -55.34 0.63 -43.45
CA SER C 109 -54.16 0.20 -44.20
C SER C 109 -53.01 1.24 -43.95
N GLN C 110 -53.37 2.40 -43.43
CA GLN C 110 -52.40 3.42 -43.10
C GLN C 110 -51.98 3.28 -41.57
N CYS C 111 -50.78 3.77 -41.17
CA CYS C 111 -50.40 3.60 -39.78
C CYS C 111 -50.92 4.74 -38.88
N PRO C 112 -51.09 4.47 -37.54
CA PRO C 112 -51.57 5.43 -36.56
C PRO C 112 -50.86 6.78 -36.67
N THR C 113 -51.56 7.91 -36.49
CA THR C 113 -50.86 9.19 -36.53
C THR C 113 -50.97 9.76 -35.11
N ALA C 114 -49.83 10.25 -34.65
CA ALA C 114 -49.75 10.78 -33.29
C ALA C 114 -50.73 11.88 -32.99
N GLY C 115 -51.33 11.86 -31.84
CA GLY C 115 -52.27 12.91 -31.52
C GLY C 115 -53.70 12.63 -31.93
N ASN C 116 -53.86 11.80 -32.97
CA ASN C 116 -55.15 11.41 -33.44
C ASN C 116 -56.01 10.75 -32.35
N SER C 117 -57.25 11.10 -32.24
CA SER C 117 -58.06 10.55 -31.21
C SER C 117 -58.89 9.42 -31.73
N CYS C 118 -58.82 8.22 -31.16
CA CYS C 118 -59.66 7.11 -31.56
C CYS C 118 -60.52 6.61 -30.43
N LEU C 119 -61.12 5.46 -30.60
CA LEU C 119 -62.00 4.93 -29.60
C LEU C 119 -61.68 3.46 -29.41
N VAL C 120 -61.89 2.98 -28.20
CA VAL C 120 -61.69 1.62 -27.88
C VAL C 120 -62.88 1.24 -27.02
N SER C 121 -63.29 -0.02 -27.13
CA SER C 121 -64.44 -0.50 -26.38
C SER C 121 -64.19 -1.93 -25.88
N GLY C 122 -64.88 -2.31 -24.78
CA GLY C 122 -64.73 -3.65 -24.27
C GLY C 122 -65.45 -3.86 -22.98
N TRP C 123 -65.46 -5.11 -22.52
CA TRP C 123 -66.13 -5.40 -21.24
C TRP C 123 -65.15 -5.63 -20.12
N GLY C 124 -63.92 -5.13 -20.34
CA GLY C 124 -62.87 -5.31 -19.35
C GLY C 124 -63.12 -4.52 -18.05
N LEU C 125 -62.24 -4.71 -17.04
CA LEU C 125 -62.36 -4.05 -15.77
C LEU C 125 -62.52 -2.56 -15.90
N LEU C 126 -63.26 -1.99 -14.96
CA LEU C 126 -63.51 -0.55 -14.89
C LEU C 126 -62.58 0.13 -13.89
N ALA C 127 -62.63 1.46 -13.88
CA ALA C 127 -61.80 2.24 -12.95
C ALA C 127 -61.90 1.74 -11.48
N ASN C 128 -63.05 1.16 -11.16
CA ASN C 128 -63.32 0.63 -9.81
C ASN C 128 -62.86 -0.82 -9.63
N GLY C 129 -62.18 -1.34 -10.65
CA GLY C 129 -61.71 -2.72 -10.56
C GLY C 129 -62.88 -3.67 -10.72
N ARG C 130 -64.00 -3.17 -11.26
CA ARG C 130 -65.17 -3.98 -11.42
C ARG C 130 -65.53 -4.21 -12.86
N MET C 131 -66.17 -5.33 -13.15
CA MET C 131 -66.55 -5.66 -14.51
C MET C 131 -67.85 -4.97 -14.82
N PRO C 132 -67.98 -4.33 -16.01
CA PRO C 132 -69.21 -3.63 -16.41
C PRO C 132 -70.32 -4.56 -16.85
N THR C 133 -71.55 -4.05 -16.88
CA THR C 133 -72.67 -4.85 -17.30
C THR C 133 -72.87 -4.73 -18.81
N VAL C 134 -72.49 -3.59 -19.37
CA VAL C 134 -72.61 -3.39 -20.81
C VAL C 134 -71.28 -2.97 -21.45
N LEU C 135 -71.21 -3.00 -22.78
CA LEU C 135 -70.00 -2.71 -23.49
C LEU C 135 -69.56 -1.28 -23.19
N GLN C 136 -68.30 -1.07 -22.86
CA GLN C 136 -67.81 0.24 -22.55
C GLN C 136 -67.10 0.84 -23.71
N CYS C 137 -67.12 2.15 -23.73
CA CYS C 137 -66.38 2.95 -24.74
C CYS C 137 -65.50 4.01 -24.11
N VAL C 138 -64.47 4.41 -24.83
CA VAL C 138 -63.64 5.50 -24.33
C VAL C 138 -62.76 6.00 -25.41
N ASN C 139 -62.31 7.23 -25.28
CA ASN C 139 -61.43 7.77 -26.30
C ASN C 139 -60.01 7.94 -25.83
N VAL C 140 -59.07 7.59 -26.67
CA VAL C 140 -57.69 7.78 -26.29
C VAL C 140 -56.96 8.23 -27.51
N SER C 141 -55.90 9.00 -27.36
CA SER C 141 -55.23 9.48 -28.57
C SER C 141 -53.92 8.79 -28.84
N VAL C 142 -53.60 8.71 -30.10
CA VAL C 142 -52.41 8.02 -30.42
C VAL C 142 -51.24 8.75 -29.81
N VAL C 143 -50.28 8.06 -29.25
CA VAL C 143 -49.09 8.71 -28.70
C VAL C 143 -47.87 8.56 -29.72
N SER C 144 -46.91 9.46 -29.69
CA SER C 144 -45.86 9.35 -30.68
C SER C 144 -44.98 8.19 -30.54
N GLU C 145 -44.45 7.78 -31.70
CA GLU C 145 -43.57 6.63 -31.72
C GLU C 145 -42.42 6.82 -30.76
N GLU C 146 -41.81 7.97 -30.77
CA GLU C 146 -40.72 8.18 -29.90
C GLU C 146 -41.12 7.93 -28.47
N VAL C 147 -42.09 8.69 -28.00
CA VAL C 147 -42.41 8.47 -26.63
C VAL C 147 -42.71 6.98 -26.37
N CYS C 148 -43.32 6.23 -27.30
CA CYS C 148 -43.74 4.88 -26.91
C CYS C 148 -42.52 3.96 -26.85
N SER C 149 -41.71 4.11 -27.88
CA SER C 149 -40.61 3.23 -27.87
C SER C 149 -39.72 3.46 -26.71
N LYS C 150 -39.58 4.69 -26.23
CA LYS C 150 -38.71 4.94 -25.09
C LYS C 150 -39.43 4.52 -23.84
N LEU C 151 -40.67 4.82 -23.75
CA LEU C 151 -41.36 4.40 -22.57
C LEU C 151 -41.44 2.89 -22.41
N TYR C 152 -41.34 2.15 -23.49
CA TYR C 152 -41.57 0.69 -23.37
C TYR C 152 -40.39 -0.11 -23.82
N ASP C 153 -39.28 0.58 -24.06
CA ASP C 153 -38.00 -0.03 -24.40
C ASP C 153 -37.72 -1.04 -23.24
N PRO C 154 -37.22 -2.25 -23.49
CA PRO C 154 -36.84 -2.81 -24.77
C PRO C 154 -37.94 -3.69 -25.24
N LEU C 155 -39.08 -3.68 -24.60
CA LEU C 155 -40.15 -4.46 -25.10
C LEU C 155 -40.87 -3.89 -26.33
N TYR C 156 -40.65 -2.65 -26.70
CA TYR C 156 -41.45 -2.08 -27.81
C TYR C 156 -41.03 -2.63 -29.14
N HIS C 157 -42.00 -2.94 -29.98
CA HIS C 157 -41.69 -3.48 -31.30
C HIS C 157 -42.56 -2.78 -32.34
N PRO C 158 -42.16 -2.82 -33.58
CA PRO C 158 -42.96 -2.17 -34.59
C PRO C 158 -44.35 -2.75 -34.75
N SER C 159 -44.62 -3.85 -34.10
CA SER C 159 -45.91 -4.42 -34.30
C SER C 159 -46.81 -3.94 -33.27
N MET C 160 -46.45 -2.82 -32.68
CA MET C 160 -47.32 -2.27 -31.65
C MET C 160 -47.30 -0.76 -31.63
N PHE C 161 -48.28 -0.15 -30.96
CA PHE C 161 -48.32 1.32 -30.80
C PHE C 161 -49.05 1.68 -29.56
N CYS C 162 -48.67 2.84 -29.04
CA CYS C 162 -49.35 3.32 -27.77
C CYS C 162 -50.52 4.23 -28.05
N ALA C 163 -51.42 4.40 -27.13
CA ALA C 163 -52.53 5.29 -27.29
C ALA C 163 -53.00 5.56 -25.91
N GLY C 164 -53.36 6.80 -25.66
CA GLY C 164 -53.82 7.18 -24.31
C GLY C 164 -52.67 7.63 -23.40
N GLY C 165 -52.77 7.31 -22.14
CA GLY C 165 -51.68 7.70 -21.28
C GLY C 165 -51.80 9.13 -20.82
N GLY C 166 -52.97 9.70 -21.13
CA GLY C 166 -53.21 11.08 -20.79
C GLY C 166 -53.52 11.25 -19.34
N GLN C 167 -53.64 12.52 -18.96
CA GLN C 167 -53.88 12.87 -17.62
C GLN C 167 -55.31 12.45 -17.25
N ASP C 168 -56.18 12.35 -18.24
CA ASP C 168 -57.55 12.00 -17.93
C ASP C 168 -57.73 10.60 -17.50
N GLN C 169 -56.61 9.87 -17.45
CA GLN C 169 -56.64 8.47 -17.03
C GLN C 169 -57.65 7.58 -17.77
N LYS C 170 -57.79 7.81 -19.08
CA LYS C 170 -58.68 7.00 -19.94
C LYS C 170 -57.80 5.89 -20.57
N ASP C 171 -58.23 4.65 -20.47
CA ASP C 171 -57.44 3.54 -21.02
C ASP C 171 -58.13 2.22 -21.01
N SER C 172 -57.58 1.21 -21.66
CA SER C 172 -58.20 -0.09 -21.61
C SER C 172 -57.72 -0.74 -20.38
N CYS C 173 -58.24 -1.92 -20.19
CA CYS C 173 -57.89 -2.69 -19.00
C CYS C 173 -58.15 -4.19 -19.01
N ASN C 174 -57.55 -4.99 -18.19
CA ASN C 174 -57.80 -6.43 -18.20
C ASN C 174 -59.21 -6.80 -18.63
N GLY C 175 -59.33 -7.72 -19.59
CA GLY C 175 -60.62 -8.14 -20.06
C GLY C 175 -60.95 -7.45 -21.37
N ASP C 176 -60.09 -6.55 -21.82
CA ASP C 176 -60.35 -5.84 -23.06
C ASP C 176 -59.45 -6.32 -24.12
N SER C 177 -58.58 -7.26 -23.77
CA SER C 177 -57.60 -7.77 -24.74
C SER C 177 -58.28 -8.17 -25.98
N GLY C 178 -57.64 -7.86 -27.08
CA GLY C 178 -58.25 -8.22 -28.37
C GLY C 178 -59.37 -7.31 -28.84
N GLY C 179 -59.73 -6.37 -27.96
CA GLY C 179 -60.75 -5.39 -28.30
C GLY C 179 -60.26 -4.47 -29.43
N PRO C 180 -61.20 -3.78 -30.05
CA PRO C 180 -60.91 -2.85 -31.14
C PRO C 180 -60.46 -1.42 -30.75
N LEU C 181 -59.63 -0.86 -31.58
CA LEU C 181 -59.26 0.52 -31.43
C LEU C 181 -59.54 1.13 -32.84
N ILE C 182 -60.62 1.90 -32.93
CA ILE C 182 -61.05 2.49 -34.19
C ILE C 182 -60.56 3.90 -34.35
N CYS C 183 -60.18 4.25 -35.56
CA CYS C 183 -59.62 5.54 -35.68
C CYS C 183 -60.11 6.04 -37.04
N ASN C 184 -61.07 6.94 -37.02
CA ASN C 184 -61.68 7.47 -38.23
C ASN C 184 -62.36 6.34 -38.94
N GLY C 185 -63.13 5.60 -38.17
CA GLY C 185 -63.89 4.49 -38.71
C GLY C 185 -63.11 3.28 -39.24
N TYR C 186 -61.81 3.21 -39.00
CA TYR C 186 -61.11 2.04 -39.40
C TYR C 186 -60.64 1.32 -38.13
N LEU C 187 -60.42 -0.02 -38.25
CA LEU C 187 -59.93 -0.84 -37.20
C LEU C 187 -58.45 -0.52 -37.26
N GLN C 188 -57.93 0.22 -36.26
CA GLN C 188 -56.52 0.63 -36.22
C GLN C 188 -55.67 -0.37 -35.39
N GLY C 189 -56.27 -0.87 -34.29
CA GLY C 189 -55.55 -1.79 -33.44
C GLY C 189 -56.35 -2.72 -32.52
N LEU C 190 -55.61 -3.55 -31.79
CA LEU C 190 -56.27 -4.44 -30.86
C LEU C 190 -55.65 -4.21 -29.53
N VAL C 191 -56.50 -4.26 -28.50
CA VAL C 191 -56.02 -4.09 -27.10
C VAL C 191 -55.06 -5.28 -26.86
N SER C 192 -53.75 -4.99 -26.69
CA SER C 192 -52.68 -5.99 -26.47
C SER C 192 -52.21 -6.06 -24.99
N PHE C 193 -51.50 -5.05 -24.47
CA PHE C 193 -51.04 -5.05 -23.13
C PHE C 193 -50.72 -3.62 -22.68
N GLY C 194 -50.28 -3.50 -21.44
CA GLY C 194 -49.87 -2.22 -20.88
C GLY C 194 -49.50 -2.38 -19.41
N LYS C 195 -48.81 -1.41 -18.83
CA LYS C 195 -48.44 -1.47 -17.42
C LYS C 195 -49.63 -1.49 -16.48
N ALA C 196 -49.41 -1.97 -15.26
CA ALA C 196 -50.52 -2.05 -14.28
C ALA C 196 -50.08 -1.30 -13.10
N PRO C 197 -51.00 -0.70 -12.37
CA PRO C 197 -52.40 -0.75 -12.73
C PRO C 197 -52.69 0.05 -14.04
N CYS C 198 -53.95 -0.12 -14.48
CA CYS C 198 -54.53 0.59 -15.62
C CYS C 198 -54.75 2.15 -15.43
N GLY C 199 -54.81 2.87 -16.50
CA GLY C 199 -55.08 4.27 -16.31
C GLY C 199 -54.07 5.19 -15.58
N GLN C 200 -52.78 4.85 -15.64
CA GLN C 200 -51.79 5.68 -15.04
C GLN C 200 -51.41 6.81 -15.95
N VAL C 201 -51.21 7.94 -15.31
CA VAL C 201 -50.86 9.12 -16.07
C VAL C 201 -49.49 8.90 -16.74
N GLY C 202 -49.33 9.23 -18.01
CA GLY C 202 -47.99 9.11 -18.57
C GLY C 202 -47.63 7.68 -18.95
N VAL C 203 -48.60 6.77 -18.81
CA VAL C 203 -48.33 5.44 -19.19
C VAL C 203 -49.41 4.98 -20.15
N PRO C 204 -49.15 5.11 -21.42
CA PRO C 204 -50.13 4.69 -22.40
C PRO C 204 -50.27 3.20 -22.49
N GLY C 205 -51.37 2.72 -23.10
CA GLY C 205 -51.54 1.32 -23.31
C GLY C 205 -50.94 0.92 -24.65
N VAL C 206 -50.62 -0.40 -24.84
CA VAL C 206 -50.08 -0.93 -26.12
C VAL C 206 -51.18 -1.65 -26.91
N TYR C 207 -51.16 -1.46 -28.24
CA TYR C 207 -52.17 -2.03 -29.15
C TYR C 207 -51.44 -2.64 -30.32
N THR C 208 -52.00 -3.72 -30.85
CA THR C 208 -51.36 -4.38 -32.00
C THR C 208 -51.43 -3.45 -33.22
N ASN C 209 -50.33 -3.23 -33.88
CA ASN C 209 -50.34 -2.28 -34.99
C ASN C 209 -50.79 -2.89 -36.28
N LEU C 210 -52.11 -3.05 -36.43
CA LEU C 210 -52.70 -3.75 -37.56
C LEU C 210 -52.28 -3.27 -38.90
N CYS C 211 -51.97 -2.02 -38.98
CA CYS C 211 -51.57 -1.54 -40.28
C CYS C 211 -50.35 -2.29 -40.75
N LYS C 212 -49.76 -3.11 -39.93
CA LYS C 212 -48.55 -3.80 -40.32
C LYS C 212 -48.78 -5.26 -40.79
N PHE C 213 -49.98 -5.78 -40.56
CA PHE C 213 -50.28 -7.14 -40.91
C PHE C 213 -51.40 -7.30 -41.94
N THR C 214 -51.62 -6.27 -42.73
CA THR C 214 -52.69 -6.35 -43.78
C THR C 214 -52.45 -7.57 -44.70
N GLU C 215 -51.30 -7.64 -45.34
CA GLU C 215 -51.02 -8.77 -46.17
C GLU C 215 -51.28 -10.09 -45.48
N TRP C 216 -50.80 -10.26 -44.25
CA TRP C 216 -51.03 -11.53 -43.55
C TRP C 216 -52.49 -11.76 -43.31
N ILE C 217 -53.15 -10.77 -42.74
CA ILE C 217 -54.57 -10.92 -42.47
C ILE C 217 -55.32 -11.33 -43.75
N GLU C 218 -54.86 -10.82 -44.89
CA GLU C 218 -55.54 -11.11 -46.14
C GLU C 218 -55.26 -12.51 -46.57
N LYS C 219 -53.99 -12.81 -46.79
CA LYS C 219 -53.60 -14.13 -47.24
C LYS C 219 -54.24 -15.23 -46.41
N THR C 220 -54.62 -14.89 -45.18
CA THR C 220 -55.17 -15.86 -44.29
C THR C 220 -56.61 -15.98 -44.46
N VAL C 221 -57.30 -14.86 -44.33
CA VAL C 221 -58.76 -14.87 -44.42
C VAL C 221 -59.21 -15.45 -45.74
N GLN C 222 -58.55 -15.02 -46.80
CA GLN C 222 -58.88 -15.48 -48.13
C GLN C 222 -58.40 -16.91 -48.35
N ALA C 223 -57.23 -17.04 -48.95
CA ALA C 223 -56.62 -18.33 -49.18
C ALA C 223 -56.56 -19.19 -47.85
N ILE D 1 -52.01 18.08 -0.66
CA ILE D 1 -50.60 18.34 -0.17
C ILE D 1 -50.22 17.24 0.77
N ILE D 2 -49.04 16.67 0.57
CA ILE D 2 -48.58 15.58 1.40
C ILE D 2 -47.58 16.08 2.40
N ASN D 3 -47.86 15.84 3.69
CA ASN D 3 -46.98 16.26 4.82
C ASN D 3 -46.78 17.75 4.94
N GLY D 4 -47.90 18.47 4.82
CA GLY D 4 -47.85 19.93 4.97
C GLY D 4 -48.73 20.33 6.13
N GLU D 5 -49.16 21.59 6.18
CA GLU D 5 -50.01 22.02 7.30
C GLU D 5 -51.05 23.06 6.83
N ASP D 6 -52.03 23.34 7.68
CA ASP D 6 -53.05 24.33 7.37
C ASP D 6 -52.36 25.62 7.09
N CYS D 7 -52.81 26.33 6.07
CA CYS D 7 -52.15 27.56 5.68
C CYS D 7 -52.67 28.60 6.56
N SER D 8 -51.85 29.62 6.77
CA SER D 8 -52.33 30.75 7.51
C SER D 8 -53.51 31.32 6.67
N PRO D 9 -54.70 31.30 7.24
CA PRO D 9 -55.90 31.78 6.57
C PRO D 9 -55.65 32.99 5.76
N HIS D 10 -55.87 32.87 4.47
CA HIS D 10 -55.71 33.94 3.52
C HIS D 10 -54.30 34.39 3.26
N SER D 11 -53.34 33.48 3.52
CA SER D 11 -51.96 33.77 3.27
C SER D 11 -51.58 33.66 1.79
N GLN D 12 -52.51 33.10 0.98
CA GLN D 12 -52.30 32.88 -0.45
C GLN D 12 -53.51 33.40 -1.13
N PRO D 13 -53.70 34.71 -1.12
CA PRO D 13 -54.88 35.31 -1.78
C PRO D 13 -55.05 35.03 -3.31
N TRP D 14 -54.04 34.48 -3.99
CA TRP D 14 -54.11 34.24 -5.43
C TRP D 14 -54.69 32.87 -5.67
N GLN D 15 -54.85 32.13 -4.62
CA GLN D 15 -55.37 30.81 -4.76
C GLN D 15 -56.77 30.80 -5.23
N ALA D 16 -57.05 30.03 -6.28
CA ALA D 16 -58.39 29.85 -6.87
C ALA D 16 -58.83 28.42 -6.76
N ALA D 17 -60.02 28.18 -6.25
CA ALA D 17 -60.51 26.82 -6.16
C ALA D 17 -61.44 26.52 -7.36
N LEU D 18 -61.35 25.36 -7.97
CA LEU D 18 -62.22 24.98 -9.08
C LEU D 18 -63.11 23.84 -8.61
N VAL D 19 -64.41 24.11 -8.48
CA VAL D 19 -65.37 23.09 -8.05
C VAL D 19 -66.36 22.74 -9.16
N MET D 20 -66.76 21.48 -9.14
CA MET D 20 -67.66 20.89 -10.11
C MET D 20 -68.96 20.72 -9.42
N GLU D 21 -69.72 19.69 -9.81
CA GLU D 21 -71.02 19.52 -9.23
C GLU D 21 -71.07 20.04 -7.81
N ASN D 22 -70.23 19.49 -6.96
CA ASN D 22 -70.24 19.99 -5.58
C ASN D 22 -68.91 19.68 -4.94
N GLU D 23 -67.89 19.43 -5.75
CA GLU D 23 -66.64 19.09 -5.16
C GLU D 23 -65.48 19.78 -5.84
N LEU D 24 -64.35 19.89 -5.13
CA LEU D 24 -63.17 20.54 -5.66
C LEU D 24 -62.42 19.50 -6.51
N PHE D 25 -61.93 19.92 -7.68
CA PHE D 25 -61.17 19.02 -8.54
C PHE D 25 -59.82 19.62 -9.03
N CYS D 26 -59.63 20.92 -8.90
CA CYS D 26 -58.39 21.61 -9.35
C CYS D 26 -58.33 22.96 -8.62
N SER D 27 -57.26 23.67 -8.85
CA SER D 27 -57.02 24.96 -8.28
C SER D 27 -56.50 25.82 -9.42
N GLY D 28 -56.35 27.11 -9.18
CA GLY D 28 -55.83 28.00 -10.22
C GLY D 28 -55.16 29.21 -9.57
N VAL D 29 -54.54 30.08 -10.33
CA VAL D 29 -53.90 31.16 -9.68
C VAL D 29 -54.39 32.38 -10.36
N LEU D 30 -54.85 33.34 -9.56
CA LEU D 30 -55.35 34.65 -10.08
C LEU D 30 -54.17 35.41 -10.54
N VAL D 31 -53.94 35.47 -11.83
CA VAL D 31 -52.75 36.18 -12.27
C VAL D 31 -53.11 37.54 -12.80
N HIS D 32 -54.39 37.88 -12.69
CA HIS D 32 -54.93 39.12 -13.18
C HIS D 32 -56.36 39.21 -12.67
N PRO D 33 -56.92 40.42 -12.61
CA PRO D 33 -58.28 40.59 -12.12
C PRO D 33 -59.34 39.78 -12.77
N GLN D 34 -59.19 39.60 -14.07
CA GLN D 34 -60.17 38.81 -14.81
C GLN D 34 -59.65 37.45 -15.48
N TRP D 35 -58.55 36.96 -14.92
CA TRP D 35 -57.92 35.76 -15.44
C TRP D 35 -57.37 34.85 -14.38
N VAL D 36 -57.75 33.59 -14.46
CA VAL D 36 -57.25 32.57 -13.56
C VAL D 36 -56.36 31.58 -14.34
N LEU D 37 -55.11 31.41 -13.92
CA LEU D 37 -54.13 30.50 -14.56
C LEU D 37 -54.35 29.19 -13.94
N SER D 38 -54.22 28.18 -14.76
CA SER D 38 -54.41 26.81 -14.28
C SER D 38 -53.79 25.73 -15.16
N ALA D 39 -54.00 24.48 -14.78
CA ALA D 39 -53.42 23.41 -15.56
C ALA D 39 -54.36 23.07 -16.68
N ALA D 40 -53.80 22.99 -17.90
CA ALA D 40 -54.62 22.58 -19.06
C ALA D 40 -55.43 21.31 -18.81
N HIS D 41 -54.91 20.42 -18.04
CA HIS D 41 -55.67 19.24 -17.83
C HIS D 41 -56.78 19.45 -16.86
N CYS D 42 -57.21 20.70 -16.73
CA CYS D 42 -58.26 20.99 -15.74
C CYS D 42 -59.45 21.58 -16.42
N PHE D 43 -59.26 21.74 -17.72
CA PHE D 43 -60.22 22.29 -18.60
C PHE D 43 -61.60 21.76 -18.44
N GLN D 44 -62.58 22.67 -18.49
CA GLN D 44 -64.03 22.36 -18.43
C GLN D 44 -64.77 23.30 -19.38
N ASN D 45 -66.06 23.12 -19.54
CA ASN D 45 -66.82 24.00 -20.43
C ASN D 45 -67.22 25.20 -19.67
N SER D 46 -67.39 24.98 -18.40
CA SER D 46 -67.71 26.11 -17.54
C SER D 46 -67.15 25.79 -16.12
N TYR D 47 -66.59 26.80 -15.50
CA TYR D 47 -66.02 26.60 -14.17
C TYR D 47 -66.75 27.45 -13.13
N THR D 48 -66.65 27.00 -11.87
CA THR D 48 -67.20 27.71 -10.74
C THR D 48 -66.00 27.99 -9.85
N ILE D 49 -65.28 29.08 -10.12
CA ILE D 49 -64.11 29.47 -9.37
C ILE D 49 -64.42 30.16 -8.03
N GLY D 50 -63.76 29.70 -6.95
CA GLY D 50 -63.93 30.28 -5.63
C GLY D 50 -62.65 31.03 -5.25
N LEU D 51 -62.76 32.32 -5.05
CA LEU D 51 -61.65 33.16 -4.64
C LEU D 51 -61.77 33.58 -3.14
N GLY D 52 -60.63 33.94 -2.54
CA GLY D 52 -60.61 34.38 -1.16
C GLY D 52 -61.02 33.31 -0.20
N LEU D 53 -60.98 32.03 -0.58
CA LEU D 53 -61.34 30.96 0.34
C LEU D 53 -60.21 30.46 1.24
N HIS D 54 -60.60 29.62 2.16
CA HIS D 54 -59.63 28.97 3.04
C HIS D 54 -60.25 27.61 3.31
N SER D 55 -61.55 27.61 3.55
CA SER D 55 -62.22 26.33 3.72
C SER D 55 -63.13 26.32 2.47
N LEU D 56 -63.50 25.13 2.03
CA LEU D 56 -64.33 25.01 0.83
C LEU D 56 -65.72 25.58 1.07
N GLU D 57 -66.12 25.65 2.33
CA GLU D 57 -67.43 26.17 2.77
C GLU D 57 -67.49 27.64 2.44
N ALA D 58 -67.76 27.97 1.19
CA ALA D 58 -67.80 29.39 0.78
C ALA D 58 -68.58 30.36 1.72
N ASP D 59 -69.73 29.91 2.20
CA ASP D 59 -70.54 30.73 3.10
C ASP D 59 -70.03 30.62 4.57
N GLN D 60 -68.73 30.74 4.76
CA GLN D 60 -68.12 30.65 6.07
C GLN D 60 -66.86 31.47 5.90
N GLU D 61 -66.64 32.00 4.72
CA GLU D 61 -65.46 32.81 4.50
C GLU D 61 -65.90 34.17 4.00
N PRO D 62 -65.64 35.21 4.73
CA PRO D 62 -65.98 36.58 4.39
C PRO D 62 -65.68 37.05 3.01
N GLY D 63 -64.54 37.68 2.81
CA GLY D 63 -64.24 38.24 1.50
C GLY D 63 -64.29 37.30 0.34
N SER D 64 -64.74 36.07 0.58
CA SER D 64 -64.81 35.06 -0.48
C SER D 64 -65.80 35.43 -1.62
N GLN D 65 -65.47 35.02 -2.84
CA GLN D 65 -66.33 35.28 -3.99
C GLN D 65 -66.38 34.11 -4.94
N MET D 66 -67.54 33.48 -5.05
CA MET D 66 -67.69 32.36 -5.97
C MET D 66 -68.07 32.85 -7.35
N VAL D 67 -67.12 33.37 -8.11
CA VAL D 67 -67.44 33.82 -9.47
C VAL D 67 -67.64 32.65 -10.46
N GLU D 68 -67.98 32.99 -11.70
CA GLU D 68 -68.22 32.04 -12.77
C GLU D 68 -67.48 32.42 -14.05
N ALA D 69 -67.18 31.38 -14.85
CA ALA D 69 -66.50 31.66 -16.10
C ALA D 69 -66.75 30.48 -17.07
N SER D 70 -66.51 30.77 -18.36
CA SER D 70 -66.67 29.71 -19.32
C SER D 70 -65.64 29.84 -20.45
N LEU D 71 -65.04 31.01 -20.68
CA LEU D 71 -64.07 31.06 -21.73
C LEU D 71 -62.71 30.60 -21.20
N SER D 72 -62.19 29.43 -21.66
CA SER D 72 -60.85 28.92 -21.22
C SER D 72 -59.98 28.79 -22.43
N VAL D 73 -58.72 29.09 -22.30
CA VAL D 73 -57.82 28.95 -23.46
C VAL D 73 -56.66 27.99 -23.02
N ARG D 74 -56.69 26.73 -23.51
CA ARG D 74 -55.59 25.80 -23.22
C ARG D 74 -54.40 26.17 -24.12
N HIS D 75 -53.21 25.87 -23.71
CA HIS D 75 -52.13 26.20 -24.57
C HIS D 75 -52.15 25.35 -25.89
N PRO D 76 -51.90 25.98 -27.01
CA PRO D 76 -51.85 25.34 -28.32
C PRO D 76 -51.17 23.95 -28.29
N GLU D 77 -49.95 23.84 -27.70
CA GLU D 77 -49.20 22.57 -27.65
C GLU D 77 -49.48 21.67 -26.45
N TYR D 78 -50.56 21.91 -25.74
CA TYR D 78 -50.75 21.08 -24.60
C TYR D 78 -50.74 19.65 -24.98
N ASN D 79 -50.24 18.79 -24.11
CA ASN D 79 -50.16 17.33 -24.32
C ASN D 79 -49.37 16.81 -25.55
N ARG D 80 -48.56 17.69 -26.15
CA ARG D 80 -47.75 17.31 -27.26
C ARG D 80 -46.45 17.90 -26.94
N PRO D 81 -45.51 17.10 -26.41
CA PRO D 81 -45.59 15.67 -26.11
C PRO D 81 -46.44 15.39 -25.02
N LEU D 82 -46.63 14.13 -24.85
CA LEU D 82 -47.53 13.64 -23.82
C LEU D 82 -47.27 14.33 -22.50
N LEU D 83 -48.35 14.88 -21.94
CA LEU D 83 -48.25 15.60 -20.66
C LEU D 83 -47.59 17.04 -20.67
N ALA D 84 -46.95 17.46 -21.74
CA ALA D 84 -46.34 18.74 -21.77
C ALA D 84 -47.27 19.98 -21.93
N ASN D 85 -46.67 21.17 -21.73
CA ASN D 85 -47.34 22.43 -21.86
C ASN D 85 -48.66 22.36 -21.15
N ASP D 86 -48.68 21.84 -19.93
CA ASP D 86 -49.92 21.74 -19.12
C ASP D 86 -50.41 23.08 -18.47
N LEU D 87 -50.56 24.16 -19.23
CA LEU D 87 -51.13 25.36 -18.65
C LEU D 87 -52.38 25.85 -19.45
N MET D 88 -53.27 26.54 -18.73
CA MET D 88 -54.51 27.08 -19.33
C MET D 88 -55.01 28.36 -18.63
N LEU D 89 -55.38 29.41 -19.39
CA LEU D 89 -55.92 30.64 -18.82
C LEU D 89 -57.46 30.57 -18.88
N ILE D 90 -58.12 30.82 -17.75
CA ILE D 90 -59.58 30.87 -17.68
C ILE D 90 -59.96 32.31 -17.52
N LYS D 91 -60.81 32.85 -18.42
CA LYS D 91 -61.25 34.30 -18.35
C LYS D 91 -62.56 34.29 -17.59
N LEU D 92 -62.54 35.06 -16.49
CA LEU D 92 -63.70 35.14 -15.61
C LEU D 92 -64.78 36.02 -16.24
N ASP D 93 -66.05 35.68 -15.98
CA ASP D 93 -67.18 36.42 -16.58
C ASP D 93 -67.03 37.89 -16.18
N GLU D 94 -67.11 38.10 -14.87
CA GLU D 94 -67.00 39.43 -14.35
C GLU D 94 -65.65 39.56 -13.62
N SER D 95 -64.86 40.53 -14.06
CA SER D 95 -63.58 40.85 -13.39
C SER D 95 -63.75 41.05 -11.83
N VAL D 96 -62.84 40.55 -11.00
CA VAL D 96 -62.98 40.69 -9.53
C VAL D 96 -62.21 41.86 -9.01
N SER D 97 -62.57 42.30 -7.81
CA SER D 97 -61.91 43.44 -7.19
C SER D 97 -60.98 42.96 -6.12
N GLU D 98 -59.68 43.19 -6.35
CA GLU D 98 -58.62 42.76 -5.42
C GLU D 98 -58.92 43.15 -3.98
N SER D 99 -59.43 42.25 -3.18
CA SER D 99 -59.70 42.55 -1.83
C SER D 99 -58.53 42.22 -0.88
N ASP D 100 -58.88 42.16 0.38
CA ASP D 100 -57.96 41.90 1.44
C ASP D 100 -57.56 40.43 1.38
N THR D 101 -58.52 39.56 1.10
CA THR D 101 -58.23 38.19 1.04
C THR D 101 -58.19 37.65 -0.38
N ILE D 102 -58.23 38.54 -1.37
CA ILE D 102 -58.21 38.08 -2.76
C ILE D 102 -57.30 38.95 -3.57
N ARG D 103 -56.05 38.58 -3.78
CA ARG D 103 -55.16 39.43 -4.54
C ARG D 103 -54.52 38.57 -5.63
N SER D 104 -54.11 39.20 -6.72
CA SER D 104 -53.48 38.42 -7.80
C SER D 104 -51.99 38.35 -7.60
N ILE D 105 -51.31 37.40 -8.21
CA ILE D 105 -49.83 37.29 -8.04
C ILE D 105 -49.14 37.32 -9.37
N SER D 106 -47.89 37.69 -9.42
CA SER D 106 -47.22 37.74 -10.70
C SER D 106 -46.36 36.53 -10.99
N ILE D 107 -46.21 36.28 -12.27
CA ILE D 107 -45.55 35.10 -12.74
C ILE D 107 -44.10 35.37 -12.88
N ALA D 108 -43.27 34.48 -12.34
CA ALA D 108 -41.84 34.61 -12.44
C ALA D 108 -41.35 34.67 -13.90
N SER D 109 -40.43 35.55 -14.19
CA SER D 109 -39.97 35.63 -15.57
C SER D 109 -38.66 34.89 -15.69
N GLN D 110 -38.02 34.64 -14.55
CA GLN D 110 -36.79 33.88 -14.51
C GLN D 110 -37.11 32.32 -14.26
N CYS D 111 -36.28 31.36 -14.67
CA CYS D 111 -36.57 29.92 -14.47
C CYS D 111 -36.11 29.33 -13.18
N PRO D 112 -36.73 28.35 -12.64
CA PRO D 112 -36.41 27.73 -11.38
C PRO D 112 -34.97 27.53 -11.10
N THR D 113 -34.46 27.73 -9.88
CA THR D 113 -33.03 27.48 -9.62
C THR D 113 -32.97 26.29 -8.68
N ALA D 114 -32.11 25.34 -9.02
CA ALA D 114 -32.03 24.13 -8.23
C ALA D 114 -31.75 24.36 -6.78
N GLY D 115 -32.38 23.61 -5.91
CA GLY D 115 -32.08 23.81 -4.50
C GLY D 115 -32.95 24.83 -3.81
N ASN D 116 -33.40 25.82 -4.55
CA ASN D 116 -34.24 26.83 -4.04
C ASN D 116 -35.50 26.29 -3.43
N SER D 117 -35.89 26.83 -2.26
CA SER D 117 -37.05 26.25 -1.59
C SER D 117 -38.25 27.05 -1.92
N CYS D 118 -39.38 26.38 -2.11
CA CYS D 118 -40.57 27.12 -2.53
C CYS D 118 -41.76 26.59 -1.85
N LEU D 119 -42.94 27.14 -2.15
CA LEU D 119 -44.10 26.68 -1.45
C LEU D 119 -45.18 26.36 -2.41
N VAL D 120 -46.01 25.38 -2.06
CA VAL D 120 -47.08 24.99 -2.92
C VAL D 120 -48.23 24.79 -1.95
N SER D 121 -49.45 25.06 -2.43
CA SER D 121 -50.66 24.95 -1.60
C SER D 121 -51.82 24.39 -2.39
N GLY D 122 -52.78 23.77 -1.70
CA GLY D 122 -53.93 23.21 -2.38
C GLY D 122 -54.81 22.38 -1.47
N TRP D 123 -55.95 21.98 -2.00
CA TRP D 123 -56.88 21.17 -1.21
C TRP D 123 -56.86 19.71 -1.58
N GLY D 124 -55.78 19.29 -2.24
CA GLY D 124 -55.66 17.93 -2.70
C GLY D 124 -55.48 16.95 -1.55
N LEU D 125 -55.47 15.65 -1.89
CA LEU D 125 -55.29 14.56 -0.92
C LEU D 125 -54.10 14.76 0.01
N LEU D 126 -54.27 14.33 1.27
CA LEU D 126 -53.27 14.41 2.32
C LEU D 126 -52.52 13.08 2.45
N ALA D 127 -51.46 13.09 3.26
CA ALA D 127 -50.64 11.91 3.48
C ALA D 127 -51.50 10.68 3.87
N ASN D 128 -52.65 10.94 4.47
CA ASN D 128 -53.58 9.88 4.90
C ASN D 128 -54.57 9.49 3.78
N GLY D 129 -54.37 10.05 2.60
CA GLY D 129 -55.27 9.75 1.51
C GLY D 129 -56.60 10.40 1.73
N ARG D 130 -56.64 11.43 2.57
CA ARG D 130 -57.87 12.10 2.88
C ARG D 130 -57.83 13.54 2.42
N MET D 131 -59.00 14.08 2.10
CA MET D 131 -59.09 15.48 1.66
C MET D 131 -59.11 16.38 2.87
N PRO D 132 -58.35 17.48 2.84
CA PRO D 132 -58.29 18.42 3.97
C PRO D 132 -59.51 19.33 4.04
N THR D 133 -59.73 19.94 5.19
CA THR D 133 -60.87 20.86 5.35
C THR D 133 -60.45 22.30 4.98
N VAL D 134 -59.17 22.61 5.14
CA VAL D 134 -58.69 23.91 4.78
C VAL D 134 -57.47 23.84 3.82
N LEU D 135 -57.10 24.97 3.18
CA LEU D 135 -56.05 25.01 2.22
C LEU D 135 -54.78 24.59 2.85
N GLN D 136 -54.05 23.67 2.22
CA GLN D 136 -52.79 23.17 2.77
C GLN D 136 -51.61 23.85 2.17
N CYS D 137 -50.54 23.77 2.94
CA CYS D 137 -49.22 24.40 2.67
C CYS D 137 -47.97 23.57 2.77
N VAL D 138 -47.03 23.69 1.89
CA VAL D 138 -45.87 22.88 2.18
C VAL D 138 -44.71 23.38 1.40
N ASN D 139 -43.53 23.05 1.88
CA ASN D 139 -42.37 23.53 1.15
C ASN D 139 -41.58 22.44 0.40
N VAL D 140 -41.16 22.72 -0.83
CA VAL D 140 -40.43 21.73 -1.54
C VAL D 140 -39.37 22.45 -2.25
N SER D 141 -38.23 21.85 -2.47
CA SER D 141 -37.20 22.58 -3.19
C SER D 141 -37.03 22.18 -4.66
N VAL D 142 -36.57 23.14 -5.43
CA VAL D 142 -36.43 22.86 -6.81
C VAL D 142 -35.36 21.76 -6.96
N VAL D 143 -35.56 20.77 -7.84
CA VAL D 143 -34.60 19.72 -8.08
C VAL D 143 -33.84 20.05 -9.40
N SER D 144 -32.60 19.62 -9.57
CA SER D 144 -31.87 19.99 -10.80
C SER D 144 -32.39 19.43 -12.02
N GLU D 145 -32.15 20.14 -13.10
CA GLU D 145 -32.66 19.72 -14.40
C GLU D 145 -32.18 18.34 -14.73
N GLU D 146 -30.89 18.06 -14.47
CA GLU D 146 -30.38 16.75 -14.77
C GLU D 146 -31.16 15.68 -14.07
N VAL D 147 -31.19 15.76 -12.78
CA VAL D 147 -31.92 14.74 -12.12
C VAL D 147 -33.38 14.62 -12.67
N CYS D 148 -34.05 15.74 -12.95
CA CYS D 148 -35.44 15.71 -13.42
C CYS D 148 -35.65 15.13 -14.83
N SER D 149 -34.75 15.46 -15.66
CA SER D 149 -34.92 14.90 -16.94
C SER D 149 -34.58 13.42 -16.97
N LYS D 150 -33.60 12.97 -16.21
CA LYS D 150 -33.30 11.53 -16.24
C LYS D 150 -34.34 10.80 -15.45
N LEU D 151 -34.72 11.29 -14.31
CA LEU D 151 -35.77 10.62 -13.61
C LEU D 151 -37.10 10.48 -14.38
N TYR D 152 -37.40 11.34 -15.32
CA TYR D 152 -38.66 11.33 -15.95
C TYR D 152 -38.60 11.17 -17.40
N ASP D 153 -37.41 10.89 -17.88
CA ASP D 153 -37.19 10.54 -19.29
C ASP D 153 -38.13 9.32 -19.63
N PRO D 154 -38.80 9.32 -20.79
CA PRO D 154 -38.72 10.27 -21.88
C PRO D 154 -39.88 11.19 -21.80
N LEU D 155 -40.66 11.16 -20.77
CA LEU D 155 -41.76 12.13 -20.67
C LEU D 155 -41.29 13.61 -20.31
N TYR D 156 -40.09 13.83 -19.86
CA TYR D 156 -39.74 15.17 -19.41
C TYR D 156 -39.64 16.07 -20.54
N HIS D 157 -40.11 17.30 -20.38
CA HIS D 157 -40.04 18.30 -21.47
C HIS D 157 -39.64 19.63 -20.87
N PRO D 158 -39.15 20.53 -21.69
CA PRO D 158 -38.75 21.82 -21.13
C PRO D 158 -39.90 22.63 -20.53
N SER D 159 -41.10 22.18 -20.72
CA SER D 159 -42.17 22.95 -20.19
C SER D 159 -42.52 22.49 -18.87
N MET D 160 -41.58 21.80 -18.23
CA MET D 160 -41.85 21.28 -16.86
C MET D 160 -40.62 21.32 -16.01
N PHE D 161 -40.80 21.16 -14.69
CA PHE D 161 -39.68 21.12 -13.74
C PHE D 161 -40.09 20.40 -12.53
N CYS D 162 -39.04 19.87 -11.89
CA CYS D 162 -39.22 19.04 -10.70
C CYS D 162 -38.96 19.74 -9.39
N ALA D 163 -39.75 19.41 -8.37
CA ALA D 163 -39.51 20.10 -7.04
C ALA D 163 -39.93 19.13 -5.95
N GLY D 164 -39.13 19.11 -4.91
CA GLY D 164 -39.45 18.17 -3.87
C GLY D 164 -38.76 16.82 -4.05
N GLY D 165 -39.44 15.75 -3.68
CA GLY D 165 -38.78 14.43 -3.86
C GLY D 165 -37.74 14.12 -2.76
N GLY D 166 -37.77 14.96 -1.75
CA GLY D 166 -36.87 14.79 -0.67
C GLY D 166 -37.31 13.68 0.26
N GLN D 167 -36.45 13.45 1.27
CA GLN D 167 -36.65 12.40 2.19
C GLN D 167 -37.83 12.73 3.08
N ASP D 168 -38.10 14.02 3.24
CA ASP D 168 -39.18 14.39 4.12
C ASP D 168 -40.54 14.06 3.60
N GLN D 169 -40.55 13.47 2.45
CA GLN D 169 -41.80 13.11 1.82
C GLN D 169 -42.84 14.25 1.74
N LYS D 170 -42.38 15.48 1.46
CA LYS D 170 -43.28 16.61 1.26
C LYS D 170 -43.57 16.74 -0.26
N ASP D 171 -44.85 16.77 -0.65
CA ASP D 171 -45.16 16.88 -2.05
C ASP D 171 -46.60 17.23 -2.31
N SER D 172 -46.98 17.53 -3.56
CA SER D 172 -48.37 17.78 -3.89
C SER D 172 -48.96 16.43 -4.14
N CYS D 173 -50.23 16.42 -4.44
CA CYS D 173 -50.97 15.18 -4.72
C CYS D 173 -52.26 15.49 -5.43
N ASN D 174 -52.96 14.42 -5.80
CA ASN D 174 -54.25 14.51 -6.52
C ASN D 174 -55.17 15.53 -5.90
N GLY D 175 -55.67 16.44 -6.74
CA GLY D 175 -56.55 17.46 -6.23
C GLY D 175 -55.82 18.76 -6.10
N ASP D 176 -54.52 18.77 -6.33
CA ASP D 176 -53.77 19.98 -6.23
C ASP D 176 -53.40 20.49 -7.60
N SER D 177 -53.87 19.78 -8.63
CA SER D 177 -53.50 20.11 -10.00
C SER D 177 -53.82 21.53 -10.22
N GLY D 178 -52.95 22.23 -10.92
CA GLY D 178 -53.22 23.62 -11.23
C GLY D 178 -52.93 24.55 -10.09
N GLY D 179 -52.59 23.97 -8.93
CA GLY D 179 -52.18 24.78 -7.78
C GLY D 179 -50.87 25.51 -8.05
N PRO D 180 -50.61 26.53 -7.24
CA PRO D 180 -49.42 27.36 -7.34
C PRO D 180 -48.18 26.84 -6.69
N LEU D 181 -47.05 27.17 -7.27
CA LEU D 181 -45.78 26.90 -6.65
C LEU D 181 -45.06 28.24 -6.68
N ILE D 182 -44.96 28.86 -5.51
CA ILE D 182 -44.36 30.22 -5.33
C ILE D 182 -42.90 30.16 -4.95
N CYS D 183 -42.08 31.07 -5.52
CA CYS D 183 -40.69 30.99 -5.22
C CYS D 183 -40.24 32.36 -5.12
N ASN D 184 -39.99 32.76 -3.87
CA ASN D 184 -39.53 34.15 -3.59
C ASN D 184 -40.62 35.07 -4.04
N GLY D 185 -41.84 34.72 -3.62
CA GLY D 185 -42.97 35.54 -3.98
C GLY D 185 -43.41 35.64 -5.43
N TYR D 186 -42.85 34.83 -6.30
CA TYR D 186 -43.38 34.81 -7.65
C TYR D 186 -44.05 33.45 -7.89
N LEU D 187 -44.98 33.46 -8.83
CA LEU D 187 -45.67 32.25 -9.27
C LEU D 187 -44.64 31.60 -10.21
N GLN D 188 -44.06 30.49 -9.78
CA GLN D 188 -43.00 29.79 -10.51
C GLN D 188 -43.62 28.66 -11.34
N GLY D 189 -44.62 27.97 -10.77
CA GLY D 189 -45.22 26.88 -11.49
C GLY D 189 -46.61 26.42 -11.07
N LEU D 190 -47.12 25.42 -11.81
CA LEU D 190 -48.43 24.88 -11.48
C LEU D 190 -48.30 23.41 -11.21
N VAL D 191 -49.04 22.92 -10.25
CA VAL D 191 -49.03 21.51 -9.98
C VAL D 191 -49.58 20.82 -11.24
N SER D 192 -48.76 20.03 -11.93
CA SER D 192 -49.06 19.26 -13.16
C SER D 192 -49.26 17.80 -12.97
N PHE D 193 -48.19 17.05 -12.69
CA PHE D 193 -48.31 15.60 -12.44
C PHE D 193 -47.10 15.07 -11.65
N GLY D 194 -47.14 13.76 -11.40
CA GLY D 194 -46.03 13.09 -10.75
C GLY D 194 -46.37 11.61 -10.54
N LYS D 195 -45.38 10.79 -10.26
CA LYS D 195 -45.60 9.36 -9.99
C LYS D 195 -46.47 9.10 -8.74
N ALA D 196 -47.07 7.93 -8.68
CA ALA D 196 -47.96 7.63 -7.57
C ALA D 196 -47.42 6.39 -6.97
N PRO D 197 -47.61 6.20 -5.67
CA PRO D 197 -48.29 7.19 -4.82
C PRO D 197 -47.39 8.48 -4.69
N CYS D 198 -47.89 9.52 -4.04
CA CYS D 198 -47.18 10.74 -3.89
C CYS D 198 -46.19 10.58 -2.75
N GLY D 199 -45.54 11.68 -2.51
CA GLY D 199 -44.60 11.69 -1.45
C GLY D 199 -43.55 10.59 -1.39
N GLN D 200 -43.11 10.05 -2.54
CA GLN D 200 -42.13 9.06 -2.52
C GLN D 200 -40.79 9.68 -2.46
N VAL D 201 -39.91 9.03 -1.71
CA VAL D 201 -38.55 9.54 -1.55
C VAL D 201 -37.86 9.43 -2.89
N GLY D 202 -37.15 10.49 -3.31
CA GLY D 202 -36.44 10.34 -4.58
C GLY D 202 -37.31 10.47 -5.83
N VAL D 203 -38.56 10.81 -5.64
CA VAL D 203 -39.43 10.97 -6.76
C VAL D 203 -40.13 12.33 -6.65
N PRO D 204 -39.51 13.34 -7.20
CA PRO D 204 -40.10 14.65 -7.14
C PRO D 204 -41.37 14.78 -7.95
N GLY D 205 -42.14 15.82 -7.73
CA GLY D 205 -43.34 16.02 -8.53
C GLY D 205 -42.96 16.97 -9.69
N VAL D 206 -43.82 16.96 -10.73
CA VAL D 206 -43.62 17.84 -11.93
C VAL D 206 -44.59 19.07 -11.89
N TYR D 207 -44.07 20.19 -12.33
CA TYR D 207 -44.83 21.43 -12.29
C TYR D 207 -44.64 22.12 -13.62
N THR D 208 -45.69 22.81 -14.10
CA THR D 208 -45.55 23.52 -15.36
C THR D 208 -44.51 24.66 -15.27
N ASN D 209 -43.56 24.71 -16.15
CA ASN D 209 -42.51 25.69 -16.06
C ASN D 209 -42.88 27.01 -16.61
N LEU D 210 -43.68 27.78 -15.82
CA LEU D 210 -44.27 29.08 -16.28
C LEU D 210 -43.25 30.04 -16.83
N CYS D 211 -41.97 30.00 -16.39
CA CYS D 211 -41.07 31.02 -16.98
C CYS D 211 -40.89 30.80 -18.43
N LYS D 212 -41.57 29.80 -18.93
CA LYS D 212 -41.41 29.50 -20.33
C LYS D 212 -42.58 30.01 -21.18
N PHE D 213 -43.68 30.38 -20.56
CA PHE D 213 -44.87 30.81 -21.29
C PHE D 213 -45.27 32.25 -20.99
N THR D 214 -44.31 33.06 -20.58
CA THR D 214 -44.66 34.47 -20.26
C THR D 214 -45.28 35.14 -21.49
N GLU D 215 -44.53 35.19 -22.59
CA GLU D 215 -45.13 35.78 -23.79
C GLU D 215 -46.56 35.24 -24.11
N TRP D 216 -46.79 33.93 -24.06
CA TRP D 216 -48.09 33.43 -24.34
C TRP D 216 -49.06 33.90 -23.34
N ILE D 217 -48.72 33.76 -22.08
CA ILE D 217 -49.69 34.21 -21.03
C ILE D 217 -50.10 35.68 -21.24
N GLU D 218 -49.13 36.48 -21.67
CA GLU D 218 -49.36 37.88 -21.88
C GLU D 218 -50.28 38.12 -23.09
N LYS D 219 -49.81 37.71 -24.26
CA LYS D 219 -50.56 37.88 -25.50
C LYS D 219 -51.99 37.42 -25.34
N THR D 220 -52.24 36.53 -24.41
CA THR D 220 -53.56 35.99 -24.22
C THR D 220 -54.36 36.85 -23.31
N VAL D 221 -53.85 37.06 -22.11
CA VAL D 221 -54.58 37.84 -21.10
C VAL D 221 -54.91 39.19 -21.67
N GLN D 222 -53.92 39.80 -22.34
CA GLN D 222 -54.13 41.13 -22.88
C GLN D 222 -54.99 41.07 -24.11
N ALA D 223 -54.33 41.04 -25.26
CA ALA D 223 -55.02 40.95 -26.54
C ALA D 223 -56.04 39.75 -26.56
N ILE E 1 -24.89 16.94 -52.12
CA ILE E 1 -25.57 15.61 -52.24
C ILE E 1 -24.51 14.54 -52.34
N ILE E 2 -24.64 13.47 -51.56
CA ILE E 2 -23.64 12.39 -51.59
C ILE E 2 -24.19 11.21 -52.31
N ASN E 3 -23.46 10.75 -53.34
CA ASN E 3 -23.89 9.63 -54.19
C ASN E 3 -25.19 9.81 -54.94
N GLY E 4 -25.36 10.97 -55.54
CA GLY E 4 -26.54 11.27 -56.34
C GLY E 4 -26.12 11.56 -57.77
N GLU E 5 -26.95 12.24 -58.53
CA GLU E 5 -26.60 12.57 -59.93
C GLU E 5 -27.17 13.91 -60.36
N ASP E 6 -26.69 14.44 -61.47
CA ASP E 6 -27.19 15.69 -61.99
C ASP E 6 -28.66 15.58 -62.13
N CYS E 7 -29.46 16.46 -61.57
CA CYS E 7 -30.85 16.14 -61.84
C CYS E 7 -31.20 16.73 -63.17
N SER E 8 -32.39 16.34 -63.64
CA SER E 8 -32.90 16.75 -64.93
C SER E 8 -33.12 18.28 -64.88
N PRO E 9 -32.40 19.00 -65.70
CA PRO E 9 -32.48 20.45 -65.75
C PRO E 9 -33.83 20.94 -65.53
N HIS E 10 -34.00 21.73 -64.51
CA HIS E 10 -35.30 22.33 -64.18
C HIS E 10 -36.38 21.40 -63.74
N SER E 11 -35.99 20.23 -63.23
CA SER E 11 -36.92 19.23 -62.69
C SER E 11 -37.43 19.58 -61.30
N GLN E 12 -36.77 20.55 -60.65
CA GLN E 12 -37.15 21.04 -59.30
C GLN E 12 -37.27 22.56 -59.38
N PRO E 13 -38.30 23.03 -60.04
CA PRO E 13 -38.47 24.48 -60.17
C PRO E 13 -38.62 25.28 -58.85
N TRP E 14 -38.81 24.59 -57.71
CA TRP E 14 -39.03 25.29 -56.43
C TRP E 14 -37.68 25.53 -55.77
N GLN E 15 -36.66 24.98 -56.35
CA GLN E 15 -35.36 25.13 -55.76
C GLN E 15 -34.89 26.52 -55.83
N ALA E 16 -34.43 27.05 -54.69
CA ALA E 16 -33.87 28.38 -54.54
C ALA E 16 -32.43 28.30 -54.08
N ALA E 17 -31.55 28.99 -54.74
CA ALA E 17 -30.18 29.01 -54.33
C ALA E 17 -29.88 30.27 -53.50
N LEU E 18 -29.13 30.18 -52.41
CA LEU E 18 -28.77 31.31 -51.62
C LEU E 18 -27.28 31.56 -51.76
N VAL E 19 -26.89 32.67 -52.40
CA VAL E 19 -25.46 32.99 -52.57
C VAL E 19 -25.08 34.25 -51.83
N MET E 20 -23.82 34.26 -51.37
CA MET E 20 -23.23 35.35 -50.58
C MET E 20 -22.33 36.05 -51.46
N GLU E 21 -21.26 36.57 -50.90
CA GLU E 21 -20.33 37.34 -51.72
C GLU E 21 -20.31 36.82 -53.17
N ASN E 22 -19.96 35.57 -53.37
CA ASN E 22 -19.96 35.08 -54.72
C ASN E 22 -20.12 33.58 -54.68
N GLU E 23 -20.61 33.04 -53.58
CA GLU E 23 -20.68 31.64 -53.52
C GLU E 23 -21.99 31.18 -52.92
N LEU E 24 -22.35 29.92 -53.17
CA LEU E 24 -23.55 29.33 -52.66
C LEU E 24 -23.28 28.83 -51.24
N PHE E 25 -24.20 29.11 -50.32
CA PHE E 25 -24.07 28.64 -48.97
C PHE E 25 -25.30 27.87 -48.44
N CYS E 26 -26.44 27.92 -49.07
CA CYS E 26 -27.55 27.14 -48.56
C CYS E 26 -28.53 27.14 -49.68
N SER E 27 -29.77 26.67 -49.55
CA SER E 27 -30.78 26.60 -50.61
C SER E 27 -32.10 26.94 -49.95
N GLY E 28 -33.19 27.06 -50.71
CA GLY E 28 -34.49 27.33 -50.11
C GLY E 28 -35.59 26.76 -50.97
N VAL E 29 -36.83 26.85 -50.56
CA VAL E 29 -37.83 26.30 -51.39
C VAL E 29 -38.86 27.36 -51.58
N LEU E 30 -39.19 27.63 -52.82
CA LEU E 30 -40.24 28.63 -53.15
C LEU E 30 -41.58 28.06 -52.76
N VAL E 31 -42.12 28.51 -51.68
CA VAL E 31 -43.36 27.92 -51.26
C VAL E 31 -44.52 28.84 -51.57
N HIS E 32 -44.17 29.96 -52.21
CA HIS E 32 -45.15 30.97 -52.57
C HIS E 32 -44.43 31.94 -53.45
N PRO E 33 -45.20 32.67 -54.27
CA PRO E 33 -44.60 33.65 -55.20
C PRO E 33 -43.66 34.66 -54.61
N GLN E 34 -43.98 35.12 -53.41
CA GLN E 34 -43.08 36.06 -52.72
C GLN E 34 -42.39 35.55 -51.40
N TRP E 35 -42.29 34.24 -51.26
CA TRP E 35 -41.72 33.65 -50.08
C TRP E 35 -40.86 32.42 -50.35
N VAL E 36 -39.64 32.41 -49.78
CA VAL E 36 -38.74 31.33 -49.91
C VAL E 36 -38.55 30.71 -48.53
N LEU E 37 -38.83 29.40 -48.41
CA LEU E 37 -38.68 28.64 -47.16
C LEU E 37 -37.27 28.13 -47.12
N SER E 38 -36.72 28.13 -45.92
CA SER E 38 -35.36 27.72 -45.73
C SER E 38 -35.00 27.37 -44.33
N ALA E 39 -33.75 27.03 -44.11
CA ALA E 39 -33.32 26.63 -42.78
C ALA E 39 -32.96 27.85 -42.00
N ALA E 40 -33.55 27.95 -40.80
CA ALA E 40 -33.19 29.07 -39.89
C ALA E 40 -31.68 29.26 -39.75
N HIS E 41 -30.91 28.20 -39.79
CA HIS E 41 -29.54 28.43 -39.65
C HIS E 41 -28.91 28.93 -40.90
N CYS E 42 -29.74 29.38 -41.83
CA CYS E 42 -29.15 29.97 -43.05
C CYS E 42 -29.28 31.55 -43.02
N PHE E 43 -30.02 32.04 -42.05
CA PHE E 43 -30.34 33.44 -41.90
C PHE E 43 -29.19 34.39 -42.23
N GLN E 44 -29.54 35.51 -42.91
CA GLN E 44 -28.63 36.58 -43.26
C GLN E 44 -29.40 37.89 -43.17
N ASN E 45 -28.70 39.00 -43.37
CA ASN E 45 -29.39 40.31 -43.26
C ASN E 45 -29.99 40.61 -44.58
N SER E 46 -29.35 40.07 -45.59
CA SER E 46 -29.89 40.26 -46.92
C SER E 46 -29.43 39.03 -47.73
N TYR E 47 -30.32 38.54 -48.58
CA TYR E 47 -30.00 37.39 -49.40
C TYR E 47 -30.07 37.75 -50.87
N THR E 48 -29.35 36.96 -51.66
CA THR E 48 -29.37 37.05 -53.13
C THR E 48 -29.85 35.69 -53.62
N ILE E 49 -31.16 35.50 -53.66
CA ILE E 49 -31.75 34.26 -54.09
C ILE E 49 -31.79 34.06 -55.63
N GLY E 50 -31.38 32.88 -56.09
CA GLY E 50 -31.38 32.55 -57.46
C GLY E 50 -32.48 31.52 -57.74
N LEU E 51 -33.46 31.87 -58.56
CA LEU E 51 -34.53 30.96 -58.97
C LEU E 51 -34.38 30.46 -60.40
N GLY E 52 -34.99 29.33 -60.70
CA GLY E 52 -34.93 28.76 -62.05
C GLY E 52 -33.54 28.35 -62.47
N LEU E 53 -32.61 28.17 -61.54
CA LEU E 53 -31.28 27.76 -61.90
C LEU E 53 -31.06 26.24 -62.05
N HIS E 54 -29.88 25.89 -62.53
CA HIS E 54 -29.50 24.50 -62.67
C HIS E 54 -28.01 24.54 -62.50
N SER E 55 -27.39 25.53 -63.10
CA SER E 55 -25.99 25.65 -62.84
C SER E 55 -25.94 27.00 -62.09
N LEU E 56 -24.89 27.20 -61.28
CA LEU E 56 -24.80 28.41 -60.51
C LEU E 56 -24.59 29.65 -61.40
N GLU E 57 -24.08 29.39 -62.60
CA GLU E 57 -23.82 30.41 -63.62
C GLU E 57 -25.13 31.03 -64.07
N ALA E 58 -25.69 31.91 -63.27
CA ALA E 58 -26.97 32.53 -63.61
C ALA E 58 -27.15 32.98 -65.06
N ASP E 59 -26.10 33.57 -65.62
CA ASP E 59 -26.16 34.09 -67.03
C ASP E 59 -25.85 32.97 -68.03
N GLN E 60 -26.48 31.81 -67.82
CA GLN E 60 -26.28 30.64 -68.67
C GLN E 60 -27.55 29.89 -68.50
N GLU E 61 -28.47 30.42 -67.73
CA GLU E 61 -29.72 29.76 -67.53
C GLU E 61 -30.82 30.72 -67.87
N PRO E 62 -31.60 30.45 -68.90
CA PRO E 62 -32.71 31.25 -69.37
C PRO E 62 -33.67 31.79 -68.35
N GLY E 63 -34.77 31.10 -68.15
CA GLY E 63 -35.77 31.61 -67.22
C GLY E 63 -35.30 31.97 -65.83
N SER E 64 -33.99 31.91 -65.59
CA SER E 64 -33.46 32.18 -64.28
C SER E 64 -33.69 33.62 -63.83
N GLN E 65 -33.85 33.83 -62.53
CA GLN E 65 -34.03 35.16 -61.97
C GLN E 65 -33.30 35.31 -60.64
N MET E 66 -32.30 36.17 -60.61
CA MET E 66 -31.59 36.44 -59.40
C MET E 66 -32.28 37.56 -58.60
N VAL E 67 -33.38 37.29 -57.91
CA VAL E 67 -34.01 38.28 -57.09
C VAL E 67 -33.24 38.61 -55.80
N GLU E 68 -33.75 39.56 -55.04
CA GLU E 68 -33.17 40.00 -53.76
C GLU E 68 -34.22 40.11 -52.67
N ALA E 69 -33.75 39.96 -51.44
CA ALA E 69 -34.66 40.06 -50.31
C ALA E 69 -33.87 40.38 -49.05
N SER E 70 -34.60 40.86 -48.05
CA SER E 70 -33.92 41.18 -46.80
C SER E 70 -34.83 40.88 -45.59
N LEU E 71 -36.15 40.81 -45.78
CA LEU E 71 -36.97 40.51 -44.61
C LEU E 71 -37.06 38.98 -44.40
N SER E 72 -36.44 38.48 -43.31
CA SER E 72 -36.44 37.02 -43.01
C SER E 72 -37.09 36.80 -41.67
N VAL E 73 -37.84 35.75 -41.50
CA VAL E 73 -38.45 35.50 -40.21
C VAL E 73 -38.04 34.09 -39.77
N ARG E 74 -37.14 34.00 -38.79
CA ARG E 74 -36.76 32.70 -38.27
C ARG E 74 -37.89 32.23 -37.36
N HIS E 75 -38.02 30.93 -37.15
CA HIS E 75 -39.08 30.52 -36.21
C HIS E 75 -38.73 30.92 -34.74
N PRO E 76 -39.69 31.43 -34.06
CA PRO E 76 -39.59 31.85 -32.67
C PRO E 76 -38.71 30.89 -31.82
N GLU E 77 -38.96 29.54 -31.90
CA GLU E 77 -38.24 28.54 -31.11
C GLU E 77 -36.99 27.97 -31.75
N TYR E 78 -36.51 28.60 -32.79
CA TYR E 78 -35.34 28.01 -33.36
C TYR E 78 -34.26 27.82 -32.39
N ASN E 79 -33.50 26.74 -32.52
CA ASN E 79 -32.36 26.36 -31.66
C ASN E 79 -32.66 26.15 -30.14
N ARG E 80 -33.93 25.97 -29.80
CA ARG E 80 -34.31 25.74 -28.46
C ARG E 80 -35.30 24.64 -28.61
N PRO E 81 -34.90 23.40 -28.36
CA PRO E 81 -33.58 22.91 -27.98
C PRO E 81 -32.57 23.03 -29.02
N LEU E 82 -31.35 22.80 -28.64
CA LEU E 82 -30.25 22.93 -29.50
C LEU E 82 -30.55 22.28 -30.84
N LEU E 83 -30.36 23.04 -31.93
CA LEU E 83 -30.64 22.56 -33.28
C LEU E 83 -32.12 22.41 -33.72
N ALA E 84 -33.09 22.47 -32.83
CA ALA E 84 -34.47 22.34 -33.24
C ALA E 84 -35.14 23.48 -33.93
N ASN E 85 -36.34 23.18 -34.46
CA ASN E 85 -37.13 24.17 -35.20
C ASN E 85 -36.28 24.95 -36.22
N ASP E 86 -35.46 24.27 -37.00
CA ASP E 86 -34.59 24.91 -37.93
C ASP E 86 -35.27 25.38 -39.25
N LEU E 87 -36.37 26.13 -39.19
CA LEU E 87 -36.94 26.67 -40.42
C LEU E 87 -37.00 28.23 -40.39
N MET E 88 -36.97 28.85 -41.57
CA MET E 88 -37.11 30.31 -41.73
C MET E 88 -37.76 30.72 -43.03
N LEU E 89 -38.70 31.65 -43.00
CA LEU E 89 -39.33 32.17 -44.22
C LEU E 89 -38.58 33.48 -44.65
N ILE E 90 -38.17 33.56 -45.91
CA ILE E 90 -37.56 34.74 -46.47
C ILE E 90 -38.57 35.41 -47.41
N LYS E 91 -38.95 36.68 -47.17
CA LYS E 91 -39.91 37.42 -48.03
C LYS E 91 -39.09 38.14 -49.06
N LEU E 92 -39.38 37.81 -50.32
CA LEU E 92 -38.67 38.39 -51.47
C LEU E 92 -39.12 39.86 -51.69
N ASP E 93 -38.19 40.70 -52.13
CA ASP E 93 -38.52 42.13 -52.35
C ASP E 93 -39.69 42.21 -53.33
N GLU E 94 -39.44 41.70 -54.53
CA GLU E 94 -40.44 41.71 -55.56
C GLU E 94 -40.91 40.29 -55.81
N SER E 95 -42.21 40.07 -55.67
CA SER E 95 -42.83 38.79 -55.96
C SER E 95 -42.47 38.27 -57.34
N VAL E 96 -42.16 36.96 -57.52
CA VAL E 96 -41.77 36.40 -58.86
C VAL E 96 -42.92 35.83 -59.59
N SER E 97 -42.74 35.67 -60.90
CA SER E 97 -43.81 35.14 -61.74
C SER E 97 -43.50 33.70 -62.10
N GLU E 98 -44.38 32.79 -61.63
CA GLU E 98 -44.19 31.36 -61.84
C GLU E 98 -43.93 31.05 -63.29
N SER E 99 -42.70 30.83 -63.67
CA SER E 99 -42.41 30.52 -65.03
C SER E 99 -42.37 29.00 -65.29
N ASP E 100 -41.78 28.68 -66.41
CA ASP E 100 -41.67 27.32 -66.88
C ASP E 100 -40.61 26.63 -66.02
N THR E 101 -39.50 27.34 -65.69
CA THR E 101 -38.50 26.75 -64.91
C THR E 101 -38.51 27.21 -63.47
N ILE E 102 -39.54 27.95 -63.07
CA ILE E 102 -39.62 28.49 -61.71
C ILE E 102 -41.00 28.35 -61.16
N ARG E 103 -41.30 27.30 -60.43
CA ARG E 103 -42.65 27.14 -59.93
C ARG E 103 -42.57 26.89 -58.42
N SER E 104 -43.62 27.23 -57.68
CA SER E 104 -43.55 27.03 -56.24
C SER E 104 -44.11 25.65 -55.90
N ILE E 105 -43.78 25.09 -54.71
CA ILE E 105 -44.27 23.76 -54.32
C ILE E 105 -45.01 23.84 -53.03
N SER E 106 -45.91 22.91 -52.77
CA SER E 106 -46.66 22.95 -51.53
C SER E 106 -46.10 22.03 -50.45
N ILE E 107 -46.34 22.46 -49.21
CA ILE E 107 -45.78 21.83 -48.07
C ILE E 107 -46.69 20.75 -47.63
N ALA E 108 -46.16 19.53 -47.41
CA ALA E 108 -46.94 18.41 -46.94
C ALA E 108 -47.68 18.71 -45.65
N SER E 109 -48.91 18.31 -45.54
CA SER E 109 -49.61 18.60 -44.30
C SER E 109 -49.61 17.32 -43.39
N GLN E 110 -49.31 16.19 -44.00
CA GLN E 110 -49.21 14.94 -43.29
C GLN E 110 -47.70 14.70 -42.90
N CYS E 111 -47.45 13.83 -41.94
CA CYS E 111 -46.04 13.60 -41.53
C CYS E 111 -45.27 12.45 -42.14
N PRO E 112 -43.99 12.57 -42.32
CA PRO E 112 -43.21 11.53 -42.94
C PRO E 112 -43.61 10.10 -42.59
N THR E 113 -43.61 9.14 -43.55
CA THR E 113 -43.93 7.79 -43.17
C THR E 113 -42.68 6.98 -43.37
N ALA E 114 -42.38 6.18 -42.36
CA ALA E 114 -41.18 5.38 -42.44
C ALA E 114 -41.04 4.52 -43.66
N GLY E 115 -39.86 4.44 -44.22
CA GLY E 115 -39.72 3.58 -45.35
C GLY E 115 -39.96 4.26 -46.69
N ASN E 116 -40.82 5.27 -46.63
CA ASN E 116 -41.16 6.02 -47.80
C ASN E 116 -39.92 6.61 -48.49
N SER E 117 -39.85 6.54 -49.82
CA SER E 117 -38.66 7.01 -50.47
C SER E 117 -38.90 8.38 -50.98
N CYS E 118 -37.93 9.27 -50.81
CA CYS E 118 -38.09 10.63 -51.20
C CYS E 118 -36.95 11.11 -51.98
N LEU E 119 -36.92 12.42 -52.27
CA LEU E 119 -35.85 12.97 -53.03
C LEU E 119 -35.41 14.27 -52.40
N VAL E 120 -34.12 14.53 -52.50
CA VAL E 120 -33.57 15.72 -51.94
C VAL E 120 -32.57 16.19 -53.01
N SER E 121 -32.40 17.51 -53.14
CA SER E 121 -31.53 18.08 -54.15
C SER E 121 -30.80 19.27 -53.61
N GLY E 122 -29.64 19.58 -54.21
CA GLY E 122 -28.88 20.71 -53.76
C GLY E 122 -27.51 20.81 -54.38
N TRP E 123 -26.82 21.90 -54.11
CA TRP E 123 -25.49 22.11 -54.70
C TRP E 123 -24.38 21.89 -53.66
N GLY E 124 -24.71 21.16 -52.57
CA GLY E 124 -23.74 20.93 -51.53
C GLY E 124 -22.67 19.98 -51.97
N LEU E 125 -21.67 19.75 -51.09
CA LEU E 125 -20.53 18.86 -51.34
C LEU E 125 -20.94 17.49 -51.82
N LEU E 126 -20.11 16.92 -52.66
CA LEU E 126 -20.30 15.61 -53.25
C LEU E 126 -19.51 14.57 -52.52
N ALA E 127 -19.73 13.31 -52.88
CA ALA E 127 -19.04 12.18 -52.25
C ALA E 127 -17.50 12.39 -52.25
N ASN E 128 -17.01 13.15 -53.24
CA ASN E 128 -15.57 13.44 -53.39
C ASN E 128 -15.14 14.69 -52.59
N GLY E 129 -16.06 15.23 -51.81
CA GLY E 129 -15.75 16.41 -51.03
C GLY E 129 -15.65 17.62 -51.96
N ARG E 130 -16.23 17.50 -53.14
CA ARG E 130 -16.16 18.58 -54.09
C ARG E 130 -17.53 19.15 -54.38
N MET E 131 -17.56 20.42 -54.74
CA MET E 131 -18.83 21.07 -55.06
C MET E 131 -19.20 20.78 -56.49
N PRO E 132 -20.48 20.46 -56.74
CA PRO E 132 -20.97 20.14 -58.08
C PRO E 132 -21.17 21.35 -58.97
N THR E 133 -21.23 21.15 -60.28
CA THR E 133 -21.44 22.28 -61.20
C THR E 133 -22.93 22.50 -61.43
N VAL E 134 -23.71 21.42 -61.29
CA VAL E 134 -25.16 21.53 -61.44
C VAL E 134 -25.92 20.96 -60.24
N LEU E 135 -27.20 21.24 -60.15
CA LEU E 135 -28.03 20.83 -59.03
C LEU E 135 -28.07 19.31 -58.97
N GLN E 136 -27.80 18.76 -57.78
CA GLN E 136 -27.77 17.32 -57.58
C GLN E 136 -29.03 16.81 -57.03
N CYS E 137 -29.22 15.57 -57.32
CA CYS E 137 -30.39 14.92 -56.76
C CYS E 137 -30.09 13.52 -56.13
N VAL E 138 -30.97 13.06 -55.30
CA VAL E 138 -30.74 11.73 -54.75
C VAL E 138 -31.94 11.26 -53.98
N ASN E 139 -32.05 9.94 -53.87
CA ASN E 139 -33.17 9.45 -53.14
C ASN E 139 -32.80 8.84 -51.74
N VAL E 140 -33.63 9.10 -50.75
CA VAL E 140 -33.34 8.62 -49.47
C VAL E 140 -34.66 8.27 -48.86
N SER E 141 -34.72 7.28 -47.98
CA SER E 141 -36.03 6.92 -47.45
C SER E 141 -36.20 7.34 -46.02
N VAL E 142 -37.43 7.54 -45.66
CA VAL E 142 -37.69 8.02 -44.38
C VAL E 142 -37.31 6.93 -43.42
N VAL E 143 -36.65 7.25 -42.28
CA VAL E 143 -36.27 6.28 -41.29
C VAL E 143 -37.30 6.35 -40.13
N SER E 144 -37.51 5.27 -39.38
CA SER E 144 -38.52 5.34 -38.31
C SER E 144 -38.19 6.25 -37.16
N GLU E 145 -39.25 6.74 -36.55
CA GLU E 145 -39.08 7.63 -35.44
C GLU E 145 -38.24 7.00 -34.40
N GLU E 146 -38.51 5.74 -34.06
CA GLU E 146 -37.72 5.12 -33.05
C GLU E 146 -36.28 5.16 -33.41
N VAL E 147 -35.89 4.56 -34.51
CA VAL E 147 -34.51 4.60 -34.78
C VAL E 147 -33.95 6.01 -34.76
N CYS E 148 -34.70 6.97 -35.39
CA CYS E 148 -34.13 8.38 -35.38
C CYS E 148 -33.90 8.93 -34.00
N SER E 149 -34.91 8.84 -33.10
CA SER E 149 -34.74 9.43 -31.80
C SER E 149 -33.69 8.80 -31.01
N LYS E 150 -33.47 7.50 -31.14
CA LYS E 150 -32.45 6.85 -30.34
C LYS E 150 -31.15 7.19 -30.96
N LEU E 151 -31.05 7.13 -32.23
CA LEU E 151 -29.81 7.45 -32.80
C LEU E 151 -29.34 8.86 -32.53
N TYR E 152 -30.24 9.77 -32.22
CA TYR E 152 -29.84 11.20 -32.13
C TYR E 152 -30.19 11.77 -30.84
N ASP E 153 -30.63 10.94 -29.95
CA ASP E 153 -30.87 11.31 -28.55
C ASP E 153 -29.52 11.96 -28.04
N PRO E 154 -29.55 13.03 -27.24
CA PRO E 154 -30.75 13.73 -26.78
C PRO E 154 -30.99 14.93 -27.64
N LEU E 155 -30.28 15.10 -28.71
CA LEU E 155 -30.57 16.18 -29.58
C LEU E 155 -31.90 16.02 -30.44
N TYR E 156 -32.50 14.87 -30.53
CA TYR E 156 -33.65 14.72 -31.41
C TYR E 156 -34.84 15.41 -30.87
N HIS E 157 -35.60 16.07 -31.70
CA HIS E 157 -36.79 16.78 -31.29
C HIS E 157 -37.91 16.52 -32.29
N PRO E 158 -39.13 16.76 -31.92
CA PRO E 158 -40.18 16.49 -32.84
C PRO E 158 -40.17 17.36 -34.05
N SER E 159 -39.34 18.35 -34.07
CA SER E 159 -39.38 19.21 -35.20
C SER E 159 -38.41 18.74 -36.19
N MET E 160 -38.07 17.48 -36.13
CA MET E 160 -37.09 16.95 -37.05
C MET E 160 -37.39 15.47 -37.36
N PHE E 161 -36.79 14.95 -38.43
CA PHE E 161 -36.93 13.56 -38.87
C PHE E 161 -35.76 13.18 -39.71
N CYS E 162 -35.50 11.87 -39.74
CA CYS E 162 -34.34 11.39 -40.49
C CYS E 162 -34.77 10.72 -41.70
N ALA E 163 -33.82 10.65 -42.59
CA ALA E 163 -34.06 10.04 -43.87
C ALA E 163 -32.73 9.61 -44.42
N GLY E 164 -32.72 8.43 -45.04
CA GLY E 164 -31.49 7.91 -45.59
C GLY E 164 -30.75 7.06 -44.60
N GLY E 165 -29.42 7.17 -44.58
CA GLY E 165 -28.68 6.37 -43.61
C GLY E 165 -28.52 4.92 -44.06
N GLY E 166 -28.90 4.67 -45.30
CA GLY E 166 -28.81 3.35 -45.82
C GLY E 166 -27.41 2.98 -46.17
N GLN E 167 -27.28 1.73 -46.58
CA GLN E 167 -26.01 1.19 -46.96
C GLN E 167 -25.50 1.82 -48.24
N ASP E 168 -26.41 2.30 -49.06
CA ASP E 168 -25.97 2.90 -50.33
C ASP E 168 -25.27 4.20 -50.16
N GLN E 169 -25.14 4.64 -48.90
CA GLN E 169 -24.48 5.87 -48.62
C GLN E 169 -24.99 7.11 -49.39
N LYS E 170 -26.29 7.19 -49.58
CA LYS E 170 -26.91 8.30 -50.26
C LYS E 170 -27.36 9.30 -49.14
N ASP E 171 -26.98 10.59 -49.26
CA ASP E 171 -27.36 11.55 -48.25
C ASP E 171 -27.11 12.95 -48.65
N SER E 172 -27.56 13.94 -47.89
CA SER E 172 -27.23 15.32 -48.18
C SER E 172 -25.91 15.56 -47.52
N CYS E 173 -25.50 16.78 -47.53
CA CYS E 173 -24.24 17.15 -46.97
C CYS E 173 -24.12 18.74 -46.83
N ASN E 174 -22.96 19.19 -46.44
CA ASN E 174 -22.70 20.61 -46.32
C ASN E 174 -22.97 21.36 -47.62
N GLY E 175 -23.74 22.44 -47.52
CA GLY E 175 -24.06 23.26 -48.67
C GLY E 175 -25.44 22.93 -49.13
N ASP E 176 -26.09 21.93 -48.52
CA ASP E 176 -27.43 21.57 -48.96
C ASP E 176 -28.41 22.03 -47.95
N SER E 177 -27.92 22.67 -46.91
CA SER E 177 -28.79 23.11 -45.83
C SER E 177 -29.94 23.90 -46.42
N GLY E 178 -31.13 23.71 -45.88
CA GLY E 178 -32.27 24.43 -46.37
C GLY E 178 -32.83 23.91 -47.68
N GLY E 179 -32.15 22.90 -48.25
CA GLY E 179 -32.63 22.24 -49.47
C GLY E 179 -33.91 21.48 -49.17
N PRO E 180 -34.61 21.14 -50.24
CA PRO E 180 -35.90 20.41 -50.17
C PRO E 180 -35.82 18.89 -50.06
N LEU E 181 -36.78 18.33 -49.41
CA LEU E 181 -36.92 16.96 -49.35
C LEU E 181 -38.39 16.70 -49.74
N ILE E 182 -38.60 16.20 -50.96
CA ILE E 182 -39.94 15.99 -51.50
C ILE E 182 -40.39 14.58 -51.34
N CYS E 183 -41.60 14.43 -50.86
CA CYS E 183 -42.07 13.08 -50.87
C CYS E 183 -43.36 13.08 -51.60
N ASN E 184 -43.54 12.23 -52.61
CA ASN E 184 -44.81 12.15 -53.32
C ASN E 184 -45.26 13.54 -53.74
N GLY E 185 -44.32 14.28 -54.28
CA GLY E 185 -44.63 15.60 -54.72
C GLY E 185 -44.92 16.67 -53.70
N TYR E 186 -44.74 16.43 -52.43
CA TYR E 186 -44.91 17.48 -51.47
C TYR E 186 -43.59 17.81 -50.87
N LEU E 187 -43.47 19.03 -50.35
CA LEU E 187 -42.24 19.51 -49.66
C LEU E 187 -42.45 18.91 -48.29
N GLN E 188 -41.64 17.89 -47.94
CA GLN E 188 -41.75 17.16 -46.64
C GLN E 188 -40.78 17.75 -45.62
N GLY E 189 -39.60 18.15 -46.09
CA GLY E 189 -38.64 18.74 -45.20
C GLY E 189 -37.52 19.62 -45.77
N LEU E 190 -36.67 20.08 -44.88
CA LEU E 190 -35.54 20.87 -45.28
C LEU E 190 -34.25 20.24 -44.74
N VAL E 191 -33.24 20.29 -45.55
CA VAL E 191 -31.97 19.78 -45.12
C VAL E 191 -31.54 20.61 -43.93
N SER E 192 -31.43 20.00 -42.73
CA SER E 192 -31.01 20.67 -41.46
C SER E 192 -29.62 20.36 -41.00
N PHE E 193 -29.37 19.14 -40.57
CA PHE E 193 -28.00 18.75 -40.11
C PHE E 193 -27.90 17.21 -40.11
N GLY E 194 -26.73 16.76 -39.72
CA GLY E 194 -26.46 15.35 -39.58
C GLY E 194 -24.98 15.13 -39.15
N LYS E 195 -24.65 13.94 -38.71
CA LYS E 195 -23.27 13.61 -38.34
C LYS E 195 -22.28 13.70 -39.53
N ALA E 196 -21.02 13.88 -39.22
CA ALA E 196 -20.01 14.01 -40.28
C ALA E 196 -18.99 12.95 -40.02
N PRO E 197 -18.35 12.43 -41.05
CA PRO E 197 -18.64 12.85 -42.42
C PRO E 197 -20.06 12.47 -42.85
N CYS E 198 -20.43 12.84 -44.04
CA CYS E 198 -21.84 12.50 -44.31
C CYS E 198 -21.83 11.14 -44.99
N GLY E 199 -22.95 10.65 -45.42
CA GLY E 199 -23.03 9.38 -46.08
C GLY E 199 -22.53 8.18 -45.35
N GLN E 200 -22.60 8.21 -44.04
CA GLN E 200 -22.19 7.08 -43.25
C GLN E 200 -23.31 6.09 -43.14
N VAL E 201 -22.92 4.82 -43.20
CA VAL E 201 -23.91 3.76 -43.15
C VAL E 201 -24.56 3.78 -41.78
N GLY E 202 -25.87 3.69 -41.68
CA GLY E 202 -26.45 3.64 -40.34
C GLY E 202 -26.59 5.01 -39.65
N VAL E 203 -26.24 6.07 -40.37
CA VAL E 203 -26.33 7.39 -39.82
C VAL E 203 -27.12 8.23 -40.75
N PRO E 204 -28.42 8.28 -40.57
CA PRO E 204 -29.27 9.09 -41.43
C PRO E 204 -29.06 10.59 -41.22
N GLY E 205 -29.52 11.41 -42.15
CA GLY E 205 -29.44 12.82 -41.99
C GLY E 205 -30.76 13.33 -41.34
N VAL E 206 -30.69 14.55 -40.72
CA VAL E 206 -31.88 15.16 -40.08
C VAL E 206 -32.43 16.28 -40.96
N TYR E 207 -33.76 16.35 -41.01
CA TYR E 207 -34.47 17.32 -41.86
C TYR E 207 -35.56 17.97 -40.99
N THR E 208 -35.85 19.23 -41.27
CA THR E 208 -36.86 19.92 -40.51
C THR E 208 -38.23 19.31 -40.79
N ASN E 209 -38.99 18.99 -39.80
CA ASN E 209 -40.26 18.33 -40.00
C ASN E 209 -41.37 19.27 -40.29
N LEU E 210 -41.43 19.72 -41.54
CA LEU E 210 -42.42 20.74 -41.95
C LEU E 210 -43.81 20.49 -41.66
N CYS E 211 -44.25 19.30 -41.74
CA CYS E 211 -45.68 19.11 -41.44
C CYS E 211 -46.00 19.69 -40.11
N LYS E 212 -44.99 19.95 -39.27
CA LYS E 212 -45.24 20.44 -37.91
C LYS E 212 -45.41 21.95 -37.80
N PHE E 213 -45.00 22.67 -38.83
CA PHE E 213 -45.09 24.13 -38.80
C PHE E 213 -46.06 24.73 -39.89
N THR E 214 -47.04 23.95 -40.34
CA THR E 214 -47.95 24.43 -41.33
C THR E 214 -48.64 25.72 -40.82
N GLU E 215 -49.34 25.65 -39.69
CA GLU E 215 -49.96 26.85 -39.17
C GLU E 215 -48.95 28.05 -39.07
N TRP E 216 -47.76 27.86 -38.57
CA TRP E 216 -46.84 28.96 -38.54
C TRP E 216 -46.48 29.43 -39.90
N ILE E 217 -46.10 28.51 -40.77
CA ILE E 217 -45.75 28.93 -42.14
C ILE E 217 -46.90 29.77 -42.77
N GLU E 218 -48.13 29.37 -42.48
CA GLU E 218 -49.26 30.06 -43.04
C GLU E 218 -49.41 31.45 -42.46
N LYS E 219 -49.65 31.50 -41.15
CA LYS E 219 -49.86 32.77 -40.46
C LYS E 219 -48.77 33.80 -40.84
N THR E 220 -47.61 33.32 -41.23
CA THR E 220 -46.51 34.19 -41.55
C THR E 220 -46.60 34.66 -42.96
N VAL E 221 -46.63 33.72 -43.90
CA VAL E 221 -46.69 34.07 -45.32
C VAL E 221 -47.85 34.99 -45.62
N GLN E 222 -49.00 34.64 -45.05
CA GLN E 222 -50.21 35.41 -45.26
C GLN E 222 -50.16 36.70 -44.48
N ALA E 223 -50.78 36.68 -43.31
CA ALA E 223 -50.78 37.85 -42.42
C ALA E 223 -49.32 38.40 -42.16
N ILE F 1 -11.28 -8.92 -46.19
CA ILE F 1 -10.97 -9.64 -44.95
C ILE F 1 -9.80 -8.94 -44.25
N ILE F 2 -9.92 -8.67 -42.96
CA ILE F 2 -8.85 -8.00 -42.24
C ILE F 2 -8.12 -9.00 -41.40
N ASN F 3 -6.80 -9.05 -41.56
CA ASN F 3 -5.91 -9.97 -40.83
C ASN F 3 -6.21 -11.45 -41.03
N GLY F 4 -6.41 -11.82 -42.28
CA GLY F 4 -6.65 -13.19 -42.62
C GLY F 4 -5.53 -13.66 -43.58
N GLU F 5 -5.77 -14.76 -44.32
CA GLU F 5 -4.78 -15.24 -45.27
C GLU F 5 -5.42 -15.82 -46.53
N ASP F 6 -4.61 -16.05 -47.56
CA ASP F 6 -5.10 -16.65 -48.79
C ASP F 6 -5.77 -17.93 -48.43
N CYS F 7 -7.03 -18.21 -48.67
CA CYS F 7 -7.37 -19.57 -48.21
C CYS F 7 -6.83 -20.47 -49.24
N SER F 8 -7.13 -21.73 -49.00
CA SER F 8 -6.69 -22.87 -49.82
C SER F 8 -7.57 -22.88 -51.05
N PRO F 9 -6.93 -22.70 -52.20
CA PRO F 9 -7.59 -22.66 -53.51
C PRO F 9 -8.72 -23.62 -53.58
N HIS F 10 -9.91 -23.08 -53.77
CA HIS F 10 -11.13 -23.86 -53.88
C HIS F 10 -11.62 -24.54 -52.66
N SER F 11 -11.18 -24.05 -51.50
CA SER F 11 -11.60 -24.58 -50.22
C SER F 11 -13.03 -24.19 -49.83
N GLN F 12 -13.59 -23.19 -50.56
CA GLN F 12 -14.94 -22.65 -50.32
C GLN F 12 -15.65 -22.64 -51.68
N PRO F 13 -15.97 -23.80 -52.18
CA PRO F 13 -16.66 -23.89 -53.46
C PRO F 13 -18.04 -23.20 -53.57
N TRP F 14 -18.63 -22.74 -52.46
CA TRP F 14 -19.93 -22.11 -52.51
C TRP F 14 -19.74 -20.62 -52.72
N GLN F 15 -18.51 -20.18 -52.67
CA GLN F 15 -18.28 -18.79 -52.80
C GLN F 15 -18.63 -18.28 -54.19
N ALA F 16 -19.41 -17.19 -54.24
CA ALA F 16 -19.83 -16.53 -55.46
C ALA F 16 -19.32 -15.11 -55.50
N ALA F 17 -18.65 -14.73 -56.56
CA ALA F 17 -18.17 -13.37 -56.69
C ALA F 17 -19.17 -12.56 -57.55
N LEU F 18 -19.47 -11.32 -57.17
CA LEU F 18 -20.38 -10.44 -57.91
C LEU F 18 -19.54 -9.30 -58.49
N VAL F 19 -19.40 -9.25 -59.81
CA VAL F 19 -18.62 -8.20 -60.45
C VAL F 19 -19.53 -7.33 -61.34
N MET F 20 -19.16 -6.05 -61.41
CA MET F 20 -19.85 -5.01 -62.14
C MET F 20 -19.05 -4.74 -63.30
N GLU F 21 -19.07 -3.50 -63.74
CA GLU F 21 -18.39 -3.16 -64.98
C GLU F 21 -17.15 -4.02 -65.15
N ASN F 22 -16.24 -3.95 -64.19
CA ASN F 22 -15.05 -4.77 -64.33
C ASN F 22 -14.46 -4.99 -62.96
N GLU F 23 -15.25 -4.81 -61.91
CA GLU F 23 -14.71 -4.97 -60.62
C GLU F 23 -15.63 -5.71 -59.70
N LEU F 24 -15.08 -6.28 -58.62
CA LEU F 24 -15.83 -7.03 -57.64
C LEU F 24 -16.45 -6.05 -56.63
N PHE F 25 -17.72 -6.21 -56.32
CA PHE F 25 -18.36 -5.34 -55.37
C PHE F 25 -19.08 -6.09 -54.22
N CYS F 26 -19.23 -7.37 -54.37
CA CYS F 26 -19.91 -8.15 -53.36
C CYS F 26 -19.51 -9.65 -53.58
N SER F 27 -20.18 -10.54 -52.82
CA SER F 27 -19.99 -11.97 -52.91
C SER F 27 -21.37 -12.56 -52.65
N GLY F 28 -21.48 -13.86 -52.81
CA GLY F 28 -22.75 -14.56 -52.54
C GLY F 28 -22.50 -16.00 -52.20
N VAL F 29 -23.52 -16.77 -51.88
CA VAL F 29 -23.24 -18.10 -51.52
C VAL F 29 -24.16 -18.93 -52.31
N LEU F 30 -23.60 -19.93 -52.97
CA LEU F 30 -24.41 -20.87 -53.81
C LEU F 30 -25.17 -21.78 -52.89
N VAL F 31 -26.43 -21.54 -52.71
CA VAL F 31 -27.12 -22.34 -51.76
C VAL F 31 -27.96 -23.36 -52.44
N HIS F 32 -27.82 -23.39 -53.75
CA HIS F 32 -28.61 -24.28 -54.61
C HIS F 32 -28.01 -24.16 -56.01
N PRO F 33 -28.25 -25.15 -56.85
CA PRO F 33 -27.70 -25.13 -58.21
C PRO F 33 -28.04 -23.92 -59.05
N GLN F 34 -29.25 -23.43 -58.87
CA GLN F 34 -29.68 -22.24 -59.58
C GLN F 34 -30.01 -20.96 -58.71
N TRP F 35 -29.44 -20.92 -57.51
CA TRP F 35 -29.68 -19.82 -56.63
C TRP F 35 -28.44 -19.38 -55.87
N VAL F 36 -28.16 -18.07 -55.88
CA VAL F 36 -27.08 -17.51 -55.15
C VAL F 36 -27.65 -16.60 -54.06
N LEU F 37 -27.29 -16.89 -52.76
CA LEU F 37 -27.74 -16.11 -51.60
C LEU F 37 -26.75 -15.01 -51.46
N SER F 38 -27.29 -13.84 -51.08
CA SER F 38 -26.45 -12.67 -50.88
C SER F 38 -27.05 -11.62 -50.05
N ALA F 39 -26.34 -10.50 -49.93
CA ALA F 39 -26.86 -9.38 -49.11
C ALA F 39 -27.77 -8.55 -49.91
N ALA F 40 -29.00 -8.31 -49.39
CA ALA F 40 -29.95 -7.40 -50.06
C ALA F 40 -29.31 -6.07 -50.51
N HIS F 41 -28.36 -5.55 -49.77
CA HIS F 41 -27.77 -4.34 -50.17
C HIS F 41 -26.77 -4.51 -51.26
N CYS F 42 -26.78 -5.62 -51.87
CA CYS F 42 -25.89 -5.88 -52.97
C CYS F 42 -26.72 -6.06 -54.34
N PHE F 43 -28.04 -5.77 -54.27
CA PHE F 43 -28.97 -5.83 -55.35
C PHE F 43 -28.58 -5.04 -56.58
N GLN F 44 -28.81 -5.63 -57.76
CA GLN F 44 -28.54 -5.02 -59.05
C GLN F 44 -29.64 -5.45 -60.00
N ASN F 45 -29.64 -4.91 -61.21
CA ASN F 45 -30.66 -5.29 -62.17
C ASN F 45 -30.19 -6.51 -62.88
N SER F 46 -28.89 -6.64 -62.98
CA SER F 46 -28.38 -7.80 -63.57
C SER F 46 -27.01 -8.04 -62.94
N TYR F 47 -26.67 -9.32 -62.68
CA TYR F 47 -25.40 -9.63 -62.08
C TYR F 47 -24.58 -10.49 -62.99
N THR F 48 -23.27 -10.44 -62.76
CA THR F 48 -22.31 -11.30 -63.47
C THR F 48 -21.61 -12.10 -62.38
N ILE F 49 -22.21 -13.22 -61.96
CA ILE F 49 -21.66 -14.05 -60.91
C ILE F 49 -20.53 -14.99 -61.36
N GLY F 50 -19.44 -15.01 -60.62
CA GLY F 50 -18.33 -15.87 -60.93
C GLY F 50 -18.22 -17.02 -59.90
N LEU F 51 -18.36 -18.27 -60.34
CA LEU F 51 -18.29 -19.42 -59.49
C LEU F 51 -16.97 -20.16 -59.70
N GLY F 52 -16.55 -20.96 -58.71
CA GLY F 52 -15.35 -21.75 -58.80
C GLY F 52 -14.12 -20.89 -58.91
N LEU F 53 -14.16 -19.61 -58.53
CA LEU F 53 -12.98 -18.81 -58.58
C LEU F 53 -12.08 -18.83 -57.36
N HIS F 54 -10.91 -18.22 -57.48
CA HIS F 54 -9.96 -18.10 -56.39
C HIS F 54 -9.28 -16.79 -56.64
N SER F 55 -8.97 -16.54 -57.86
CA SER F 55 -8.44 -15.24 -58.18
C SER F 55 -9.56 -14.65 -59.06
N LEU F 56 -9.64 -13.33 -59.12
CA LEU F 56 -10.68 -12.68 -59.88
C LEU F 56 -10.49 -12.92 -61.41
N GLU F 57 -9.28 -13.23 -61.80
CA GLU F 57 -8.91 -13.53 -63.18
C GLU F 57 -9.59 -14.78 -63.64
N ALA F 58 -10.86 -14.69 -63.96
CA ALA F 58 -11.63 -15.88 -64.40
C ALA F 58 -10.90 -16.83 -65.38
N ASP F 59 -10.20 -16.26 -66.37
CA ASP F 59 -9.50 -17.07 -67.36
C ASP F 59 -8.13 -17.49 -66.83
N GLN F 60 -8.08 -17.96 -65.61
CA GLN F 60 -6.85 -18.40 -64.99
C GLN F 60 -7.31 -19.44 -63.99
N GLU F 61 -8.61 -19.69 -63.93
CA GLU F 61 -9.13 -20.65 -62.99
C GLU F 61 -9.94 -21.65 -63.77
N PRO F 62 -9.52 -22.90 -63.83
CA PRO F 62 -10.17 -23.99 -64.52
C PRO F 62 -11.67 -24.12 -64.33
N GLY F 63 -12.11 -24.94 -63.41
CA GLY F 63 -13.53 -25.16 -63.27
C GLY F 63 -14.39 -23.96 -63.10
N SER F 64 -13.79 -22.78 -63.21
CA SER F 64 -14.55 -21.55 -63.03
C SER F 64 -15.66 -21.33 -64.06
N GLN F 65 -16.74 -20.68 -63.65
CA GLN F 65 -17.85 -20.40 -64.55
C GLN F 65 -18.46 -19.00 -64.30
N MET F 66 -18.34 -18.10 -65.25
CA MET F 66 -18.90 -16.81 -65.13
C MET F 66 -20.30 -16.81 -65.63
N VAL F 67 -21.25 -17.31 -64.88
CA VAL F 67 -22.66 -17.26 -65.28
C VAL F 67 -23.29 -15.83 -65.14
N GLU F 68 -24.54 -15.71 -65.59
CA GLU F 68 -25.30 -14.48 -65.54
C GLU F 68 -26.67 -14.69 -64.96
N ALA F 69 -27.21 -13.61 -64.43
CA ALA F 69 -28.55 -13.65 -63.86
C ALA F 69 -29.15 -12.23 -63.78
N SER F 70 -30.47 -12.21 -63.62
CA SER F 70 -31.12 -10.94 -63.50
C SER F 70 -32.31 -10.98 -62.59
N LEU F 71 -32.87 -12.15 -62.31
CA LEU F 71 -34.00 -12.17 -61.35
C LEU F 71 -33.49 -12.24 -59.92
N SER F 72 -33.66 -11.17 -59.14
CA SER F 72 -33.23 -11.13 -57.73
C SER F 72 -34.44 -10.92 -56.87
N VAL F 73 -34.47 -11.55 -55.72
CA VAL F 73 -35.60 -11.33 -54.79
C VAL F 73 -35.03 -10.82 -53.42
N ARG F 74 -35.17 -9.52 -53.09
CA ARG F 74 -34.71 -9.00 -51.83
C ARG F 74 -35.75 -9.39 -50.83
N HIS F 75 -35.39 -9.51 -49.59
CA HIS F 75 -36.41 -9.86 -48.63
C HIS F 75 -37.44 -8.69 -48.40
N PRO F 76 -38.70 -9.05 -48.34
CA PRO F 76 -39.77 -8.11 -48.12
C PRO F 76 -39.42 -6.97 -47.14
N GLU F 77 -38.88 -7.30 -45.93
CA GLU F 77 -38.58 -6.37 -44.86
C GLU F 77 -37.22 -5.85 -44.88
N TYR F 78 -36.51 -6.04 -45.95
CA TYR F 78 -35.15 -5.49 -45.93
C TYR F 78 -35.12 -3.98 -45.56
N ASN F 79 -34.12 -3.56 -44.83
CA ASN F 79 -33.96 -2.18 -44.38
C ASN F 79 -35.07 -1.56 -43.49
N ARG F 80 -35.93 -2.38 -42.95
CA ARG F 80 -36.97 -1.98 -42.10
C ARG F 80 -36.92 -2.95 -40.97
N PRO F 81 -36.28 -2.58 -39.84
CA PRO F 81 -35.57 -1.33 -39.54
C PRO F 81 -34.35 -1.11 -40.30
N LEU F 82 -33.83 0.07 -40.14
CA LEU F 82 -32.70 0.45 -40.87
C LEU F 82 -31.66 -0.61 -40.81
N LEU F 83 -31.16 -1.00 -41.96
CA LEU F 83 -30.13 -2.04 -42.04
C LEU F 83 -30.57 -3.54 -41.81
N ALA F 84 -31.76 -3.80 -41.32
CA ALA F 84 -32.20 -5.15 -41.06
C ALA F 84 -32.59 -6.02 -42.25
N ASN F 85 -32.77 -7.33 -41.98
CA ASN F 85 -33.13 -8.27 -42.95
C ASN F 85 -32.30 -8.10 -44.25
N ASP F 86 -31.00 -7.98 -44.14
CA ASP F 86 -30.15 -7.78 -45.27
C ASP F 86 -29.86 -9.02 -46.09
N LEU F 87 -30.84 -9.80 -46.52
CA LEU F 87 -30.51 -10.94 -47.39
C LEU F 87 -31.31 -10.86 -48.72
N MET F 88 -30.73 -11.46 -49.76
CA MET F 88 -31.39 -11.53 -51.08
C MET F 88 -31.03 -12.79 -51.89
N LEU F 89 -32.01 -13.44 -52.50
CA LEU F 89 -31.75 -14.58 -53.35
C LEU F 89 -31.67 -14.12 -54.86
N ILE F 90 -30.60 -14.52 -55.56
CA ILE F 90 -30.42 -14.24 -56.97
C ILE F 90 -30.61 -15.54 -57.71
N LYS F 91 -31.55 -15.60 -58.65
CA LYS F 91 -31.82 -16.81 -59.50
C LYS F 91 -31.00 -16.70 -60.74
N LEU F 92 -30.13 -17.70 -60.92
CA LEU F 92 -29.22 -17.75 -62.04
C LEU F 92 -29.97 -18.11 -63.33
N ASP F 93 -29.51 -17.57 -64.48
CA ASP F 93 -30.21 -17.80 -65.74
C ASP F 93 -30.22 -19.29 -65.99
N GLU F 94 -29.04 -19.82 -66.08
CA GLU F 94 -28.89 -21.23 -66.34
C GLU F 94 -28.32 -21.91 -65.07
N SER F 95 -29.03 -22.87 -64.54
CA SER F 95 -28.57 -23.68 -63.41
C SER F 95 -27.12 -24.24 -63.61
N VAL F 96 -26.26 -24.23 -62.60
CA VAL F 96 -24.88 -24.73 -62.76
C VAL F 96 -24.75 -26.14 -62.30
N SER F 97 -23.67 -26.77 -62.76
CA SER F 97 -23.42 -28.19 -62.43
C SER F 97 -22.35 -28.27 -61.40
N GLU F 98 -22.73 -28.76 -60.22
CA GLU F 98 -21.82 -28.86 -59.09
C GLU F 98 -20.52 -29.55 -59.48
N SER F 99 -19.46 -28.79 -59.69
CA SER F 99 -18.22 -29.39 -60.03
C SER F 99 -17.29 -29.66 -58.81
N ASP F 100 -16.06 -29.86 -59.13
CA ASP F 100 -15.06 -30.12 -58.18
C ASP F 100 -14.75 -28.85 -57.40
N THR F 101 -14.70 -27.71 -58.08
CA THR F 101 -14.42 -26.49 -57.44
C THR F 101 -15.65 -25.61 -57.25
N ILE F 102 -16.83 -26.15 -57.51
CA ILE F 102 -18.03 -25.35 -57.40
C ILE F 102 -19.13 -26.20 -56.76
N ARG F 103 -19.35 -26.09 -55.47
CA ARG F 103 -20.37 -26.88 -54.85
C ARG F 103 -21.24 -25.97 -54.03
N SER F 104 -22.50 -26.33 -53.83
CA SER F 104 -23.35 -25.46 -53.03
C SER F 104 -23.26 -25.82 -51.54
N ILE F 105 -23.62 -24.93 -50.61
CA ILE F 105 -23.57 -25.22 -49.18
C ILE F 105 -24.91 -25.08 -48.52
N SER F 106 -25.16 -25.73 -47.38
CA SER F 106 -26.45 -25.62 -46.78
C SER F 106 -26.46 -24.62 -45.64
N ILE F 107 -27.64 -24.05 -45.42
CA ILE F 107 -27.83 -22.97 -44.49
C ILE F 107 -28.15 -23.55 -43.18
N ALA F 108 -27.45 -23.13 -42.15
CA ALA F 108 -27.70 -23.57 -40.79
C ALA F 108 -29.17 -23.35 -40.34
N SER F 109 -29.76 -24.32 -39.66
CA SER F 109 -31.13 -24.14 -39.27
C SER F 109 -31.15 -23.72 -37.80
N GLN F 110 -30.05 -23.98 -37.12
CA GLN F 110 -29.93 -23.58 -35.73
C GLN F 110 -29.25 -22.12 -35.61
N CYS F 111 -29.42 -21.38 -34.48
CA CYS F 111 -28.77 -20.02 -34.39
C CYS F 111 -27.46 -19.94 -33.82
N PRO F 112 -26.63 -19.02 -34.24
CA PRO F 112 -25.27 -18.85 -33.79
C PRO F 112 -25.08 -19.09 -32.31
N THR F 113 -23.97 -19.70 -31.87
CA THR F 113 -23.80 -19.89 -30.40
C THR F 113 -22.58 -19.06 -30.03
N ALA F 114 -22.73 -18.31 -28.96
CA ALA F 114 -21.67 -17.44 -28.57
C ALA F 114 -20.36 -18.12 -28.34
N GLY F 115 -19.29 -17.50 -28.76
CA GLY F 115 -18.00 -18.13 -28.51
C GLY F 115 -17.53 -19.06 -29.59
N ASN F 116 -18.51 -19.62 -30.30
CA ASN F 116 -18.23 -20.51 -31.38
C ASN F 116 -17.34 -19.89 -32.45
N SER F 117 -16.33 -20.60 -32.95
CA SER F 117 -15.44 -19.98 -33.89
C SER F 117 -15.87 -20.35 -35.29
N CYS F 118 -15.79 -19.42 -36.27
CA CYS F 118 -16.37 -19.62 -37.56
C CYS F 118 -15.41 -19.00 -38.50
N LEU F 119 -15.75 -19.14 -39.78
CA LEU F 119 -14.86 -18.64 -40.82
C LEU F 119 -15.67 -17.82 -41.79
N VAL F 120 -14.99 -16.82 -42.35
CA VAL F 120 -15.61 -15.93 -43.29
C VAL F 120 -14.53 -15.72 -44.35
N SER F 121 -14.98 -15.54 -45.62
CA SER F 121 -14.07 -15.36 -46.71
C SER F 121 -14.58 -14.32 -47.67
N GLY F 122 -13.68 -13.69 -48.42
CA GLY F 122 -14.08 -12.71 -49.37
C GLY F 122 -12.95 -11.99 -50.00
N TRP F 123 -13.26 -11.21 -51.05
CA TRP F 123 -12.21 -10.43 -51.73
C TRP F 123 -12.18 -8.94 -51.31
N GLY F 124 -12.79 -8.63 -50.18
CA GLY F 124 -12.89 -7.28 -49.70
C GLY F 124 -11.54 -6.75 -49.28
N LEU F 125 -11.53 -5.45 -48.89
CA LEU F 125 -10.32 -4.75 -48.47
C LEU F 125 -9.55 -5.50 -47.38
N LEU F 126 -8.21 -5.38 -47.41
CA LEU F 126 -7.32 -5.99 -46.44
C LEU F 126 -6.94 -5.01 -45.36
N ALA F 127 -6.23 -5.50 -44.35
CA ALA F 127 -5.74 -4.66 -43.24
C ALA F 127 -4.99 -3.41 -43.74
N ASN F 128 -4.37 -3.51 -44.90
CA ASN F 128 -3.62 -2.41 -45.53
C ASN F 128 -4.52 -1.50 -46.41
N GLY F 129 -5.82 -1.73 -46.38
CA GLY F 129 -6.71 -0.93 -47.18
C GLY F 129 -6.59 -1.30 -48.61
N ARG F 130 -6.02 -2.46 -48.91
CA ARG F 130 -5.82 -2.86 -50.27
C ARG F 130 -6.64 -4.09 -50.62
N MET F 131 -7.01 -4.22 -51.89
CA MET F 131 -7.80 -5.36 -52.33
C MET F 131 -6.87 -6.52 -52.59
N PRO F 132 -7.24 -7.73 -52.14
CA PRO F 132 -6.40 -8.92 -52.33
C PRO F 132 -6.45 -9.47 -53.76
N THR F 133 -5.50 -10.32 -54.12
CA THR F 133 -5.51 -10.92 -55.44
C THR F 133 -6.28 -12.24 -55.40
N VAL F 134 -6.29 -12.90 -54.24
CA VAL F 134 -7.04 -14.13 -54.13
C VAL F 134 -8.03 -14.11 -52.95
N LEU F 135 -8.95 -15.10 -52.89
CA LEU F 135 -9.98 -15.15 -51.89
C LEU F 135 -9.34 -15.25 -50.55
N GLN F 136 -9.76 -14.40 -49.60
CA GLN F 136 -9.24 -14.38 -48.24
C GLN F 136 -10.12 -15.14 -47.29
N CYS F 137 -9.46 -15.68 -46.27
CA CYS F 137 -10.06 -16.47 -45.17
C CYS F 137 -9.65 -16.03 -43.76
N VAL F 138 -10.62 -16.04 -42.86
CA VAL F 138 -10.30 -15.65 -41.51
C VAL F 138 -11.28 -16.20 -40.53
N ASN F 139 -10.80 -16.34 -39.29
CA ASN F 139 -11.72 -16.89 -38.30
C ASN F 139 -12.19 -15.85 -37.29
N VAL F 140 -13.48 -15.88 -36.98
CA VAL F 140 -13.95 -14.93 -36.03
C VAL F 140 -14.96 -15.69 -35.17
N SER F 141 -15.10 -15.36 -33.88
CA SER F 141 -16.04 -16.09 -33.08
C SER F 141 -17.32 -15.34 -32.80
N VAL F 142 -18.37 -16.11 -32.66
CA VAL F 142 -19.62 -15.50 -32.47
C VAL F 142 -19.57 -14.72 -31.16
N VAL F 143 -20.12 -13.49 -31.11
CA VAL F 143 -20.19 -12.72 -29.91
C VAL F 143 -21.58 -12.85 -29.25
N SER F 144 -21.74 -12.70 -27.96
CA SER F 144 -23.06 -12.91 -27.38
C SER F 144 -24.06 -11.92 -27.73
N GLU F 145 -25.30 -12.37 -27.67
CA GLU F 145 -26.41 -11.47 -28.03
C GLU F 145 -26.41 -10.22 -27.19
N GLU F 146 -26.20 -10.36 -25.91
CA GLU F 146 -26.16 -9.20 -25.11
C GLU F 146 -25.16 -8.27 -25.56
N VAL F 147 -23.91 -8.70 -25.56
CA VAL F 147 -22.93 -7.69 -26.04
C VAL F 147 -23.33 -7.10 -27.43
N CYS F 148 -23.62 -8.03 -28.44
CA CYS F 148 -24.05 -7.48 -29.77
C CYS F 148 -25.20 -6.37 -29.67
N SER F 149 -26.34 -6.66 -29.05
CA SER F 149 -27.42 -5.72 -29.05
C SER F 149 -27.09 -4.45 -28.31
N LYS F 150 -26.24 -4.49 -27.24
CA LYS F 150 -25.94 -3.26 -26.54
C LYS F 150 -24.94 -2.48 -27.38
N LEU F 151 -23.97 -3.16 -27.90
CA LEU F 151 -23.01 -2.45 -28.68
C LEU F 151 -23.61 -1.78 -29.92
N TYR F 152 -24.74 -2.27 -30.41
CA TYR F 152 -25.23 -1.77 -31.67
C TYR F 152 -26.58 -1.24 -31.56
N ASP F 153 -27.05 -1.13 -30.32
CA ASP F 153 -28.32 -0.49 -30.04
C ASP F 153 -28.23 0.97 -30.73
N PRO F 154 -29.30 1.47 -31.34
CA PRO F 154 -30.64 0.87 -31.48
C PRO F 154 -30.74 0.27 -32.87
N LEU F 155 -29.64 0.19 -33.60
CA LEU F 155 -29.72 -0.46 -34.89
C LEU F 155 -29.79 -2.02 -34.82
N TYR F 156 -29.50 -2.64 -33.70
CA TYR F 156 -29.47 -4.10 -33.70
C TYR F 156 -30.82 -4.68 -33.88
N HIS F 157 -30.93 -5.74 -34.68
CA HIS F 157 -32.23 -6.39 -34.85
C HIS F 157 -32.04 -7.90 -34.80
N PRO F 158 -33.07 -8.65 -34.58
CA PRO F 158 -32.92 -10.05 -34.54
C PRO F 158 -32.47 -10.69 -35.81
N SER F 159 -32.44 -9.94 -36.88
CA SER F 159 -32.07 -10.57 -38.12
C SER F 159 -30.63 -10.40 -38.32
N MET F 160 -29.90 -10.20 -37.26
CA MET F 160 -28.45 -10.01 -37.38
C MET F 160 -27.74 -10.57 -36.18
N PHE F 161 -26.42 -10.75 -36.28
CA PHE F 161 -25.59 -11.21 -35.17
C PHE F 161 -24.20 -10.77 -35.39
N CYS F 162 -23.49 -10.60 -34.29
CA CYS F 162 -22.07 -10.13 -34.30
C CYS F 162 -21.11 -11.28 -34.17
N ALA F 163 -19.94 -11.12 -34.77
CA ALA F 163 -18.89 -12.12 -34.73
C ALA F 163 -17.58 -11.42 -34.86
N GLY F 164 -16.61 -11.88 -34.12
CA GLY F 164 -15.29 -11.24 -34.15
C GLY F 164 -15.20 -10.11 -33.14
N GLY F 165 -14.50 -9.04 -33.49
CA GLY F 165 -14.39 -7.96 -32.51
C GLY F 165 -13.34 -8.23 -31.44
N GLY F 166 -12.57 -9.28 -31.68
CA GLY F 166 -11.56 -9.63 -30.75
C GLY F 166 -10.37 -8.74 -30.86
N GLN F 167 -9.42 -8.99 -29.96
CA GLN F 167 -8.22 -8.22 -29.90
C GLN F 167 -7.33 -8.48 -31.11
N ASP F 168 -7.48 -9.64 -31.67
CA ASP F 168 -6.66 -9.98 -32.80
C ASP F 168 -6.97 -9.20 -34.05
N GLN F 169 -7.97 -8.33 -33.92
CA GLN F 169 -8.38 -7.53 -35.05
C GLN F 169 -8.67 -8.31 -36.37
N LYS F 170 -9.32 -9.46 -36.24
CA LYS F 170 -9.70 -10.24 -37.38
C LYS F 170 -11.16 -9.88 -37.70
N ASP F 171 -11.47 -9.52 -38.98
CA ASP F 171 -12.85 -9.15 -39.30
C ASP F 171 -13.06 -9.04 -40.76
N SER F 172 -14.31 -8.87 -41.21
CA SER F 172 -14.58 -8.65 -42.63
C SER F 172 -14.41 -7.16 -42.85
N CYS F 173 -14.73 -6.69 -44.02
CA CYS F 173 -14.54 -5.30 -44.48
C CYS F 173 -15.20 -5.03 -45.80
N ASN F 174 -15.17 -3.79 -46.20
CA ASN F 174 -15.77 -3.41 -47.46
C ASN F 174 -15.36 -4.35 -48.64
N GLY F 175 -16.37 -4.81 -49.37
CA GLY F 175 -16.06 -5.67 -50.47
C GLY F 175 -16.35 -7.11 -50.11
N ASP F 176 -16.67 -7.36 -48.84
CA ASP F 176 -16.98 -8.71 -48.42
C ASP F 176 -18.46 -8.87 -48.23
N SER F 177 -19.25 -7.84 -48.46
CA SER F 177 -20.64 -7.87 -48.22
C SER F 177 -21.20 -9.02 -48.89
N GLY F 178 -22.15 -9.69 -48.25
CA GLY F 178 -22.81 -10.87 -48.87
C GLY F 178 -21.99 -12.16 -48.81
N GLY F 179 -20.75 -12.01 -48.36
CA GLY F 179 -19.85 -13.13 -48.18
C GLY F 179 -20.44 -14.07 -47.11
N PRO F 180 -19.88 -15.31 -47.11
CA PRO F 180 -20.31 -16.35 -46.19
C PRO F 180 -19.62 -16.33 -44.82
N LEU F 181 -20.38 -16.75 -43.83
CA LEU F 181 -19.82 -16.99 -42.53
C LEU F 181 -20.25 -18.45 -42.19
N ILE F 182 -19.26 -19.37 -42.25
CA ILE F 182 -19.54 -20.78 -42.04
C ILE F 182 -19.26 -21.17 -40.59
N CYS F 183 -20.09 -22.03 -39.99
CA CYS F 183 -19.93 -22.44 -38.61
C CYS F 183 -20.20 -23.92 -38.55
N ASN F 184 -19.12 -24.67 -38.46
CA ASN F 184 -19.28 -26.11 -38.38
C ASN F 184 -19.87 -26.60 -39.67
N GLY F 185 -19.27 -26.12 -40.76
CA GLY F 185 -19.75 -26.48 -42.07
C GLY F 185 -21.13 -26.03 -42.53
N TYR F 186 -21.80 -25.16 -41.79
CA TYR F 186 -23.04 -24.65 -42.25
C TYR F 186 -22.87 -23.17 -42.58
N LEU F 187 -23.72 -22.67 -43.48
CA LEU F 187 -23.73 -21.28 -43.85
C LEU F 187 -24.53 -20.68 -42.71
N GLN F 188 -23.85 -19.90 -41.85
CA GLN F 188 -24.48 -19.33 -40.65
C GLN F 188 -24.94 -17.89 -40.94
N GLY F 189 -24.10 -17.14 -41.68
CA GLY F 189 -24.47 -15.79 -42.03
C GLY F 189 -23.86 -15.16 -43.27
N LEU F 190 -24.30 -13.92 -43.47
CA LEU F 190 -23.73 -13.17 -44.60
C LEU F 190 -23.09 -11.89 -44.09
N VAL F 191 -21.93 -11.55 -44.65
CA VAL F 191 -21.32 -10.31 -44.29
C VAL F 191 -22.31 -9.17 -44.63
N SER F 192 -22.83 -8.43 -43.62
CA SER F 192 -23.80 -7.31 -43.76
C SER F 192 -23.18 -5.94 -43.55
N PHE F 193 -22.81 -5.56 -42.34
CA PHE F 193 -22.21 -4.29 -42.08
C PHE F 193 -21.41 -4.32 -40.80
N GLY F 194 -20.84 -3.16 -40.47
CA GLY F 194 -20.09 -3.00 -39.22
C GLY F 194 -19.46 -1.63 -39.12
N LYS F 195 -19.04 -1.20 -37.93
CA LYS F 195 -18.42 0.13 -37.79
C LYS F 195 -17.08 0.25 -38.59
N ALA F 196 -16.68 1.48 -38.85
CA ALA F 196 -15.46 1.68 -39.63
C ALA F 196 -14.60 2.55 -38.81
N PRO F 197 -13.29 2.42 -38.93
CA PRO F 197 -12.69 1.42 -39.82
C PRO F 197 -12.97 -0.03 -39.30
N CYS F 198 -12.40 -0.99 -40.02
CA CYS F 198 -12.66 -2.43 -39.86
C CYS F 198 -11.71 -2.89 -38.91
N GLY F 199 -11.92 -4.06 -38.32
CA GLY F 199 -10.92 -4.60 -37.39
C GLY F 199 -10.62 -3.86 -36.09
N GLN F 200 -11.59 -3.15 -35.54
CA GLN F 200 -11.39 -2.46 -34.31
C GLN F 200 -11.62 -3.39 -33.19
N VAL F 201 -10.78 -3.24 -32.18
CA VAL F 201 -10.91 -4.08 -30.97
C VAL F 201 -12.24 -3.79 -30.27
N GLY F 202 -12.98 -4.80 -29.90
CA GLY F 202 -14.19 -4.52 -29.18
C GLY F 202 -15.34 -4.09 -30.05
N VAL F 203 -15.13 -4.12 -31.36
CA VAL F 203 -16.23 -3.75 -32.25
C VAL F 203 -16.41 -4.90 -33.25
N PRO F 204 -17.30 -5.82 -32.94
CA PRO F 204 -17.51 -6.94 -33.84
C PRO F 204 -18.24 -6.49 -35.12
N GLY F 205 -18.21 -7.33 -36.19
CA GLY F 205 -18.94 -7.06 -37.38
C GLY F 205 -20.37 -7.66 -37.25
N VAL F 206 -21.30 -7.15 -38.06
CA VAL F 206 -22.68 -7.67 -38.11
C VAL F 206 -22.86 -8.57 -39.38
N TYR F 207 -23.63 -9.67 -39.19
CA TYR F 207 -23.88 -10.64 -40.24
C TYR F 207 -25.34 -10.94 -40.26
N THR F 208 -25.86 -11.24 -41.44
CA THR F 208 -27.33 -11.54 -41.50
C THR F 208 -27.60 -12.90 -40.79
N ASN F 209 -28.59 -12.94 -39.92
CA ASN F 209 -28.83 -14.11 -39.17
C ASN F 209 -29.68 -15.08 -39.89
N LEU F 210 -29.03 -15.84 -40.79
CA LEU F 210 -29.76 -16.79 -41.68
C LEU F 210 -30.63 -17.77 -41.02
N CYS F 211 -30.37 -18.21 -39.82
CA CYS F 211 -31.27 -19.23 -39.28
C CYS F 211 -32.60 -18.62 -39.17
N LYS F 212 -32.69 -17.33 -39.30
CA LYS F 212 -33.98 -16.74 -39.12
C LYS F 212 -34.86 -16.68 -40.35
N PHE F 213 -34.28 -16.94 -41.51
CA PHE F 213 -35.00 -16.85 -42.78
C PHE F 213 -35.07 -18.16 -43.55
N THR F 214 -34.94 -19.28 -42.83
CA THR F 214 -35.00 -20.59 -43.52
C THR F 214 -36.31 -20.72 -44.31
N GLU F 215 -37.42 -20.63 -43.63
CA GLU F 215 -38.68 -20.68 -44.34
C GLU F 215 -38.77 -19.74 -45.57
N TRP F 216 -38.40 -18.50 -45.45
CA TRP F 216 -38.40 -17.64 -46.59
C TRP F 216 -37.45 -18.12 -47.64
N ILE F 217 -36.21 -18.42 -47.30
CA ILE F 217 -35.27 -18.89 -48.31
C ILE F 217 -35.83 -20.08 -49.07
N GLU F 218 -36.56 -20.93 -48.37
CA GLU F 218 -37.11 -22.11 -48.96
C GLU F 218 -38.24 -21.79 -49.87
N LYS F 219 -39.28 -21.19 -49.33
CA LYS F 219 -40.44 -20.85 -50.12
C LYS F 219 -40.07 -20.11 -51.40
N THR F 220 -38.93 -19.45 -51.41
CA THR F 220 -38.50 -18.69 -52.56
C THR F 220 -37.78 -19.53 -53.55
N VAL F 221 -36.74 -20.20 -53.12
CA VAL F 221 -35.93 -21.03 -53.99
C VAL F 221 -36.79 -22.05 -54.67
N GLN F 222 -37.66 -22.66 -53.91
CA GLN F 222 -38.51 -23.68 -54.42
C GLN F 222 -39.61 -23.08 -55.24
N ALA F 223 -40.75 -22.89 -54.59
CA ALA F 223 -41.91 -22.30 -55.25
C ALA F 223 -41.52 -20.93 -55.93
N ILE G 1 3.80 3.72 -24.31
CA ILE G 1 3.42 4.69 -23.25
C ILE G 1 3.24 6.07 -23.86
N ILE G 2 2.13 6.71 -23.56
CA ILE G 2 1.86 8.02 -24.13
C ILE G 2 2.13 9.09 -23.08
N ASN G 3 2.98 10.07 -23.42
CA ASN G 3 3.34 11.15 -22.49
C ASN G 3 4.01 10.73 -21.21
N GLY G 4 4.95 9.80 -21.34
CA GLY G 4 5.73 9.34 -20.18
C GLY G 4 7.21 9.66 -20.40
N GLU G 5 8.10 8.98 -19.70
CA GLU G 5 9.53 9.24 -19.87
C GLU G 5 10.36 7.98 -19.69
N ASP G 6 11.62 8.04 -20.13
CA ASP G 6 12.51 6.93 -19.98
C ASP G 6 12.52 6.52 -18.54
N CYS G 7 12.14 5.29 -18.32
CA CYS G 7 12.17 4.62 -17.05
C CYS G 7 13.73 4.57 -16.42
N SER G 8 13.87 4.80 -15.10
CA SER G 8 15.19 4.69 -14.48
C SER G 8 15.69 3.25 -14.78
N PRO G 9 16.79 3.15 -15.55
CA PRO G 9 17.33 1.86 -15.95
C PRO G 9 17.21 0.85 -14.87
N HIS G 10 16.46 -0.20 -15.17
CA HIS G 10 16.30 -1.29 -14.23
C HIS G 10 15.48 -1.01 -13.01
N SER G 11 14.62 0.00 -13.12
CA SER G 11 13.72 0.37 -12.01
C SER G 11 12.53 -0.54 -11.89
N GLN G 12 12.30 -1.38 -12.93
CA GLN G 12 11.15 -2.33 -13.01
C GLN G 12 11.72 -3.66 -13.39
N PRO G 13 12.46 -4.26 -12.50
CA PRO G 13 13.06 -5.59 -12.76
C PRO G 13 12.10 -6.75 -13.08
N TRP G 14 10.79 -6.55 -12.93
CA TRP G 14 9.83 -7.61 -13.18
C TRP G 14 9.35 -7.48 -14.63
N GLN G 15 9.77 -6.42 -15.29
CA GLN G 15 9.37 -6.24 -16.64
C GLN G 15 9.92 -7.30 -17.59
N ALA G 16 9.03 -7.94 -18.37
CA ALA G 16 9.39 -8.97 -19.35
C ALA G 16 9.06 -8.49 -20.74
N ALA G 17 10.00 -8.57 -21.65
CA ALA G 17 9.70 -8.19 -23.01
C ALA G 17 9.38 -9.46 -23.86
N LEU G 18 8.37 -9.39 -24.72
CA LEU G 18 8.03 -10.52 -25.58
C LEU G 18 8.33 -10.13 -27.02
N VAL G 19 9.34 -10.78 -27.61
CA VAL G 19 9.71 -10.47 -29.00
C VAL G 19 9.45 -11.67 -29.92
N MET G 20 9.07 -11.33 -31.18
CA MET G 20 8.75 -12.29 -32.21
C MET G 20 9.91 -12.32 -33.15
N GLU G 21 9.65 -12.54 -34.43
CA GLU G 21 10.71 -12.65 -35.36
C GLU G 21 11.87 -11.78 -34.95
N ASN G 22 11.64 -10.47 -34.82
CA ASN G 22 12.77 -9.62 -34.41
C ASN G 22 12.22 -8.37 -33.80
N GLU G 23 10.96 -8.42 -33.37
CA GLU G 23 10.42 -7.21 -32.85
C GLU G 23 9.62 -7.48 -31.60
N LEU G 24 9.41 -6.41 -30.82
CA LEU G 24 8.65 -6.49 -29.57
C LEU G 24 7.15 -6.38 -29.91
N PHE G 25 6.33 -7.24 -29.32
CA PHE G 25 4.91 -7.15 -29.56
C PHE G 25 4.06 -7.08 -28.24
N CYS G 26 4.70 -7.25 -27.10
CA CYS G 26 3.97 -7.26 -25.84
C CYS G 26 5.01 -7.27 -24.76
N SER G 27 4.51 -7.36 -23.52
CA SER G 27 5.35 -7.37 -22.33
C SER G 27 4.71 -8.37 -21.36
N GLY G 28 5.39 -8.62 -20.22
CA GLY G 28 4.87 -9.56 -19.23
C GLY G 28 5.43 -9.23 -17.89
N VAL G 29 4.98 -9.90 -16.84
CA VAL G 29 5.49 -9.52 -15.55
C VAL G 29 5.96 -10.78 -14.93
N LEU G 30 7.22 -10.76 -14.47
CA LEU G 30 7.82 -11.93 -13.79
C LEU G 30 7.15 -12.07 -12.41
N VAL G 31 6.20 -12.96 -12.28
CA VAL G 31 5.54 -13.03 -11.02
C VAL G 31 6.08 -14.19 -10.20
N HIS G 32 7.09 -14.86 -10.73
CA HIS G 32 7.70 -16.00 -10.11
C HIS G 32 8.94 -16.33 -10.92
N PRO G 33 9.90 -17.05 -10.31
CA PRO G 33 11.14 -17.38 -11.02
C PRO G 33 11.00 -18.09 -12.35
N GLN G 34 9.99 -18.95 -12.40
CA GLN G 34 9.74 -19.65 -13.67
C GLN G 34 8.36 -19.36 -14.40
N TRP G 35 7.78 -18.21 -14.10
CA TRP G 35 6.51 -17.82 -14.65
C TRP G 35 6.43 -16.37 -14.99
N VAL G 36 5.99 -16.07 -16.21
CA VAL G 36 5.78 -14.71 -16.67
C VAL G 36 4.27 -14.51 -16.90
N LEU G 37 3.67 -13.48 -16.23
CA LEU G 37 2.24 -13.14 -16.32
C LEU G 37 2.15 -12.20 -17.45
N SER G 38 1.06 -12.34 -18.20
CA SER G 38 0.82 -11.52 -19.37
C SER G 38 -0.57 -11.48 -19.85
N ALA G 39 -0.79 -10.77 -20.92
CA ALA G 39 -2.20 -10.66 -21.45
C ALA G 39 -2.50 -11.83 -22.33
N ALA G 40 -3.64 -12.47 -22.07
CA ALA G 40 -4.08 -13.62 -22.91
C ALA G 40 -4.03 -13.30 -24.39
N HIS G 41 -4.30 -12.06 -24.75
CA HIS G 41 -4.25 -11.77 -26.13
C HIS G 41 -2.83 -11.64 -26.64
N CYS G 42 -1.86 -12.19 -25.94
CA CYS G 42 -0.53 -12.11 -26.41
C CYS G 42 0.06 -13.42 -26.72
N PHE G 43 -0.77 -14.42 -26.45
CA PHE G 43 -0.48 -15.83 -26.66
C PHE G 43 0.21 -16.17 -27.94
N GLN G 44 1.18 -17.06 -27.84
CA GLN G 44 1.96 -17.56 -28.97
C GLN G 44 2.25 -19.04 -28.70
N ASN G 45 2.86 -19.71 -29.68
CA ASN G 45 3.20 -21.13 -29.47
C ASN G 45 4.51 -21.23 -28.76
N SER G 46 5.33 -20.24 -29.00
CA SER G 46 6.59 -20.20 -28.35
C SER G 46 6.98 -18.70 -28.22
N TYR G 47 7.56 -18.32 -27.07
CA TYR G 47 7.93 -16.97 -26.84
C TYR G 47 9.40 -16.89 -26.66
N THR G 48 9.92 -15.67 -26.88
CA THR G 48 11.34 -15.34 -26.62
C THR G 48 11.30 -14.18 -25.63
N ILE G 49 11.21 -14.50 -24.33
CA ILE G 49 11.15 -13.51 -23.29
C ILE G 49 12.52 -12.90 -22.92
N GLY G 50 12.57 -11.58 -22.83
CA GLY G 50 13.78 -10.85 -22.46
C GLY G 50 13.60 -10.24 -21.08
N LEU G 51 14.40 -10.68 -20.11
CA LEU G 51 14.41 -10.18 -18.75
C LEU G 51 15.60 -9.27 -18.47
N GLY G 52 15.47 -8.40 -17.46
CA GLY G 52 16.53 -7.48 -17.10
C GLY G 52 16.87 -6.48 -18.17
N LEU G 53 15.98 -6.23 -19.13
CA LEU G 53 16.31 -5.27 -20.17
C LEU G 53 15.94 -3.83 -19.84
N HIS G 54 16.34 -2.92 -20.74
CA HIS G 54 16.01 -1.51 -20.61
C HIS G 54 15.94 -1.05 -22.04
N SER G 55 16.89 -1.49 -22.84
CA SER G 55 16.79 -1.17 -24.22
C SER G 55 16.53 -2.56 -24.86
N LEU G 56 15.89 -2.60 -26.03
CA LEU G 56 15.60 -3.86 -26.67
C LEU G 56 16.86 -4.60 -27.12
N GLU G 57 17.94 -3.85 -27.28
CA GLU G 57 19.28 -4.35 -27.67
C GLU G 57 19.82 -5.24 -26.55
N ALA G 58 19.34 -6.47 -26.48
CA ALA G 58 19.77 -7.41 -25.43
C ALA G 58 21.30 -7.42 -25.17
N ASP G 59 22.10 -7.39 -26.23
CA ASP G 59 23.56 -7.45 -26.08
C ASP G 59 24.12 -6.04 -25.80
N GLN G 60 23.49 -5.31 -24.89
CA GLN G 60 23.91 -3.97 -24.54
C GLN G 60 23.45 -3.83 -23.13
N GLU G 61 22.83 -4.86 -22.59
CA GLU G 61 22.33 -4.79 -21.23
C GLU G 61 22.90 -5.97 -20.48
N PRO G 62 23.71 -5.69 -19.47
CA PRO G 62 24.36 -6.68 -18.62
C PRO G 62 23.52 -7.79 -18.09
N GLY G 63 23.04 -7.65 -16.86
CA GLY G 63 22.29 -8.75 -16.30
C GLY G 63 21.12 -9.30 -17.12
N SER G 64 20.96 -8.82 -18.35
CA SER G 64 19.87 -9.26 -19.17
C SER G 64 19.93 -10.75 -19.50
N GLN G 65 18.75 -11.37 -19.64
CA GLN G 65 18.68 -12.79 -20.02
C GLN G 65 17.52 -13.07 -21.02
N MET G 66 17.86 -13.47 -22.25
CA MET G 66 16.87 -13.80 -23.24
C MET G 66 16.46 -15.23 -23.11
N VAL G 67 15.65 -15.59 -22.14
CA VAL G 67 15.20 -16.97 -22.02
C VAL G 67 14.14 -17.34 -23.07
N GLU G 68 13.71 -18.61 -23.05
CA GLU G 68 12.70 -19.16 -23.97
C GLU G 68 11.65 -19.95 -23.24
N ALA G 69 10.47 -20.02 -23.87
CA ALA G 69 9.36 -20.76 -23.28
C ALA G 69 8.37 -21.15 -24.33
N SER G 70 7.55 -22.13 -24.00
CA SER G 70 6.51 -22.53 -24.95
C SER G 70 5.23 -22.95 -24.23
N LEU G 71 5.28 -23.35 -22.94
CA LEU G 71 4.04 -23.71 -22.29
C LEU G 71 3.31 -22.47 -21.78
N SER G 72 2.17 -22.09 -22.37
CA SER G 72 1.38 -20.90 -21.93
C SER G 72 0.04 -21.36 -21.48
N VAL G 73 -0.52 -20.75 -20.47
CA VAL G 73 -1.87 -21.15 -20.04
C VAL G 73 -2.75 -19.88 -20.04
N ARG G 74 -3.64 -19.76 -21.02
CA ARG G 74 -4.57 -18.62 -21.07
C ARG G 74 -5.70 -18.89 -20.07
N HIS G 75 -6.32 -17.88 -19.56
CA HIS G 75 -7.36 -18.20 -18.63
C HIS G 75 -8.58 -18.86 -19.31
N PRO G 76 -9.09 -19.86 -18.71
CA PRO G 76 -10.28 -20.56 -19.22
C PRO G 76 -11.35 -19.66 -19.85
N GLU G 77 -11.77 -18.55 -19.17
CA GLU G 77 -12.80 -17.65 -19.66
C GLU G 77 -12.29 -16.48 -20.51
N TYR G 78 -11.06 -16.51 -20.97
CA TYR G 78 -10.62 -15.40 -21.71
C TYR G 78 -11.57 -15.11 -22.85
N ASN G 79 -11.75 -13.84 -23.19
CA ASN G 79 -12.63 -13.37 -24.26
C ASN G 79 -14.11 -13.72 -24.19
N ARG G 80 -14.57 -14.18 -23.03
CA ARG G 80 -15.95 -14.51 -22.84
C ARG G 80 -16.28 -13.85 -21.56
N PRO G 81 -16.94 -12.69 -21.59
CA PRO G 81 -17.35 -11.85 -22.72
C PRO G 81 -16.26 -11.25 -23.44
N LEU G 82 -16.66 -10.69 -24.56
CA LEU G 82 -15.69 -10.14 -25.48
C LEU G 82 -14.68 -9.32 -24.75
N LEU G 83 -13.41 -9.60 -25.01
CA LEU G 83 -12.32 -8.89 -24.35
C LEU G 83 -12.03 -9.19 -22.85
N ALA G 84 -12.93 -9.90 -22.15
CA ALA G 84 -12.69 -10.16 -20.71
C ALA G 84 -11.65 -11.18 -20.33
N ASN G 85 -11.33 -11.20 -19.01
CA ASN G 85 -10.37 -12.16 -18.51
C ASN G 85 -9.11 -12.26 -19.36
N ASP G 86 -8.54 -11.11 -19.70
CA ASP G 86 -7.36 -11.06 -20.57
C ASP G 86 -6.05 -11.34 -19.87
N LEU G 87 -5.92 -12.45 -19.17
CA LEU G 87 -4.59 -12.73 -18.56
C LEU G 87 -4.09 -14.17 -18.99
N MET G 88 -2.77 -14.33 -18.99
CA MET G 88 -2.18 -15.60 -19.34
C MET G 88 -0.82 -15.83 -18.64
N LEU G 89 -0.60 -17.03 -18.07
CA LEU G 89 0.70 -17.37 -17.46
C LEU G 89 1.57 -18.13 -18.49
N ILE G 90 2.80 -17.65 -18.69
CA ILE G 90 3.75 -18.33 -19.54
C ILE G 90 4.81 -19.00 -18.62
N LYS G 91 5.02 -20.31 -18.75
CA LYS G 91 6.01 -21.05 -17.94
C LYS G 91 7.27 -21.07 -18.73
N LEU G 92 8.32 -20.52 -18.12
CA LEU G 92 9.65 -20.45 -18.76
C LEU G 92 10.32 -21.83 -18.80
N ASP G 93 11.11 -22.09 -19.86
CA ASP G 93 11.78 -23.41 -19.97
C ASP G 93 12.64 -23.65 -18.75
N GLU G 94 13.59 -22.75 -18.60
CA GLU G 94 14.48 -22.83 -17.49
C GLU G 94 14.21 -21.67 -16.52
N SER G 95 13.93 -22.01 -15.24
CA SER G 95 13.73 -21.02 -14.18
C SER G 95 14.89 -20.00 -14.12
N VAL G 96 14.61 -18.69 -13.95
CA VAL G 96 15.69 -17.68 -13.90
C VAL G 96 16.12 -17.38 -12.47
N SER G 97 17.31 -16.79 -12.34
CA SER G 97 17.83 -16.47 -11.04
C SER G 97 17.70 -14.99 -10.79
N GLU G 98 16.88 -14.65 -9.77
CA GLU G 98 16.60 -13.25 -9.43
C GLU G 98 17.89 -12.45 -9.30
N SER G 99 18.25 -11.69 -10.29
CA SER G 99 19.44 -10.90 -10.19
C SER G 99 19.17 -9.49 -9.68
N ASP G 100 20.16 -8.67 -9.94
CA ASP G 100 20.14 -7.28 -9.53
C ASP G 100 19.16 -6.52 -10.42
N THR G 101 19.18 -6.83 -11.71
CA THR G 101 18.27 -6.18 -12.61
C THR G 101 17.07 -7.04 -13.02
N ILE G 102 16.88 -8.17 -12.36
CA ILE G 102 15.79 -9.05 -12.72
C ILE G 102 15.13 -9.60 -11.50
N ARG G 103 14.07 -9.01 -11.02
CA ARG G 103 13.47 -9.56 -9.81
C ARG G 103 11.98 -9.74 -10.09
N SER G 104 11.33 -10.65 -9.38
CA SER G 104 9.92 -10.85 -9.64
C SER G 104 9.07 -9.94 -8.72
N ILE G 105 7.80 -9.67 -9.04
CA ILE G 105 6.95 -8.79 -8.21
C ILE G 105 5.71 -9.51 -7.81
N SER G 106 5.07 -9.09 -6.73
CA SER G 106 3.89 -9.83 -6.29
C SER G 106 2.62 -9.12 -6.70
N ILE G 107 1.59 -9.93 -6.82
CA ILE G 107 0.34 -9.49 -7.34
C ILE G 107 -0.50 -8.99 -6.25
N ALA G 108 -1.09 -7.80 -6.40
CA ALA G 108 -1.98 -7.24 -5.38
C ALA G 108 -3.15 -8.16 -5.02
N SER G 109 -3.48 -8.29 -3.78
CA SER G 109 -4.58 -9.18 -3.46
C SER G 109 -5.82 -8.35 -3.21
N GLN G 110 -5.61 -7.06 -3.00
CA GLN G 110 -6.70 -6.12 -2.79
C GLN G 110 -7.08 -5.46 -4.20
N CYS G 111 -8.32 -5.04 -4.44
CA CYS G 111 -8.63 -4.40 -5.71
C CYS G 111 -8.44 -2.92 -5.73
N PRO G 112 -8.14 -2.38 -6.97
CA PRO G 112 -7.82 -0.98 -7.28
C PRO G 112 -8.68 0.00 -6.51
N THR G 113 -8.11 1.13 -6.05
CA THR G 113 -8.95 2.12 -5.34
C THR G 113 -8.94 3.35 -6.20
N ALA G 114 -10.13 3.87 -6.40
CA ALA G 114 -10.29 5.04 -7.27
C ALA G 114 -9.44 6.22 -6.87
N GLY G 115 -8.87 6.89 -7.82
CA GLY G 115 -8.06 8.02 -7.46
C GLY G 115 -6.59 7.74 -7.20
N ASN G 116 -6.32 6.50 -6.78
CA ASN G 116 -4.99 6.07 -6.47
C ASN G 116 -4.07 6.21 -7.67
N SER G 117 -2.88 6.67 -7.49
CA SER G 117 -2.02 6.88 -8.64
C SER G 117 -1.05 5.72 -8.76
N CYS G 118 -0.77 5.35 -10.04
CA CYS G 118 -0.06 4.16 -10.51
C CYS G 118 0.83 4.32 -11.63
N LEU G 119 1.64 3.28 -11.73
CA LEU G 119 2.59 3.42 -12.74
C LEU G 119 2.45 2.28 -13.69
N VAL G 120 2.72 2.54 -14.94
CA VAL G 120 2.69 1.54 -15.92
C VAL G 120 3.92 1.82 -16.79
N SER G 121 4.50 0.76 -17.34
CA SER G 121 5.70 0.87 -18.18
C SER G 121 5.62 -0.08 -19.38
N GLY G 122 6.35 0.26 -20.45
CA GLY G 122 6.36 -0.58 -21.59
C GLY G 122 7.10 0.03 -22.76
N TRP G 123 7.27 -0.76 -23.83
CA TRP G 123 7.97 -0.26 -25.02
C TRP G 123 7.00 0.07 -26.15
N GLY G 124 5.72 0.22 -25.82
CA GLY G 124 4.71 0.46 -26.83
C GLY G 124 4.87 1.81 -27.46
N LEU G 125 4.02 2.10 -28.48
CA LEU G 125 4.02 3.41 -29.19
C LEU G 125 3.99 4.63 -28.25
N LEU G 126 4.67 5.69 -28.66
CA LEU G 126 4.76 6.94 -27.93
C LEU G 126 3.74 7.96 -28.49
N ALA G 127 3.63 9.09 -27.80
CA ALA G 127 2.70 10.16 -28.21
C ALA G 127 2.87 10.53 -29.68
N ASN G 128 4.08 10.34 -30.19
CA ASN G 128 4.43 10.64 -31.61
C ASN G 128 4.16 9.50 -32.56
N GLY G 129 3.54 8.44 -32.02
CA GLY G 129 3.23 7.26 -32.84
C GLY G 129 4.51 6.51 -33.16
N ARG G 130 5.55 6.75 -32.39
CA ARG G 130 6.81 6.11 -32.62
C ARG G 130 7.19 5.18 -31.49
N MET G 131 7.98 4.16 -31.80
CA MET G 131 8.39 3.21 -30.78
C MET G 131 9.60 3.76 -30.09
N PRO G 132 9.65 3.64 -28.75
CA PRO G 132 10.78 4.14 -27.96
C PRO G 132 12.00 3.26 -28.00
N THR G 133 13.14 3.79 -27.62
CA THR G 133 14.37 3.01 -27.61
C THR G 133 14.55 2.33 -26.26
N VAL G 134 14.03 2.96 -25.23
CA VAL G 134 14.13 2.34 -23.88
C VAL G 134 12.76 2.19 -23.19
N LEU G 135 12.70 1.44 -22.07
CA LEU G 135 11.45 1.18 -21.41
C LEU G 135 10.86 2.45 -20.93
N GLN G 136 9.57 2.70 -21.22
CA GLN G 136 8.91 3.94 -20.79
C GLN G 136 8.13 3.75 -19.52
N CYS G 137 8.07 4.81 -18.70
CA CYS G 137 7.21 4.80 -17.50
C CYS G 137 6.29 5.99 -17.44
N VAL G 138 5.09 5.83 -16.87
CA VAL G 138 4.16 6.93 -16.75
C VAL G 138 3.17 6.68 -15.63
N ASN G 139 2.56 7.75 -15.11
CA ASN G 139 1.64 7.55 -14.01
C ASN G 139 0.23 7.78 -14.41
N VAL G 140 -0.65 6.95 -13.93
CA VAL G 140 -2.05 7.16 -14.30
C VAL G 140 -2.83 6.79 -13.06
N SER G 141 -3.99 7.42 -12.83
CA SER G 141 -4.71 7.08 -11.62
C SER G 141 -5.91 6.21 -11.86
N VAL G 142 -6.21 5.39 -10.90
CA VAL G 142 -7.32 4.51 -11.04
C VAL G 142 -8.59 5.37 -11.21
N VAL G 143 -9.48 4.97 -12.09
CA VAL G 143 -10.72 5.68 -12.30
C VAL G 143 -11.88 4.91 -11.62
N SER G 144 -12.94 5.58 -11.17
CA SER G 144 -13.95 4.82 -10.47
C SER G 144 -14.69 3.81 -11.25
N GLU G 145 -15.19 2.84 -10.56
CA GLU G 145 -15.91 1.78 -11.23
C GLU G 145 -17.07 2.30 -12.00
N GLU G 146 -17.82 3.19 -11.39
CA GLU G 146 -18.96 3.75 -12.11
C GLU G 146 -18.52 4.37 -13.39
N VAL G 147 -17.64 5.38 -13.32
CA VAL G 147 -17.27 5.93 -14.59
C VAL G 147 -16.79 4.85 -15.62
N CYS G 148 -15.85 4.01 -15.19
CA CYS G 148 -15.39 2.96 -16.07
C CYS G 148 -16.53 2.03 -16.60
N SER G 149 -17.45 1.49 -15.85
CA SER G 149 -18.40 0.65 -16.46
C SER G 149 -19.35 1.41 -17.38
N LYS G 150 -19.65 2.71 -17.13
CA LYS G 150 -20.54 3.39 -18.02
C LYS G 150 -19.76 3.79 -19.25
N LEU G 151 -18.58 4.27 -19.08
CA LEU G 151 -17.86 4.60 -20.25
C LEU G 151 -17.58 3.43 -21.16
N TYR G 152 -17.55 2.21 -20.67
CA TYR G 152 -17.15 1.08 -21.52
C TYR G 152 -18.23 0.04 -21.64
N ASP G 153 -19.42 0.37 -21.14
CA ASP G 153 -20.59 -0.44 -21.31
C ASP G 153 -20.78 -0.69 -22.88
N PRO G 154 -21.12 -1.87 -23.31
CA PRO G 154 -21.45 -3.06 -22.54
C PRO G 154 -20.20 -3.97 -22.54
N LEU G 155 -19.08 -3.53 -23.04
CA LEU G 155 -17.93 -4.35 -22.99
C LEU G 155 -17.30 -4.47 -21.58
N TYR G 156 -17.64 -3.59 -20.62
CA TYR G 156 -16.92 -3.62 -19.31
C TYR G 156 -17.25 -4.85 -18.52
N HIS G 157 -16.23 -5.47 -17.91
CA HIS G 157 -16.50 -6.66 -17.11
C HIS G 157 -15.74 -6.56 -15.81
N PRO G 158 -16.13 -7.31 -14.81
CA PRO G 158 -15.41 -7.21 -13.58
C PRO G 158 -13.98 -7.63 -13.65
N SER G 159 -13.58 -8.17 -14.74
CA SER G 159 -12.21 -8.62 -14.79
C SER G 159 -11.37 -7.55 -15.36
N MET G 160 -11.87 -6.32 -15.32
CA MET G 160 -11.09 -5.23 -15.83
C MET G 160 -11.27 -3.96 -15.02
N PHE G 161 -10.41 -2.97 -15.20
CA PHE G 161 -10.54 -1.70 -14.55
C PHE G 161 -9.82 -0.65 -15.34
N CYS G 162 -10.24 0.59 -15.09
CA CYS G 162 -9.75 1.78 -15.84
C CYS G 162 -8.84 2.63 -15.02
N ALA G 163 -7.88 3.16 -15.76
CA ALA G 163 -6.88 3.97 -15.11
C ALA G 163 -6.44 5.03 -16.10
N GLY G 164 -6.24 6.24 -15.62
CA GLY G 164 -5.80 7.30 -16.50
C GLY G 164 -6.98 8.02 -17.09
N GLY G 165 -6.88 8.45 -18.34
CA GLY G 165 -8.06 9.15 -18.95
C GLY G 165 -8.08 10.58 -18.56
N GLY G 166 -7.02 11.02 -17.90
CA GLY G 166 -6.97 12.39 -17.41
C GLY G 166 -6.67 13.36 -18.54
N GLN G 167 -6.71 14.63 -18.18
CA GLN G 167 -6.50 15.67 -19.14
C GLN G 167 -5.02 15.66 -19.59
N ASP G 168 -4.13 15.15 -18.73
CA ASP G 168 -2.73 15.19 -19.08
C ASP G 168 -2.38 14.25 -20.23
N GLN G 169 -3.39 13.56 -20.71
CA GLN G 169 -3.19 12.61 -21.78
C GLN G 169 -2.09 11.54 -21.54
N LYS G 170 -1.97 11.05 -20.32
CA LYS G 170 -1.01 10.05 -19.99
C LYS G 170 -1.74 8.70 -20.10
N ASP G 171 -1.16 7.74 -20.84
CA ASP G 171 -1.81 6.42 -21.01
C ASP G 171 -0.94 5.42 -21.67
N SER G 172 -1.33 4.14 -21.68
CA SER G 172 -0.58 3.12 -22.38
C SER G 172 -1.00 3.19 -23.79
N CYS G 173 -0.44 2.26 -24.52
CA CYS G 173 -0.63 2.22 -25.97
C CYS G 173 -0.14 0.96 -26.63
N ASN G 174 -0.56 0.77 -27.89
CA ASN G 174 -0.20 -0.40 -28.67
C ASN G 174 1.24 -0.78 -28.44
N GLY G 175 1.45 -2.07 -28.10
CA GLY G 175 2.81 -2.52 -27.81
C GLY G 175 3.07 -2.60 -26.33
N ASP G 176 2.13 -2.17 -25.54
CA ASP G 176 2.30 -2.21 -24.12
C ASP G 176 1.44 -3.30 -23.53
N SER G 177 0.72 -4.01 -24.41
CA SER G 177 -0.20 -5.02 -23.92
C SER G 177 0.53 -5.94 -23.01
N GLY G 178 -0.13 -6.38 -21.96
CA GLY G 178 0.49 -7.32 -21.04
C GLY G 178 1.50 -6.65 -20.10
N GLY G 179 1.76 -5.33 -20.31
CA GLY G 179 2.65 -4.60 -19.41
C GLY G 179 2.01 -4.51 -18.02
N PRO G 180 2.86 -4.17 -17.07
CA PRO G 180 2.44 -4.02 -15.66
C PRO G 180 1.84 -2.64 -15.26
N LEU G 181 0.95 -2.69 -14.31
CA LEU G 181 0.43 -1.52 -13.72
C LEU G 181 0.63 -1.77 -12.20
N ILE G 182 1.61 -1.04 -11.62
CA ILE G 182 2.00 -1.18 -10.18
C ILE G 182 1.29 -0.12 -9.35
N CYS G 183 0.90 -0.48 -8.14
CA CYS G 183 0.05 0.43 -7.42
C CYS G 183 0.49 0.25 -5.99
N ASN G 184 1.45 1.03 -5.49
CA ASN G 184 2.00 0.90 -4.11
C ASN G 184 2.80 -0.36 -4.06
N GLY G 185 3.65 -0.47 -5.08
CA GLY G 185 4.50 -1.63 -5.15
C GLY G 185 3.91 -3.02 -5.41
N TYR G 186 2.63 -3.09 -5.72
CA TYR G 186 2.10 -4.35 -6.06
C TYR G 186 1.70 -4.32 -7.57
N LEU G 187 1.68 -5.53 -8.18
CA LEU G 187 1.27 -5.69 -9.57
C LEU G 187 -0.24 -5.64 -9.44
N GLN G 188 -0.83 -4.53 -9.92
CA GLN G 188 -2.29 -4.31 -9.82
C GLN G 188 -3.01 -4.81 -11.08
N GLY G 189 -2.38 -4.55 -12.22
CA GLY G 189 -2.97 -4.94 -13.49
C GLY G 189 -2.06 -5.15 -14.72
N LEU G 190 -2.69 -5.53 -15.82
CA LEU G 190 -1.93 -5.69 -17.07
C LEU G 190 -2.58 -4.84 -18.12
N VAL G 191 -1.73 -4.25 -18.92
CA VAL G 191 -2.22 -3.44 -20.00
C VAL G 191 -3.06 -4.41 -20.93
N SER G 192 -4.37 -4.18 -21.03
CA SER G 192 -5.30 -4.98 -21.82
C SER G 192 -5.76 -4.30 -23.12
N PHE G 193 -6.64 -3.27 -23.04
CA PHE G 193 -7.09 -2.60 -24.22
C PHE G 193 -7.56 -1.21 -23.85
N GLY G 194 -7.98 -0.46 -24.86
CA GLY G 194 -8.58 0.88 -24.68
C GLY G 194 -8.95 1.49 -26.05
N LYS G 195 -9.77 2.54 -26.08
CA LYS G 195 -10.13 3.20 -27.31
C LYS G 195 -8.93 3.82 -28.04
N ALA G 196 -9.09 4.06 -29.32
CA ALA G 196 -7.96 4.61 -30.09
C ALA G 196 -8.50 5.83 -30.71
N PRO G 197 -7.64 6.84 -30.95
CA PRO G 197 -6.23 6.74 -30.60
C PRO G 197 -6.09 6.73 -29.08
N CYS G 198 -4.89 6.46 -28.65
CA CYS G 198 -4.67 6.50 -27.23
C CYS G 198 -4.56 7.94 -26.64
N GLY G 199 -4.36 8.02 -25.33
CA GLY G 199 -4.25 9.30 -24.69
C GLY G 199 -5.36 10.32 -24.89
N GLN G 200 -6.59 9.86 -25.09
CA GLN G 200 -7.67 10.79 -25.24
C GLN G 200 -8.19 11.22 -23.89
N VAL G 201 -8.55 12.51 -23.83
CA VAL G 201 -9.06 13.04 -22.59
C VAL G 201 -10.35 12.39 -22.27
N GLY G 202 -10.55 11.96 -21.05
CA GLY G 202 -11.85 11.39 -20.74
C GLY G 202 -12.05 9.97 -21.17
N VAL G 203 -10.98 9.38 -21.71
CA VAL G 203 -11.09 7.99 -22.16
C VAL G 203 -9.95 7.21 -21.52
N PRO G 204 -10.22 6.63 -20.37
CA PRO G 204 -9.18 5.88 -19.69
C PRO G 204 -8.87 4.57 -20.40
N GLY G 205 -7.74 3.92 -20.05
CA GLY G 205 -7.36 2.66 -20.64
C GLY G 205 -7.89 1.57 -19.74
N VAL G 206 -8.04 0.33 -20.30
CA VAL G 206 -8.54 -0.83 -19.53
C VAL G 206 -7.34 -1.73 -19.18
N TYR G 207 -7.37 -2.31 -17.97
CA TYR G 207 -6.27 -3.16 -17.50
C TYR G 207 -6.95 -4.38 -16.88
N THR G 208 -6.24 -5.54 -16.96
CA THR G 208 -6.78 -6.77 -16.38
C THR G 208 -6.84 -6.63 -14.83
N ASN G 209 -7.94 -6.93 -14.21
CA ASN G 209 -8.07 -6.72 -12.79
C ASN G 209 -7.56 -7.89 -12.02
N LEU G 210 -6.24 -7.94 -11.89
CA LEU G 210 -5.54 -9.09 -11.26
C LEU G 210 -6.02 -9.48 -9.86
N CYS G 211 -6.34 -8.54 -9.00
CA CYS G 211 -6.81 -8.88 -7.74
C CYS G 211 -7.93 -9.82 -7.80
N LYS G 212 -8.51 -10.13 -9.02
CA LYS G 212 -9.65 -11.06 -9.19
C LYS G 212 -9.22 -12.48 -9.58
N PHE G 213 -7.97 -12.67 -9.98
CA PHE G 213 -7.52 -14.00 -10.42
C PHE G 213 -6.39 -14.57 -9.56
N THR G 214 -6.28 -14.09 -8.32
CA THR G 214 -5.20 -14.60 -7.41
C THR G 214 -5.30 -16.14 -7.32
N GLU G 215 -6.45 -16.67 -6.87
CA GLU G 215 -6.56 -18.09 -6.78
C GLU G 215 -6.14 -18.80 -8.10
N TRP G 216 -6.60 -18.36 -9.25
CA TRP G 216 -6.24 -19.00 -10.47
C TRP G 216 -4.75 -18.85 -10.70
N ILE G 217 -4.23 -17.66 -10.56
CA ILE G 217 -2.80 -17.50 -10.80
C ILE G 217 -1.98 -18.46 -9.91
N GLU G 218 -2.48 -18.71 -8.69
CA GLU G 218 -1.78 -19.56 -7.77
C GLU G 218 -1.87 -20.98 -8.17
N LYS G 219 -3.10 -21.49 -8.23
CA LYS G 219 -3.34 -22.87 -8.58
C LYS G 219 -2.56 -23.27 -9.84
N THR G 220 -2.28 -22.30 -10.69
CA THR G 220 -1.59 -22.57 -11.92
C THR G 220 -0.13 -22.61 -11.74
N VAL G 221 0.44 -21.52 -11.23
CA VAL G 221 1.89 -21.43 -11.05
C VAL G 221 2.40 -22.58 -10.19
N GLN G 222 1.68 -22.87 -9.11
CA GLN G 222 2.07 -23.93 -8.23
C GLN G 222 1.77 -25.30 -8.84
N ALA G 223 0.62 -25.84 -8.48
CA ALA G 223 0.17 -27.12 -9.02
C ALA G 223 0.22 -27.13 -10.59
N ILE H 1 -9.54 28.79 -30.80
CA ILE H 1 -10.99 29.21 -31.11
C ILE H 1 -11.32 28.76 -32.53
N ILE H 2 -12.47 28.11 -32.65
CA ILE H 2 -12.88 27.61 -33.97
C ILE H 2 -13.98 28.50 -34.55
N ASN H 3 -13.73 29.01 -35.77
CA ASN H 3 -14.66 29.89 -36.44
C ASN H 3 -14.93 31.20 -35.70
N GLY H 4 -13.86 31.82 -35.22
CA GLY H 4 -14.00 33.10 -34.59
C GLY H 4 -13.18 34.17 -35.36
N GLU H 5 -12.85 35.29 -34.73
CA GLU H 5 -12.08 36.30 -35.40
C GLU H 5 -11.11 37.00 -34.42
N ASP H 6 -10.15 37.75 -34.97
CA ASP H 6 -9.19 38.48 -34.16
C ASP H 6 -9.98 39.31 -33.19
N CYS H 7 -9.81 39.05 -31.91
CA CYS H 7 -10.44 39.99 -31.03
C CYS H 7 -9.92 41.52 -31.19
N SER H 8 -10.74 42.48 -30.76
CA SER H 8 -10.35 43.90 -30.77
C SER H 8 -9.17 44.01 -29.75
N PRO H 9 -8.01 44.39 -30.23
CA PRO H 9 -6.81 44.50 -29.40
C PRO H 9 -7.11 45.04 -28.06
N HIS H 10 -6.80 44.25 -27.06
CA HIS H 10 -7.00 44.61 -25.67
C HIS H 10 -8.40 44.70 -25.20
N SER H 11 -9.32 44.05 -25.90
CA SER H 11 -10.74 44.05 -25.52
C SER H 11 -11.03 43.12 -24.39
N GLN H 12 -10.06 42.26 -24.06
CA GLN H 12 -10.19 41.29 -22.95
C GLN H 12 -8.97 41.45 -22.06
N PRO H 13 -8.89 42.56 -21.36
CA PRO H 13 -7.72 42.79 -20.49
C PRO H 13 -7.46 41.75 -19.34
N TRP H 14 -8.40 40.84 -19.09
CA TRP H 14 -8.25 39.88 -18.01
C TRP H 14 -7.58 38.63 -18.58
N GLN H 15 -7.42 38.59 -19.87
CA GLN H 15 -6.82 37.43 -20.48
C GLN H 15 -5.39 37.25 -20.12
N ALA H 16 -5.06 36.07 -19.64
CA ALA H 16 -3.67 35.72 -19.24
C ALA H 16 -3.14 34.58 -20.12
N ALA H 17 -1.96 34.75 -20.68
CA ALA H 17 -1.39 33.71 -21.49
C ALA H 17 -0.40 32.92 -20.65
N LEU H 18 -0.40 31.59 -20.77
CA LEU H 18 0.54 30.71 -20.04
C LEU H 18 1.50 30.11 -21.07
N VAL H 19 2.77 30.51 -21.02
CA VAL H 19 3.76 29.96 -21.93
C VAL H 19 4.84 29.14 -21.18
N MET H 20 5.32 28.10 -21.89
CA MET H 20 6.31 27.15 -21.39
C MET H 20 7.58 27.49 -22.05
N GLU H 21 8.39 26.49 -22.32
CA GLU H 21 9.67 26.75 -22.90
C GLU H 21 9.63 27.97 -23.79
N ASN H 22 8.80 27.94 -24.82
CA ASN H 22 8.74 29.11 -25.70
C ASN H 22 7.41 29.09 -26.40
N GLU H 23 6.44 28.36 -25.86
CA GLU H 23 5.17 28.30 -26.54
C GLU H 23 4.01 28.42 -25.59
N LEU H 24 2.85 28.77 -26.13
CA LEU H 24 1.65 28.95 -25.34
C LEU H 24 1.01 27.58 -25.18
N PHE H 25 0.56 27.25 -23.97
CA PHE H 25 -0.11 25.96 -23.76
C PHE H 25 -1.48 26.10 -23.05
N CYS H 26 -1.78 27.25 -22.46
CA CYS H 26 -3.08 27.44 -21.77
C CYS H 26 -3.34 28.93 -21.70
N SER H 27 -4.34 29.34 -20.96
CA SER H 27 -4.66 30.76 -20.75
C SER H 27 -5.19 30.82 -19.31
N GLY H 28 -5.43 32.05 -18.79
CA GLY H 28 -5.95 32.19 -17.43
C GLY H 28 -6.71 33.46 -17.32
N VAL H 29 -7.34 33.72 -16.20
CA VAL H 29 -8.11 34.94 -16.15
C VAL H 29 -7.67 35.64 -14.91
N LEU H 30 -7.29 36.90 -15.08
CA LEU H 30 -6.86 37.72 -13.96
C LEU H 30 -8.09 38.02 -13.12
N VAL H 31 -8.26 37.35 -12.01
CA VAL H 31 -9.45 37.62 -11.26
C VAL H 31 -9.15 38.50 -10.06
N HIS H 32 -7.91 38.95 -9.98
CA HIS H 32 -7.44 39.76 -8.86
C HIS H 32 -6.04 40.22 -9.23
N PRO H 33 -5.57 41.29 -8.64
CA PRO H 33 -4.25 41.81 -8.95
C PRO H 33 -3.09 40.86 -8.84
N GLN H 34 -3.18 39.96 -7.86
CA GLN H 34 -2.12 38.96 -7.67
C GLN H 34 -2.55 37.47 -7.85
N TRP H 35 -3.61 37.26 -8.60
CA TRP H 35 -4.13 35.94 -8.83
C TRP H 35 -4.65 35.74 -10.20
N VAL H 36 -4.24 34.62 -10.81
CA VAL H 36 -4.70 34.24 -12.14
C VAL H 36 -5.48 32.92 -12.01
N LEU H 37 -6.74 32.90 -12.46
CA LEU H 37 -7.63 31.73 -12.42
C LEU H 37 -7.39 31.01 -13.68
N SER H 38 -7.44 29.68 -13.57
CA SER H 38 -7.17 28.83 -14.73
C SER H 38 -7.65 27.45 -14.56
N ALA H 39 -7.36 26.62 -15.58
CA ALA H 39 -7.85 25.20 -15.50
C ALA H 39 -6.85 24.37 -14.74
N ALA H 40 -7.34 23.61 -13.74
CA ALA H 40 -6.46 22.72 -13.01
C ALA H 40 -5.59 21.88 -13.93
N HIS H 41 -6.11 21.48 -15.08
CA HIS H 41 -5.29 20.67 -15.89
C HIS H 41 -4.23 21.46 -16.58
N CYS H 42 -3.90 22.66 -16.09
CA CYS H 42 -2.83 23.49 -16.69
C CYS H 42 -1.61 23.61 -15.80
N PHE H 43 -1.84 23.09 -14.60
CA PHE H 43 -0.87 23.15 -13.57
C PHE H 43 0.54 22.90 -14.00
N GLN H 44 1.45 23.70 -13.44
CA GLN H 44 2.89 23.60 -13.67
C GLN H 44 3.60 23.94 -12.35
N ASN H 45 4.94 23.77 -12.32
CA ASN H 45 5.68 24.05 -11.08
C ASN H 45 5.98 25.51 -11.06
N SER H 46 6.10 26.06 -12.25
CA SER H 46 6.31 27.47 -12.33
C SER H 46 5.73 27.93 -13.68
N TYR H 47 5.10 29.10 -13.68
CA TYR H 47 4.47 29.58 -14.91
C TYR H 47 5.12 30.90 -15.29
N THR H 48 4.96 31.20 -16.58
CA THR H 48 5.42 32.48 -17.15
C THR H 48 4.18 33.12 -17.74
N ILE H 49 3.40 33.82 -16.92
CA ILE H 49 2.18 34.45 -17.35
C ILE H 49 2.39 35.79 -18.09
N GLY H 50 1.70 35.95 -19.21
CA GLY H 50 1.79 37.17 -20.00
C GLY H 50 0.48 37.91 -19.91
N LEU H 51 0.49 39.12 -19.38
CA LEU H 51 -0.69 39.96 -19.26
C LEU H 51 -0.66 41.09 -20.27
N GLY H 52 -1.84 41.64 -20.58
CA GLY H 52 -1.96 42.77 -21.51
C GLY H 52 -1.52 42.43 -22.91
N LEU H 53 -1.47 41.14 -23.28
CA LEU H 53 -1.06 40.80 -24.65
C LEU H 53 -2.18 40.74 -25.68
N HIS H 54 -1.80 40.57 -26.91
CA HIS H 54 -2.76 40.45 -28.00
C HIS H 54 -2.05 39.56 -28.98
N SER H 55 -0.77 39.78 -29.17
CA SER H 55 -0.06 38.87 -29.99
C SER H 55 0.89 38.24 -28.97
N LEU H 56 1.39 37.03 -29.26
CA LEU H 56 2.26 36.33 -28.31
C LEU H 56 3.61 37.01 -28.20
N GLU H 57 3.94 37.80 -29.23
CA GLU H 57 5.18 38.60 -29.31
C GLU H 57 5.17 39.68 -28.20
N ALA H 58 5.45 39.29 -26.96
CA ALA H 58 5.45 40.21 -25.83
C ALA H 58 6.12 41.59 -26.11
N ASP H 59 7.28 41.59 -26.78
CA ASP H 59 8.01 42.82 -27.06
C ASP H 59 7.47 43.50 -28.33
N GLN H 60 6.15 43.60 -28.42
CA GLN H 60 5.49 44.19 -29.58
C GLN H 60 4.19 44.68 -28.97
N GLU H 61 3.98 44.47 -27.69
CA GLU H 61 2.75 44.91 -27.08
C GLU H 61 3.13 45.79 -25.91
N PRO H 62 2.76 47.07 -25.96
CA PRO H 62 3.04 48.07 -24.93
C PRO H 62 2.77 47.67 -23.51
N GLY H 63 1.60 48.01 -23.01
CA GLY H 63 1.31 47.73 -21.62
C GLY H 63 1.48 46.32 -21.16
N SER H 64 2.00 45.46 -22.03
CA SER H 64 2.16 44.04 -21.67
C SER H 64 3.15 43.80 -20.55
N GLN H 65 2.93 42.78 -19.76
CA GLN H 65 3.82 42.44 -18.66
C GLN H 65 3.99 40.91 -18.51
N MET H 66 5.20 40.40 -18.73
CA MET H 66 5.45 39.00 -18.58
C MET H 66 5.83 38.70 -17.16
N VAL H 67 4.91 38.64 -16.24
CA VAL H 67 5.23 38.29 -14.87
C VAL H 67 5.53 36.77 -14.69
N GLU H 68 5.91 36.42 -13.45
CA GLU H 68 6.25 35.03 -13.08
C GLU H 68 5.52 34.62 -11.81
N ALA H 69 5.35 33.31 -11.69
CA ALA H 69 4.70 32.76 -10.49
C ALA H 69 5.03 31.29 -10.31
N SER H 70 4.85 30.82 -9.11
CA SER H 70 5.12 29.40 -8.88
C SER H 70 4.12 28.79 -7.86
N LEU H 71 3.47 29.61 -7.04
CA LEU H 71 2.51 29.02 -6.12
C LEU H 71 1.16 28.81 -6.80
N SER H 72 0.76 27.56 -7.05
CA SER H 72 -0.55 27.30 -7.69
C SER H 72 -1.40 26.47 -6.74
N VAL H 73 -2.70 26.67 -6.72
CA VAL H 73 -3.53 25.85 -5.86
C VAL H 73 -4.62 25.21 -6.72
N ARG H 74 -4.53 23.90 -7.01
CA ARG H 74 -5.55 23.20 -7.77
C ARG H 74 -6.70 22.94 -6.83
N HIS H 75 -7.89 22.82 -7.31
CA HIS H 75 -8.97 22.53 -6.40
C HIS H 75 -8.87 21.09 -5.77
N PRO H 76 -9.06 21.02 -4.51
CA PRO H 76 -9.04 19.75 -3.80
C PRO H 76 -9.61 18.57 -4.57
N GLU H 77 -10.82 18.68 -5.13
CA GLU H 77 -11.51 17.60 -5.85
C GLU H 77 -11.22 17.55 -7.36
N TYR H 78 -10.22 18.23 -7.81
CA TYR H 78 -10.01 18.16 -9.19
C TYR H 78 -9.90 16.74 -9.65
N ASN H 79 -10.40 16.42 -10.84
CA ASN H 79 -10.40 15.09 -11.46
C ASN H 79 -11.08 13.98 -10.74
N ARG H 80 -11.91 14.33 -9.81
CA ARG H 80 -12.65 13.34 -9.07
C ARG H 80 -14.03 13.91 -9.01
N PRO H 81 -14.93 13.42 -9.89
CA PRO H 81 -14.78 12.42 -10.92
C PRO H 81 -13.95 12.83 -11.98
N LEU H 82 -13.67 11.86 -12.82
CA LEU H 82 -12.79 12.07 -13.93
C LEU H 82 -13.13 13.40 -14.65
N LEU H 83 -12.12 14.26 -14.80
CA LEU H 83 -12.32 15.52 -15.48
C LEU H 83 -13.04 16.66 -14.70
N ALA H 84 -13.73 16.37 -13.58
CA ALA H 84 -14.42 17.39 -12.82
C ALA H 84 -13.59 18.38 -12.02
N ASN H 85 -14.28 19.42 -11.54
CA ASN H 85 -13.63 20.51 -10.77
C ASN H 85 -12.30 20.96 -11.43
N ASP H 86 -12.31 21.24 -12.72
CA ASP H 86 -11.10 21.63 -13.41
C ASP H 86 -10.71 23.14 -13.23
N LEU H 87 -10.60 23.64 -12.03
CA LEU H 87 -10.14 25.02 -11.87
C LEU H 87 -8.91 25.10 -10.92
N MET H 88 -8.06 26.09 -11.14
CA MET H 88 -6.86 26.30 -10.32
C MET H 88 -6.46 27.80 -10.21
N LEU H 89 -6.17 28.28 -9.01
CA LEU H 89 -5.70 29.66 -8.79
C LEU H 89 -4.16 29.70 -8.78
N ILE H 90 -3.59 30.58 -9.57
CA ILE H 90 -2.14 30.77 -9.61
C ILE H 90 -1.85 32.12 -8.94
N LYS H 91 -1.00 32.13 -7.88
CA LYS H 91 -0.63 33.35 -7.17
C LYS H 91 0.63 33.87 -7.82
N LEU H 92 0.53 35.10 -8.35
CA LEU H 92 1.64 35.75 -9.01
C LEU H 92 2.71 36.20 -7.99
N ASP H 93 4.00 36.15 -8.41
CA ASP H 93 5.08 36.55 -7.49
C ASP H 93 4.84 37.98 -7.03
N GLU H 94 4.82 38.85 -7.99
CA GLU H 94 4.63 40.24 -7.71
C GLU H 94 3.25 40.67 -8.25
N SER H 95 2.39 41.17 -7.36
CA SER H 95 1.08 41.72 -7.73
C SER H 95 1.17 42.74 -8.91
N VAL H 96 0.27 42.69 -9.91
CA VAL H 96 0.37 43.64 -11.06
C VAL H 96 -0.49 44.84 -10.84
N SER H 97 -0.21 45.88 -11.63
CA SER H 97 -0.98 47.12 -11.52
C SER H 97 -1.93 47.24 -12.68
N GLU H 98 -3.22 47.20 -12.36
CA GLU H 98 -4.29 47.25 -13.36
C GLU H 98 -4.06 48.41 -14.34
N SER H 99 -3.56 48.11 -15.52
CA SER H 99 -3.34 49.15 -16.47
C SER H 99 -4.55 49.31 -17.45
N ASP H 100 -4.22 50.00 -18.53
CA ASP H 100 -5.17 50.28 -19.56
C ASP H 100 -5.48 48.99 -20.32
N THR H 101 -4.46 48.18 -20.59
CA THR H 101 -4.66 46.96 -21.28
C THR H 101 -4.62 45.74 -20.40
N ILE H 102 -4.58 45.94 -19.08
CA ILE H 102 -4.53 44.81 -18.16
C ILE H 102 -5.48 45.04 -17.01
N ARG H 103 -6.67 44.51 -17.04
CA ARG H 103 -7.57 44.73 -15.90
C ARG H 103 -8.11 43.39 -15.45
N SER H 104 -8.50 43.29 -14.22
CA SER H 104 -9.01 42.02 -13.78
C SER H 104 -10.56 41.95 -14.00
N ILE H 105 -11.19 40.76 -14.02
CA ILE H 105 -12.62 40.64 -14.20
C ILE H 105 -13.25 39.89 -13.06
N SER H 106 -14.51 40.06 -12.81
CA SER H 106 -15.13 39.36 -11.71
C SER H 106 -15.89 38.12 -12.15
N ILE H 107 -15.96 37.17 -11.22
CA ILE H 107 -16.53 35.88 -11.47
C ILE H 107 -17.99 35.92 -11.21
N ALA H 108 -18.77 35.44 -12.16
CA ALA H 108 -20.21 35.39 -11.99
C ALA H 108 -20.67 34.62 -10.70
N SER H 109 -21.63 35.13 -9.98
CA SER H 109 -22.02 34.44 -8.80
C SER H 109 -23.31 33.63 -9.13
N GLN H 110 -23.96 33.99 -10.23
CA GLN H 110 -25.17 33.29 -10.65
C GLN H 110 -24.75 32.16 -11.71
N CYS H 111 -25.59 31.13 -11.91
CA CYS H 111 -25.21 30.02 -12.82
C CYS H 111 -25.76 30.18 -14.25
N PRO H 112 -24.93 29.77 -15.25
CA PRO H 112 -25.23 29.89 -16.66
C PRO H 112 -26.73 29.73 -16.97
N THR H 113 -27.30 30.51 -17.89
CA THR H 113 -28.67 30.32 -18.25
C THR H 113 -28.68 29.85 -19.70
N ALA H 114 -29.49 28.84 -19.92
CA ALA H 114 -29.55 28.26 -21.24
C ALA H 114 -29.87 29.25 -22.33
N GLY H 115 -29.21 29.14 -23.47
CA GLY H 115 -29.61 30.04 -24.53
C GLY H 115 -28.83 31.32 -24.58
N ASN H 116 -28.42 31.73 -23.40
CA ASN H 116 -27.61 32.95 -23.25
C ASN H 116 -26.36 32.93 -24.07
N SER H 117 -26.06 33.99 -24.74
CA SER H 117 -24.93 34.00 -25.60
C SER H 117 -23.77 34.61 -24.93
N CYS H 118 -22.63 33.93 -24.96
CA CYS H 118 -21.40 34.44 -24.31
C CYS H 118 -20.18 34.45 -25.22
N LEU H 119 -19.06 34.85 -24.69
CA LEU H 119 -17.91 34.97 -25.53
C LEU H 119 -16.79 34.25 -24.87
N VAL H 120 -15.90 33.70 -25.68
CA VAL H 120 -14.77 32.98 -25.21
C VAL H 120 -13.65 33.43 -26.12
N SER H 121 -12.44 33.50 -25.58
CA SER H 121 -11.29 33.95 -26.35
C SER H 121 -10.06 33.12 -25.99
N GLY H 122 -9.08 33.07 -26.92
CA GLY H 122 -7.87 32.31 -26.65
C GLY H 122 -6.98 32.16 -27.86
N TRP H 123 -5.79 31.61 -27.65
CA TRP H 123 -4.85 31.47 -28.74
C TRP H 123 -4.77 30.03 -29.20
N GLY H 124 -5.78 29.27 -28.88
CA GLY H 124 -5.80 27.86 -29.26
C GLY H 124 -5.97 27.67 -30.76
N LEU H 125 -5.88 26.38 -31.18
CA LEU H 125 -6.00 26.00 -32.59
C LEU H 125 -7.24 26.59 -33.26
N LEU H 126 -7.09 26.91 -34.55
CA LEU H 126 -8.15 27.47 -35.38
C LEU H 126 -8.85 26.39 -36.21
N ALA H 127 -9.93 26.77 -36.86
CA ALA H 127 -10.68 25.86 -37.70
C ALA H 127 -9.75 25.10 -38.71
N ASN H 128 -8.64 25.73 -39.08
CA ASN H 128 -7.65 25.16 -40.02
C ASN H 128 -6.60 24.30 -39.30
N GLY H 129 -6.78 24.09 -38.01
CA GLY H 129 -5.84 23.30 -37.26
C GLY H 129 -4.55 24.08 -37.06
N ARG H 130 -4.62 25.39 -37.22
CA ARG H 130 -3.45 26.21 -37.09
C ARG H 130 -3.55 27.15 -35.92
N MET H 131 -2.42 27.52 -35.35
CA MET H 131 -2.39 28.44 -34.22
C MET H 131 -2.46 29.85 -34.72
N PRO H 132 -3.31 30.71 -34.11
CA PRO H 132 -3.46 32.11 -34.53
C PRO H 132 -2.30 32.99 -34.10
N THR H 133 -2.18 34.16 -34.71
CA THR H 133 -1.11 35.09 -34.36
C THR H 133 -1.59 36.04 -33.28
N VAL H 134 -2.91 36.29 -33.25
CA VAL H 134 -3.46 37.15 -32.21
C VAL H 134 -4.60 36.48 -31.45
N LEU H 135 -5.00 37.06 -30.32
CA LEU H 135 -6.03 36.48 -29.47
C LEU H 135 -7.34 36.38 -30.23
N GLN H 136 -7.97 35.20 -30.20
CA GLN H 136 -9.19 34.98 -30.93
C GLN H 136 -10.41 35.13 -30.09
N CYS H 137 -11.51 35.42 -30.82
CA CYS H 137 -12.79 35.65 -30.22
C CYS H 137 -13.92 34.91 -30.78
N VAL H 138 -14.92 34.52 -30.00
CA VAL H 138 -16.06 33.89 -30.63
C VAL H 138 -17.21 33.80 -29.68
N ASN H 139 -18.41 33.69 -30.25
CA ASN H 139 -19.58 33.62 -29.40
C ASN H 139 -20.22 32.28 -29.40
N VAL H 140 -20.61 31.82 -28.21
CA VAL H 140 -21.25 30.51 -28.14
C VAL H 140 -22.35 30.64 -27.13
N SER H 141 -23.43 29.91 -27.24
CA SER H 141 -24.49 30.08 -26.30
C SER H 141 -24.58 28.95 -25.34
N VAL H 142 -25.07 29.26 -24.15
CA VAL H 142 -25.12 28.26 -23.15
C VAL H 142 -26.11 27.20 -23.60
N VAL H 143 -25.82 25.91 -23.42
CA VAL H 143 -26.72 24.84 -23.78
C VAL H 143 -27.43 24.32 -22.52
N SER H 144 -28.61 23.78 -22.59
CA SER H 144 -29.31 23.39 -21.38
C SER H 144 -28.71 22.26 -20.65
N GLU H 145 -28.96 22.26 -19.38
CA GLU H 145 -28.35 21.22 -18.53
C GLU H 145 -28.78 19.87 -19.01
N GLU H 146 -30.04 19.70 -19.40
CA GLU H 146 -30.44 18.40 -19.84
C GLU H 146 -29.63 17.96 -20.99
N VAL H 147 -29.66 18.72 -22.01
CA VAL H 147 -28.88 18.25 -23.16
C VAL H 147 -27.44 17.98 -22.77
N CYS H 148 -27.00 18.78 -21.84
CA CYS H 148 -25.64 18.71 -21.55
C CYS H 148 -25.20 17.43 -20.81
N SER H 149 -25.97 17.10 -19.81
CA SER H 149 -25.69 15.98 -19.04
C SER H 149 -25.95 14.70 -19.82
N LYS H 150 -26.89 14.70 -20.73
CA LYS H 150 -27.12 13.46 -21.48
C LYS H 150 -26.06 13.33 -22.50
N LEU H 151 -25.75 14.37 -23.18
CA LEU H 151 -24.69 14.27 -24.18
C LEU H 151 -23.34 13.86 -23.59
N TYR H 152 -23.09 14.12 -22.30
CA TYR H 152 -21.77 13.86 -21.79
C TYR H 152 -21.80 12.90 -20.66
N ASP H 153 -22.95 12.30 -20.42
CA ASP H 153 -23.09 11.25 -19.45
C ASP H 153 -22.01 10.17 -19.82
N PRO H 154 -21.33 9.54 -18.84
CA PRO H 154 -21.43 9.73 -17.42
C PRO H 154 -20.33 10.63 -16.97
N LEU H 155 -19.61 11.24 -17.86
CA LEU H 155 -18.62 12.14 -17.43
C LEU H 155 -19.14 13.51 -16.93
N TYR H 156 -20.38 13.86 -17.21
CA TYR H 156 -20.86 15.23 -16.84
C TYR H 156 -20.97 15.39 -15.36
N HIS H 157 -20.52 16.53 -14.83
CA HIS H 157 -20.64 16.76 -13.38
C HIS H 157 -21.15 18.18 -13.16
N PRO H 158 -21.65 18.45 -11.99
CA PRO H 158 -22.15 19.79 -11.77
C PRO H 158 -21.13 20.85 -11.84
N SER H 159 -19.87 20.45 -11.89
CA SER H 159 -18.87 21.49 -11.90
C SER H 159 -18.56 21.85 -13.24
N MET H 160 -19.47 21.54 -14.15
CA MET H 160 -19.21 21.87 -15.56
C MET H 160 -20.48 22.28 -16.28
N PHE H 161 -20.33 22.92 -17.45
CA PHE H 161 -21.51 23.26 -18.29
C PHE H 161 -21.08 23.38 -19.73
N CYS H 162 -22.08 23.13 -20.57
CA CYS H 162 -21.99 23.23 -22.07
C CYS H 162 -22.32 24.52 -22.67
N ALA H 163 -21.54 24.87 -23.68
CA ALA H 163 -21.84 26.11 -24.44
C ALA H 163 -21.44 25.90 -25.88
N GLY H 164 -22.26 26.38 -26.79
CA GLY H 164 -21.91 26.21 -28.20
C GLY H 164 -22.51 24.96 -28.78
N GLY H 165 -21.78 24.32 -29.69
CA GLY H 165 -22.35 23.05 -30.21
C GLY H 165 -23.40 23.32 -31.29
N GLY H 166 -23.50 24.59 -31.69
CA GLY H 166 -24.44 24.97 -32.70
C GLY H 166 -23.95 24.57 -34.07
N GLN H 167 -24.82 24.81 -35.04
CA GLN H 167 -24.56 24.45 -36.41
C GLN H 167 -23.47 25.31 -36.98
N ASP H 168 -23.30 26.51 -36.44
CA ASP H 168 -22.29 27.40 -36.95
C ASP H 168 -20.87 26.95 -36.67
N GLN H 169 -20.75 25.83 -36.00
CA GLN H 169 -19.46 25.30 -35.66
C GLN H 169 -18.52 26.24 -34.98
N LYS H 170 -19.04 27.04 -34.07
CA LYS H 170 -18.23 27.97 -33.28
C LYS H 170 -17.87 27.28 -31.95
N ASP H 171 -16.59 27.25 -31.58
CA ASP H 171 -16.24 26.58 -30.34
C ASP H 171 -14.81 26.81 -29.93
N SER H 172 -14.39 26.39 -28.73
CA SER H 172 -13.01 26.54 -28.35
C SER H 172 -12.32 25.32 -28.89
N CYS H 173 -11.01 25.30 -28.72
CA CYS H 173 -10.25 24.11 -29.09
C CYS H 173 -9.04 23.91 -28.23
N ASN H 174 -8.15 23.01 -28.59
CA ASN H 174 -6.86 22.79 -27.92
C ASN H 174 -6.03 24.08 -27.86
N GLY H 175 -5.50 24.38 -26.66
CA GLY H 175 -4.70 25.58 -26.53
C GLY H 175 -5.52 26.69 -25.91
N ASP H 176 -6.82 26.45 -25.71
CA ASP H 176 -7.67 27.46 -25.15
C ASP H 176 -8.02 27.14 -23.74
N SER H 177 -7.50 26.02 -23.28
CA SER H 177 -7.81 25.53 -21.93
C SER H 177 -7.54 26.59 -20.96
N GLY H 178 -8.41 26.70 -19.99
CA GLY H 178 -8.23 27.75 -18.98
C GLY H 178 -8.65 29.14 -19.42
N GLY H 179 -9.02 29.26 -20.70
CA GLY H 179 -9.49 30.53 -21.25
C GLY H 179 -10.82 30.90 -20.60
N PRO H 180 -11.20 32.19 -20.75
CA PRO H 180 -12.43 32.73 -20.21
C PRO H 180 -13.66 32.55 -21.07
N LEU H 181 -14.77 32.46 -20.41
CA LEU H 181 -16.04 32.42 -21.05
C LEU H 181 -16.84 33.52 -20.28
N ILE H 182 -17.03 34.68 -20.92
CA ILE H 182 -17.72 35.79 -20.34
C ILE H 182 -19.17 35.84 -20.67
N CYS H 183 -19.97 36.18 -19.68
CA CYS H 183 -21.35 36.32 -19.95
C CYS H 183 -21.85 37.50 -19.28
N ASN H 184 -22.29 38.44 -20.13
CA ASN H 184 -22.86 39.68 -19.63
C ASN H 184 -21.84 40.27 -18.74
N GLY H 185 -20.62 40.32 -19.27
CA GLY H 185 -19.52 40.91 -18.53
C GLY H 185 -19.02 40.20 -17.27
N TYR H 186 -19.48 39.01 -17.01
CA TYR H 186 -18.91 38.32 -15.91
C TYR H 186 -18.13 37.09 -16.43
N LEU H 187 -17.16 36.64 -15.63
CA LEU H 187 -16.39 35.45 -15.92
C LEU H 187 -17.33 34.35 -15.49
N GLN H 188 -17.86 33.63 -16.49
CA GLN H 188 -18.86 32.53 -16.25
C GLN H 188 -18.15 31.17 -16.18
N GLY H 189 -17.15 30.96 -17.06
CA GLY H 189 -16.42 29.73 -17.05
C GLY H 189 -14.99 29.70 -17.62
N LEU H 190 -14.41 28.51 -17.56
CA LEU H 190 -13.08 28.34 -18.12
C LEU H 190 -13.14 27.25 -19.13
N VAL H 191 -12.39 27.43 -20.19
CA VAL H 191 -12.32 26.39 -21.22
C VAL H 191 -11.71 25.15 -20.57
N SER H 192 -12.50 24.05 -20.45
CA SER H 192 -12.06 22.76 -19.81
C SER H 192 -11.75 21.66 -20.79
N PHE H 193 -12.79 21.08 -21.41
CA PHE H 193 -12.58 20.02 -22.40
C PHE H 193 -13.79 19.94 -23.32
N GLY H 194 -13.71 19.02 -24.25
CA GLY H 194 -14.80 18.72 -25.16
C GLY H 194 -14.37 17.60 -26.15
N LYS H 195 -15.33 17.02 -26.87
CA LYS H 195 -15.00 16.00 -27.90
C LYS H 195 -14.16 16.52 -29.04
N ALA H 196 -13.48 15.58 -29.69
CA ALA H 196 -12.59 16.01 -30.80
C ALA H 196 -13.09 15.27 -32.00
N PRO H 197 -12.95 15.87 -33.21
CA PRO H 197 -12.37 17.18 -33.36
C PRO H 197 -13.30 18.24 -32.79
N CYS H 198 -12.78 19.46 -32.92
CA CYS H 198 -13.45 20.67 -32.53
C CYS H 198 -14.61 21.21 -33.38
N GLY H 199 -15.49 21.95 -32.81
CA GLY H 199 -16.47 22.47 -33.69
C GLY H 199 -17.46 21.55 -34.40
N GLN H 200 -17.79 20.45 -33.75
CA GLN H 200 -18.74 19.54 -34.34
C GLN H 200 -20.12 19.99 -34.02
N VAL H 201 -20.97 19.82 -35.00
CA VAL H 201 -22.37 20.21 -34.83
C VAL H 201 -23.01 19.35 -33.76
N GLY H 202 -23.72 19.93 -32.82
CA GLY H 202 -24.38 19.07 -31.85
C GLY H 202 -23.48 18.60 -30.74
N VAL H 203 -22.25 19.04 -30.76
CA VAL H 203 -21.38 18.64 -29.72
C VAL H 203 -20.78 19.90 -29.07
N PRO H 204 -21.42 20.39 -28.04
CA PRO H 204 -20.94 21.57 -27.37
C PRO H 204 -19.66 21.30 -26.61
N GLY H 205 -18.93 22.36 -26.24
CA GLY H 205 -17.71 22.23 -25.44
C GLY H 205 -18.10 22.29 -23.95
N VAL H 206 -17.21 21.78 -23.07
CA VAL H 206 -17.41 21.82 -21.59
C VAL H 206 -16.53 22.93 -20.97
N TYR H 207 -17.14 23.63 -20.00
CA TYR H 207 -16.45 24.76 -19.33
C TYR H 207 -16.63 24.57 -17.85
N THR H 208 -15.61 24.99 -17.07
CA THR H 208 -15.72 24.84 -15.58
C THR H 208 -16.81 25.75 -15.04
N ASN H 209 -17.73 25.23 -14.29
CA ASN H 209 -18.85 26.03 -13.83
C ASN H 209 -18.51 26.92 -12.64
N LEU H 210 -17.81 28.02 -12.89
CA LEU H 210 -17.34 28.89 -11.81
C LEU H 210 -18.36 29.35 -10.77
N CYS H 211 -19.64 29.52 -11.07
CA CYS H 211 -20.58 29.89 -10.09
C CYS H 211 -20.70 28.73 -9.01
N LYS H 212 -19.91 27.75 -9.20
CA LYS H 212 -20.03 26.77 -8.19
C LYS H 212 -18.86 26.80 -7.20
N PHE H 213 -17.81 27.56 -7.48
CA PHE H 213 -16.61 27.60 -6.63
C PHE H 213 -16.32 29.00 -6.08
N THR H 214 -17.34 29.85 -6.00
CA THR H 214 -17.10 31.24 -5.50
C THR H 214 -16.47 31.16 -4.11
N GLU H 215 -17.16 30.55 -3.16
CA GLU H 215 -16.57 30.45 -1.84
C GLU H 215 -15.09 29.90 -1.89
N TRP H 216 -14.80 28.85 -2.61
CA TRP H 216 -13.45 28.38 -2.64
C TRP H 216 -12.54 29.42 -3.23
N ILE H 217 -12.93 29.98 -4.34
CA ILE H 217 -12.04 30.96 -4.99
C ILE H 217 -11.75 32.06 -4.00
N GLU H 218 -12.74 32.38 -3.16
CA GLU H 218 -12.57 33.51 -2.25
C GLU H 218 -11.64 33.14 -1.16
N LYS H 219 -12.02 32.10 -0.41
CA LYS H 219 -11.23 31.62 0.73
C LYS H 219 -9.78 31.43 0.36
N THR H 220 -9.50 31.21 -0.90
CA THR H 220 -8.14 30.98 -1.35
C THR H 220 -7.43 32.26 -1.65
N VAL H 221 -7.99 33.06 -2.54
CA VAL H 221 -7.38 34.32 -2.93
C VAL H 221 -7.12 35.18 -1.74
N GLN H 222 -8.10 35.26 -0.85
CA GLN H 222 -7.98 36.09 0.34
C GLN H 222 -7.06 35.41 1.36
N ALA H 223 -7.69 34.71 2.31
CA ALA H 223 -6.93 33.97 3.33
C ALA H 223 -5.82 33.04 2.68
N ILE I 1 26.10 -11.21 53.72
CA ILE I 1 26.95 -12.26 53.11
C ILE I 1 26.04 -13.39 52.58
N ILE I 2 26.26 -13.79 51.33
CA ILE I 2 25.47 -14.82 50.77
C ILE I 2 26.24 -16.12 50.73
N ASN I 3 25.66 -17.17 51.30
CA ASN I 3 26.29 -18.48 51.35
C ASN I 3 27.62 -18.53 52.07
N GLY I 4 27.67 -17.89 53.21
CA GLY I 4 28.86 -17.92 54.05
C GLY I 4 28.51 -18.56 55.43
N GLU I 5 29.33 -18.32 56.46
CA GLU I 5 29.05 -18.87 57.77
C GLU I 5 29.49 -17.91 58.88
N ASP I 6 29.02 -18.18 60.09
CA ASP I 6 29.37 -17.36 61.25
C ASP I 6 30.81 -17.30 61.31
N CYS I 7 31.22 -16.07 61.40
CA CYS I 7 32.63 -15.81 61.50
C CYS I 7 33.20 -16.42 62.90
N SER I 8 34.49 -16.85 62.99
CA SER I 8 35.07 -17.25 64.30
C SER I 8 35.11 -15.92 65.13
N PRO I 9 34.35 -15.91 66.23
CA PRO I 9 34.23 -14.72 67.09
C PRO I 9 35.50 -14.00 67.20
N HIS I 10 35.48 -12.77 66.76
CA HIS I 10 36.65 -11.92 66.84
C HIS I 10 37.81 -12.26 65.95
N SER I 11 37.51 -12.96 64.88
CA SER I 11 38.52 -13.32 63.89
C SER I 11 38.88 -12.19 62.93
N GLN I 12 38.08 -11.13 62.96
CA GLN I 12 38.25 -9.93 62.11
C GLN I 12 38.17 -8.71 63.00
N PRO I 13 39.15 -8.54 63.82
CA PRO I 13 39.15 -7.38 64.74
C PRO I 13 39.11 -5.97 64.10
N TRP I 14 39.27 -5.88 62.79
CA TRP I 14 39.30 -4.58 62.15
C TRP I 14 37.86 -4.23 61.71
N GLN I 15 36.96 -5.17 61.85
CA GLN I 15 35.63 -4.94 61.43
C GLN I 15 34.97 -3.91 62.26
N ALA I 16 34.38 -2.90 61.60
CA ALA I 16 33.61 -1.78 62.24
C ALA I 16 32.17 -1.83 61.81
N ALA I 17 31.27 -1.80 62.74
CA ALA I 17 29.88 -1.81 62.38
C ALA I 17 29.33 -0.31 62.44
N LEU I 18 28.49 0.08 61.48
CA LEU I 18 27.95 1.39 61.47
C LEU I 18 26.45 1.25 61.71
N VAL I 19 25.98 1.77 62.85
CA VAL I 19 24.53 1.72 63.17
C VAL I 19 23.90 3.10 63.24
N MET I 20 22.62 3.15 62.84
CA MET I 20 21.84 4.36 62.77
C MET I 20 20.92 4.31 63.90
N GLU I 21 19.73 4.88 63.74
CA GLU I 21 18.79 4.93 64.83
C GLU I 21 18.95 3.71 65.72
N ASN I 22 18.79 2.50 65.18
CA ASN I 22 18.97 1.34 66.05
C ASN I 22 19.30 0.17 65.19
N GLU I 23 19.78 0.43 63.97
CA GLU I 23 20.05 -0.71 63.12
C GLU I 23 21.35 -0.54 62.36
N LEU I 24 21.89 -1.65 61.88
CA LEU I 24 23.12 -1.63 61.15
C LEU I 24 22.85 -1.31 59.69
N PHE I 25 23.64 -0.43 59.10
CA PHE I 25 23.42 -0.08 57.68
C PHE I 25 24.72 -0.20 56.82
N CYS I 26 25.88 -0.40 57.45
CA CYS I 26 27.14 -0.57 56.70
C CYS I 26 28.19 -1.04 57.66
N SER I 27 29.41 -1.14 57.19
CA SER I 27 30.51 -1.61 57.97
C SER I 27 31.68 -0.74 57.62
N GLY I 28 32.81 -0.89 58.32
CA GLY I 28 34.00 -0.08 58.01
C GLY I 28 35.26 -0.87 58.39
N VAL I 29 36.43 -0.37 58.12
CA VAL I 29 37.56 -1.13 58.50
C VAL I 29 38.45 -0.20 59.27
N LEU I 30 38.86 -0.64 60.46
CA LEU I 30 39.77 0.15 61.32
C LEU I 30 41.12 0.12 60.69
N VAL I 31 41.50 1.18 60.02
CA VAL I 31 42.78 1.13 59.34
C VAL I 31 43.82 1.89 60.14
N HIS I 32 43.41 2.36 61.32
CA HIS I 32 44.25 3.17 62.17
C HIS I 32 43.46 3.36 63.46
N PRO I 33 44.18 3.61 64.54
CA PRO I 33 43.54 3.79 65.84
C PRO I 33 42.42 4.80 65.90
N GLN I 34 42.58 5.89 65.14
CA GLN I 34 41.53 6.90 65.11
C GLN I 34 40.80 7.12 63.75
N TRP I 35 40.88 6.09 62.90
CA TRP I 35 40.29 6.20 61.58
C TRP I 35 39.62 4.92 61.12
N VAL I 36 38.37 5.06 60.65
CA VAL I 36 37.65 3.94 60.12
C VAL I 36 37.42 4.17 58.59
N LEU I 37 37.87 3.20 57.75
CA LEU I 37 37.74 3.25 56.30
C LEU I 37 36.44 2.66 55.98
N SER I 38 35.79 3.25 54.99
CA SER I 38 34.46 2.77 54.61
C SER I 38 34.03 3.20 53.24
N ALA I 39 32.80 2.81 52.83
CA ALA I 39 32.34 3.18 51.51
C ALA I 39 31.78 4.55 51.53
N ALA I 40 32.23 5.40 50.62
CA ALA I 40 31.65 6.76 50.50
C ALA I 40 30.15 6.76 50.48
N HIS I 41 29.55 5.74 49.91
CA HIS I 41 28.10 5.77 49.92
C HIS I 41 27.47 5.43 51.25
N CYS I 42 28.21 5.57 52.32
CA CYS I 42 27.72 5.22 53.65
C CYS I 42 27.80 6.41 54.55
N PHE I 43 28.26 7.52 53.95
CA PHE I 43 28.40 8.80 54.62
C PHE I 43 27.18 9.21 55.40
N GLN I 44 27.45 9.76 56.57
CA GLN I 44 26.42 10.31 57.47
C GLN I 44 26.99 11.55 58.13
N ASN I 45 26.15 12.25 58.90
CA ASN I 45 26.66 13.48 59.56
C ASN I 45 27.33 13.08 60.84
N SER I 46 26.86 11.98 61.39
CA SER I 46 27.49 11.50 62.59
C SER I 46 27.25 9.98 62.57
N TYR I 47 28.27 9.24 63.00
CA TYR I 47 28.15 7.76 63.01
C TYR I 47 28.28 7.25 64.43
N THR I 48 27.77 6.05 64.62
CA THR I 48 27.89 5.36 65.89
C THR I 48 28.61 4.04 65.54
N ILE I 49 29.91 4.06 65.50
CA ILE I 49 30.70 2.90 65.15
C ILE I 49 30.89 1.90 66.31
N GLY I 50 30.69 0.61 66.00
CA GLY I 50 30.86 -0.42 66.99
C GLY I 50 32.09 -1.26 66.67
N LEU I 51 33.09 -1.27 67.56
CA LEU I 51 34.29 -2.06 67.39
C LEU I 51 34.29 -3.28 68.27
N GLY I 52 35.07 -4.29 67.90
CA GLY I 52 35.23 -5.48 68.70
C GLY I 52 33.95 -6.26 68.80
N LEU I 53 32.98 -6.04 67.93
CA LEU I 53 31.74 -6.83 67.98
C LEU I 53 31.75 -8.17 67.24
N HIS I 54 30.68 -8.91 67.41
CA HIS I 54 30.51 -10.20 66.75
C HIS I 54 29.02 -10.30 66.62
N SER I 55 28.29 -9.92 67.65
CA SER I 55 26.88 -9.89 67.51
C SER I 55 26.60 -8.38 67.64
N LEU I 56 25.48 -7.94 67.10
CA LEU I 56 25.14 -6.53 67.14
C LEU I 56 24.82 -6.03 68.55
N GLU I 57 24.47 -6.98 69.40
CA GLU I 57 24.17 -6.77 70.82
C GLU I 57 25.41 -6.32 71.54
N ALA I 58 25.78 -5.08 71.40
CA ALA I 58 26.99 -4.52 72.03
C ALA I 58 27.22 -4.95 73.49
N ASP I 59 26.17 -4.92 74.30
CA ASP I 59 26.26 -5.28 75.75
C ASP I 59 26.19 -6.81 75.91
N GLN I 60 26.94 -7.55 75.11
CA GLN I 60 26.94 -9.02 75.16
C GLN I 60 28.31 -9.35 74.62
N GLU I 61 29.11 -8.32 74.28
CA GLU I 61 30.42 -8.57 73.74
C GLU I 61 31.39 -7.78 74.56
N PRO I 62 32.30 -8.47 75.24
CA PRO I 62 33.33 -7.91 76.10
C PRO I 62 34.11 -6.75 75.57
N GLY I 63 35.26 -7.03 75.02
CA GLY I 63 36.10 -5.93 74.57
C GLY I 63 35.49 -4.97 73.61
N SER I 64 34.19 -5.11 73.34
CA SER I 64 33.51 -4.20 72.43
C SER I 64 33.49 -2.73 72.88
N GLN I 65 33.51 -1.81 71.91
CA GLN I 65 33.48 -0.36 72.21
C GLN I 65 32.62 0.40 71.18
N MET I 66 31.51 0.95 71.64
CA MET I 66 30.67 1.72 70.78
C MET I 66 31.14 3.17 70.76
N VAL I 67 32.20 3.49 70.03
CA VAL I 67 32.63 4.87 69.93
C VAL I 67 31.71 5.72 69.03
N GLU I 68 32.06 7.01 68.93
CA GLU I 68 31.30 7.98 68.11
C GLU I 68 32.23 8.83 67.28
N ALA I 69 31.66 9.32 66.20
CA ALA I 69 32.45 10.19 65.28
C ALA I 69 31.53 11.05 64.43
N SER I 70 32.12 12.10 63.90
CA SER I 70 31.31 12.95 63.02
C SER I 70 32.13 13.51 61.85
N LEU I 71 33.45 13.56 61.99
CA LEU I 71 34.22 14.06 60.87
C LEU I 71 34.47 12.95 59.83
N SER I 72 33.85 13.05 58.65
CA SER I 72 34.05 12.03 57.56
C SER I 72 34.61 12.70 56.33
N VAL I 73 35.49 12.06 55.64
CA VAL I 73 36.01 12.66 54.46
C VAL I 73 35.75 11.70 53.28
N ARG I 74 34.81 12.03 52.39
CA ARG I 74 34.54 11.20 51.21
C ARG I 74 35.62 11.49 50.20
N HIS I 75 35.91 10.57 49.33
CA HIS I 75 36.92 10.93 48.34
C HIS I 75 36.45 12.04 47.35
N PRO I 76 37.30 12.98 47.08
CA PRO I 76 37.00 14.07 46.16
C PRO I 76 36.18 13.62 44.90
N GLU I 77 36.61 12.54 44.15
CA GLU I 77 35.96 12.02 42.98
C GLU I 77 34.90 11.01 43.18
N TYR I 78 34.43 10.87 44.37
CA TYR I 78 33.42 9.86 44.54
C TYR I 78 32.27 10.08 43.59
N ASN I 79 31.67 8.99 43.11
CA ASN I 79 30.53 9.02 42.16
C ASN I 79 30.74 9.72 40.80
N ARG I 80 31.98 9.94 40.44
CA ARG I 80 32.27 10.56 39.21
C ARG I 80 33.40 9.78 38.69
N PRO I 81 33.15 8.80 37.78
CA PRO I 81 31.87 8.42 37.16
C PRO I 81 30.97 7.78 38.09
N LEU I 82 29.75 7.61 37.64
CA LEU I 82 28.71 7.07 38.45
C LEU I 82 29.24 5.85 39.19
N LEU I 83 29.09 5.87 40.50
CA LEU I 83 29.49 4.76 41.33
C LEU I 83 30.99 4.61 41.65
N ALA I 84 31.86 5.29 40.94
CA ALA I 84 33.29 5.16 41.21
C ALA I 84 33.87 5.80 42.47
N ASN I 85 35.15 5.52 42.71
CA ASN I 85 35.82 6.04 43.89
C ASN I 85 34.97 5.96 45.17
N ASP I 86 34.33 4.81 45.44
CA ASP I 86 33.44 4.66 46.57
C ASP I 86 34.17 4.44 47.90
N LEU I 87 35.10 5.30 48.30
CA LEU I 87 35.70 5.10 49.63
C LEU I 87 35.57 6.40 50.48
N MET I 88 35.52 6.23 51.80
CA MET I 88 35.47 7.37 52.73
C MET I 88 36.19 7.08 54.10
N LEU I 89 37.01 8.02 54.58
CA LEU I 89 37.64 7.88 55.86
C LEU I 89 36.78 8.61 56.94
N ILE I 90 36.45 7.90 58.03
CA ILE I 90 35.72 8.48 59.19
C ILE I 90 36.74 8.63 60.33
N LYS I 91 36.91 9.86 60.86
CA LYS I 91 37.79 10.13 61.98
C LYS I 91 36.99 10.00 63.23
N LEU I 92 37.44 9.09 64.08
CA LEU I 92 36.76 8.82 65.37
C LEU I 92 37.03 9.96 66.39
N ASP I 93 36.02 10.26 67.24
CA ASP I 93 36.17 11.34 68.19
C ASP I 93 37.39 11.06 69.05
N GLU I 94 37.31 9.96 69.75
CA GLU I 94 38.38 9.56 70.62
C GLU I 94 39.06 8.32 70.03
N SER I 95 40.36 8.43 69.79
CA SER I 95 41.18 7.30 69.32
C SER I 95 40.99 6.02 70.19
N VAL I 96 40.89 4.83 69.60
CA VAL I 96 40.68 3.59 70.40
C VAL I 96 41.97 2.90 70.70
N SER I 97 41.93 2.01 71.67
CA SER I 97 43.12 1.29 72.07
C SER I 97 43.01 -0.13 71.57
N GLU I 98 43.95 -0.47 70.69
CA GLU I 98 43.99 -1.81 70.04
C GLU I 98 43.91 -2.91 71.08
N SER I 99 42.76 -3.50 71.27
CA SER I 99 42.64 -4.54 72.21
C SER I 99 42.84 -5.93 71.56
N ASP I 100 42.38 -6.91 72.32
CA ASP I 100 42.47 -8.31 71.94
C ASP I 100 41.47 -8.56 70.82
N THR I 101 40.27 -7.98 70.93
CA THR I 101 39.28 -8.18 69.93
C THR I 101 39.11 -6.98 69.01
N ILE I 102 39.99 -6.01 69.12
CA ILE I 102 39.84 -4.82 68.29
C ILE I 102 41.20 -4.40 67.75
N ARG I 103 41.59 -4.80 66.54
CA ARG I 103 42.91 -4.41 66.07
C ARG I 103 42.71 -3.80 64.69
N SER I 104 43.61 -2.93 64.29
CA SER I 104 43.47 -2.33 62.99
C SER I 104 44.18 -3.19 61.91
N ILE I 105 43.84 -3.04 60.61
CA ILE I 105 44.49 -3.82 59.58
C ILE I 105 45.11 -2.95 58.54
N SER I 106 46.11 -3.42 57.79
CA SER I 106 46.73 -2.54 56.82
C SER I 106 46.20 -2.78 55.41
N ILE I 107 46.29 -1.72 54.63
CA ILE I 107 45.74 -1.72 53.30
C ILE I 107 46.72 -2.22 52.33
N ALA I 108 46.34 -3.15 51.50
CA ALA I 108 47.22 -3.66 50.48
C ALA I 108 47.82 -2.57 49.57
N SER I 109 49.09 -2.64 49.26
CA SER I 109 49.63 -1.62 48.41
C SER I 109 49.70 -2.14 46.96
N GLN I 110 49.63 -3.45 46.82
CA GLN I 110 49.65 -4.10 45.51
C GLN I 110 48.14 -4.32 45.00
N CYS I 111 47.86 -4.25 43.69
CA CYS I 111 46.47 -4.58 43.27
C CYS I 111 46.07 -6.10 43.05
N PRO I 112 44.77 -6.34 43.31
CA PRO I 112 44.17 -7.68 43.26
C PRO I 112 44.73 -8.55 42.18
N THR I 113 44.90 -9.85 42.41
CA THR I 113 45.41 -10.72 41.36
C THR I 113 44.28 -11.69 41.05
N ALA I 114 44.02 -11.82 39.75
CA ALA I 114 42.94 -12.68 39.37
C ALA I 114 43.02 -14.14 39.91
N GLY I 115 41.89 -14.70 40.30
CA GLY I 115 41.99 -16.05 40.76
C GLY I 115 42.26 -16.20 42.25
N ASN I 116 42.94 -15.19 42.79
CA ASN I 116 43.28 -15.18 44.20
C ASN I 116 42.07 -15.27 45.08
N SER I 117 42.13 -16.08 46.12
CA SER I 117 40.93 -16.23 46.94
C SER I 117 41.02 -15.34 48.15
N CYS I 118 39.97 -14.53 48.41
CA CYS I 118 39.90 -13.59 49.47
C CYS I 118 38.73 -13.83 50.33
N LEU I 119 38.63 -13.07 51.45
CA LEU I 119 37.54 -13.24 52.36
C LEU I 119 36.88 -11.94 52.55
N VAL I 120 35.58 -11.99 52.76
CA VAL I 120 34.83 -10.74 53.00
C VAL I 120 33.87 -11.10 54.14
N SER I 121 33.52 -10.11 54.96
CA SER I 121 32.69 -10.36 56.11
C SER I 121 31.75 -9.19 56.32
N GLY I 122 30.61 -9.46 56.99
CA GLY I 122 29.65 -8.42 57.28
C GLY I 122 28.34 -8.91 57.82
N TRP I 123 27.49 -7.99 58.19
CA TRP I 123 26.20 -8.36 58.77
C TRP I 123 25.06 -8.16 57.79
N GLY I 124 25.38 -8.07 56.51
CA GLY I 124 24.39 -7.82 55.49
C GLY I 124 23.48 -9.00 55.32
N LEU I 125 22.47 -8.84 54.45
CA LEU I 125 21.48 -9.89 54.16
C LEU I 125 22.11 -11.24 53.80
N LEU I 126 21.43 -12.31 54.17
CA LEU I 126 21.87 -13.67 53.91
C LEU I 126 21.16 -14.23 52.69
N ALA I 127 21.57 -15.44 52.28
CA ALA I 127 20.97 -16.13 51.13
C ALA I 127 19.41 -16.21 51.24
N ASN I 128 18.91 -16.24 52.48
CA ASN I 128 17.48 -16.29 52.77
C ASN I 128 16.83 -14.89 52.83
N GLY I 129 17.58 -13.87 52.48
CA GLY I 129 17.05 -12.52 52.52
C GLY I 129 16.87 -12.05 53.94
N ARG I 130 17.54 -12.72 54.85
CA ARG I 130 17.42 -12.38 56.25
C ARG I 130 18.72 -11.85 56.82
N MET I 131 18.61 -11.00 57.83
CA MET I 131 19.78 -10.44 58.46
C MET I 131 20.32 -11.43 59.48
N PRO I 132 21.64 -11.64 59.51
CA PRO I 132 22.26 -12.58 60.45
C PRO I 132 22.37 -12.04 61.88
N THR I 133 22.60 -12.92 62.86
CA THR I 133 22.72 -12.47 64.23
C THR I 133 24.17 -12.19 64.53
N VAL I 134 25.08 -12.87 63.81
CA VAL I 134 26.51 -12.62 64.04
C VAL I 134 27.24 -12.28 62.77
N LEU I 135 28.47 -11.78 62.86
CA LEU I 135 29.25 -11.37 61.69
C LEU I 135 29.48 -12.58 60.79
N GLN I 136 29.21 -12.42 59.49
CA GLN I 136 29.34 -13.50 58.53
C GLN I 136 30.65 -13.45 57.78
N CYS I 137 31.09 -14.63 57.39
CA CYS I 137 32.34 -14.75 56.67
C CYS I 137 32.26 -15.64 55.44
N VAL I 138 32.87 -15.21 54.30
CA VAL I 138 32.82 -16.03 53.08
C VAL I 138 34.00 -15.79 52.19
N ASN I 139 34.29 -16.76 51.35
CA ASN I 139 35.42 -16.58 50.46
C ASN I 139 35.02 -16.38 49.01
N VAL I 140 35.70 -15.43 48.35
CA VAL I 140 35.36 -15.18 46.94
C VAL I 140 36.63 -14.92 46.26
N SER I 141 36.78 -15.30 45.01
CA SER I 141 38.06 -15.08 44.37
C SER I 141 38.03 -13.90 43.42
N VAL I 142 39.21 -13.28 43.28
CA VAL I 142 39.31 -12.15 42.44
C VAL I 142 39.01 -12.60 41.00
N VAL I 143 38.22 -11.82 40.27
CA VAL I 143 37.88 -12.11 38.88
C VAL I 143 38.75 -11.23 37.95
N SER I 144 39.05 -11.69 36.73
CA SER I 144 39.99 -10.90 35.93
C SER I 144 39.49 -9.57 35.50
N GLU I 145 40.42 -8.67 35.24
CA GLU I 145 40.00 -7.35 34.83
C GLU I 145 39.16 -7.38 33.61
N GLU I 146 39.56 -8.19 32.65
CA GLU I 146 38.78 -8.28 31.46
C GLU I 146 37.36 -8.66 31.73
N VAL I 147 37.17 -9.80 32.29
CA VAL I 147 35.79 -10.14 32.54
C VAL I 147 35.04 -9.07 33.28
N CYS I 148 35.65 -8.50 34.27
CA CYS I 148 35.03 -7.42 35.11
C CYS I 148 34.54 -6.24 34.28
N SER I 149 35.53 -5.68 33.56
CA SER I 149 35.20 -4.51 32.81
C SER I 149 34.16 -4.79 31.74
N LYS I 150 34.16 -5.99 31.15
CA LYS I 150 33.18 -6.22 30.15
C LYS I 150 31.89 -6.48 30.83
N LEU I 151 31.91 -7.24 31.87
CA LEU I 151 30.63 -7.50 32.50
C LEU I 151 29.96 -6.25 33.06
N TYR I 152 30.72 -5.20 33.33
CA TYR I 152 30.13 -4.07 34.03
C TYR I 152 30.29 -2.82 33.27
N ASP I 153 30.75 -2.96 32.03
CA ASP I 153 30.81 -1.83 31.11
C ASP I 153 29.35 -1.22 31.07
N PRO I 154 29.19 0.10 31.02
CA PRO I 154 30.22 1.12 31.02
C PRO I 154 30.40 1.67 32.41
N LEU I 155 29.77 1.08 33.40
CA LEU I 155 29.97 1.53 34.75
C LEU I 155 31.32 1.12 35.35
N TYR I 156 32.05 0.20 34.79
CA TYR I 156 33.32 -0.19 35.43
C TYR I 156 34.39 0.87 35.38
N HIS I 157 35.08 1.07 36.48
CA HIS I 157 36.15 2.08 36.53
C HIS I 157 37.39 1.46 37.25
N PRO I 158 38.53 2.05 37.01
CA PRO I 158 39.71 1.49 37.66
C PRO I 158 39.66 1.53 39.14
N SER I 159 38.69 2.18 39.71
CA SER I 159 38.73 2.31 41.13
C SER I 159 37.91 1.22 41.66
N MET I 160 37.70 0.18 40.86
CA MET I 160 36.89 -0.93 41.37
C MET I 160 37.41 -2.28 40.86
N PHE I 161 36.98 -3.40 41.48
CA PHE I 161 37.35 -4.71 41.04
C PHE I 161 36.34 -5.70 41.49
N CYS I 162 36.40 -6.89 40.82
CA CYS I 162 35.32 -7.92 40.93
C CYS I 162 35.96 -9.01 41.66
N ALA I 163 35.06 -9.69 42.38
CA ALA I 163 35.43 -10.84 43.14
C ALA I 163 34.21 -11.71 43.33
N GLY I 164 34.41 -13.01 43.18
CA GLY I 164 33.29 -13.94 43.36
C GLY I 164 32.58 -14.20 42.04
N GLY I 165 31.26 -14.34 42.08
CA GLY I 165 30.55 -14.55 40.83
C GLY I 165 30.64 -16.02 40.38
N GLY I 166 31.17 -16.83 41.29
CA GLY I 166 31.32 -18.22 41.00
C GLY I 166 29.97 -18.94 41.06
N GLN I 167 30.05 -20.22 40.71
CA GLN I 167 28.88 -21.05 40.64
C GLN I 167 28.42 -21.33 42.07
N ASP I 168 29.35 -21.28 43.02
CA ASP I 168 28.93 -21.53 44.40
C ASP I 168 28.01 -20.48 45.00
N GLN I 169 27.73 -19.48 44.23
CA GLN I 169 26.89 -18.41 44.68
C GLN I 169 27.31 -17.74 45.99
N LYS I 170 28.61 -17.60 46.20
CA LYS I 170 29.10 -16.95 47.39
C LYS I 170 29.31 -15.44 47.01
N ASP I 171 28.79 -14.49 47.82
CA ASP I 171 28.97 -13.08 47.53
C ASP I 171 28.54 -12.20 48.66
N SER I 172 28.78 -10.89 48.59
CA SER I 172 28.31 -10.00 49.62
C SER I 172 26.92 -9.64 49.19
N CYS I 173 26.34 -8.78 49.96
CA CYS I 173 25.02 -8.31 49.67
C CYS I 173 24.70 -6.98 50.46
N ASN I 174 23.45 -6.52 50.33
CA ASN I 174 22.95 -5.35 51.00
C ASN I 174 23.20 -5.42 52.48
N GLY I 175 23.81 -4.35 53.01
CA GLY I 175 24.15 -4.33 54.44
C GLY I 175 25.61 -4.65 54.68
N ASP I 176 26.35 -4.99 53.64
CA ASP I 176 27.72 -5.31 53.77
C ASP I 176 28.55 -4.21 53.23
N SER I 177 27.88 -3.16 52.73
CA SER I 177 28.61 -2.06 52.08
C SER I 177 29.68 -1.57 53.02
N GLY I 178 30.84 -1.28 52.47
CA GLY I 178 31.93 -0.74 53.28
C GLY I 178 32.66 -1.81 54.00
N GLY I 179 32.16 -3.04 53.92
CA GLY I 179 32.80 -4.19 54.56
C GLY I 179 34.15 -4.45 53.92
N PRO I 180 34.98 -5.21 54.64
CA PRO I 180 36.35 -5.56 54.19
C PRO I 180 36.47 -6.78 53.26
N LEU I 181 37.44 -6.70 52.39
CA LEU I 181 37.75 -7.80 51.54
C LEU I 181 39.28 -7.99 51.74
N ILE I 182 39.64 -9.05 52.49
CA ILE I 182 41.05 -9.32 52.84
C ILE I 182 41.64 -10.27 51.91
N CYS I 183 42.83 -9.95 51.45
CA CYS I 183 43.47 -10.92 50.53
C CYS I 183 44.89 -11.01 51.05
N ASN I 184 45.20 -12.26 51.61
CA ASN I 184 46.54 -12.63 52.18
C ASN I 184 46.83 -11.67 53.31
N GLY I 185 45.82 -11.50 54.18
CA GLY I 185 45.95 -10.64 55.32
C GLY I 185 46.04 -9.16 55.09
N TYR I 186 45.78 -8.70 53.88
CA TYR I 186 45.74 -7.25 53.68
C TYR I 186 44.33 -6.86 53.33
N LEU I 187 44.01 -5.60 53.60
CA LEU I 187 42.68 -5.05 53.29
C LEU I 187 42.86 -4.74 51.84
N GLN I 188 42.17 -5.51 50.98
CA GLN I 188 42.27 -5.36 49.50
C GLN I 188 41.13 -4.48 48.97
N GLY I 189 39.94 -4.63 49.55
CA GLY I 189 38.85 -3.78 49.13
C GLY I 189 37.67 -3.56 50.08
N LEU I 190 36.68 -2.82 49.60
CA LEU I 190 35.50 -2.56 50.39
C LEU I 190 34.29 -2.97 49.61
N VAL I 191 33.33 -3.52 50.30
CA VAL I 191 32.11 -3.90 49.64
C VAL I 191 31.49 -2.62 49.08
N SER I 192 31.37 -2.46 47.76
CA SER I 192 30.80 -1.28 47.09
C SER I 192 29.43 -1.53 46.49
N PHE I 193 29.32 -2.29 45.40
CA PHE I 193 28.00 -2.56 44.82
C PHE I 193 28.06 -3.85 43.98
N GLY I 194 26.93 -4.21 43.40
CA GLY I 194 26.83 -5.34 42.50
C GLY I 194 25.38 -5.52 42.03
N LYS I 195 25.16 -6.28 40.96
CA LYS I 195 23.81 -6.56 40.46
C LYS I 195 22.93 -7.30 41.50
N ALA I 196 21.61 -7.17 41.32
CA ALA I 196 20.68 -7.82 42.27
C ALA I 196 19.82 -8.68 41.48
N PRO I 197 19.36 -9.79 42.03
CA PRO I 197 19.70 -10.14 43.39
C PRO I 197 21.15 -10.51 43.53
N CYS I 198 21.50 -10.68 44.79
CA CYS I 198 22.85 -11.13 45.07
C CYS I 198 23.21 -12.67 44.86
N GLY I 199 24.49 -12.97 44.75
CA GLY I 199 24.80 -14.35 44.57
C GLY I 199 24.40 -15.03 43.23
N GLN I 200 24.35 -14.22 42.15
CA GLN I 200 24.04 -14.79 40.85
C GLN I 200 25.28 -15.37 40.24
N VAL I 201 25.07 -16.51 39.57
CA VAL I 201 26.18 -17.17 38.93
C VAL I 201 26.72 -16.28 37.81
N GLY I 202 28.01 -16.08 37.71
CA GLY I 202 28.49 -15.29 36.62
C GLY I 202 28.38 -13.81 36.79
N VAL I 203 27.94 -13.43 37.94
CA VAL I 203 27.82 -11.99 38.20
C VAL I 203 28.57 -11.65 39.46
N PRO I 204 29.83 -11.35 39.35
CA PRO I 204 30.61 -11.04 40.53
C PRO I 204 30.19 -9.73 41.20
N GLY I 205 30.63 -9.50 42.42
CA GLY I 205 30.34 -8.25 43.08
C GLY I 205 31.49 -7.26 42.83
N VAL I 206 31.21 -5.95 43.04
CA VAL I 206 32.24 -4.91 42.84
C VAL I 206 32.74 -4.41 44.24
N TYR I 207 34.04 -4.10 44.29
CA TYR I 207 34.66 -3.68 45.55
C TYR I 207 35.55 -2.54 45.22
N THR I 208 35.67 -1.61 46.15
CA THR I 208 36.55 -0.44 45.93
C THR I 208 38.03 -0.89 45.82
N ASN I 209 38.74 -0.49 44.80
CA ASN I 209 40.10 -0.95 44.60
C ASN I 209 41.09 -0.13 45.36
N LEU I 210 41.18 -0.45 46.66
CA LEU I 210 42.03 0.30 47.60
C LEU I 210 43.46 0.46 47.19
N CYS I 211 44.03 -0.49 46.52
CA CYS I 211 45.39 -0.28 46.10
C CYS I 211 45.58 0.96 45.29
N LYS I 212 44.47 1.54 44.93
CA LYS I 212 44.58 2.71 44.09
C LYS I 212 44.53 4.03 44.88
N PHE I 213 44.16 3.98 46.15
CA PHE I 213 44.01 5.20 46.93
C PHE I 213 44.97 5.26 48.16
N THR I 214 46.05 4.51 48.08
CA THR I 214 46.98 4.54 49.20
C THR I 214 47.43 5.97 49.51
N GLU I 215 48.02 6.64 48.53
CA GLU I 215 48.43 8.02 48.76
C GLU I 215 47.29 8.89 49.38
N TRP I 216 46.09 8.83 48.85
CA TRP I 216 45.05 9.59 49.44
C TRP I 216 44.77 9.15 50.85
N ILE I 217 44.59 7.87 51.04
CA ILE I 217 44.28 7.41 52.39
C ILE I 217 45.33 7.92 53.37
N GLU I 218 46.58 7.96 52.92
CA GLU I 218 47.63 8.37 53.79
C GLU I 218 47.56 9.86 54.11
N LYS I 219 47.67 10.68 53.06
CA LYS I 219 47.66 12.11 53.18
C LYS I 219 46.48 12.57 54.05
N THR I 220 45.42 11.76 54.12
CA THR I 220 44.25 12.14 54.86
C THR I 220 44.40 11.76 56.30
N VAL I 221 44.62 10.48 56.55
CA VAL I 221 44.74 9.98 57.92
C VAL I 221 45.80 10.75 58.68
N GLN I 222 46.93 10.96 58.03
CA GLN I 222 48.02 11.65 58.64
C GLN I 222 47.74 13.14 58.71
N ALA I 223 48.26 13.87 57.74
CA ALA I 223 48.05 15.32 57.67
C ALA I 223 46.52 15.66 57.75
N ILE J 1 15.29 -30.28 35.92
CA ILE J 1 14.84 -30.23 34.49
C ILE J 1 13.57 -29.40 34.42
N ILE J 2 13.54 -28.43 33.52
CA ILE J 2 12.38 -27.57 33.38
C ILE J 2 11.58 -27.98 32.17
N ASN J 3 10.28 -28.25 32.39
CA ASN J 3 9.36 -28.70 31.32
C ASN J 3 9.74 -30.01 30.63
N GLY J 4 10.10 -30.99 31.43
CA GLY J 4 10.43 -32.30 30.91
C GLY J 4 9.46 -33.34 31.50
N GLU J 5 9.82 -34.62 31.48
CA GLU J 5 8.95 -35.63 32.04
C GLU J 5 9.77 -36.78 32.67
N ASP J 6 9.11 -37.62 33.47
CA ASP J 6 9.75 -38.73 34.11
C ASP J 6 10.41 -39.52 33.05
N CYS J 7 11.70 -39.79 33.18
CA CYS J 7 12.35 -40.62 32.18
C CYS J 7 11.75 -42.01 32.31
N SER J 8 12.05 -42.83 31.30
CA SER J 8 11.68 -44.25 31.29
C SER J 8 12.70 -44.89 32.27
N PRO J 9 12.17 -45.47 33.34
CA PRO J 9 12.98 -46.10 34.37
C PRO J 9 14.16 -46.78 33.79
N HIS J 10 15.33 -46.34 34.17
CA HIS J 10 16.56 -46.93 33.77
C HIS J 10 16.92 -46.77 32.34
N SER J 11 16.33 -45.74 31.70
CA SER J 11 16.66 -45.42 30.29
C SER J 11 18.03 -44.72 30.12
N GLN J 12 18.61 -44.27 31.25
CA GLN J 12 19.91 -43.57 31.27
C GLN J 12 20.76 -44.24 32.33
N PRO J 13 21.16 -45.47 32.05
CA PRO J 13 22.00 -46.20 33.01
C PRO J 13 23.37 -45.54 33.38
N TRP J 14 23.79 -44.47 32.70
CA TRP J 14 25.08 -43.85 32.98
C TRP J 14 24.88 -42.77 34.01
N GLN J 15 23.63 -42.49 34.32
CA GLN J 15 23.33 -41.42 35.27
C GLN J 15 23.79 -41.74 36.63
N ALA J 16 24.57 -40.84 37.20
CA ALA J 16 25.12 -40.95 38.58
C ALA J 16 24.56 -39.88 39.48
N ALA J 17 24.02 -40.24 40.62
CA ALA J 17 23.48 -39.21 41.51
C ALA J 17 24.56 -38.93 42.62
N LEU J 18 24.73 -37.66 42.99
CA LEU J 18 25.69 -37.28 44.01
C LEU J 18 24.90 -36.74 45.17
N VAL J 19 24.92 -37.48 46.29
CA VAL J 19 24.19 -37.03 47.50
C VAL J 19 25.14 -36.73 48.65
N MET J 20 24.73 -35.72 49.46
CA MET J 20 25.49 -35.21 50.61
C MET J 20 24.82 -35.73 51.79
N GLU J 21 24.85 -34.95 52.86
CA GLU J 21 24.27 -35.43 54.10
C GLU J 21 23.07 -36.36 53.83
N ASN J 22 22.06 -35.87 53.14
CA ASN J 22 20.95 -36.75 52.87
C ASN J 22 20.23 -36.22 51.67
N GLU J 23 20.90 -35.42 50.88
CA GLU J 23 20.19 -34.86 49.75
C GLU J 23 21.05 -34.86 48.48
N LEU J 24 20.40 -34.76 47.33
CA LEU J 24 21.05 -34.75 46.06
C LEU J 24 21.51 -33.33 45.79
N PHE J 25 22.71 -33.17 45.31
CA PHE J 25 23.21 -31.84 44.97
C PHE J 25 23.79 -31.76 43.54
N CYS J 26 23.97 -32.90 42.89
CA CYS J 26 24.46 -32.90 41.53
C CYS J 26 24.11 -34.18 40.75
N SER J 27 24.93 -34.48 39.77
CA SER J 27 24.80 -35.72 39.05
C SER J 27 26.14 -35.93 38.41
N GLY J 28 26.34 -37.11 37.78
CA GLY J 28 27.64 -37.42 37.12
C GLY J 28 27.39 -38.43 36.03
N VAL J 29 28.39 -38.75 35.25
CA VAL J 29 28.11 -39.68 34.20
C VAL J 29 29.14 -40.73 34.32
N LEU J 30 28.67 -42.00 34.36
CA LEU J 30 29.59 -43.14 34.41
C LEU J 30 30.29 -43.27 33.08
N VAL J 31 31.51 -42.84 32.98
CA VAL J 31 32.14 -42.93 31.71
C VAL J 31 33.10 -44.09 31.63
N HIS J 32 33.12 -44.86 32.69
CA HIS J 32 34.03 -45.99 32.84
C HIS J 32 33.61 -46.72 34.12
N PRO J 33 33.96 -48.00 34.22
CA PRO J 33 33.58 -48.80 35.40
C PRO J 33 33.96 -48.24 36.73
N GLN J 34 35.13 -47.61 36.77
CA GLN J 34 35.61 -46.98 38.01
C GLN J 34 35.76 -45.43 38.01
N TRP J 35 35.08 -44.77 37.09
CA TRP J 35 35.15 -43.35 36.97
C TRP J 35 33.82 -42.70 36.68
N VAL J 36 33.50 -41.67 37.46
CA VAL J 36 32.30 -40.87 37.23
C VAL J 36 32.71 -39.45 36.82
N LEU J 37 32.23 -39.01 35.64
CA LEU J 37 32.51 -37.66 35.07
C LEU J 37 31.46 -36.74 35.65
N SER J 38 31.90 -35.53 35.94
CA SER J 38 31.01 -34.56 36.51
C SER J 38 31.48 -33.15 36.43
N ALA J 39 30.69 -32.24 36.99
CA ALA J 39 31.07 -30.83 36.91
C ALA J 39 32.06 -30.47 38.00
N ALA J 40 33.18 -29.91 37.63
CA ALA J 40 34.15 -29.46 38.59
C ALA J 40 33.50 -28.65 39.75
N HIS J 41 32.47 -27.87 39.48
CA HIS J 41 31.93 -27.16 40.59
C HIS J 41 31.10 -28.04 41.45
N CYS J 42 31.21 -29.34 41.27
CA CYS J 42 30.50 -30.29 42.14
C CYS J 42 31.45 -31.04 43.14
N PHE J 43 32.72 -30.66 43.12
CA PHE J 43 33.76 -31.25 43.90
C PHE J 43 33.47 -31.30 45.36
N GLN J 44 33.87 -32.42 45.98
CA GLN J 44 33.70 -32.65 47.42
C GLN J 44 34.93 -33.43 47.89
N ASN J 45 35.04 -33.66 49.23
CA ASN J 45 36.21 -34.41 49.71
C ASN J 45 35.85 -35.86 49.61
N SER J 46 34.56 -36.13 49.72
CA SER J 46 34.18 -37.51 49.57
C SER J 46 32.77 -37.48 49.04
N TYR J 47 32.48 -38.42 48.13
CA TYR J 47 31.12 -38.44 47.53
C TYR J 47 30.45 -39.76 47.84
N THR J 48 29.12 -39.74 47.74
CA THR J 48 28.30 -40.93 47.91
C THR J 48 27.52 -41.03 46.63
N ILE J 49 28.11 -41.66 45.63
CA ILE J 49 27.47 -41.80 44.32
C ILE J 49 26.43 -42.93 44.25
N GLY J 50 25.28 -42.64 43.68
CA GLY J 50 24.24 -43.63 43.52
C GLY J 50 24.10 -43.99 42.05
N LEU J 51 24.32 -45.24 41.71
CA LEU J 51 24.16 -45.73 40.36
C LEU J 51 22.90 -46.57 40.19
N GLY J 52 22.42 -46.70 38.96
CA GLY J 52 21.26 -47.52 38.67
C GLY J 52 20.01 -47.02 39.30
N LEU J 53 19.97 -45.77 39.74
CA LEU J 53 18.75 -45.25 40.35
C LEU J 53 17.69 -44.67 39.37
N HIS J 54 16.53 -44.33 39.92
CA HIS J 54 15.48 -43.73 39.15
C HIS J 54 14.81 -42.86 40.16
N SER J 55 14.61 -43.38 41.34
CA SER J 55 14.05 -42.53 42.37
C SER J 55 15.26 -42.42 43.34
N LEU J 56 15.29 -41.36 44.14
CA LEU J 56 16.39 -41.16 45.06
C LEU J 56 16.41 -42.22 46.17
N GLU J 57 15.24 -42.83 46.39
CA GLU J 57 15.03 -43.88 47.39
C GLU J 57 15.83 -45.10 46.99
N ALA J 58 17.13 -45.09 47.24
CA ALA J 58 18.00 -46.22 46.88
C ALA J 58 17.43 -47.63 47.20
N ASP J 59 16.84 -47.79 48.39
CA ASP J 59 16.27 -49.09 48.80
C ASP J 59 14.85 -49.27 48.22
N GLN J 60 14.68 -48.97 46.93
CA GLN J 60 13.41 -49.09 46.27
C GLN J 60 13.78 -49.33 44.83
N GLU J 61 15.07 -49.37 44.55
CA GLU J 61 15.54 -49.62 43.21
C GLU J 61 16.48 -50.80 43.21
N PRO J 62 16.11 -51.87 42.57
CA PRO J 62 16.87 -53.10 42.46
C PRO J 62 18.33 -52.98 42.14
N GLY J 63 18.68 -53.09 40.87
CA GLY J 63 20.10 -53.06 40.53
C GLY J 63 20.89 -51.86 41.01
N SER J 64 20.28 -51.01 41.82
CA SER J 64 20.96 -49.82 42.31
C SER J 64 22.16 -50.12 43.19
N GLN J 65 23.17 -49.28 43.14
CA GLN J 65 24.36 -49.42 43.95
C GLN J 65 24.88 -48.09 44.50
N MET J 66 24.80 -47.88 45.79
CA MET J 66 25.29 -46.66 46.40
C MET J 66 26.79 -46.81 46.73
N VAL J 67 27.66 -46.70 45.74
CA VAL J 67 29.09 -46.78 46.00
C VAL J 67 29.64 -45.49 46.69
N GLU J 68 30.94 -45.51 46.99
CA GLU J 68 31.64 -44.39 47.62
C GLU J 68 32.94 -44.09 46.93
N ALA J 69 33.35 -42.85 47.06
CA ALA J 69 34.60 -42.43 46.46
C ALA J 69 35.15 -41.19 47.12
N SER J 70 36.47 -40.96 46.93
CA SER J 70 37.03 -39.77 47.53
C SER J 70 38.11 -39.17 46.66
N LEU J 71 38.66 -39.92 45.74
CA LEU J 71 39.68 -39.30 44.87
C LEU J 71 39.02 -38.61 43.69
N SER J 72 39.08 -37.26 43.64
CA SER J 72 38.46 -36.48 42.52
C SER J 72 39.54 -35.68 41.86
N VAL J 73 39.48 -35.54 40.55
CA VAL J 73 40.48 -34.73 39.86
C VAL J 73 39.72 -33.64 39.05
N ARG J 74 39.78 -32.36 39.50
CA ARG J 74 39.17 -31.26 38.79
C ARG J 74 40.08 -30.91 37.68
N HIS J 75 39.57 -30.36 36.62
CA HIS J 75 40.49 -30.00 35.56
C HIS J 75 41.47 -28.81 35.97
N PRO J 76 42.72 -28.96 35.66
CA PRO J 76 43.71 -27.97 35.93
C PRO J 76 43.23 -26.55 35.75
N GLU J 77 42.59 -26.22 34.59
CA GLU J 77 42.10 -24.83 34.29
C GLU J 77 40.71 -24.53 34.73
N TYR J 78 40.14 -25.33 35.58
CA TYR J 78 38.79 -25.02 35.93
C TYR J 78 38.67 -23.60 36.45
N ASN J 79 37.56 -22.94 36.20
CA ASN J 79 37.28 -21.56 36.64
C ASN J 79 38.29 -20.45 36.18
N ARG J 80 39.10 -20.74 35.20
CA ARG J 80 40.02 -19.78 34.67
C ARG J 80 39.86 -19.98 33.18
N PRO J 81 39.07 -19.10 32.52
CA PRO J 81 38.32 -17.96 33.02
C PRO J 81 37.20 -18.36 33.83
N LEU J 82 36.64 -17.34 34.46
CA LEU J 82 35.55 -17.54 35.36
C LEU J 82 34.52 -18.49 34.75
N LEU J 83 34.22 -19.53 35.49
CA LEU J 83 33.23 -20.50 35.05
C LEU J 83 33.71 -21.56 33.96
N ALA J 84 34.86 -21.36 33.33
CA ALA J 84 35.27 -22.30 32.36
C ALA J 84 35.82 -23.67 32.80
N ASN J 85 36.01 -24.56 31.82
CA ASN J 85 36.54 -25.87 32.04
C ASN J 85 35.87 -26.52 33.24
N ASP J 86 34.57 -26.46 33.33
CA ASP J 86 33.84 -27.04 34.43
C ASP J 86 33.67 -28.57 34.40
N LEU J 87 34.73 -29.33 34.26
CA LEU J 87 34.57 -30.79 34.36
C LEU J 87 35.55 -31.42 35.43
N MET J 88 35.10 -32.55 35.96
CA MET J 88 35.89 -33.28 36.99
C MET J 88 35.66 -34.79 36.99
N LEU J 89 36.75 -35.55 37.07
CA LEU J 89 36.63 -37.02 37.11
C LEU J 89 36.70 -37.51 38.58
N ILE J 90 35.73 -38.32 38.99
CA ILE J 90 35.68 -38.88 40.33
C ILE J 90 36.01 -40.36 40.19
N LYS J 91 37.08 -40.83 40.88
CA LYS J 91 37.49 -42.29 40.84
C LYS J 91 36.79 -42.96 41.99
N LEU J 92 36.00 -43.96 41.62
CA LEU J 92 35.22 -44.73 42.61
C LEU J 92 36.14 -45.66 43.43
N ASP J 93 35.80 -45.88 44.70
CA ASP J 93 36.65 -46.72 45.53
C ASP J 93 36.74 -48.10 44.88
N GLU J 94 35.58 -48.72 44.75
CA GLU J 94 35.50 -50.03 44.17
C GLU J 94 34.84 -49.93 42.81
N SER J 95 35.54 -50.39 41.76
CA SER J 95 34.99 -50.45 40.40
C SER J 95 33.59 -51.16 40.32
N VAL J 96 32.61 -50.65 39.59
CA VAL J 96 31.30 -51.31 39.57
C VAL J 96 31.16 -52.25 38.42
N SER J 97 30.16 -53.11 38.50
CA SER J 97 29.93 -54.08 37.43
C SER J 97 28.74 -53.66 36.61
N GLU J 98 29.01 -53.37 35.33
CA GLU J 98 27.97 -52.90 34.39
C GLU J 98 26.75 -53.80 34.40
N SER J 99 25.70 -53.41 35.07
CA SER J 99 24.54 -54.24 35.12
C SER J 99 23.53 -53.86 34.06
N ASP J 100 22.33 -54.34 34.30
CA ASP J 100 21.21 -54.10 33.42
C ASP J 100 20.78 -52.65 33.51
N THR J 101 20.76 -52.12 34.73
CA THR J 101 20.35 -50.75 34.94
C THR J 101 21.53 -49.81 35.18
N ILE J 102 22.75 -50.31 35.02
CA ILE J 102 23.90 -49.47 35.28
C ILE J 102 24.94 -49.68 34.22
N ARG J 103 24.96 -48.85 33.19
CA ARG J 103 25.97 -49.07 32.16
C ARG J 103 26.72 -47.74 31.94
N SER J 104 27.96 -47.81 31.46
CA SER J 104 28.68 -46.58 31.25
C SER J 104 28.43 -46.07 29.81
N ILE J 105 28.67 -44.78 29.52
CA ILE J 105 28.44 -44.22 28.20
C ILE J 105 29.69 -43.59 27.69
N SER J 106 29.83 -43.45 26.37
CA SER J 106 31.06 -42.88 25.84
C SER J 106 30.90 -41.42 25.46
N ILE J 107 32.03 -40.76 25.51
CA ILE J 107 32.07 -39.34 25.36
C ILE J 107 32.24 -39.04 23.92
N ALA J 108 31.41 -38.12 23.39
CA ALA J 108 31.52 -37.70 22.01
C ALA J 108 32.93 -37.15 21.66
N SER J 109 33.47 -37.55 20.51
CA SER J 109 34.78 -37.04 20.16
C SER J 109 34.61 -35.86 19.18
N GLN J 110 33.44 -35.78 18.56
CA GLN J 110 33.13 -34.69 17.66
C GLN J 110 32.37 -33.54 18.44
N CYS J 111 32.28 -32.34 17.91
CA CYS J 111 31.65 -31.34 18.69
C CYS J 111 30.16 -31.17 18.45
N PRO J 112 29.51 -30.40 19.28
CA PRO J 112 28.10 -30.20 19.11
C PRO J 112 27.78 -29.56 17.75
N THR J 113 26.68 -29.93 17.11
CA THR J 113 26.31 -29.26 15.85
C THR J 113 25.03 -28.51 16.10
N ALA J 114 25.03 -27.29 15.63
CA ALA J 114 23.88 -26.42 15.88
C ALA J 114 22.59 -27.00 15.37
N GLY J 115 21.54 -26.84 16.12
CA GLY J 115 20.28 -27.35 15.66
C GLY J 115 19.96 -28.75 16.08
N ASN J 116 21.03 -29.51 16.26
CA ASN J 116 20.90 -30.88 16.69
C ASN J 116 20.15 -31.06 18.02
N SER J 117 19.26 -32.01 18.10
CA SER J 117 18.45 -32.13 19.27
C SER J 117 19.01 -33.17 20.14
N CYS J 118 19.05 -32.96 21.44
CA CYS J 118 19.68 -33.93 22.28
C CYS J 118 18.79 -34.02 23.45
N LEU J 119 19.35 -34.69 24.52
CA LEU J 119 18.60 -34.96 25.75
C LEU J 119 19.45 -34.73 26.94
N VAL J 120 18.79 -34.28 28.01
CA VAL J 120 19.51 -33.99 29.26
C VAL J 120 18.56 -34.52 30.32
N SER J 121 19.13 -35.05 31.40
CA SER J 121 18.32 -35.63 32.47
C SER J 121 18.92 -35.27 33.83
N GLY J 122 18.07 -35.28 34.86
CA GLY J 122 18.55 -34.97 36.19
C GLY J 122 17.46 -34.84 37.22
N TRP J 123 17.85 -34.69 38.48
CA TRP J 123 16.86 -34.57 39.54
C TRP J 123 16.74 -33.15 40.01
N GLY J 124 17.20 -32.21 39.22
CA GLY J 124 17.20 -30.79 39.60
C GLY J 124 15.80 -30.24 39.67
N LEU J 125 15.68 -28.98 40.10
CA LEU J 125 14.40 -28.28 40.23
C LEU J 125 13.54 -28.38 38.96
N LEU J 126 12.23 -28.41 39.16
CA LEU J 126 11.27 -28.46 38.09
C LEU J 126 10.69 -27.07 37.80
N ALA J 127 9.89 -26.98 36.74
CA ALA J 127 9.28 -25.72 36.33
C ALA J 127 8.54 -25.03 37.52
N ASN J 128 8.06 -25.85 38.45
CA ASN J 128 7.33 -25.38 39.64
C ASN J 128 8.27 -25.02 40.81
N GLY J 129 9.58 -25.05 40.55
CA GLY J 129 10.53 -24.76 41.59
C GLY J 129 10.57 -25.88 42.60
N ARG J 130 10.11 -27.06 42.22
CA ARG J 130 10.09 -28.17 43.11
C ARG J 130 10.98 -29.28 42.65
N MET J 131 11.49 -30.07 43.59
CA MET J 131 12.35 -31.19 43.25
C MET J 131 11.51 -32.38 42.87
N PRO J 132 11.88 -33.08 41.80
CA PRO J 132 11.12 -34.25 41.33
C PRO J 132 11.37 -35.50 42.16
N THR J 133 10.49 -36.49 42.03
CA THR J 133 10.70 -37.74 42.80
C THR J 133 11.50 -38.73 41.97
N VAL J 134 11.41 -38.61 40.63
CA VAL J 134 12.18 -39.48 39.76
C VAL J 134 13.03 -38.71 38.77
N LEU J 135 13.95 -39.40 38.11
CA LEU J 135 14.88 -38.76 37.17
C LEU J 135 14.12 -38.14 36.03
N GLN J 136 14.40 -36.89 35.73
CA GLN J 136 13.70 -36.17 34.67
C GLN J 136 14.47 -36.20 33.35
N CYS J 137 13.74 -36.24 32.23
CA CYS J 137 14.21 -36.23 30.79
C CYS J 137 13.69 -35.04 29.90
N VAL J 138 14.55 -34.36 29.19
CA VAL J 138 13.99 -33.31 28.35
C VAL J 138 14.87 -33.13 27.17
N ASN J 139 14.30 -32.57 26.10
CA ASN J 139 15.12 -32.38 24.91
C ASN J 139 15.43 -30.94 24.63
N VAL J 140 16.63 -30.69 24.23
CA VAL J 140 16.96 -29.32 23.96
C VAL J 140 17.88 -29.34 22.75
N SER J 141 17.90 -28.31 21.91
CA SER J 141 18.75 -28.40 20.78
C SER J 141 19.97 -27.53 20.91
N VAL J 142 21.02 -27.96 20.23
CA VAL J 142 22.22 -27.24 20.30
C VAL J 142 22.00 -25.86 19.69
N VAL J 143 22.49 -24.80 20.29
CA VAL J 143 22.38 -23.45 19.77
C VAL J 143 23.70 -23.04 19.06
N SER J 144 23.69 -22.16 18.04
CA SER J 144 24.98 -21.89 17.34
C SER J 144 25.98 -21.21 18.14
N GLU J 145 27.19 -21.42 17.79
CA GLU J 145 28.28 -20.81 18.53
C GLU J 145 28.15 -19.30 18.54
N GLU J 146 27.81 -18.67 17.41
CA GLU J 146 27.65 -17.26 17.39
C GLU J 146 26.62 -16.85 18.40
N VAL J 147 25.38 -17.32 18.27
CA VAL J 147 24.46 -16.86 19.23
C VAL J 147 24.99 -17.07 20.68
N CYS J 148 25.65 -18.20 20.79
CA CYS J 148 26.12 -18.52 22.12
C CYS J 148 27.09 -17.57 22.64
N SER J 149 28.19 -17.39 21.97
CA SER J 149 29.19 -16.52 22.49
C SER J 149 28.71 -15.03 22.67
N LYS J 150 27.78 -14.56 21.84
CA LYS J 150 27.33 -13.24 22.00
C LYS J 150 26.41 -13.19 23.16
N LEU J 151 25.51 -14.10 23.27
CA LEU J 151 24.63 -14.05 24.40
C LEU J 151 25.33 -14.16 25.74
N TYR J 152 26.55 -14.71 25.82
CA TYR J 152 27.14 -14.94 27.09
C TYR J 152 28.48 -14.29 27.19
N ASP J 153 28.81 -13.51 26.21
CA ASP J 153 30.02 -12.72 26.26
C ASP J 153 29.96 -11.89 27.64
N PRO J 154 31.07 -11.71 28.37
CA PRO J 154 32.41 -12.15 28.06
C PRO J 154 32.68 -13.40 28.80
N LEU J 155 31.66 -13.98 29.41
CA LEU J 155 31.90 -15.25 30.09
C LEU J 155 32.04 -16.47 29.19
N TYR J 156 31.61 -16.39 27.98
CA TYR J 156 31.65 -17.59 27.13
C TYR J 156 33.08 -18.04 26.78
N HIS J 157 33.28 -19.36 26.81
CA HIS J 157 34.64 -19.91 26.55
C HIS J 157 34.50 -21.10 25.68
N PRO J 158 35.54 -21.46 24.96
CA PRO J 158 35.44 -22.61 24.11
C PRO J 158 35.17 -23.93 24.84
N SER J 159 35.21 -23.91 26.17
CA SER J 159 35.04 -25.13 26.88
C SER J 159 33.63 -25.21 27.23
N MET J 160 32.78 -24.49 26.50
CA MET J 160 31.37 -24.58 26.82
C MET J 160 30.52 -24.42 25.61
N PHE J 161 29.24 -24.78 25.68
CA PHE J 161 28.30 -24.64 24.57
C PHE J 161 26.88 -24.53 25.09
N CYS J 162 26.00 -23.82 24.34
CA CYS J 162 24.60 -23.57 24.70
C CYS J 162 23.69 -24.55 24.13
N ALA J 163 22.59 -24.85 24.72
CA ALA J 163 21.62 -25.79 24.15
C ALA J 163 20.31 -25.42 24.75
N GLY J 164 19.25 -25.49 23.96
CA GLY J 164 17.94 -25.11 24.47
C GLY J 164 17.68 -23.62 24.27
N GLY J 165 16.98 -22.98 25.21
CA GLY J 165 16.74 -21.53 25.04
C GLY J 165 15.57 -21.27 24.10
N GLY J 166 14.89 -22.34 23.74
CA GLY J 166 13.78 -22.25 22.86
C GLY J 166 12.56 -21.68 23.55
N GLN J 167 11.55 -21.46 22.75
CA GLN J 167 10.30 -20.89 23.20
C GLN J 167 9.59 -21.89 24.06
N ASP J 168 9.87 -23.17 23.87
CA ASP J 168 9.19 -24.16 24.68
C ASP J 168 9.59 -24.17 26.12
N GLN J 169 10.55 -23.29 26.44
CA GLN J 169 11.05 -23.20 27.79
C GLN J 169 11.54 -24.55 28.41
N LYS J 170 12.19 -25.39 27.61
CA LYS J 170 12.73 -26.64 28.08
C LYS J 170 14.21 -26.38 28.45
N ASP J 171 14.63 -26.77 29.65
CA ASP J 171 16.03 -26.50 30.04
C ASP J 171 16.42 -27.22 31.28
N SER J 172 17.69 -27.19 31.67
CA SER J 172 18.09 -27.80 32.92
C SER J 172 17.90 -26.76 33.96
N CYS J 173 18.20 -27.18 35.18
CA CYS J 173 18.08 -26.29 36.32
C CYS J 173 18.77 -26.75 37.60
N ASN J 174 18.96 -25.80 38.53
CA ASN J 174 19.66 -26.10 39.78
C ASN J 174 19.42 -27.53 40.23
N GLY J 175 20.53 -28.22 40.50
CA GLY J 175 20.42 -29.59 40.94
C GLY J 175 20.70 -30.52 39.83
N ASP J 176 20.92 -30.00 38.62
CA ASP J 176 21.19 -30.86 37.47
C ASP J 176 22.61 -30.74 37.10
N SER J 177 23.34 -29.91 37.85
CA SER J 177 24.74 -29.67 37.51
C SER J 177 25.44 -31.00 37.37
N GLY J 178 26.33 -31.09 36.40
CA GLY J 178 27.08 -32.33 36.22
C GLY J 178 26.31 -33.39 35.51
N GLY J 179 25.00 -33.13 35.28
CA GLY J 179 24.15 -34.04 34.54
C GLY J 179 24.65 -34.19 33.09
N PRO J 180 24.18 -35.24 32.44
CA PRO J 180 24.54 -35.54 31.06
C PRO J 180 23.69 -34.85 30.00
N LEU J 181 24.35 -34.59 28.88
CA LEU J 181 23.63 -34.10 27.70
C LEU J 181 24.07 -35.04 26.58
N ILE J 182 23.16 -35.92 26.19
CA ILE J 182 23.44 -36.90 25.16
C ILE J 182 23.00 -36.46 23.82
N CYS J 183 23.86 -36.67 22.88
CA CYS J 183 23.44 -36.44 21.51
C CYS J 183 23.80 -37.66 20.65
N ASN J 184 22.76 -38.20 20.07
CA ASN J 184 22.95 -39.32 19.16
C ASN J 184 23.73 -40.37 19.91
N GLY J 185 23.26 -40.61 21.13
CA GLY J 185 23.88 -41.61 21.97
C GLY J 185 25.27 -41.37 22.48
N TYR J 186 25.80 -40.19 22.33
CA TYR J 186 27.08 -39.94 22.92
C TYR J 186 26.90 -38.90 24.03
N LEU J 187 27.84 -38.91 24.99
CA LEU J 187 27.86 -37.96 26.08
C LEU J 187 28.49 -36.76 25.43
N GLN J 188 27.68 -35.71 25.22
CA GLN J 188 28.12 -34.47 24.53
C GLN J 188 28.57 -33.41 25.54
N GLY J 189 27.80 -33.29 26.63
CA GLY J 189 28.14 -32.33 27.63
C GLY J 189 27.65 -32.58 29.07
N LEU J 190 28.01 -31.65 29.96
CA LEU J 190 27.58 -31.71 31.33
C LEU J 190 26.87 -30.45 31.68
N VAL J 191 25.79 -30.57 32.41
CA VAL J 191 25.03 -29.40 32.89
C VAL J 191 26.01 -28.54 33.72
N SER J 192 26.38 -27.34 33.26
CA SER J 192 27.32 -26.42 33.92
C SER J 192 26.66 -25.26 34.55
N PHE J 193 26.12 -24.32 33.80
CA PHE J 193 25.46 -23.16 34.38
C PHE J 193 24.51 -22.54 33.36
N GLY J 194 23.86 -21.45 33.78
CA GLY J 194 22.97 -20.68 32.91
C GLY J 194 22.30 -19.56 33.69
N LYS J 195 21.72 -18.57 32.99
CA LYS J 195 21.02 -17.48 33.68
C LYS J 195 19.79 -17.97 34.48
N ALA J 196 19.37 -17.14 35.44
CA ALA J 196 18.24 -17.52 36.28
C ALA J 196 17.26 -16.42 36.16
N PRO J 197 15.98 -16.73 36.25
CA PRO J 197 15.52 -18.11 36.45
C PRO J 197 15.81 -19.02 35.21
N CYS J 198 15.59 -20.30 35.42
CA CYS J 198 15.74 -21.31 34.41
C CYS J 198 14.58 -21.20 33.41
N GLY J 199 14.77 -21.84 32.24
CA GLY J 199 13.73 -21.88 31.21
C GLY J 199 13.26 -20.56 30.57
N GLN J 200 14.14 -19.55 30.48
CA GLN J 200 13.78 -18.35 29.86
C GLN J 200 13.91 -18.43 28.39
N VAL J 201 12.95 -17.80 27.71
CA VAL J 201 12.97 -17.83 26.24
C VAL J 201 14.18 -17.07 25.75
N GLY J 202 14.91 -17.62 24.81
CA GLY J 202 16.01 -16.88 24.31
C GLY J 202 17.23 -16.90 25.17
N VAL J 203 17.17 -17.69 26.20
CA VAL J 203 18.34 -17.79 27.07
C VAL J 203 18.69 -19.26 27.24
N PRO J 204 19.56 -19.77 26.40
CA PRO J 204 19.94 -21.17 26.49
C PRO J 204 20.82 -21.45 27.71
N GLY J 205 20.93 -22.73 28.10
CA GLY J 205 21.77 -23.11 29.19
C GLY J 205 23.19 -23.42 28.69
N VAL J 206 24.20 -23.34 29.55
CA VAL J 206 25.60 -23.65 29.18
C VAL J 206 26.01 -25.07 29.68
N TYR J 207 26.80 -25.78 28.89
CA TYR J 207 27.14 -27.15 29.18
C TYR J 207 28.62 -27.26 28.91
N THR J 208 29.30 -28.12 29.67
CA THR J 208 30.74 -28.29 29.44
C THR J 208 30.98 -28.96 28.06
N ASN J 209 31.85 -28.40 27.24
CA ASN J 209 32.05 -28.94 25.92
C ASN J 209 33.03 -30.09 25.92
N LEU J 210 32.52 -31.27 26.29
CA LEU J 210 33.39 -32.44 26.42
C LEU J 210 34.28 -32.78 25.22
N CYS J 211 33.95 -32.45 24.00
CA CYS J 211 34.70 -32.89 22.89
C CYS J 211 35.95 -32.13 22.96
N LYS J 212 36.03 -31.31 23.97
CA LYS J 212 37.30 -30.58 24.02
C LYS J 212 38.29 -31.14 25.04
N PHE J 213 37.84 -32.06 25.88
CA PHE J 213 38.71 -32.60 26.89
C PHE J 213 38.93 -34.13 26.77
N THR J 214 38.73 -34.65 25.57
CA THR J 214 38.91 -36.12 25.41
C THR J 214 40.33 -36.54 25.89
N GLU J 215 41.37 -35.94 25.31
CA GLU J 215 42.72 -36.30 25.74
C GLU J 215 42.89 -36.23 27.27
N TRP J 216 42.42 -35.17 27.87
CA TRP J 216 42.53 -35.10 29.32
C TRP J 216 41.75 -36.20 30.00
N ILE J 217 40.51 -36.34 29.62
CA ILE J 217 39.71 -37.36 30.28
C ILE J 217 40.41 -38.70 30.18
N GLU J 218 41.08 -38.91 29.06
CA GLU J 218 41.74 -40.19 28.83
C GLU J 218 42.96 -40.36 29.72
N LYS J 219 43.91 -39.47 29.52
CA LYS J 219 45.14 -39.51 30.26
C LYS J 219 44.86 -39.65 31.75
N THR J 220 43.71 -39.22 32.21
CA THR J 220 43.40 -39.27 33.62
C THR J 220 42.82 -40.59 34.01
N VAL J 221 41.74 -40.99 33.36
CA VAL J 221 41.09 -42.25 33.66
C VAL J 221 42.05 -43.38 33.58
N GLN J 222 42.84 -43.39 32.51
CA GLN J 222 43.82 -44.45 32.29
C GLN J 222 45.01 -44.31 33.25
N ALA J 223 46.06 -43.70 32.74
CA ALA J 223 47.26 -43.44 33.53
C ALA J 223 46.89 -42.72 34.88
N ILE K 1 -3.04 -9.49 25.29
CA ILE K 1 -2.87 -8.09 24.85
C ILE K 1 -2.73 -7.19 26.08
N ILE K 2 -1.73 -6.33 26.09
CA ILE K 2 -1.53 -5.48 27.22
C ILE K 2 -1.99 -4.09 26.91
N ASN K 3 -2.87 -3.54 27.75
CA ASN K 3 -3.44 -2.19 27.56
C ASN K 3 -4.22 -1.98 26.27
N GLY K 4 -5.06 -2.94 25.98
CA GLY K 4 -5.91 -2.83 24.83
C GLY K 4 -7.40 -2.88 25.26
N GLU K 5 -8.33 -3.23 24.35
CA GLU K 5 -9.72 -3.27 24.72
C GLU K 5 -10.45 -4.37 23.95
N ASP K 6 -11.65 -4.70 24.41
CA ASP K 6 -12.47 -5.74 23.74
C ASP K 6 -12.61 -5.32 22.27
N CYS K 7 -12.27 -6.14 21.27
CA CYS K 7 -12.45 -5.72 19.89
C CYS K 7 -13.89 -5.87 19.66
N SER K 8 -14.29 -5.16 18.63
CA SER K 8 -15.64 -5.16 18.14
C SER K 8 -15.95 -6.61 17.66
N PRO K 9 -16.89 -7.23 18.31
CA PRO K 9 -17.28 -8.59 17.99
C PRO K 9 -17.22 -8.88 16.56
N HIS K 10 -16.39 -9.84 16.19
CA HIS K 10 -16.22 -10.30 14.81
C HIS K 10 -15.56 -9.30 13.88
N SER K 11 -14.81 -8.34 14.45
CA SER K 11 -14.12 -7.39 13.66
C SER K 11 -12.84 -7.95 12.99
N GLN K 12 -12.42 -9.14 13.44
CA GLN K 12 -11.20 -9.83 12.93
C GLN K 12 -11.60 -11.24 12.57
N PRO K 13 -12.38 -11.39 11.55
CA PRO K 13 -12.84 -12.72 11.16
C PRO K 13 -11.75 -13.75 10.78
N TRP K 14 -10.49 -13.31 10.66
CA TRP K 14 -9.42 -14.24 10.25
C TRP K 14 -8.80 -14.84 11.53
N GLN K 15 -9.20 -14.33 12.67
CA GLN K 15 -8.66 -14.79 13.91
C GLN K 15 -9.02 -16.23 14.17
N ALA K 16 -7.99 -17.05 14.43
CA ALA K 16 -8.15 -18.47 14.75
C ALA K 16 -7.67 -18.76 16.18
N ALA K 17 -8.48 -19.45 16.96
CA ALA K 17 -8.06 -19.74 18.28
C ALA K 17 -7.55 -21.20 18.31
N LEU K 18 -6.46 -21.45 19.04
CA LEU K 18 -5.92 -22.80 19.18
C LEU K 18 -6.09 -23.25 20.63
N VAL K 19 -6.96 -24.24 20.87
CA VAL K 19 -7.19 -24.72 22.24
C VAL K 19 -6.76 -26.16 22.40
N MET K 20 -6.27 -26.47 23.62
CA MET K 20 -5.73 -27.78 23.99
C MET K 20 -6.74 -28.42 24.81
N GLU K 21 -6.31 -29.23 25.76
CA GLU K 21 -7.26 -29.97 26.57
C GLU K 21 -8.54 -29.16 26.74
N ASN K 22 -8.44 -27.97 27.28
CA ASN K 22 -9.67 -27.18 27.45
C ASN K 22 -9.30 -25.73 27.55
N GLU K 23 -8.10 -25.39 27.10
CA GLU K 23 -7.72 -24.00 27.24
C GLU K 23 -7.05 -23.46 25.98
N LEU K 24 -7.02 -22.14 25.84
CA LEU K 24 -6.41 -21.51 24.71
C LEU K 24 -4.90 -21.39 24.97
N PHE K 25 -4.08 -21.72 23.97
CA PHE K 25 -2.64 -21.58 24.13
C PHE K 25 -1.97 -20.79 22.98
N CYS K 26 -2.55 -20.88 21.78
CA CYS K 26 -2.05 -20.14 20.63
C CYS K 26 -3.25 -19.65 19.72
N SER K 27 -2.94 -18.64 18.86
CA SER K 27 -3.92 -18.11 17.88
C SER K 27 -3.33 -18.38 16.50
N GLY K 28 -4.12 -18.16 15.45
CA GLY K 28 -3.61 -18.35 14.10
C GLY K 28 -4.36 -17.44 13.17
N VAL K 29 -4.00 -17.38 11.89
CA VAL K 29 -4.69 -16.49 11.01
C VAL K 29 -5.13 -17.32 9.85
N LEU K 30 -6.43 -17.24 9.54
CA LEU K 30 -7.01 -17.96 8.39
C LEU K 30 -6.51 -17.29 7.14
N VAL K 31 -5.53 -17.86 6.45
CA VAL K 31 -5.00 -17.19 5.31
C VAL K 31 -5.54 -17.82 4.06
N HIS K 32 -6.43 -18.78 4.26
CA HIS K 32 -7.00 -19.53 3.16
C HIS K 32 -8.11 -20.40 3.74
N PRO K 33 -9.07 -20.79 2.93
CA PRO K 33 -10.19 -21.60 3.43
C PRO K 33 -9.83 -22.84 4.16
N GLN K 34 -8.74 -23.47 3.74
CA GLN K 34 -8.30 -24.74 4.43
C GLN K 34 -6.87 -24.66 5.09
N TRP K 35 -6.43 -23.43 5.41
CA TRP K 35 -5.14 -23.22 6.00
C TRP K 35 -5.13 -22.15 7.04
N VAL K 36 -4.53 -22.46 8.18
CA VAL K 36 -4.39 -21.51 9.28
C VAL K 36 -2.90 -21.26 9.49
N LEU K 37 -2.50 -19.97 9.41
CA LEU K 37 -1.13 -19.54 9.59
C LEU K 37 -0.95 -19.30 11.06
N SER K 38 0.21 -19.66 11.56
CA SER K 38 0.51 -19.51 12.95
C SER K 38 1.96 -19.52 13.30
N ALA K 39 2.27 -19.42 14.61
CA ALA K 39 3.69 -19.43 15.01
C ALA K 39 4.22 -20.87 15.11
N ALA K 40 5.35 -21.16 14.48
CA ALA K 40 5.96 -22.47 14.57
C ALA K 40 6.07 -22.94 16.01
N HIS K 41 6.27 -22.03 16.95
CA HIS K 41 6.39 -22.51 18.29
C HIS K 41 5.03 -22.81 18.86
N CYS K 42 4.02 -23.02 18.04
CA CYS K 42 2.74 -23.35 18.57
C CYS K 42 2.36 -24.70 18.22
N PHE K 43 3.20 -25.37 17.38
CA PHE K 43 3.05 -26.72 16.83
C PHE K 43 2.54 -27.76 17.79
N GLN K 44 1.65 -28.60 17.30
CA GLN K 44 1.06 -29.72 18.05
C GLN K 44 0.84 -30.86 17.07
N ASN K 45 0.40 -31.98 17.58
CA ASN K 45 0.18 -33.15 16.67
C ASN K 45 -1.17 -33.05 16.12
N SER K 46 -2.03 -32.44 16.92
CA SER K 46 -3.40 -32.24 16.43
C SER K 46 -3.91 -30.94 17.13
N TYR K 47 -4.65 -30.14 16.37
CA TYR K 47 -5.13 -28.89 16.92
C TYR K 47 -6.64 -28.91 16.88
N THR K 48 -7.22 -28.06 17.73
CA THR K 48 -8.66 -27.87 17.75
C THR K 48 -8.85 -26.37 17.50
N ILE K 49 -8.90 -25.96 16.24
CA ILE K 49 -9.03 -24.59 15.88
C ILE K 49 -10.49 -24.05 15.97
N GLY K 50 -10.63 -22.86 16.60
CA GLY K 50 -11.93 -22.26 16.71
C GLY K 50 -12.00 -21.01 15.82
N LEU K 51 -12.93 -21.00 14.83
CA LEU K 51 -13.10 -19.87 13.95
C LEU K 51 -14.37 -19.12 14.27
N GLY K 52 -14.42 -17.84 13.87
CA GLY K 52 -15.60 -17.02 14.08
C GLY K 52 -15.90 -16.77 15.52
N LEU K 53 -14.93 -16.92 16.40
CA LEU K 53 -15.18 -16.68 17.82
C LEU K 53 -14.96 -15.24 18.29
N HIS K 54 -15.35 -14.98 19.52
CA HIS K 54 -15.17 -13.68 20.12
C HIS K 54 -14.97 -14.01 21.60
N SER K 55 -15.76 -14.91 22.08
CA SER K 55 -15.50 -15.32 23.43
C SER K 55 -15.08 -16.77 23.23
N LEU K 56 -14.31 -17.33 24.17
CA LEU K 56 -13.83 -18.71 24.05
C LEU K 56 -14.97 -19.72 24.11
N GLU K 57 -16.10 -19.29 24.69
CA GLU K 57 -17.31 -20.09 24.83
C GLU K 57 -17.92 -20.37 23.45
N ALA K 58 -17.35 -21.32 22.72
CA ALA K 58 -17.84 -21.64 21.39
C ALA K 58 -19.36 -21.73 21.23
N ASP K 59 -20.04 -22.34 22.20
CA ASP K 59 -21.50 -22.49 22.14
C ASP K 59 -22.19 -21.24 22.68
N GLN K 60 -21.73 -20.07 22.25
CA GLN K 60 -22.30 -18.80 22.66
C GLN K 60 -22.01 -17.88 21.51
N GLU K 61 -21.37 -18.42 20.47
CA GLU K 61 -21.06 -17.59 19.32
C GLU K 61 -21.63 -18.28 18.10
N PRO K 62 -22.59 -17.64 17.44
CA PRO K 62 -23.27 -18.14 16.25
C PRO K 62 -22.40 -18.73 15.15
N GLY K 63 -22.03 -17.92 14.17
CA GLY K 63 -21.26 -18.45 13.05
C GLY K 63 -20.00 -19.16 13.38
N SER K 64 -19.74 -19.35 14.66
CA SER K 64 -18.50 -20.04 15.09
C SER K 64 -18.39 -21.51 14.61
N GLN K 65 -17.17 -21.94 14.33
CA GLN K 65 -16.95 -23.30 13.90
C GLN K 65 -15.67 -23.89 14.53
N MET K 66 -15.83 -24.91 15.38
CA MET K 66 -14.68 -25.56 16.00
C MET K 66 -14.18 -26.68 15.12
N VAL K 67 -13.45 -26.37 14.08
CA VAL K 67 -12.92 -27.41 13.22
C VAL K 67 -11.70 -28.12 13.87
N GLU K 68 -11.17 -29.12 13.17
CA GLU K 68 -10.02 -29.92 13.61
C GLU K 68 -9.00 -30.09 12.49
N ALA K 69 -7.77 -30.32 12.91
CA ALA K 69 -6.70 -30.51 11.96
C ALA K 69 -5.55 -31.23 12.59
N SER K 70 -4.70 -31.81 11.73
CA SER K 70 -3.52 -32.47 12.29
C SER K 70 -2.31 -32.32 11.40
N LEU K 71 -2.49 -31.98 10.13
CA LEU K 71 -1.29 -31.79 9.28
C LEU K 71 -0.75 -30.36 9.45
N SER K 72 0.45 -30.21 10.06
CA SER K 72 1.06 -28.90 10.26
C SER K 72 2.38 -28.87 9.56
N VAL K 73 2.78 -27.75 9.00
CA VAL K 73 4.07 -27.69 8.37
C VAL K 73 4.84 -26.51 8.96
N ARG K 74 5.84 -26.79 9.80
CA ARG K 74 6.66 -25.73 10.38
C ARG K 74 7.63 -25.27 9.31
N HIS K 75 8.14 -24.06 9.37
CA HIS K 75 9.10 -23.71 8.36
C HIS K 75 10.48 -24.48 8.52
N PRO K 76 10.97 -24.97 7.44
CA PRO K 76 12.25 -25.66 7.45
C PRO K 76 13.29 -25.08 8.41
N GLU K 77 13.55 -23.77 8.39
CA GLU K 77 14.53 -23.08 9.21
C GLU K 77 14.04 -22.57 10.55
N TYR K 78 12.90 -23.02 10.97
CA TYR K 78 12.45 -22.55 12.23
C TYR K 78 13.50 -22.73 13.32
N ASN K 79 13.61 -21.80 14.30
CA ASN K 79 14.58 -21.83 15.38
C ASN K 79 16.07 -21.90 15.03
N ARG K 80 16.38 -21.63 13.76
CA ARG K 80 17.75 -21.61 13.34
C ARG K 80 17.89 -20.36 12.56
N PRO K 81 18.43 -19.27 13.19
CA PRO K 81 18.95 -19.12 14.55
C PRO K 81 17.92 -19.15 15.54
N LEU K 82 18.39 -19.26 16.76
CA LEU K 82 17.49 -19.38 17.90
C LEU K 82 16.30 -18.40 17.76
N LEU K 83 15.11 -18.97 17.81
CA LEU K 83 13.95 -18.16 17.74
C LEU K 83 13.49 -17.66 16.34
N ALA K 84 14.35 -17.77 15.35
CA ALA K 84 13.96 -17.29 14.03
C ALA K 84 12.96 -18.13 13.20
N ASN K 85 12.51 -17.53 12.11
CA ASN K 85 11.57 -18.19 11.22
C ASN K 85 10.38 -18.82 11.97
N ASP K 86 9.79 -18.10 12.90
CA ASP K 86 8.76 -18.65 13.70
C ASP K 86 7.41 -18.69 13.03
N LEU K 87 7.27 -19.29 11.85
CA LEU K 87 5.92 -19.42 11.30
C LEU K 87 5.59 -20.91 10.94
N MET K 88 4.31 -21.25 10.96
CA MET K 88 3.84 -22.60 10.62
C MET K 88 2.43 -22.62 9.99
N LEU K 89 2.23 -23.35 8.89
CA LEU K 89 0.92 -23.50 8.27
C LEU K 89 0.24 -24.78 8.79
N ILE K 90 -0.99 -24.65 9.24
CA ILE K 90 -1.80 -25.80 9.70
C ILE K 90 -2.90 -26.03 8.67
N LYS K 91 -2.94 -27.22 8.09
CA LYS K 91 -3.97 -27.59 7.07
C LYS K 91 -5.15 -28.20 7.80
N LEU K 92 -6.30 -27.58 7.63
CA LEU K 92 -7.53 -28.01 8.29
C LEU K 92 -8.06 -29.25 7.64
N ASP K 93 -8.68 -30.11 8.46
CA ASP K 93 -9.22 -31.39 7.91
C ASP K 93 -10.21 -31.08 6.79
N GLU K 94 -11.25 -30.36 7.17
CA GLU K 94 -12.27 -30.00 6.23
C GLU K 94 -12.20 -28.47 6.00
N SER K 95 -12.05 -28.08 4.72
CA SER K 95 -12.05 -26.66 4.33
C SER K 95 -13.31 -25.89 4.88
N VAL K 96 -13.16 -24.67 5.40
CA VAL K 96 -14.32 -23.94 5.95
C VAL K 96 -14.92 -23.04 4.93
N SER K 97 -16.17 -22.61 5.19
CA SER K 97 -16.87 -21.72 4.27
C SER K 97 -16.89 -20.32 4.81
N GLU K 98 -16.22 -19.42 4.10
CA GLU K 98 -16.12 -18.02 4.53
C GLU K 98 -17.46 -17.43 4.89
N SER K 99 -17.75 -17.33 6.16
CA SER K 99 -19.02 -16.77 6.55
C SER K 99 -18.94 -15.27 6.85
N ASP K 100 -19.96 -14.84 7.53
CA ASP K 100 -20.09 -13.46 7.93
C ASP K 100 -19.09 -13.13 9.00
N THR K 101 -18.89 -14.07 9.93
CA THR K 101 -17.97 -13.84 11.00
C THR K 101 -16.68 -14.61 10.83
N ILE K 102 -16.49 -15.25 9.68
CA ILE K 102 -15.28 -16.02 9.47
C ILE K 102 -14.73 -15.77 8.10
N ARG K 103 -13.75 -14.89 7.95
CA ARG K 103 -13.27 -14.64 6.61
C ARG K 103 -11.74 -14.76 6.66
N SER K 104 -11.11 -15.09 5.54
CA SER K 104 -9.68 -15.19 5.54
C SER K 104 -9.02 -13.85 5.21
N ILE K 105 -7.76 -13.61 5.52
CA ILE K 105 -7.10 -12.33 5.24
C ILE K 105 -5.86 -12.57 4.45
N SER K 106 -5.37 -11.59 3.72
CA SER K 106 -4.20 -11.83 2.89
C SER K 106 -2.96 -11.27 3.53
N ILE K 107 -1.87 -11.91 3.14
CA ILE K 107 -0.58 -11.62 3.72
C ILE K 107 0.10 -10.51 2.98
N ALA K 108 0.60 -9.53 3.72
CA ALA K 108 1.30 -8.44 3.11
C ALA K 108 2.49 -8.88 2.24
N SER K 109 2.67 -8.29 1.06
CA SER K 109 3.81 -8.73 0.27
C SER K 109 4.96 -7.71 0.45
N GLN K 110 4.62 -6.54 0.97
CA GLN K 110 5.58 -5.51 1.21
C GLN K 110 6.09 -5.59 2.67
N CYS K 111 7.35 -5.22 2.95
CA CYS K 111 7.75 -5.11 4.42
C CYS K 111 7.31 -3.95 5.35
N PRO K 112 7.22 -4.28 6.63
CA PRO K 112 6.80 -3.27 7.62
C PRO K 112 7.50 -1.89 7.44
N THR K 113 6.78 -0.78 7.61
CA THR K 113 7.45 0.50 7.50
C THR K 113 7.41 1.10 8.89
N ALA K 114 8.57 1.60 9.30
CA ALA K 114 8.73 2.20 10.60
C ALA K 114 7.74 3.28 10.92
N GLY K 115 7.19 3.31 12.09
CA GLY K 115 6.29 4.36 12.39
C GLY K 115 4.85 4.03 12.18
N ASN K 116 4.66 3.18 11.19
CA ASN K 116 3.32 2.77 10.79
C ASN K 116 2.54 2.13 11.93
N SER K 117 1.29 2.48 12.10
CA SER K 117 0.59 1.95 13.22
C SER K 117 -0.25 0.79 12.76
N CYS K 118 -0.17 -0.38 13.45
CA CYS K 118 -0.96 -1.57 13.09
C CYS K 118 -1.75 -2.07 14.30
N LEU K 119 -2.44 -3.16 14.15
CA LEU K 119 -3.23 -3.63 15.17
C LEU K 119 -2.90 -5.08 15.35
N VAL K 120 -3.01 -5.57 16.62
CA VAL K 120 -2.76 -6.94 16.96
C VAL K 120 -3.92 -7.30 17.89
N SER K 121 -4.31 -8.56 17.85
CA SER K 121 -5.44 -9.03 18.67
C SER K 121 -5.17 -10.45 19.18
N GLY K 122 -5.81 -10.82 20.30
CA GLY K 122 -5.61 -12.15 20.86
C GLY K 122 -6.21 -12.31 22.24
N TRP K 123 -6.19 -13.52 22.72
CA TRP K 123 -6.78 -13.79 24.05
C TRP K 123 -5.70 -13.99 25.10
N GLY K 124 -4.51 -13.48 24.83
CA GLY K 124 -3.40 -13.64 25.77
C GLY K 124 -3.58 -12.83 27.03
N LEU K 125 -2.64 -12.99 27.95
CA LEU K 125 -2.69 -12.26 29.23
C LEU K 125 -2.87 -10.76 29.09
N LEU K 126 -3.56 -10.17 30.06
CA LEU K 126 -3.83 -8.72 30.11
C LEU K 126 -2.86 -8.02 31.02
N ALA K 127 -2.93 -6.68 31.01
CA ALA K 127 -2.03 -5.87 31.86
C ALA K 127 -2.05 -6.33 33.36
N ASN K 128 -3.19 -6.92 33.77
CA ASN K 128 -3.37 -7.41 35.13
C ASN K 128 -2.90 -8.84 35.30
N GLY K 129 -2.25 -9.38 34.27
CA GLY K 129 -1.76 -10.76 34.33
C GLY K 129 -2.93 -11.71 34.29
N ARG K 130 -4.08 -11.26 33.82
CA ARG K 130 -5.24 -12.09 33.77
C ARG K 130 -5.68 -12.36 32.33
N MET K 131 -6.31 -13.51 32.10
CA MET K 131 -6.78 -13.86 30.77
C MET K 131 -8.11 -13.18 30.53
N PRO K 132 -8.32 -12.59 29.33
CA PRO K 132 -9.56 -11.89 29.00
C PRO K 132 -10.69 -12.86 28.66
N THR K 133 -11.93 -12.37 28.68
CA THR K 133 -13.06 -13.21 28.33
C THR K 133 -13.34 -13.12 26.85
N VAL K 134 -12.98 -11.98 26.26
CA VAL K 134 -13.22 -11.81 24.81
C VAL K 134 -11.94 -11.39 24.08
N LEU K 135 -11.94 -11.48 22.73
CA LEU K 135 -10.76 -11.19 21.93
C LEU K 135 -10.33 -9.74 22.15
N GLN K 136 -9.07 -9.50 22.42
CA GLN K 136 -8.59 -8.19 22.68
C GLN K 136 -7.93 -7.60 21.44
N CYS K 137 -7.85 -6.27 21.38
CA CYS K 137 -7.20 -5.56 20.29
C CYS K 137 -6.33 -4.47 20.83
N VAL K 138 -5.42 -4.01 20.06
CA VAL K 138 -4.61 -2.93 20.50
C VAL K 138 -3.75 -2.45 19.37
N ASN K 139 -3.30 -1.21 19.45
CA ASN K 139 -2.49 -0.71 18.37
C ASN K 139 -1.05 -0.51 18.74
N VAL K 140 -0.14 -0.86 17.85
CA VAL K 140 1.25 -0.66 18.16
C VAL K 140 1.90 -0.24 16.91
N SER K 141 2.97 0.53 16.96
CA SER K 141 3.58 0.97 15.74
C SER K 141 4.85 0.27 15.39
N VAL K 142 5.12 0.18 14.13
CA VAL K 142 6.29 -0.51 13.72
C VAL K 142 7.50 0.25 14.24
N VAL K 143 8.52 -0.44 14.73
CA VAL K 143 9.71 0.23 15.18
C VAL K 143 10.83 0.07 14.16
N SER K 144 11.77 1.00 14.09
CA SER K 144 12.77 0.87 13.07
C SER K 144 13.70 -0.31 13.14
N GLU K 145 14.17 -0.76 11.97
CA GLU K 145 15.03 -1.89 11.95
C GLU K 145 16.22 -1.67 12.83
N GLU K 146 16.84 -0.53 12.74
CA GLU K 146 18.01 -0.25 13.56
C GLU K 146 17.69 -0.44 15.01
N VAL K 147 16.73 0.30 15.52
CA VAL K 147 16.46 0.10 16.93
C VAL K 147 16.18 -1.38 17.26
N CYS K 148 15.44 -2.07 16.41
CA CYS K 148 15.09 -3.48 16.66
C CYS K 148 16.23 -4.47 16.68
N SER K 149 17.14 -4.24 15.74
CA SER K 149 18.26 -5.17 15.72
C SER K 149 19.21 -4.89 16.80
N LYS K 150 19.39 -3.65 17.21
CA LYS K 150 20.33 -3.38 18.32
C LYS K 150 19.64 -3.79 19.58
N LEU K 151 18.39 -3.46 19.76
CA LEU K 151 17.77 -3.84 21.00
C LEU K 151 17.73 -5.32 21.21
N TYR K 152 17.80 -6.13 20.15
CA TYR K 152 17.58 -7.58 20.30
C TYR K 152 18.73 -8.36 19.79
N ASP K 153 19.80 -7.68 19.45
CA ASP K 153 21.06 -8.30 19.08
C ASP K 153 21.45 -9.24 20.28
N PRO K 154 21.97 -10.46 20.03
CA PRO K 154 22.26 -11.03 18.72
C PRO K 154 21.11 -11.95 18.32
N LEU K 155 20.03 -11.97 19.02
CA LEU K 155 18.97 -12.78 18.65
C LEU K 155 18.17 -12.22 17.42
N TYR K 156 18.34 -10.99 17.04
CA TYR K 156 17.44 -10.48 15.96
C TYR K 156 17.78 -11.06 14.66
N HIS K 157 16.76 -11.39 13.87
CA HIS K 157 17.03 -11.97 12.52
C HIS K 157 16.10 -11.31 11.50
N PRO K 158 16.43 -11.38 10.24
CA PRO K 158 15.57 -10.75 9.27
C PRO K 158 14.18 -11.34 9.19
N SER K 159 13.94 -12.41 9.92
CA SER K 159 12.65 -12.99 9.79
C SER K 159 11.81 -12.48 10.87
N MET K 160 12.17 -11.36 11.40
CA MET K 160 11.39 -10.79 12.49
C MET K 160 11.40 -9.30 12.49
N PHE K 161 10.46 -8.66 13.23
CA PHE K 161 10.42 -7.20 13.33
C PHE K 161 9.73 -6.83 14.55
N CYS K 162 10.22 -5.73 15.07
CA CYS K 162 9.60 -4.96 16.22
C CYS K 162 8.40 -4.01 15.96
N ALA K 163 7.52 -4.02 16.97
CA ALA K 163 6.38 -3.12 16.91
C ALA K 163 5.96 -2.82 18.31
N GLY K 164 5.63 -1.59 18.56
CA GLY K 164 5.21 -1.20 19.90
C GLY K 164 6.42 -0.73 20.73
N GLY K 165 6.40 -1.01 22.02
CA GLY K 165 7.52 -0.58 22.82
C GLY K 165 7.42 0.87 23.23
N GLY K 166 6.27 1.43 22.95
CA GLY K 166 6.05 2.82 23.27
C GLY K 166 5.80 3.03 24.75
N GLN K 167 5.72 4.30 25.09
CA GLN K 167 5.51 4.69 26.46
C GLN K 167 4.08 4.26 26.91
N ASP K 168 3.16 4.12 25.98
CA ASP K 168 1.84 3.79 26.38
C ASP K 168 1.72 2.37 26.87
N GLN K 169 2.84 1.65 26.86
CA GLN K 169 2.83 0.30 27.29
C GLN K 169 1.81 -0.61 26.63
N LYS K 170 1.59 -0.42 25.33
CA LYS K 170 0.65 -1.27 24.59
C LYS K 170 1.48 -2.38 23.95
N ASP K 171 1.08 -3.65 24.11
CA ASP K 171 1.86 -4.77 23.53
C ASP K 171 1.15 -6.09 23.58
N SER K 172 1.69 -7.13 22.94
CA SER K 172 1.08 -8.42 23.05
C SER K 172 1.66 -9.02 24.29
N CYS K 173 1.19 -10.18 24.58
CA CYS K 173 1.70 -10.85 25.69
C CYS K 173 1.50 -12.45 25.56
N ASN K 174 1.97 -13.24 26.54
CA ASN K 174 1.77 -14.69 26.56
C ASN K 174 0.31 -15.07 26.27
N GLY K 175 0.18 -16.00 25.34
CA GLY K 175 -1.15 -16.44 24.97
C GLY K 175 -1.59 -15.79 23.66
N ASP K 176 -0.77 -14.88 23.15
CA ASP K 176 -1.10 -14.22 21.93
C ASP K 176 -0.23 -14.74 20.79
N SER K 177 0.66 -15.65 21.11
CA SER K 177 1.58 -16.16 20.14
C SER K 177 0.82 -16.59 18.95
N GLY K 178 1.36 -16.32 17.78
CA GLY K 178 0.69 -16.74 16.54
C GLY K 178 -0.44 -15.84 16.13
N GLY K 179 -0.75 -14.89 16.99
CA GLY K 179 -1.80 -13.92 16.68
C GLY K 179 -1.38 -13.02 15.49
N PRO K 180 -2.35 -12.35 14.91
CA PRO K 180 -2.14 -11.45 13.80
C PRO K 180 -1.73 -10.04 14.12
N LEU K 181 -0.92 -9.49 13.27
CA LEU K 181 -0.56 -8.12 13.34
C LEU K 181 -0.95 -7.53 11.92
N ILE K 182 -2.05 -6.77 11.85
CA ILE K 182 -2.54 -6.21 10.61
C ILE K 182 -2.04 -4.82 10.39
N CYS K 183 -1.56 -4.47 9.19
CA CYS K 183 -1.10 -3.08 9.00
C CYS K 183 -1.64 -2.64 7.69
N ASN K 184 -2.73 -1.84 7.69
CA ASN K 184 -3.44 -1.34 6.47
C ASN K 184 -4.16 -2.49 5.83
N GLY K 185 -4.88 -3.22 6.66
CA GLY K 185 -5.63 -4.36 6.19
C GLY K 185 -4.88 -5.58 5.66
N TYR K 186 -3.57 -5.62 5.83
CA TYR K 186 -2.88 -6.81 5.43
C TYR K 186 -2.32 -7.49 6.68
N LEU K 187 -2.13 -8.82 6.58
CA LEU K 187 -1.54 -9.61 7.66
C LEU K 187 -0.06 -9.31 7.49
N GLN K 188 0.52 -8.55 8.43
CA GLN K 188 1.91 -8.14 8.36
C GLN K 188 2.80 -9.08 9.14
N GLY K 189 2.30 -9.53 10.32
CA GLY K 189 3.08 -10.43 11.15
C GLY K 189 2.34 -11.32 12.13
N LEU K 190 3.10 -12.16 12.81
CA LEU K 190 2.52 -13.05 13.84
C LEU K 190 3.20 -12.76 15.17
N VAL K 191 2.40 -12.80 16.21
CA VAL K 191 2.95 -12.62 17.55
C VAL K 191 3.97 -13.74 17.80
N SER K 192 5.27 -13.44 17.92
CA SER K 192 6.35 -14.41 18.09
C SER K 192 6.91 -14.42 19.51
N PHE K 193 7.67 -13.41 19.92
CA PHE K 193 8.19 -13.36 21.26
C PHE K 193 8.52 -11.91 21.68
N GLY K 194 9.02 -11.75 22.88
CA GLY K 194 9.46 -10.47 23.35
C GLY K 194 9.93 -10.60 24.81
N LYS K 195 10.68 -9.61 25.32
CA LYS K 195 11.11 -9.61 26.71
C LYS K 195 9.94 -9.63 27.73
N ALA K 196 10.23 -10.07 28.94
CA ALA K 196 9.19 -10.14 29.98
C ALA K 196 9.69 -9.33 31.14
N PRO K 197 8.79 -8.70 31.88
CA PRO K 197 7.35 -8.78 31.61
C PRO K 197 7.00 -8.04 30.30
N CYS K 198 5.78 -8.25 29.87
CA CYS K 198 5.31 -7.60 28.67
C CYS K 198 4.93 -6.14 28.98
N GLY K 199 4.84 -5.29 27.93
CA GLY K 199 4.50 -3.88 28.05
C GLY K 199 5.52 -2.95 28.64
N GLN K 200 6.78 -3.27 28.51
CA GLN K 200 7.80 -2.43 29.03
C GLN K 200 8.11 -1.31 28.12
N VAL K 201 8.34 -0.16 28.71
CA VAL K 201 8.65 1.00 27.92
C VAL K 201 9.97 0.78 27.20
N GLY K 202 10.04 1.06 25.89
CA GLY K 202 11.34 0.92 25.26
C GLY K 202 11.70 -0.48 24.91
N VAL K 203 10.74 -1.38 25.14
CA VAL K 203 11.00 -2.75 24.79
C VAL K 203 9.88 -3.24 23.88
N PRO K 204 10.06 -3.11 22.59
CA PRO K 204 9.02 -3.55 21.69
C PRO K 204 8.89 -5.08 21.65
N GLY K 205 7.77 -5.60 21.12
CA GLY K 205 7.62 -7.04 20.96
C GLY K 205 8.15 -7.45 19.58
N VAL K 206 8.47 -8.76 19.40
CA VAL K 206 8.96 -9.30 18.10
C VAL K 206 7.83 -10.08 17.40
N TYR K 207 7.76 -9.92 16.06
CA TYR K 207 6.65 -10.55 15.26
C TYR K 207 7.31 -11.17 14.07
N THR K 208 6.78 -12.30 13.62
CA THR K 208 7.38 -12.96 12.44
C THR K 208 7.23 -12.05 11.23
N ASN K 209 8.28 -11.83 10.51
CA ASN K 209 8.17 -10.93 9.33
C ASN K 209 7.66 -11.59 8.05
N LEU K 210 6.34 -11.77 7.99
CA LEU K 210 5.67 -12.50 6.91
C LEU K 210 6.03 -12.06 5.49
N CYS K 211 6.33 -10.83 5.16
CA CYS K 211 6.66 -10.39 3.80
C CYS K 211 7.91 -11.01 3.37
N LYS K 212 8.44 -11.86 4.28
CA LYS K 212 9.68 -12.58 3.93
C LYS K 212 9.42 -14.07 3.54
N PHE K 213 8.24 -14.59 3.83
CA PHE K 213 7.93 -15.95 3.54
C PHE K 213 6.75 -16.16 2.58
N THR K 214 6.46 -15.13 1.77
CA THR K 214 5.32 -15.25 0.83
C THR K 214 5.56 -16.50 -0.11
N GLU K 215 6.68 -16.56 -0.84
CA GLU K 215 6.90 -17.72 -1.62
C GLU K 215 6.68 -19.05 -0.86
N TRP K 216 7.24 -19.20 0.29
CA TRP K 216 7.06 -20.41 1.03
C TRP K 216 5.61 -20.63 1.39
N ILE K 217 4.98 -19.62 1.94
CA ILE K 217 3.59 -19.77 2.33
C ILE K 217 2.77 -20.24 1.11
N GLU K 218 3.14 -19.75 -0.06
CA GLU K 218 2.41 -20.09 -1.25
C GLU K 218 2.66 -21.52 -1.66
N LYS K 219 3.91 -21.82 -1.99
CA LYS K 219 4.30 -23.15 -2.42
C LYS K 219 3.74 -24.22 -1.52
N THR K 220 3.44 -23.86 -0.27
CA THR K 220 2.95 -24.82 0.70
C THR K 220 1.48 -24.97 0.61
N VAL K 221 0.79 -23.85 0.77
CA VAL K 221 -0.68 -23.84 0.75
C VAL K 221 -1.20 -24.44 -0.55
N GLN K 222 -0.59 -24.05 -1.65
CA GLN K 222 -1.00 -24.54 -2.93
C GLN K 222 -0.52 -25.98 -3.13
N ALA K 223 0.61 -26.11 -3.79
CA ALA K 223 1.23 -27.42 -4.03
C ALA K 223 1.36 -28.24 -2.69
N ILE L 1 8.20 9.98 43.08
CA ILE L 1 9.60 10.26 43.49
C ILE L 1 10.02 9.12 44.40
N ILE L 2 11.21 8.56 44.16
CA ILE L 2 11.71 7.47 44.98
C ILE L 2 12.76 7.97 45.95
N ASN L 3 12.54 7.74 47.26
CA ASN L 3 13.48 8.19 48.31
C ASN L 3 13.67 9.69 48.43
N GLY L 4 12.56 10.41 48.37
CA GLY L 4 12.59 11.85 48.50
C GLY L 4 11.76 12.24 49.72
N GLU L 5 11.33 13.51 49.80
CA GLU L 5 10.52 13.95 50.93
C GLU L 5 9.48 14.99 50.52
N ASP L 6 8.51 15.25 51.38
CA ASP L 6 7.49 16.24 51.10
C ASP L 6 8.18 17.52 50.81
N CYS L 7 7.74 18.17 49.76
CA CYS L 7 8.28 19.46 49.33
C CYS L 7 7.87 20.55 50.31
N SER L 8 8.69 21.58 50.42
CA SER L 8 8.26 22.71 51.20
C SER L 8 7.02 23.27 50.41
N PRO L 9 5.85 23.23 51.04
CA PRO L 9 4.62 23.70 50.42
C PRO L 9 4.88 24.91 49.57
N HIS L 10 4.55 24.79 48.30
CA HIS L 10 4.66 25.86 47.34
C HIS L 10 6.04 26.30 47.02
N SER L 11 7.01 25.41 47.29
CA SER L 11 8.42 25.70 46.95
C SER L 11 8.74 25.56 45.43
N GLN L 12 7.79 24.96 44.66
CA GLN L 12 7.92 24.76 43.23
C GLN L 12 6.64 25.29 42.60
N PRO L 13 6.47 26.61 42.59
CA PRO L 13 5.27 27.22 42.00
C PRO L 13 5.03 26.93 40.49
N TRP L 14 6.02 26.38 39.78
CA TRP L 14 5.85 26.14 38.37
C TRP L 14 5.26 24.76 38.14
N GLN L 15 5.14 24.00 39.21
CA GLN L 15 4.63 22.65 39.10
C GLN L 15 3.20 22.64 38.69
N ALA L 16 2.89 21.89 37.65
CA ALA L 16 1.55 21.71 37.12
C ALA L 16 1.11 20.28 37.24
N ALA L 17 -0.05 20.04 37.80
CA ALA L 17 -0.54 18.68 37.90
C ALA L 17 -1.54 18.38 36.76
N LEU L 18 -1.48 17.21 36.15
CA LEU L 18 -2.41 16.85 35.08
C LEU L 18 -3.28 15.73 35.59
N VAL L 19 -4.56 15.99 35.79
CA VAL L 19 -5.50 14.97 36.26
C VAL L 19 -6.55 14.62 35.22
N MET L 20 -6.96 13.34 35.24
CA MET L 20 -7.91 12.76 34.30
C MET L 20 -9.17 12.62 35.04
N GLU L 21 -9.93 11.60 34.71
CA GLU L 21 -11.20 11.40 35.36
C GLU L 21 -11.17 11.92 36.78
N ASN L 22 -10.31 11.38 37.61
CA ASN L 22 -10.26 11.88 38.97
C ASN L 22 -8.90 11.57 39.56
N GLU L 23 -7.91 11.31 38.71
CA GLU L 23 -6.62 10.96 39.24
C GLU L 23 -5.51 11.65 38.50
N LEU L 24 -4.36 11.74 39.15
CA LEU L 24 -3.18 12.40 38.58
C LEU L 24 -2.47 11.38 37.66
N PHE L 25 -2.05 11.79 36.46
CA PHE L 25 -1.33 10.89 35.61
C PHE L 25 -0.03 11.48 35.10
N CYS L 26 0.14 12.76 35.28
CA CYS L 26 1.38 13.43 34.79
C CYS L 26 1.53 14.77 35.43
N SER L 27 2.59 15.47 35.09
CA SER L 27 2.85 16.82 35.66
C SER L 27 3.30 17.70 34.49
N GLY L 28 3.45 19.00 34.73
CA GLY L 28 3.90 19.89 33.69
C GLY L 28 4.62 21.08 34.29
N VAL L 29 5.20 21.94 33.49
CA VAL L 29 5.90 23.01 34.08
C VAL L 29 5.38 24.25 33.44
N LEU L 30 4.94 25.20 34.27
CA LEU L 30 4.42 26.49 33.77
C LEU L 30 5.61 27.28 33.23
N VAL L 31 5.76 27.33 31.92
CA VAL L 31 6.91 28.04 31.42
C VAL L 31 6.54 29.39 30.91
N HIS L 32 5.26 29.70 31.10
CA HIS L 32 4.70 30.96 30.61
C HIS L 32 3.28 31.05 31.19
N PRO L 33 2.74 32.27 31.27
CA PRO L 33 1.39 32.45 31.83
C PRO L 33 0.29 31.64 31.21
N GLN L 34 0.40 31.46 29.90
CA GLN L 34 -0.61 30.65 29.22
C GLN L 34 -0.11 29.33 28.56
N TRP L 35 1.03 28.81 29.08
CA TRP L 35 1.62 27.63 28.51
C TRP L 35 2.19 26.71 29.54
N VAL L 36 1.82 25.42 29.48
CA VAL L 36 2.38 24.42 30.37
C VAL L 36 3.22 23.43 29.56
N LEU L 37 4.48 23.30 29.91
CA LEU L 37 5.45 22.35 29.25
C LEU L 37 5.31 21.02 29.89
N SER L 38 5.39 19.99 29.06
CA SER L 38 5.19 18.65 29.56
C SER L 38 5.73 17.58 28.67
N ALA L 39 5.51 16.32 29.03
CA ALA L 39 6.09 15.24 28.24
C ALA L 39 5.11 14.90 27.17
N ALA L 40 5.62 14.80 25.91
CA ALA L 40 4.75 14.38 24.79
C ALA L 40 3.99 13.11 25.07
N HIS L 41 4.56 12.23 25.82
CA HIS L 41 3.78 11.07 26.09
C HIS L 41 2.71 11.25 27.14
N CYS L 42 2.28 12.49 27.43
CA CYS L 42 1.22 12.84 28.42
C CYS L 42 0.03 13.42 27.66
N PHE L 43 0.19 13.57 26.35
CA PHE L 43 -0.82 14.12 25.51
C PHE L 43 -2.21 13.59 25.73
N GLN L 44 -3.19 14.50 25.70
CA GLN L 44 -4.61 14.21 25.84
C GLN L 44 -5.38 15.15 24.93
N ASN L 45 -6.70 14.95 24.82
CA ASN L 45 -7.50 15.82 23.97
C ASN L 45 -7.86 17.01 24.74
N SER L 46 -7.98 16.82 26.03
CA SER L 46 -8.26 17.95 26.88
C SER L 46 -7.65 17.64 28.25
N TYR L 47 -7.06 18.65 28.88
CA TYR L 47 -6.44 18.44 30.17
C TYR L 47 -7.14 19.25 31.23
N THR L 48 -6.95 18.82 32.49
CA THR L 48 -7.44 19.56 33.64
C THR L 48 -6.22 19.85 34.47
N ILE L 49 -5.54 20.95 34.19
CA ILE L 49 -4.30 21.31 34.87
C ILE L 49 -4.55 22.02 36.23
N GLY L 50 -3.83 21.57 37.26
CA GLY L 50 -3.93 22.17 38.57
C GLY L 50 -2.66 22.92 38.89
N LEU L 51 -2.76 24.22 39.08
CA LEU L 51 -1.64 25.04 39.46
C LEU L 51 -1.69 25.46 40.95
N GLY L 52 -0.53 25.82 41.52
CA GLY L 52 -0.44 26.25 42.89
C GLY L 52 -0.80 25.18 43.88
N LEU L 53 -0.77 23.93 43.49
CA LEU L 53 -1.11 22.86 44.42
C LEU L 53 0.06 22.33 45.26
N HIS L 54 -0.26 21.49 46.23
CA HIS L 54 0.74 20.84 47.06
C HIS L 54 0.12 19.52 47.37
N SER L 55 -1.16 19.54 47.67
CA SER L 55 -1.81 18.27 47.87
C SER L 55 -2.78 18.24 46.66
N LEU L 56 -3.17 17.04 46.22
CA LEU L 56 -4.04 16.90 45.07
C LEU L 56 -5.44 17.45 45.37
N GLU L 57 -5.78 17.55 46.66
CA GLU L 57 -7.06 18.08 47.16
C GLU L 57 -7.14 19.56 46.82
N ALA L 58 -7.46 19.90 45.58
CA ALA L 58 -7.53 21.30 45.16
C ALA L 58 -8.26 22.26 46.14
N ASP L 59 -9.39 21.80 46.71
CA ASP L 59 -10.16 22.64 47.62
C ASP L 59 -9.60 22.52 49.03
N GLN L 60 -8.28 22.66 49.17
CA GLN L 60 -7.60 22.57 50.46
C GLN L 60 -6.37 23.39 50.23
N GLU L 61 -6.21 23.92 49.04
CA GLU L 61 -5.03 24.72 48.76
C GLU L 61 -5.48 26.07 48.27
N PRO L 62 -5.19 27.12 49.00
CA PRO L 62 -5.55 28.50 48.67
C PRO L 62 -5.32 28.97 47.26
N GLY L 63 -4.19 29.61 47.02
CA GLY L 63 -3.94 30.17 45.69
C GLY L 63 -4.06 29.21 44.55
N SER L 64 -4.48 27.96 44.81
CA SER L 64 -4.60 26.96 43.75
C SER L 64 -5.65 27.32 42.67
N GLN L 65 -5.39 26.90 41.44
CA GLN L 65 -6.29 27.16 40.32
C GLN L 65 -6.38 25.96 39.37
N MET L 66 -7.54 25.35 39.30
CA MET L 66 -7.76 24.24 38.41
C MET L 66 -8.20 24.74 37.07
N VAL L 67 -7.29 25.25 36.25
CA VAL L 67 -7.64 25.68 34.91
C VAL L 67 -7.88 24.50 33.93
N GLU L 68 -8.29 24.85 32.70
CA GLU L 68 -8.56 23.86 31.63
C GLU L 68 -7.86 24.25 30.35
N ALA L 69 -7.61 23.24 29.53
CA ALA L 69 -6.98 23.48 28.25
C ALA L 69 -7.25 22.34 27.28
N SER L 70 -7.10 22.63 25.98
CA SER L 70 -7.30 21.54 25.01
C SER L 70 -6.33 21.62 23.85
N LEU L 71 -5.72 22.76 23.63
CA LEU L 71 -4.78 22.84 22.52
C LEU L 71 -3.41 22.42 22.99
N SER L 72 -2.91 21.29 22.47
CA SER L 72 -1.57 20.77 22.87
C SER L 72 -0.75 20.62 21.61
N VAL L 73 0.53 20.88 21.69
CA VAL L 73 1.37 20.74 20.53
C VAL L 73 2.54 19.81 20.90
N ARG L 74 2.53 18.54 20.40
CA ARG L 74 3.63 17.60 20.67
C ARG L 74 4.74 17.98 19.73
N HIS L 75 5.94 17.68 20.04
CA HIS L 75 7.00 18.01 19.13
C HIS L 75 6.94 17.15 17.86
N PRO L 76 7.11 17.79 16.74
CA PRO L 76 7.10 17.11 15.45
C PRO L 76 7.75 15.72 15.44
N GLU L 77 8.99 15.61 15.97
CA GLU L 77 9.78 14.35 15.98
C GLU L 77 9.58 13.46 17.21
N TYR L 78 8.55 13.72 17.96
CA TYR L 78 8.38 12.90 19.10
C TYR L 78 8.36 11.44 18.73
N ASN L 79 8.90 10.59 19.58
CA ASN L 79 8.97 9.14 19.37
C ASN L 79 9.73 8.60 18.09
N ARG L 80 10.50 9.48 17.45
CA ARG L 80 11.25 9.12 16.31
C ARG L 80 12.58 9.72 16.57
N PRO L 81 13.55 8.91 17.05
CA PRO L 81 13.49 7.49 17.39
C PRO L 81 12.70 7.21 18.53
N LEU L 82 12.49 5.90 18.69
CA LEU L 82 11.61 5.42 19.73
C LEU L 82 11.93 6.14 21.06
N LEU L 83 10.88 6.71 21.67
CA LEU L 83 11.03 7.41 22.93
C LEU L 83 11.70 8.86 22.87
N ALA L 84 12.34 9.27 21.75
CA ALA L 84 12.96 10.57 21.73
C ALA L 84 12.01 11.81 21.59
N ASN L 85 12.63 12.98 21.74
CA ASN L 85 11.91 14.19 21.65
C ASN L 85 10.62 14.17 22.45
N ASP L 86 10.69 13.70 23.72
CA ASP L 86 9.47 13.58 24.53
C ASP L 86 8.98 14.92 25.17
N LEU L 87 8.80 16.01 24.41
CA LEU L 87 8.25 17.19 25.02
C LEU L 87 6.98 17.66 24.30
N MET L 88 6.10 18.35 25.02
CA MET L 88 4.84 18.90 24.50
C MET L 88 4.39 20.18 25.20
N LEU L 89 4.00 21.22 24.46
CA LEU L 89 3.46 22.45 25.04
C LEU L 89 1.91 22.38 25.07
N ILE L 90 1.33 22.64 26.23
CA ILE L 90 -0.12 22.70 26.36
C ILE L 90 -0.49 24.17 26.53
N LYS L 91 -1.40 24.70 25.67
CA LYS L 91 -1.83 26.14 25.75
C LYS L 91 -3.09 26.13 26.57
N LEU L 92 -3.05 26.90 27.66
CA LEU L 92 -4.17 26.99 28.60
C LEU L 92 -5.28 27.86 28.02
N ASP L 93 -6.53 27.51 28.34
CA ASP L 93 -7.67 28.26 27.79
C ASP L 93 -7.54 29.71 28.15
N GLU L 94 -7.53 29.93 29.45
CA GLU L 94 -7.41 31.27 29.97
C GLU L 94 -6.05 31.41 30.65
N SER L 95 -5.28 32.40 30.19
CA SER L 95 -3.97 32.71 30.79
C SER L 95 -4.05 32.91 32.33
N VAL L 96 -3.10 32.38 33.13
CA VAL L 96 -3.19 32.54 34.64
C VAL L 96 -2.40 33.71 35.10
N SER L 97 -2.72 34.15 36.32
CA SER L 97 -2.03 35.29 36.92
C SER L 97 -1.05 34.82 37.93
N GLU L 98 0.24 35.07 37.64
CA GLU L 98 1.34 34.64 38.51
C GLU L 98 1.11 35.03 39.97
N SER L 99 0.68 34.11 40.79
CA SER L 99 0.44 34.44 42.16
C SER L 99 1.65 34.12 43.05
N ASP L 100 1.35 34.05 44.31
CA ASP L 100 2.31 33.79 45.33
C ASP L 100 2.71 32.35 45.27
N THR L 101 1.74 31.48 45.04
CA THR L 101 2.02 30.08 44.97
C THR L 101 2.04 29.53 43.56
N ILE L 102 1.95 30.41 42.56
CA ILE L 102 1.91 29.95 41.16
C ILE L 102 2.77 30.84 40.32
N ARG L 103 4.00 30.46 40.06
CA ARG L 103 4.85 31.33 39.24
C ARG L 103 5.44 30.47 38.11
N SER L 104 5.80 31.09 36.99
CA SER L 104 6.37 30.29 35.93
C SER L 104 7.88 30.22 36.05
N ILE L 105 8.55 29.24 35.44
CA ILE L 105 10.02 29.13 35.53
C ILE L 105 10.63 29.16 34.19
N SER L 106 11.91 29.55 34.07
CA SER L 106 12.50 29.63 32.74
C SER L 106 13.35 28.39 32.41
N ILE L 107 13.43 28.10 31.11
CA ILE L 107 14.06 26.92 30.63
C ILE L 107 15.52 27.19 30.45
N ALA L 108 16.38 26.32 30.97
CA ALA L 108 17.79 26.46 30.79
C ALA L 108 18.22 26.53 29.30
N SER L 109 19.11 27.44 28.96
CA SER L 109 19.51 27.50 27.58
C SER L 109 20.86 26.72 27.40
N GLN L 110 21.54 26.47 28.50
CA GLN L 110 22.77 25.73 28.49
C GLN L 110 22.49 24.21 28.77
N CYS L 111 23.44 23.35 28.45
CA CYS L 111 23.03 21.92 28.64
C CYS L 111 23.62 21.32 29.89
N PRO L 112 22.92 20.27 30.43
CA PRO L 112 23.29 19.61 31.66
C PRO L 112 24.75 19.39 31.85
N THR L 113 25.29 19.57 33.06
CA THR L 113 26.74 19.31 33.23
C THR L 113 26.83 18.15 34.18
N ALA L 114 27.70 17.25 33.81
CA ALA L 114 27.82 16.04 34.59
C ALA L 114 28.15 16.27 36.04
N GLY L 115 27.56 15.51 36.94
CA GLY L 115 27.96 15.72 38.31
C GLY L 115 27.11 16.73 39.06
N ASN L 116 26.61 17.70 38.31
CA ASN L 116 25.78 18.74 38.86
C ASN L 116 24.53 18.15 39.55
N SER L 117 24.20 18.70 40.71
CA SER L 117 23.08 18.16 41.45
C SER L 117 21.85 18.97 41.20
N CYS L 118 20.70 18.33 41.03
CA CYS L 118 19.55 19.05 40.62
C CYS L 118 18.40 18.50 41.42
N LEU L 119 17.18 18.98 41.13
CA LEU L 119 16.06 18.53 41.91
C LEU L 119 14.97 18.21 40.99
N VAL L 120 14.13 17.26 41.38
CA VAL L 120 13.01 16.88 40.59
C VAL L 120 11.88 16.69 41.61
N SER L 121 10.65 16.96 41.21
CA SER L 121 9.51 16.84 42.08
C SER L 121 8.31 16.27 41.34
N GLY L 122 7.40 15.64 42.08
CA GLY L 122 6.21 15.09 41.43
C GLY L 122 5.34 14.28 42.38
N TRP L 123 4.17 13.85 41.93
CA TRP L 123 3.27 13.07 42.77
C TRP L 123 3.30 11.64 42.38
N GLY L 124 4.37 11.21 41.70
CA GLY L 124 4.45 9.81 41.21
C GLY L 124 4.66 8.85 42.35
N LEU L 125 4.66 7.55 42.04
CA LEU L 125 4.89 6.46 43.01
C LEU L 125 6.12 6.67 43.87
N LEU L 126 5.99 6.25 45.14
CA LEU L 126 7.05 6.34 46.13
C LEU L 126 7.82 5.01 46.23
N ALA L 127 8.92 5.02 46.96
CA ALA L 127 9.76 3.82 47.16
C ALA L 127 8.91 2.59 47.61
N ASN L 128 7.78 2.85 48.27
CA ASN L 128 6.87 1.80 48.74
C ASN L 128 5.84 1.43 47.69
N GLY L 129 5.98 1.97 46.49
CA GLY L 129 5.03 1.66 45.43
C GLY L 129 3.70 2.31 45.69
N ARG L 130 3.71 3.34 46.54
CA ARG L 130 2.50 4.01 46.89
C ARG L 130 2.52 5.46 46.43
N MET L 131 1.33 6.00 46.17
CA MET L 131 1.22 7.38 45.73
C MET L 131 1.24 8.28 46.93
N PRO L 132 2.00 9.39 46.86
CA PRO L 132 2.10 10.35 47.97
C PRO L 132 0.89 11.24 48.11
N THR L 133 0.73 11.88 49.26
CA THR L 133 -0.40 12.79 49.48
C THR L 133 0.00 14.20 49.06
N VAL L 134 1.29 14.51 49.16
CA VAL L 134 1.77 15.84 48.77
C VAL L 134 2.92 15.76 47.78
N LEU L 135 3.25 16.89 47.15
CA LEU L 135 4.26 16.94 46.12
C LEU L 135 5.60 16.51 46.71
N GLN L 136 6.30 15.59 46.04
CA GLN L 136 7.56 15.08 46.52
C GLN L 136 8.71 15.75 45.84
N CYS L 137 9.85 15.66 46.50
CA CYS L 137 11.01 16.25 45.92
C CYS L 137 12.22 15.26 46.02
N VAL L 138 13.30 15.62 45.40
CA VAL L 138 14.44 14.81 45.59
C VAL L 138 15.57 15.30 44.78
N ASN L 139 16.80 14.99 45.20
CA ASN L 139 17.89 15.46 44.41
C ASN L 139 18.63 14.36 43.65
N VAL L 140 19.02 14.64 42.41
CA VAL L 140 19.71 13.63 41.64
C VAL L 140 20.72 14.35 40.87
N SER L 141 21.84 13.74 40.61
CA SER L 141 22.87 14.49 39.86
C SER L 141 22.96 14.07 38.38
N VAL L 142 23.40 15.00 37.58
CA VAL L 142 23.46 14.71 36.22
C VAL L 142 24.51 13.65 36.02
N VAL L 143 24.27 12.67 35.15
CA VAL L 143 25.25 11.61 34.85
C VAL L 143 25.97 11.92 33.52
N SER L 144 27.20 11.49 33.32
CA SER L 144 27.85 11.87 32.06
C SER L 144 27.28 11.28 30.82
N GLU L 145 27.51 11.98 29.76
CA GLU L 145 26.92 11.54 28.47
C GLU L 145 27.40 10.18 28.13
N GLU L 146 28.69 9.95 28.33
CA GLU L 146 29.15 8.63 28.03
C GLU L 146 28.39 7.57 28.76
N VAL L 147 28.43 7.66 30.05
CA VAL L 147 27.72 6.62 30.74
C VAL L 147 26.28 6.49 30.30
N CYS L 148 25.65 7.63 30.08
CA CYS L 148 24.21 7.60 29.72
C CYS L 148 23.90 6.92 28.34
N SER L 149 24.73 7.28 27.36
CA SER L 149 24.54 6.73 26.08
C SER L 149 24.85 5.24 26.02
N LYS L 150 25.86 4.81 26.76
CA LYS L 150 26.17 3.38 26.72
C LYS L 150 25.17 2.67 27.53
N LEU L 151 24.80 3.19 28.66
CA LEU L 151 23.82 2.49 29.42
C LEU L 151 22.48 2.34 28.73
N TYR L 152 22.16 3.20 27.79
CA TYR L 152 20.82 3.18 27.25
C TYR L 152 20.84 3.00 25.78
N ASP L 153 22.02 2.73 25.26
CA ASP L 153 22.17 2.38 23.81
C ASP L 153 21.16 1.19 23.56
N PRO L 154 20.48 1.14 22.41
CA PRO L 154 20.53 2.10 21.35
C PRO L 154 19.39 3.04 21.46
N LEU L 155 18.62 3.01 22.54
CA LEU L 155 17.56 3.95 22.69
C LEU L 155 18.04 5.39 23.03
N TYR L 156 19.27 5.60 23.41
CA TYR L 156 19.64 6.96 23.82
C TYR L 156 19.70 7.90 22.70
N HIS L 157 19.17 9.12 22.89
CA HIS L 157 19.21 10.15 21.76
C HIS L 157 19.64 11.46 22.32
N PRO L 158 20.09 12.35 21.52
CA PRO L 158 20.51 13.62 22.04
C PRO L 158 19.42 14.44 22.67
N SER L 159 18.18 14.03 22.50
CA SER L 159 17.14 14.78 23.09
C SER L 159 16.86 14.31 24.44
N MET L 160 17.83 13.64 25.06
CA MET L 160 17.64 13.12 26.41
C MET L 160 18.87 13.14 27.21
N PHE L 161 18.75 13.01 28.55
CA PHE L 161 19.93 12.95 29.45
C PHE L 161 19.52 12.28 30.69
N CYS L 162 20.49 11.66 31.37
CA CYS L 162 20.27 10.93 32.62
C CYS L 162 20.65 11.73 33.82
N ALA L 163 20.03 11.34 34.87
CA ALA L 163 20.34 11.98 36.14
C ALA L 163 19.98 11.01 37.23
N GLY L 164 20.82 10.98 38.26
CA GLY L 164 20.59 10.04 39.33
C GLY L 164 21.27 8.73 39.14
N GLY L 165 20.61 7.66 39.51
CA GLY L 165 21.24 6.33 39.30
C GLY L 165 22.31 6.01 40.37
N GLY L 166 22.34 6.88 41.39
CA GLY L 166 23.30 6.72 42.44
C GLY L 166 22.93 5.59 43.36
N GLN L 167 23.82 5.35 44.31
CA GLN L 167 23.65 4.30 45.23
C GLN L 167 22.51 4.65 46.19
N ASP L 168 22.29 5.95 46.36
CA ASP L 168 21.24 6.33 47.29
C ASP L 168 19.82 6.00 46.83
N GLN L 169 19.76 5.42 45.65
CA GLN L 169 18.49 5.05 45.11
C GLN L 169 17.46 6.16 45.04
N LYS L 170 17.93 7.37 44.73
CA LYS L 170 17.02 8.51 44.59
C LYS L 170 16.64 8.61 43.09
N ASP L 171 15.35 8.69 42.76
CA ASP L 171 14.98 8.79 41.37
C ASP L 171 13.53 9.13 41.16
N SER L 172 13.08 9.43 39.92
CA SER L 172 11.68 9.66 39.68
C SER L 172 11.07 8.30 39.46
N CYS L 173 9.79 8.20 39.24
CA CYS L 173 9.13 6.91 38.93
C CYS L 173 7.83 7.20 38.20
N ASN L 174 7.01 6.23 37.98
CA ASN L 174 5.71 6.39 37.32
C ASN L 174 4.80 7.44 38.00
N GLY L 175 4.23 8.31 37.18
CA GLY L 175 3.37 9.33 37.73
C GLY L 175 4.10 10.65 37.80
N ASP L 176 5.41 10.64 37.53
CA ASP L 176 6.17 11.85 37.57
C ASP L 176 6.48 12.36 36.20
N SER L 177 6.01 11.62 35.19
CA SER L 177 6.31 11.95 33.78
C SER L 177 5.94 13.40 33.58
N GLY L 178 6.81 14.07 32.83
CA GLY L 178 6.53 15.47 32.54
C GLY L 178 6.88 16.43 33.66
N GLY L 179 7.29 15.86 34.81
CA GLY L 179 7.70 16.65 35.94
C GLY L 179 8.99 17.39 35.58
N PRO L 180 9.29 18.38 36.42
CA PRO L 180 10.48 19.24 36.24
C PRO L 180 11.75 18.71 36.86
N LEU L 181 12.84 19.11 36.25
CA LEU L 181 14.12 18.81 36.77
C LEU L 181 14.83 20.15 36.70
N ILE L 182 14.97 20.78 37.86
CA ILE L 182 15.61 22.11 37.97
C ILE L 182 17.09 22.03 38.28
N CYS L 183 17.92 22.94 37.70
CA CYS L 183 19.39 22.83 37.99
C CYS L 183 19.85 24.16 38.02
N ASN L 184 20.09 24.62 39.24
CA ASN L 184 20.54 26.00 39.50
C ASN L 184 19.41 26.96 39.10
N GLY L 185 18.19 26.64 39.57
CA GLY L 185 17.06 27.45 39.27
C GLY L 185 16.56 27.51 37.88
N TYR L 186 17.06 26.67 36.99
CA TYR L 186 16.50 26.65 35.66
C TYR L 186 15.81 25.31 35.45
N LEU L 187 14.84 25.30 34.53
CA LEU L 187 14.10 24.10 34.14
C LEU L 187 15.08 23.46 33.16
N GLN L 188 15.74 22.35 33.57
CA GLN L 188 16.75 21.66 32.79
C GLN L 188 16.08 20.52 32.02
N GLY L 189 15.12 19.82 32.62
CA GLY L 189 14.48 18.73 31.94
C GLY L 189 13.14 18.29 32.41
N LEU L 190 12.59 17.30 31.71
CA LEU L 190 11.27 16.75 32.08
C LEU L 190 11.43 15.24 32.34
N VAL L 191 10.73 14.78 33.33
CA VAL L 191 10.74 13.37 33.65
C VAL L 191 10.13 12.65 32.40
N SER L 192 10.96 11.87 31.68
CA SER L 192 10.58 11.13 30.44
C SER L 192 10.38 9.64 30.67
N PHE L 193 11.47 8.86 30.91
CA PHE L 193 11.32 7.42 31.16
C PHE L 193 12.57 6.92 31.88
N GLY L 194 12.58 5.62 32.12
CA GLY L 194 13.71 4.95 32.74
C GLY L 194 13.40 3.50 32.98
N LYS L 195 14.42 2.69 33.27
CA LYS L 195 14.21 1.23 33.54
C LYS L 195 13.38 0.98 34.80
N ALA L 196 12.78 -0.20 34.86
CA ALA L 196 11.93 -0.50 36.02
C ALA L 196 12.48 -1.75 36.61
N PRO L 197 12.35 -1.92 37.92
CA PRO L 197 11.71 -0.93 38.78
C PRO L 197 12.57 0.35 38.87
N CYS L 198 12.02 1.34 39.57
CA CYS L 198 12.74 2.58 39.80
C CYS L 198 13.91 2.46 40.74
N GLY L 199 14.54 3.57 40.94
CA GLY L 199 15.57 3.58 41.96
C GLY L 199 16.60 2.46 42.01
N GLN L 200 16.96 1.91 40.87
CA GLN L 200 17.99 0.89 40.84
C GLN L 200 19.35 1.52 40.83
N VAL L 201 20.24 0.86 41.56
CA VAL L 201 21.59 1.39 41.62
C VAL L 201 22.26 1.31 40.23
N GLY L 202 22.92 2.35 39.79
CA GLY L 202 23.57 2.20 38.50
C GLY L 202 22.65 2.34 37.27
N VAL L 203 21.40 2.66 37.52
CA VAL L 203 20.48 2.81 36.44
C VAL L 203 19.81 4.21 36.60
N PRO L 204 20.39 5.23 36.03
CA PRO L 204 19.82 6.56 36.11
C PRO L 204 18.49 6.66 35.32
N GLY L 205 17.71 7.69 35.58
CA GLY L 205 16.50 7.90 34.85
C GLY L 205 16.82 8.85 33.67
N VAL L 206 15.91 8.86 32.65
CA VAL L 206 16.08 9.72 31.45
C VAL L 206 15.13 10.91 31.55
N TYR L 207 15.64 12.04 31.07
CA TYR L 207 14.84 13.29 31.15
C TYR L 207 14.99 13.98 29.78
N THR L 208 13.94 14.69 29.34
CA THR L 208 13.99 15.37 28.06
C THR L 208 15.02 16.49 28.13
N ASN L 209 15.89 16.57 27.17
CA ASN L 209 16.95 17.54 27.23
C ASN L 209 16.56 18.88 26.69
N LEU L 210 15.84 19.61 27.51
CA LEU L 210 15.25 20.91 27.09
C LEU L 210 16.23 21.88 26.48
N CYS L 211 17.52 21.79 26.74
CA CYS L 211 18.36 22.82 26.23
C CYS L 211 18.49 22.54 24.75
N LYS L 212 17.82 21.55 24.34
CA LYS L 212 17.90 21.31 22.93
C LYS L 212 16.66 21.82 22.11
N PHE L 213 15.59 22.18 22.78
CA PHE L 213 14.39 22.62 22.09
C PHE L 213 13.99 24.08 22.39
N THR L 214 14.96 24.90 22.79
CA THR L 214 14.64 26.29 23.11
C THR L 214 13.94 26.96 21.90
N GLU L 215 14.62 27.00 20.76
CA GLU L 215 14.00 27.58 19.59
C GLU L 215 12.59 27.03 19.34
N TRP L 216 12.36 25.74 19.36
CA TRP L 216 11.05 25.22 19.15
C TRP L 216 10.09 25.71 20.23
N ILE L 217 10.50 25.61 21.51
CA ILE L 217 9.60 26.01 22.58
C ILE L 217 9.18 27.47 22.36
N GLU L 218 10.13 28.26 21.85
CA GLU L 218 9.87 29.68 21.64
C GLU L 218 8.91 29.91 20.50
N LYS L 219 9.32 29.51 19.31
CA LYS L 219 8.51 29.68 18.11
C LYS L 219 7.09 29.23 18.34
N THR L 220 6.89 28.32 19.29
CA THR L 220 5.57 27.79 19.55
C THR L 220 4.82 28.68 20.47
N VAL L 221 5.37 28.87 21.66
CA VAL L 221 4.69 29.67 22.67
C VAL L 221 4.33 31.01 22.12
N GLN L 222 5.27 31.62 21.44
CA GLN L 222 5.07 32.95 20.91
C GLN L 222 4.15 32.86 19.68
N ALA L 223 4.77 32.84 18.50
CA ALA L 223 4.02 32.74 17.25
C ALA L 223 2.98 31.54 17.30
N ILE M 1 32.37 8.31 -9.73
CA ILE M 1 31.65 7.01 -9.79
C ILE M 1 32.68 5.93 -10.00
N ILE M 2 32.60 4.87 -9.21
CA ILE M 2 33.55 3.78 -9.33
C ILE M 2 32.90 2.61 -10.03
N ASN M 3 33.54 2.15 -11.12
CA ASN M 3 33.03 1.03 -11.93
C ASN M 3 31.69 1.24 -12.53
N GLY M 4 31.50 2.41 -13.11
CA GLY M 4 30.28 2.76 -13.82
C GLY M 4 30.59 3.03 -15.30
N GLU M 5 29.68 3.71 -16.00
CA GLU M 5 29.94 4.04 -17.39
C GLU M 5 29.35 5.40 -17.77
N ASP M 6 29.76 5.93 -18.91
CA ASP M 6 29.25 7.22 -19.38
C ASP M 6 27.75 7.10 -19.43
N CYS M 7 26.99 7.95 -18.81
CA CYS M 7 25.58 7.76 -19.07
C CYS M 7 25.19 8.12 -20.45
N SER M 8 23.93 8.00 -20.64
CA SER M 8 23.37 8.39 -21.88
C SER M 8 23.19 9.92 -21.79
N PRO M 9 23.87 10.62 -22.69
CA PRO M 9 23.81 12.07 -22.72
C PRO M 9 22.47 12.60 -22.41
N HIS M 10 22.39 13.38 -21.35
CA HIS M 10 21.14 14.02 -20.91
C HIS M 10 20.07 13.10 -20.40
N SER M 11 20.48 11.92 -19.94
CA SER M 11 19.59 10.94 -19.34
C SER M 11 19.19 11.32 -17.90
N GLN M 12 19.91 12.29 -17.29
CA GLN M 12 19.69 12.75 -15.92
C GLN M 12 19.59 14.26 -15.98
N PRO M 13 18.52 14.75 -16.54
CA PRO M 13 18.35 16.19 -16.65
C PRO M 13 18.30 16.99 -15.33
N TRP M 14 18.18 16.30 -14.18
CA TRP M 14 18.09 17.01 -12.89
C TRP M 14 19.51 17.20 -12.35
N GLN M 15 20.50 16.60 -12.98
CA GLN M 15 21.85 16.73 -12.51
C GLN M 15 22.36 18.14 -12.60
N ALA M 16 22.86 18.66 -11.47
CA ALA M 16 23.46 19.98 -11.34
C ALA M 16 24.93 19.89 -11.02
N ALA M 17 25.81 20.54 -11.77
CA ALA M 17 27.20 20.53 -11.50
C ALA M 17 27.58 21.79 -10.71
N LEU M 18 28.42 21.68 -9.66
CA LEU M 18 28.86 22.82 -8.87
C LEU M 18 30.33 23.03 -9.13
N VAL M 19 30.69 24.12 -9.79
CA VAL M 19 32.10 24.41 -10.09
C VAL M 19 32.59 25.66 -9.36
N MET M 20 33.89 25.62 -8.99
CA MET M 20 34.56 26.66 -8.26
C MET M 20 35.42 27.35 -9.22
N GLU M 21 36.57 27.83 -8.75
CA GLU M 21 37.42 28.61 -9.62
C GLU M 21 37.31 28.11 -11.06
N ASN M 22 37.62 26.85 -11.29
CA ASN M 22 37.49 26.38 -12.66
C ASN M 22 37.33 24.89 -12.62
N GLU M 23 36.92 24.35 -11.47
CA GLU M 23 36.80 22.94 -11.40
C GLU M 23 35.53 22.49 -10.71
N LEU M 24 35.13 21.25 -10.93
CA LEU M 24 33.94 20.68 -10.34
C LEU M 24 34.30 20.18 -8.96
N PHE M 25 33.47 20.45 -7.97
CA PHE M 25 33.73 19.99 -6.64
C PHE M 25 32.49 19.25 -6.01
N CYS M 26 31.31 19.38 -6.60
CA CYS M 26 30.14 18.71 -6.04
C CYS M 26 29.11 18.59 -7.16
N SER M 27 27.90 18.16 -6.82
CA SER M 27 26.81 18.07 -7.75
C SER M 27 25.58 18.47 -6.96
N GLY M 28 24.43 18.59 -7.63
CA GLY M 28 23.18 18.92 -6.93
C GLY M 28 22.00 18.39 -7.72
N VAL M 29 20.81 18.52 -7.21
CA VAL M 29 19.72 17.97 -7.96
C VAL M 29 18.71 19.05 -8.05
N LEU M 30 18.26 19.33 -9.29
CA LEU M 30 17.25 20.35 -9.55
C LEU M 30 15.94 19.81 -9.04
N VAL M 31 15.48 20.27 -7.90
CA VAL M 31 14.25 19.70 -7.39
C VAL M 31 13.10 20.65 -7.62
N HIS M 32 13.39 21.74 -8.30
CA HIS M 32 12.43 22.79 -8.55
C HIS M 32 13.10 23.75 -9.50
N PRO M 33 12.32 24.53 -10.23
CA PRO M 33 12.86 25.48 -11.20
C PRO M 33 13.87 26.47 -10.67
N GLN M 34 13.65 26.91 -9.44
CA GLN M 34 14.59 27.82 -8.83
C GLN M 34 15.38 27.30 -7.56
N TRP M 35 15.47 25.98 -7.45
CA TRP M 35 16.12 25.37 -6.32
C TRP M 35 16.93 24.14 -6.65
N VAL M 36 18.19 24.10 -6.21
CA VAL M 36 19.04 23.02 -6.38
C VAL M 36 19.34 22.39 -5.03
N LEU M 37 19.04 21.09 -4.86
CA LEU M 37 19.27 20.29 -3.65
C LEU M 37 20.65 19.78 -3.72
N SER M 38 21.30 19.77 -2.59
CA SER M 38 22.67 19.31 -2.50
C SER M 38 23.14 18.92 -1.14
N ALA M 39 24.40 18.56 -1.03
CA ALA M 39 24.91 18.16 0.28
C ALA M 39 25.36 19.37 1.04
N ALA M 40 24.90 19.46 2.29
CA ALA M 40 25.33 20.55 3.16
C ALA M 40 26.83 20.74 3.19
N HIS M 41 27.60 19.68 3.06
CA HIS M 41 29.02 19.86 3.10
C HIS M 41 29.52 20.37 1.82
N CYS M 42 28.65 20.93 1.05
CA CYS M 42 29.08 21.47 -0.21
C CYS M 42 29.03 22.95 -0.24
N PHE M 43 28.38 23.52 0.76
CA PHE M 43 28.12 24.91 0.93
C PHE M 43 29.23 25.85 0.53
N GLN M 44 28.85 26.96 -0.12
CA GLN M 44 29.75 28.01 -0.54
C GLN M 44 29.03 29.32 -0.37
N ASN M 45 29.72 30.43 -0.58
CA ASN M 45 29.07 31.74 -0.45
C ASN M 45 28.39 32.07 -1.74
N SER M 46 28.95 31.57 -2.82
CA SER M 46 28.33 31.74 -4.06
C SER M 46 28.68 30.51 -4.93
N TYR M 47 27.72 30.03 -5.71
CA TYR M 47 27.95 28.87 -6.55
C TYR M 47 27.78 29.25 -8.02
N THR M 48 28.38 28.43 -8.88
CA THR M 48 28.25 28.56 -10.29
C THR M 48 27.70 27.22 -10.72
N ILE M 49 26.39 27.05 -10.70
CA ILE M 49 25.74 25.81 -11.09
C ILE M 49 25.58 25.62 -12.62
N GLY M 50 25.93 24.43 -13.12
CA GLY M 50 25.80 24.11 -14.50
C GLY M 50 24.68 23.11 -14.69
N LEU M 51 23.66 23.46 -15.44
CA LEU M 51 22.53 22.58 -15.74
C LEU M 51 22.57 22.11 -17.20
N GLY M 52 21.92 20.99 -17.45
CA GLY M 52 21.85 20.43 -18.79
C GLY M 52 23.19 20.00 -19.33
N LEU M 53 24.17 19.75 -18.47
CA LEU M 53 25.46 19.32 -18.94
C LEU M 53 25.63 17.84 -19.10
N HIS M 54 26.75 17.45 -19.69
CA HIS M 54 27.11 16.05 -19.88
C HIS M 54 28.61 16.06 -19.84
N SER M 55 29.19 17.01 -20.46
CA SER M 55 30.60 17.12 -20.32
C SER M 55 30.75 18.47 -19.57
N LEU M 56 31.85 18.67 -18.84
CA LEU M 56 32.04 19.87 -18.05
C LEU M 56 32.23 21.09 -18.95
N GLU M 57 32.63 20.82 -20.20
CA GLU M 57 32.83 21.85 -21.24
C GLU M 57 31.49 22.50 -21.59
N ALA M 58 31.02 23.41 -20.75
CA ALA M 58 29.72 24.07 -20.97
C ALA M 58 29.45 24.51 -22.41
N ASP M 59 30.45 25.10 -23.04
CA ASP M 59 30.31 25.59 -24.43
C ASP M 59 30.51 24.46 -25.43
N GLN M 60 29.88 23.34 -25.19
CA GLN M 60 29.99 22.16 -26.05
C GLN M 60 28.71 21.42 -25.80
N GLU M 61 27.86 21.96 -24.96
CA GLU M 61 26.60 21.31 -24.67
C GLU M 61 25.49 22.31 -24.91
N PRO M 62 24.65 22.07 -25.88
CA PRO M 62 23.53 22.90 -26.27
C PRO M 62 22.66 23.44 -25.16
N GLY M 63 21.57 22.78 -24.88
CA GLY M 63 20.68 23.32 -23.88
C GLY M 63 21.26 23.65 -22.53
N SER M 64 22.56 23.54 -22.39
CA SER M 64 23.20 23.83 -21.13
C SER M 64 23.04 25.25 -20.65
N GLN M 65 22.97 25.45 -19.34
CA GLN M 65 22.87 26.79 -18.76
C GLN M 65 23.71 26.93 -17.48
N MET M 66 24.73 27.77 -17.54
CA MET M 66 25.54 28.05 -16.39
C MET M 66 24.97 29.15 -15.53
N VAL M 67 23.94 28.89 -14.76
CA VAL M 67 23.38 29.89 -13.90
C VAL M 67 24.25 30.18 -12.66
N GLU M 68 23.81 31.15 -11.85
CA GLU M 68 24.49 31.58 -10.64
C GLU M 68 23.53 31.69 -9.47
N ALA M 69 24.09 31.55 -8.28
CA ALA M 69 23.30 31.64 -7.06
C ALA M 69 24.17 31.96 -5.88
N SER M 70 23.53 32.44 -4.82
CA SER M 70 24.30 32.74 -3.60
C SER M 70 23.50 32.44 -2.36
N LEU M 71 22.20 32.41 -2.43
CA LEU M 71 21.47 32.12 -1.21
C LEU M 71 21.38 30.60 -1.00
N SER M 72 22.07 30.07 0.04
CA SER M 72 22.03 28.61 0.33
C SER M 72 21.46 28.41 1.70
N VAL M 73 20.69 27.37 1.92
CA VAL M 73 20.15 27.12 3.27
C VAL M 73 20.58 25.67 3.67
N ARG M 74 21.56 25.53 4.60
CA ARG M 74 21.98 24.24 5.10
C ARG M 74 20.98 23.81 6.09
N HIS M 75 20.82 22.53 6.30
CA HIS M 75 19.82 22.13 7.28
C HIS M 75 20.26 22.51 8.74
N PRO M 76 19.33 23.03 9.49
CA PRO M 76 19.60 23.42 10.86
C PRO M 76 20.51 22.47 11.60
N GLU M 77 20.21 21.14 11.58
CA GLU M 77 20.99 20.11 12.29
C GLU M 77 22.16 19.52 11.54
N TYR M 78 22.57 20.12 10.46
CA TYR M 78 23.64 19.53 9.78
C TYR M 78 24.83 19.30 10.69
N ASN M 79 25.58 18.22 10.48
CA ASN M 79 26.75 17.84 11.27
C ASN M 79 26.56 17.63 12.82
N ARG M 80 25.33 17.46 13.26
CA ARG M 80 25.04 17.23 14.59
C ARG M 80 24.00 16.12 14.55
N PRO M 81 24.42 14.87 14.75
CA PRO M 81 25.75 14.35 15.02
C PRO M 81 26.65 14.45 13.88
N LEU M 82 27.92 14.22 14.19
CA LEU M 82 28.96 14.35 13.23
C LEU M 82 28.52 13.73 11.96
N LEU M 83 28.63 14.47 10.89
CA LEU M 83 28.26 13.97 9.54
C LEU M 83 26.73 13.87 9.20
N ALA M 84 25.85 13.98 10.16
CA ALA M 84 24.42 13.85 9.86
C ALA M 84 23.71 15.03 9.24
N ASN M 85 22.50 14.78 8.83
CA ASN M 85 21.70 15.77 8.15
C ASN M 85 22.46 16.53 7.06
N ASP M 86 23.17 15.81 6.21
CA ASP M 86 24.00 16.44 5.16
C ASP M 86 23.23 16.91 3.90
N LEU M 87 22.20 17.72 4.04
CA LEU M 87 21.50 18.25 2.87
C LEU M 87 21.43 19.80 2.95
N MET M 88 21.41 20.43 1.78
CA MET M 88 21.31 21.91 1.65
C MET M 88 20.57 22.35 0.37
N LEU M 89 19.64 23.28 0.50
CA LEU M 89 18.93 23.85 -0.67
C LEU M 89 19.63 25.15 -1.15
N ILE M 90 19.97 25.21 -2.44
CA ILE M 90 20.58 26.39 -3.06
C ILE M 90 19.52 27.07 -3.91
N LYS M 91 19.21 28.36 -3.65
CA LYS M 91 18.19 29.12 -4.42
C LYS M 91 18.92 29.83 -5.50
N LEU M 92 18.52 29.52 -6.73
CA LEU M 92 19.16 30.08 -7.93
C LEU M 92 18.73 31.55 -8.10
N ASP M 93 19.63 32.38 -8.64
CA ASP M 93 19.31 33.79 -8.79
C ASP M 93 18.10 33.92 -9.68
N GLU M 94 18.21 33.40 -10.88
CA GLU M 94 17.13 33.47 -11.83
C GLU M 94 16.61 32.05 -12.04
N SER M 95 15.33 31.88 -11.79
CA SER M 95 14.66 30.59 -12.05
C SER M 95 14.92 30.04 -13.50
N VAL M 96 15.16 28.73 -13.70
CA VAL M 96 15.44 28.20 -15.04
C VAL M 96 14.21 27.67 -15.70
N SER M 97 14.27 27.51 -17.02
CA SER M 97 13.16 26.98 -17.77
C SER M 97 13.41 25.56 -18.16
N GLU M 98 12.59 24.67 -17.62
CA GLU M 98 12.73 23.24 -17.85
C GLU M 98 12.82 22.92 -19.32
N SER M 99 14.00 22.65 -19.79
CA SER M 99 14.18 22.34 -21.18
C SER M 99 14.16 20.83 -21.43
N ASP M 100 14.66 20.51 -22.60
CA ASP M 100 14.72 19.16 -23.08
C ASP M 100 15.81 18.43 -22.33
N THR M 101 16.93 19.11 -22.07
CA THR M 101 18.00 18.50 -21.37
C THR M 101 18.12 18.96 -19.92
N ILE M 102 17.17 19.72 -19.44
CA ILE M 102 17.20 20.26 -18.07
C ILE M 102 15.85 20.14 -17.42
N ARG M 103 15.57 19.10 -16.69
CA ARG M 103 14.27 18.97 -16.09
C ARG M 103 14.48 18.71 -14.57
N SER M 104 13.51 19.07 -13.74
CA SER M 104 13.69 18.85 -12.33
C SER M 104 13.13 17.49 -11.94
N ILE M 105 13.52 16.91 -10.80
CA ILE M 105 13.03 15.59 -10.39
C ILE M 105 12.40 15.67 -9.04
N SER M 106 11.53 14.76 -8.71
CA SER M 106 10.86 14.83 -7.41
C SER M 106 11.47 13.88 -6.39
N ILE M 107 11.33 14.31 -5.14
CA ILE M 107 11.96 13.64 -4.03
C ILE M 107 11.07 12.56 -3.52
N ALA M 108 11.62 11.35 -3.36
CA ALA M 108 10.86 10.26 -2.85
C ALA M 108 10.23 10.57 -1.47
N SER M 109 8.97 10.21 -1.28
CA SER M 109 8.38 10.49 0.02
C SER M 109 8.44 9.20 0.91
N GLN M 110 8.66 8.05 0.26
CA GLN M 110 8.79 6.81 0.96
C GLN M 110 10.32 6.53 1.26
N CYS M 111 10.67 5.73 2.26
CA CYS M 111 12.11 5.55 2.53
C CYS M 111 12.65 4.44 1.74
N PRO M 112 14.00 4.29 1.59
CA PRO M 112 14.73 3.25 0.83
C PRO M 112 14.34 1.85 1.20
N THR M 113 14.25 0.91 0.26
CA THR M 113 13.91 -0.46 0.64
C THR M 113 15.14 -1.30 0.33
N ALA M 114 15.50 -2.12 1.27
CA ALA M 114 16.69 -2.93 1.15
C ALA M 114 16.67 -3.80 -0.07
N GLY M 115 17.81 -3.90 -0.72
CA GLY M 115 17.81 -4.76 -1.87
C GLY M 115 17.47 -4.10 -3.20
N ASN M 116 16.65 -3.06 -3.10
CA ASN M 116 16.23 -2.27 -4.24
C ASN M 116 17.42 -1.67 -5.00
N SER M 117 17.38 -1.73 -6.29
CA SER M 117 18.54 -1.29 -7.06
C SER M 117 18.30 0.08 -7.53
N CYS M 118 19.28 0.97 -7.36
CA CYS M 118 19.17 2.40 -7.69
C CYS M 118 20.31 2.92 -8.50
N LEU M 119 20.18 4.13 -8.98
CA LEU M 119 21.27 4.62 -9.81
C LEU M 119 21.81 5.88 -9.22
N VAL M 120 23.11 6.11 -9.42
CA VAL M 120 23.71 7.30 -8.90
C VAL M 120 24.60 7.76 -10.04
N SER M 121 24.80 9.08 -10.13
CA SER M 121 25.62 9.63 -11.21
C SER M 121 26.44 10.80 -10.71
N GLY M 122 27.56 11.09 -11.40
CA GLY M 122 28.37 12.20 -11.02
C GLY M 122 29.66 12.27 -11.76
N TRP M 123 30.41 13.34 -11.56
CA TRP M 123 31.68 13.52 -12.24
C TRP M 123 32.86 13.26 -11.31
N GLY M 124 32.61 12.56 -10.21
CA GLY M 124 33.64 12.30 -9.23
C GLY M 124 34.67 11.34 -9.76
N LEU M 125 35.73 11.07 -8.96
CA LEU M 125 36.82 10.15 -9.28
C LEU M 125 36.34 8.79 -9.74
N LEU M 126 37.07 8.22 -10.68
CA LEU M 126 36.81 6.93 -11.23
C LEU M 126 37.67 5.86 -10.56
N ALA M 127 37.38 4.59 -10.88
CA ALA M 127 38.10 3.45 -10.33
C ALA M 127 39.62 3.64 -10.46
N ASN M 128 40.04 4.39 -11.49
CA ASN M 128 41.47 4.67 -11.75
C ASN M 128 41.99 5.89 -11.01
N GLY M 129 41.15 6.45 -10.16
CA GLY M 129 41.56 7.62 -9.42
C GLY M 129 41.60 8.82 -10.30
N ARG M 130 40.93 8.73 -11.45
CA ARG M 130 40.94 9.80 -12.39
C ARG M 130 39.58 10.40 -12.57
N MET M 131 39.54 11.68 -12.91
CA MET M 131 38.26 12.38 -13.13
C MET M 131 37.78 12.09 -14.52
N PRO M 132 36.47 11.78 -14.69
CA PRO M 132 35.87 11.46 -15.99
C PRO M 132 35.63 12.71 -16.87
N THR M 133 35.45 12.52 -18.17
CA THR M 133 35.21 13.64 -19.05
C THR M 133 33.72 13.90 -19.16
N VAL M 134 32.92 12.86 -18.97
CA VAL M 134 31.45 13.00 -19.02
C VAL M 134 30.77 12.43 -17.74
N LEU M 135 29.50 12.72 -17.55
CA LEU M 135 28.77 12.32 -16.39
C LEU M 135 28.72 10.84 -16.31
N GLN M 136 29.03 10.26 -15.14
CA GLN M 136 29.07 8.81 -14.95
C GLN M 136 27.80 8.33 -14.31
N CYS M 137 27.38 7.09 -14.61
CA CYS M 137 26.12 6.50 -14.05
C CYS M 137 26.38 5.10 -13.60
N VAL M 138 25.92 4.64 -12.46
CA VAL M 138 26.19 3.27 -11.95
C VAL M 138 25.04 2.83 -11.09
N ASN M 139 24.91 1.54 -10.94
CA ASN M 139 23.82 1.04 -10.12
C ASN M 139 24.29 0.40 -8.79
N VAL M 140 23.58 0.70 -7.72
CA VAL M 140 24.00 0.18 -6.46
C VAL M 140 22.75 -0.15 -5.76
N SER M 141 22.71 -1.18 -4.91
CA SER M 141 21.43 -1.52 -4.25
C SER M 141 21.37 -1.09 -2.78
N VAL M 142 20.17 -0.79 -2.35
CA VAL M 142 20.04 -0.33 -1.03
C VAL M 142 20.47 -1.45 -0.12
N VAL M 143 21.22 -1.15 0.96
CA VAL M 143 21.66 -2.12 1.95
C VAL M 143 20.78 -2.05 3.17
N SER M 144 20.57 -3.12 3.91
CA SER M 144 19.62 -3.02 5.04
C SER M 144 20.05 -2.14 6.14
N GLU M 145 19.06 -1.63 6.86
CA GLU M 145 19.36 -0.75 7.97
C GLU M 145 20.27 -1.39 8.96
N GLU M 146 20.01 -2.63 9.32
CA GLU M 146 20.86 -3.30 10.25
C GLU M 146 22.27 -3.29 9.78
N VAL M 147 22.52 -3.89 8.68
CA VAL M 147 23.92 -3.88 8.30
C VAL M 147 24.51 -2.46 8.34
N CYS M 148 23.67 -1.49 8.04
CA CYS M 148 24.21 -0.15 7.82
C CYS M 148 24.61 0.48 9.08
N SER M 149 23.69 0.38 10.02
CA SER M 149 23.95 0.97 11.25
C SER M 149 25.08 0.26 11.96
N LYS M 150 25.26 -1.06 11.80
CA LYS M 150 26.33 -1.71 12.51
C LYS M 150 27.57 -1.42 11.81
N LEU M 151 27.57 -1.45 10.54
CA LEU M 151 28.82 -1.16 9.86
C LEU M 151 29.32 0.25 10.11
N TYR M 152 28.45 1.18 10.47
CA TYR M 152 28.87 2.56 10.55
C TYR M 152 28.66 3.16 11.88
N ASP M 153 28.29 2.32 12.81
CA ASP M 153 28.17 2.72 14.20
C ASP M 153 29.55 3.31 14.62
N PRO M 154 29.59 4.36 15.43
CA PRO M 154 28.47 5.09 15.97
C PRO M 154 28.18 6.32 15.15
N LEU M 155 28.80 6.47 13.99
CA LEU M 155 28.47 7.57 13.15
C LEU M 155 27.08 7.45 12.41
N TYR M 156 26.49 6.27 12.34
CA TYR M 156 25.28 6.16 11.57
C TYR M 156 24.13 6.94 12.21
N HIS M 157 23.30 7.63 11.41
CA HIS M 157 22.16 8.32 11.92
C HIS M 157 20.98 8.08 11.05
N PRO M 158 19.81 8.31 11.53
CA PRO M 158 18.63 8.08 10.68
C PRO M 158 18.56 8.94 9.47
N SER M 159 19.42 9.94 9.39
CA SER M 159 19.32 10.83 8.25
C SER M 159 20.18 10.33 7.21
N MET M 160 20.49 9.04 7.26
CA MET M 160 21.38 8.50 6.25
C MET M 160 21.04 7.11 5.91
N PHE M 161 21.56 6.56 4.78
CA PHE M 161 21.37 5.17 4.39
C PHE M 161 22.42 4.75 3.50
N CYS M 162 22.48 3.43 3.39
CA CYS M 162 23.58 2.76 2.60
C CYS M 162 23.20 2.16 1.37
N ALA M 163 24.10 2.15 0.44
CA ALA M 163 23.75 1.53 -0.82
C ALA M 163 24.99 1.10 -1.46
N GLY M 164 24.92 -0.02 -2.08
CA GLY M 164 26.12 -0.52 -2.73
C GLY M 164 26.94 -1.44 -1.81
N GLY M 165 28.26 -1.38 -1.92
CA GLY M 165 29.08 -2.21 -1.04
C GLY M 165 29.15 -3.63 -1.45
N GLY M 166 28.69 -3.86 -2.66
CA GLY M 166 28.68 -5.22 -3.20
C GLY M 166 30.03 -5.61 -3.69
N GLN M 167 30.10 -6.84 -4.13
CA GLN M 167 31.34 -7.40 -4.58
C GLN M 167 31.77 -6.79 -5.89
N ASP M 168 30.79 -6.31 -6.65
CA ASP M 168 31.12 -5.69 -7.92
C ASP M 168 31.88 -4.39 -7.81
N GLN M 169 32.12 -3.96 -6.60
CA GLN M 169 32.82 -2.76 -6.35
C GLN M 169 32.26 -1.52 -7.10
N LYS M 170 30.94 -1.40 -7.17
CA LYS M 170 30.30 -0.27 -7.76
C LYS M 170 29.97 0.70 -6.64
N ASP M 171 30.36 1.97 -6.77
CA ASP M 171 30.09 2.99 -5.72
C ASP M 171 30.36 4.41 -6.12
N SER M 172 30.00 5.38 -5.32
CA SER M 172 30.32 6.74 -5.62
C SER M 172 31.69 6.96 -5.08
N CYS M 173 32.17 8.15 -5.24
CA CYS M 173 33.48 8.58 -4.84
C CYS M 173 33.64 10.09 -4.80
N ASN M 174 34.79 10.51 -4.28
CA ASN M 174 35.11 11.94 -4.16
C ASN M 174 34.75 12.72 -5.40
N GLY M 175 34.01 13.80 -5.23
CA GLY M 175 33.61 14.58 -6.37
C GLY M 175 32.17 14.29 -6.73
N ASP M 176 31.55 13.32 -6.10
CA ASP M 176 30.20 13.02 -6.41
C ASP M 176 29.30 13.50 -5.32
N SER M 177 29.88 14.15 -4.31
CA SER M 177 29.10 14.60 -3.17
C SER M 177 27.93 15.39 -3.64
N GLY M 178 26.79 15.20 -3.02
CA GLY M 178 25.63 15.94 -3.41
C GLY M 178 24.95 15.43 -4.63
N GLY M 179 25.57 14.45 -5.28
CA GLY M 179 24.97 13.83 -6.46
C GLY M 179 23.69 13.08 -6.08
N PRO M 180 22.90 12.74 -7.07
CA PRO M 180 21.64 12.03 -6.91
C PRO M 180 21.69 10.53 -6.84
N LEU M 181 20.74 9.97 -6.10
CA LEU M 181 20.59 8.56 -6.03
C LEU M 181 19.10 8.37 -6.30
N ILE M 182 18.79 7.88 -7.51
CA ILE M 182 17.40 7.68 -7.96
C ILE M 182 16.96 6.28 -7.74
N CYS M 183 15.78 6.05 -7.22
CA CYS M 183 15.34 4.71 -7.09
C CYS M 183 13.91 4.74 -7.52
N ASN M 184 13.63 4.11 -8.69
CA ASN M 184 12.29 4.01 -9.35
C ASN M 184 11.84 5.36 -9.74
N GLY M 185 12.75 6.08 -10.38
CA GLY M 185 12.46 7.42 -10.79
C GLY M 185 12.26 8.51 -9.72
N TYR M 186 12.57 8.26 -8.48
CA TYR M 186 12.46 9.30 -7.54
C TYR M 186 13.86 9.60 -7.03
N LEU M 187 14.06 10.82 -6.51
CA LEU M 187 15.32 11.25 -5.93
C LEU M 187 15.21 10.65 -4.53
N GLN M 188 16.03 9.62 -4.26
CA GLN M 188 16.01 8.90 -2.95
C GLN M 188 17.06 9.47 -2.01
N GLY M 189 18.24 9.80 -2.52
CA GLY M 189 19.28 10.35 -1.72
C GLY M 189 20.34 11.21 -2.37
N LEU M 190 21.28 11.67 -1.56
CA LEU M 190 22.39 12.47 -2.08
C LEU M 190 23.69 11.82 -1.67
N VAL M 191 24.65 11.82 -2.55
CA VAL M 191 25.92 11.28 -2.22
C VAL M 191 26.49 12.11 -1.03
N SER M 192 26.66 11.49 0.16
CA SER M 192 27.17 12.13 1.40
C SER M 192 28.59 11.78 1.76
N PHE M 193 28.85 10.56 2.16
CA PHE M 193 30.21 10.15 2.49
C PHE M 193 30.34 8.61 2.44
N GLY M 194 31.54 8.14 2.74
CA GLY M 194 31.79 6.71 2.82
C GLY M 194 33.26 6.45 3.11
N LYS M 195 33.61 5.24 3.54
CA LYS M 195 35.02 4.90 3.86
C LYS M 195 35.92 5.00 2.63
N ALA M 196 37.21 5.13 2.83
CA ALA M 196 38.10 5.25 1.68
C ALA M 196 39.10 4.16 1.83
N PRO M 197 39.65 3.64 0.73
CA PRO M 197 39.27 4.07 -0.59
C PRO M 197 37.83 3.68 -0.93
N CYS M 198 37.47 4.07 -2.13
CA CYS M 198 36.14 3.83 -2.64
C CYS M 198 36.01 2.44 -3.21
N GLY M 199 34.75 2.01 -3.35
CA GLY M 199 34.53 0.70 -3.94
C GLY M 199 35.04 -0.52 -3.23
N GLN M 200 35.08 -0.49 -1.92
CA GLN M 200 35.55 -1.64 -1.16
C GLN M 200 34.43 -2.61 -0.96
N VAL M 201 34.77 -3.86 -1.07
CA VAL M 201 33.75 -4.88 -0.93
C VAL M 201 33.21 -4.84 0.47
N GLY M 202 31.91 -4.91 0.66
CA GLY M 202 31.42 -4.95 2.03
C GLY M 202 31.39 -3.62 2.73
N VAL M 203 31.74 -2.58 2.00
CA VAL M 203 31.71 -1.26 2.60
C VAL M 203 30.84 -0.38 1.75
N PRO M 204 29.57 -0.32 2.02
CA PRO M 204 28.67 0.51 1.23
C PRO M 204 28.93 1.99 1.45
N GLY M 205 28.40 2.85 0.55
CA GLY M 205 28.55 4.28 0.71
C GLY M 205 27.34 4.82 1.47
N VAL M 206 27.50 6.01 2.09
CA VAL M 206 26.38 6.63 2.79
C VAL M 206 25.70 7.77 1.91
N TYR M 207 24.36 7.88 1.99
CA TYR M 207 23.63 8.83 1.26
C TYR M 207 22.66 9.50 2.19
N THR M 208 22.38 10.80 1.96
CA THR M 208 21.42 11.53 2.78
C THR M 208 20.02 10.99 2.60
N ASN M 209 19.32 10.63 3.64
CA ASN M 209 18.06 9.96 3.53
C ASN M 209 16.93 10.93 3.36
N LEU M 210 16.77 11.40 2.11
CA LEU M 210 15.80 12.46 1.78
C LEU M 210 14.41 12.19 2.19
N CYS M 211 14.01 10.95 2.13
CA CYS M 211 12.67 10.79 2.55
C CYS M 211 12.42 11.47 3.95
N LYS M 212 13.46 11.65 4.70
CA LYS M 212 13.27 12.16 6.04
C LYS M 212 13.16 13.69 6.17
N PHE M 213 13.44 14.43 5.11
CA PHE M 213 13.42 15.89 5.16
C PHE M 213 12.42 16.50 4.18
N THR M 214 11.39 15.75 3.80
CA THR M 214 10.39 16.28 2.85
C THR M 214 9.79 17.57 3.43
N GLU M 215 9.18 17.51 4.59
CA GLU M 215 8.65 18.71 5.18
C GLU M 215 9.66 19.88 5.20
N TRP M 216 10.88 19.68 5.59
CA TRP M 216 11.83 20.77 5.56
C TRP M 216 12.07 21.24 4.17
N ILE M 217 12.37 20.33 3.29
CA ILE M 217 12.63 20.74 1.91
C ILE M 217 11.45 21.59 1.38
N GLU M 218 10.24 21.25 1.80
CA GLU M 218 9.07 21.95 1.30
C GLU M 218 8.99 23.31 1.89
N LYS M 219 8.86 23.36 3.22
CA LYS M 219 8.75 24.64 3.93
C LYS M 219 9.83 25.64 3.48
N THR M 220 10.94 25.16 2.98
CA THR M 220 12.02 26.01 2.57
C THR M 220 11.83 26.48 1.18
N VAL M 221 11.70 25.57 0.23
CA VAL M 221 11.54 25.91 -1.18
C VAL M 221 10.39 26.83 -1.39
N GLN M 222 9.27 26.51 -0.74
CA GLN M 222 8.06 27.30 -0.85
C GLN M 222 8.21 28.59 -0.07
N ALA M 223 7.68 28.58 1.14
CA ALA M 223 7.78 29.74 2.05
C ALA M 223 9.27 30.24 2.19
N ILE N 1 46.60 -17.08 -4.55
CA ILE N 1 47.02 -17.76 -3.31
C ILE N 1 48.22 -17.01 -2.73
N ILE N 2 48.17 -16.71 -1.43
CA ILE N 2 49.27 -16.00 -0.80
C ILE N 2 50.10 -16.95 0.04
N ASN N 3 51.41 -16.96 -0.23
CA ASN N 3 52.37 -17.84 0.44
C ASN N 3 52.12 -19.34 0.30
N GLY N 4 51.84 -19.75 -0.92
CA GLY N 4 51.60 -21.15 -1.22
C GLY N 4 52.66 -21.62 -2.25
N GLU N 5 52.39 -22.72 -2.95
CA GLU N 5 53.33 -23.21 -3.92
C GLU N 5 52.63 -23.87 -5.09
N ASP N 6 53.36 -24.11 -6.17
CA ASP N 6 52.82 -24.76 -7.35
C ASP N 6 52.22 -26.03 -6.92
N CYS N 7 50.98 -26.24 -7.20
CA CYS N 7 50.33 -27.43 -6.84
C CYS N 7 51.02 -28.51 -7.70
N SER N 8 50.87 -29.82 -7.31
CA SER N 8 51.33 -31.00 -8.09
C SER N 8 50.35 -31.07 -9.30
N PRO N 9 50.91 -30.92 -10.49
CA PRO N 9 50.16 -30.93 -11.73
C PRO N 9 49.05 -31.92 -11.70
N HIS N 10 47.84 -31.42 -11.82
CA HIS N 10 46.66 -32.26 -11.83
C HIS N 10 46.26 -32.92 -10.57
N SER N 11 46.75 -32.35 -9.43
CA SER N 11 46.43 -32.87 -8.11
C SER N 11 45.03 -32.49 -7.65
N GLN N 12 44.41 -31.52 -8.37
CA GLN N 12 43.06 -31.00 -8.05
C GLN N 12 42.26 -31.05 -9.35
N PRO N 13 41.92 -32.26 -9.78
CA PRO N 13 41.16 -32.41 -11.02
C PRO N 13 39.75 -31.73 -11.05
N TRP N 14 39.25 -31.24 -9.91
CA TRP N 14 37.92 -30.67 -9.89
C TRP N 14 38.03 -29.19 -10.13
N GLN N 15 39.25 -28.70 -10.17
CA GLN N 15 39.46 -27.28 -10.37
C GLN N 15 39.03 -26.82 -11.71
N ALA N 16 38.18 -25.80 -11.75
CA ALA N 16 37.66 -25.20 -13.01
C ALA N 16 38.15 -23.78 -13.12
N ALA N 17 38.70 -23.40 -14.22
CA ALA N 17 39.11 -22.04 -14.40
C ALA N 17 38.02 -21.27 -15.21
N LEU N 18 37.73 -20.03 -14.85
CA LEU N 18 36.76 -19.22 -15.54
C LEU N 18 37.51 -18.04 -16.21
N VAL N 19 37.57 -18.04 -17.55
CA VAL N 19 38.24 -16.97 -18.28
C VAL N 19 37.26 -16.14 -19.11
N MET N 20 37.58 -14.86 -19.22
CA MET N 20 36.80 -13.88 -19.94
C MET N 20 37.51 -13.60 -21.19
N GLU N 21 37.41 -12.36 -21.68
CA GLU N 21 38.02 -12.03 -22.95
C GLU N 21 39.28 -12.88 -23.15
N ASN N 22 40.26 -12.76 -22.26
CA ASN N 22 41.44 -13.57 -22.49
C ASN N 22 42.13 -13.75 -21.18
N GLU N 23 41.40 -13.55 -20.08
CA GLU N 23 42.07 -13.65 -18.79
C GLU N 23 41.21 -14.39 -17.78
N LEU N 24 41.86 -14.88 -16.73
CA LEU N 24 41.19 -15.64 -15.68
C LEU N 24 40.62 -14.65 -14.69
N PHE N 25 39.39 -14.84 -14.29
CA PHE N 25 38.81 -13.95 -13.30
C PHE N 25 38.22 -14.71 -12.09
N CYS N 26 38.08 -16.05 -12.24
CA CYS N 26 37.52 -16.84 -11.12
C CYS N 26 37.92 -18.29 -11.24
N SER N 27 37.32 -19.13 -10.42
CA SER N 27 37.54 -20.56 -10.51
C SER N 27 36.22 -21.17 -10.16
N GLY N 28 36.10 -22.47 -10.30
CA GLY N 28 34.87 -23.20 -9.94
C GLY N 28 35.17 -24.65 -9.58
N VAL N 29 34.21 -25.41 -9.13
CA VAL N 29 34.57 -26.72 -8.75
C VAL N 29 33.61 -27.61 -9.46
N LEU N 30 34.15 -28.59 -10.17
CA LEU N 30 33.32 -29.58 -10.88
C LEU N 30 32.66 -30.49 -9.88
N VAL N 31 31.41 -30.28 -9.61
CA VAL N 31 30.79 -31.07 -8.62
C VAL N 31 29.93 -32.12 -9.22
N HIS N 32 29.98 -32.18 -10.53
CA HIS N 32 29.17 -33.14 -11.31
C HIS N 32 29.65 -33.02 -12.73
N PRO N 33 29.41 -34.05 -13.52
CA PRO N 33 29.84 -34.04 -14.92
C PRO N 33 29.38 -32.88 -15.78
N GLN N 34 28.17 -32.40 -15.52
CA GLN N 34 27.67 -31.28 -16.23
C GLN N 34 27.37 -29.99 -15.39
N TRP N 35 28.06 -29.86 -14.25
CA TRP N 35 27.84 -28.74 -13.35
C TRP N 35 29.10 -28.28 -12.68
N VAL N 36 29.34 -26.98 -12.73
CA VAL N 36 30.48 -26.35 -12.11
C VAL N 36 29.96 -25.42 -11.00
N LEU N 37 30.42 -25.65 -9.74
CA LEU N 37 30.05 -24.85 -8.56
C LEU N 37 31.01 -23.74 -8.49
N SER N 38 30.47 -22.59 -8.15
CA SER N 38 31.24 -21.37 -8.07
C SER N 38 30.67 -20.27 -7.23
N ALA N 39 31.37 -19.13 -7.18
CA ALA N 39 30.88 -18.05 -6.34
C ALA N 39 29.92 -17.26 -7.07
N ALA N 40 28.73 -17.03 -6.48
CA ALA N 40 27.68 -16.17 -7.11
C ALA N 40 28.26 -14.84 -7.64
N HIS N 41 29.25 -14.27 -6.96
CA HIS N 41 29.76 -13.06 -7.46
C HIS N 41 30.65 -13.27 -8.62
N CYS N 42 30.61 -14.46 -9.23
CA CYS N 42 31.42 -14.77 -10.49
C CYS N 42 30.55 -15.01 -11.66
N PHE N 43 29.25 -14.65 -11.51
CA PHE N 43 28.23 -14.74 -12.52
C PHE N 43 28.52 -13.96 -13.76
N GLN N 44 28.24 -14.59 -14.91
CA GLN N 44 28.40 -14.02 -16.25
C GLN N 44 27.26 -14.51 -17.12
N ASN N 45 27.14 -13.98 -18.34
CA ASN N 45 26.04 -14.42 -19.20
C ASN N 45 26.47 -15.68 -19.91
N SER N 46 27.78 -15.79 -20.11
CA SER N 46 28.31 -16.96 -20.71
C SER N 46 29.71 -17.13 -20.20
N TYR N 47 30.10 -18.37 -19.92
CA TYR N 47 31.43 -18.63 -19.38
C TYR N 47 32.22 -19.48 -20.33
N THR N 48 33.53 -19.40 -20.18
CA THR N 48 34.45 -20.24 -20.94
C THR N 48 35.25 -21.01 -19.85
N ILE N 49 34.72 -22.11 -19.35
CA ILE N 49 35.34 -22.92 -18.36
C ILE N 49 36.46 -23.84 -18.88
N GLY N 50 37.61 -23.82 -18.19
CA GLY N 50 38.74 -24.65 -18.53
C GLY N 50 38.92 -25.77 -17.51
N LEU N 51 38.79 -27.03 -17.90
CA LEU N 51 38.98 -28.14 -17.04
C LEU N 51 40.31 -28.85 -17.31
N GLY N 52 40.80 -29.61 -16.31
CA GLY N 52 42.02 -30.37 -16.46
C GLY N 52 43.22 -29.50 -16.68
N LEU N 53 43.18 -28.23 -16.33
CA LEU N 53 44.33 -27.39 -16.50
C LEU N 53 45.30 -27.34 -15.33
N HIS N 54 46.43 -26.68 -15.56
CA HIS N 54 47.46 -26.53 -14.57
C HIS N 54 48.07 -25.20 -14.92
N SER N 55 48.31 -24.98 -16.18
CA SER N 55 48.78 -23.67 -16.54
C SER N 55 47.58 -23.14 -17.35
N LEU N 56 47.46 -21.83 -17.45
CA LEU N 56 46.34 -21.24 -18.15
C LEU N 56 46.41 -21.49 -19.65
N GLU N 57 47.61 -21.80 -20.13
CA GLU N 57 47.92 -22.12 -21.54
C GLU N 57 47.22 -23.44 -21.90
N ALA N 58 45.93 -23.38 -22.17
CA ALA N 58 45.16 -24.58 -22.50
C ALA N 58 45.85 -25.55 -23.49
N ASP N 59 46.44 -24.99 -24.56
CA ASP N 59 47.10 -25.81 -25.59
C ASP N 59 48.53 -26.16 -25.14
N GLN N 60 48.68 -26.61 -23.89
CA GLN N 60 49.96 -26.99 -23.35
C GLN N 60 49.60 -28.01 -22.30
N GLU N 61 48.32 -28.28 -22.15
CA GLU N 61 47.90 -29.24 -21.15
C GLU N 61 47.05 -30.30 -21.83
N PRO N 62 47.51 -31.52 -21.85
CA PRO N 62 46.85 -32.65 -22.45
C PRO N 62 45.38 -32.82 -22.19
N GLY N 63 45.02 -33.62 -21.22
CA GLY N 63 43.59 -33.89 -21.00
C GLY N 63 42.72 -32.70 -20.77
N SER N 64 43.26 -31.50 -20.95
CA SER N 64 42.49 -30.27 -20.75
C SER N 64 41.33 -30.13 -21.72
N GLN N 65 40.25 -29.51 -21.26
CA GLN N 65 39.08 -29.28 -22.09
C GLN N 65 38.46 -27.90 -21.81
N MET N 66 38.50 -27.01 -22.81
CA MET N 66 37.90 -25.70 -22.68
C MET N 66 36.45 -25.76 -23.08
N VAL N 67 35.56 -26.26 -22.22
CA VAL N 67 34.14 -26.28 -22.53
C VAL N 67 33.48 -24.88 -22.41
N GLU N 68 32.19 -24.82 -22.74
CA GLU N 68 31.41 -23.59 -22.68
C GLU N 68 30.09 -23.82 -22.00
N ALA N 69 29.55 -22.73 -21.49
CA ALA N 69 28.26 -22.77 -20.79
C ALA N 69 27.63 -21.38 -20.72
N SER N 70 26.35 -21.37 -20.48
CA SER N 70 25.67 -20.12 -20.36
C SER N 70 24.55 -20.16 -19.33
N LEU N 71 24.01 -21.33 -19.01
CA LEU N 71 22.97 -21.38 -17.97
C LEU N 71 23.58 -21.41 -16.54
N SER N 72 23.44 -20.32 -15.77
CA SER N 72 23.98 -20.22 -14.41
C SER N 72 22.84 -20.01 -13.47
N VAL N 73 22.88 -20.59 -12.31
CA VAL N 73 21.83 -20.36 -11.35
C VAL N 73 22.49 -19.83 -10.03
N ARG N 74 22.32 -18.51 -9.74
CA ARG N 74 22.87 -17.93 -8.50
C ARG N 74 21.90 -18.35 -7.39
N HIS N 75 22.34 -18.40 -6.18
CA HIS N 75 21.42 -18.75 -5.15
C HIS N 75 20.37 -17.62 -4.89
N PRO N 76 19.13 -17.99 -4.76
CA PRO N 76 18.06 -17.08 -4.50
C PRO N 76 18.42 -15.92 -3.53
N GLU N 77 19.02 -16.21 -2.35
CA GLU N 77 19.40 -15.24 -1.35
C GLU N 77 20.77 -14.63 -1.49
N TYR N 78 21.41 -14.81 -2.62
CA TYR N 78 22.72 -14.27 -2.69
C TYR N 78 22.74 -12.80 -2.35
N ASN N 79 23.78 -12.31 -1.70
CA ASN N 79 23.94 -10.90 -1.29
C ASN N 79 22.87 -10.27 -0.35
N ARG N 80 22.08 -11.12 0.29
CA ARG N 80 21.08 -10.68 1.18
C ARG N 80 21.25 -11.62 2.32
N PRO N 81 21.96 -11.19 3.39
CA PRO N 81 22.62 -9.91 3.63
C PRO N 81 23.78 -9.71 2.81
N LEU N 82 24.27 -8.50 2.89
CA LEU N 82 25.36 -8.10 2.02
C LEU N 82 26.45 -9.14 2.03
N LEU N 83 26.87 -9.59 0.86
CA LEU N 83 27.92 -10.59 0.72
C LEU N 83 27.53 -12.11 1.01
N ALA N 84 26.40 -12.40 1.65
CA ALA N 84 26.05 -13.74 1.98
C ALA N 84 25.58 -14.63 0.83
N ASN N 85 25.44 -15.93 1.14
CA ASN N 85 25.03 -16.92 0.20
C ASN N 85 25.75 -16.80 -1.13
N ASP N 86 27.06 -16.64 -1.11
CA ASP N 86 27.86 -16.44 -2.32
C ASP N 86 28.13 -17.72 -3.09
N LEU N 87 27.12 -18.52 -3.42
CA LEU N 87 27.42 -19.65 -4.31
C LEU N 87 26.50 -19.63 -5.61
N MET N 88 27.02 -20.25 -6.68
CA MET N 88 26.31 -20.36 -7.91
C MET N 88 26.65 -21.62 -8.70
N LEU N 89 25.63 -22.29 -9.24
CA LEU N 89 25.85 -23.51 -10.12
C LEU N 89 25.82 -23.09 -11.64
N ILE N 90 26.85 -23.46 -12.36
CA ILE N 90 26.93 -23.26 -13.78
C ILE N 90 26.72 -24.55 -14.48
N LYS N 91 25.70 -24.65 -15.35
CA LYS N 91 25.40 -25.88 -16.13
C LYS N 91 26.15 -25.81 -17.45
N LEU N 92 27.03 -26.77 -17.66
CA LEU N 92 27.86 -26.83 -18.83
C LEU N 92 27.01 -27.22 -20.03
N ASP N 93 27.37 -26.69 -21.23
CA ASP N 93 26.58 -27.02 -22.46
C ASP N 93 26.60 -28.53 -22.70
N GLU N 94 27.79 -29.04 -22.86
CA GLU N 94 27.98 -30.43 -23.07
C GLU N 94 28.65 -31.06 -21.84
N SER N 95 27.99 -32.06 -21.24
CA SER N 95 28.56 -32.81 -20.10
C SER N 95 29.99 -33.35 -20.37
N VAL N 96 30.93 -33.28 -19.42
CA VAL N 96 32.32 -33.74 -19.69
C VAL N 96 32.52 -35.13 -19.23
N SER N 97 33.59 -35.75 -19.72
CA SER N 97 33.90 -37.12 -19.37
C SER N 97 35.04 -37.14 -18.41
N GLU N 98 34.76 -37.60 -17.18
CA GLU N 98 35.77 -37.64 -16.11
C GLU N 98 37.04 -38.31 -16.58
N SER N 99 38.05 -37.53 -16.87
CA SER N 99 39.28 -38.11 -17.30
C SER N 99 40.28 -38.31 -16.16
N ASP N 100 41.51 -38.50 -16.57
CA ASP N 100 42.59 -38.72 -15.65
C ASP N 100 42.93 -37.42 -14.93
N THR N 101 42.89 -36.31 -15.67
CA THR N 101 43.18 -35.04 -15.08
C THR N 101 41.94 -34.19 -14.82
N ILE N 102 40.77 -34.77 -14.99
CA ILE N 102 39.54 -34.02 -14.80
C ILE N 102 38.51 -34.86 -14.06
N ARG N 103 38.37 -34.70 -12.76
CA ARG N 103 37.43 -35.51 -12.06
C ARG N 103 36.57 -34.58 -11.21
N SER N 104 35.37 -34.98 -10.88
CA SER N 104 34.55 -34.12 -10.06
C SER N 104 34.75 -34.45 -8.58
N ILE N 105 34.42 -33.56 -7.64
CA ILE N 105 34.60 -33.80 -6.21
C ILE N 105 33.30 -33.66 -5.46
N SER N 106 33.14 -34.26 -4.31
CA SER N 106 31.88 -34.15 -3.61
C SER N 106 31.92 -33.12 -2.51
N ILE N 107 30.76 -32.61 -2.23
CA ILE N 107 30.61 -31.53 -1.32
C ILE N 107 30.41 -32.07 0.05
N ALA N 108 31.16 -31.57 1.02
CA ALA N 108 31.00 -31.98 2.38
C ALA N 108 29.58 -31.78 2.93
N SER N 109 29.06 -32.76 3.66
CA SER N 109 27.71 -32.62 4.20
C SER N 109 27.78 -32.19 5.64
N GLN N 110 28.94 -32.35 6.24
CA GLN N 110 29.17 -31.91 7.61
C GLN N 110 29.83 -30.46 7.60
N CYS N 111 29.73 -29.65 8.65
CA CYS N 111 30.27 -28.28 8.69
C CYS N 111 31.61 -28.20 9.19
N PRO N 112 32.41 -27.21 8.75
CA PRO N 112 33.81 -26.99 9.11
C PRO N 112 34.09 -27.18 10.58
N THR N 113 35.24 -27.75 10.96
CA THR N 113 35.52 -27.91 12.38
C THR N 113 36.75 -27.05 12.63
N ALA N 114 36.66 -26.26 13.68
CA ALA N 114 37.74 -25.36 13.99
C ALA N 114 39.08 -26.02 14.13
N GLY N 115 40.11 -25.41 13.66
CA GLY N 115 41.40 -25.98 13.83
C GLY N 115 41.85 -26.92 12.71
N ASN N 116 40.84 -27.53 12.11
CA ASN N 116 41.07 -28.44 11.02
C ASN N 116 41.82 -27.81 9.88
N SER N 117 42.80 -28.49 9.32
CA SER N 117 43.61 -27.90 8.29
C SER N 117 43.11 -28.35 6.95
N CYS N 118 42.91 -27.40 6.02
CA CYS N 118 42.39 -27.55 4.67
C CYS N 118 43.32 -26.92 3.58
N LEU N 119 42.89 -27.24 2.37
CA LEU N 119 43.68 -26.76 1.31
C LEU N 119 42.79 -25.96 0.40
N VAL N 120 43.39 -24.94 -0.24
CA VAL N 120 42.69 -24.13 -1.15
C VAL N 120 43.66 -23.95 -2.29
N SER N 121 43.13 -23.82 -3.52
CA SER N 121 43.96 -23.64 -4.70
C SER N 121 43.37 -22.63 -5.63
N GLY N 122 44.22 -22.02 -6.47
CA GLY N 122 43.70 -21.08 -7.43
C GLY N 122 44.79 -20.31 -8.17
N TRP N 123 44.38 -19.52 -9.18
CA TRP N 123 45.36 -18.75 -9.97
C TRP N 123 45.35 -17.30 -9.60
N GLY N 124 44.82 -16.99 -8.42
CA GLY N 124 44.71 -15.62 -7.96
C GLY N 124 46.05 -15.03 -7.66
N LEU N 125 46.06 -13.72 -7.32
CA LEU N 125 47.30 -12.97 -7.00
C LEU N 125 48.13 -13.65 -5.95
N LEU N 126 49.46 -13.50 -6.09
CA LEU N 126 50.46 -14.06 -5.18
C LEU N 126 50.92 -13.03 -4.17
N ALA N 127 51.71 -13.48 -3.18
CA ALA N 127 52.24 -12.62 -2.12
C ALA N 127 52.91 -11.35 -2.70
N ASN N 128 53.43 -11.48 -3.91
CA ASN N 128 54.11 -10.38 -4.64
C ASN N 128 53.15 -9.51 -5.45
N GLY N 129 51.86 -9.76 -5.32
CA GLY N 129 50.87 -9.01 -6.07
C GLY N 129 50.90 -9.41 -7.53
N ARG N 130 51.47 -10.57 -7.82
CA ARG N 130 51.58 -11.02 -9.19
C ARG N 130 50.78 -12.27 -9.43
N MET N 131 50.34 -12.44 -10.66
CA MET N 131 49.55 -13.63 -11.04
C MET N 131 50.49 -14.78 -11.32
N PRO N 132 50.17 -15.98 -10.82
CA PRO N 132 51.04 -17.14 -11.04
C PRO N 132 50.88 -17.74 -12.42
N THR N 133 51.83 -18.57 -12.83
CA THR N 133 51.75 -19.20 -14.15
C THR N 133 51.03 -20.56 -14.02
N VAL N 134 51.11 -21.18 -12.84
CA VAL N 134 50.42 -22.43 -12.62
C VAL N 134 49.51 -22.40 -11.40
N LEU N 135 48.63 -23.39 -11.26
CA LEU N 135 47.67 -23.44 -10.17
C LEU N 135 48.39 -23.50 -8.87
N GLN N 136 48.01 -22.63 -7.92
CA GLN N 136 48.67 -22.57 -6.61
C GLN N 136 47.91 -23.31 -5.59
N CYS N 137 48.73 -23.67 -4.60
CA CYS N 137 48.29 -24.48 -3.44
C CYS N 137 48.65 -24.00 -2.08
N VAL N 138 47.71 -24.08 -1.10
CA VAL N 138 48.10 -23.65 0.24
C VAL N 138 47.23 -24.18 1.28
N ASN N 139 47.77 -24.25 2.49
CA ASN N 139 46.97 -24.80 3.56
C ASN N 139 46.55 -23.78 4.56
N VAL N 140 45.31 -23.87 5.00
CA VAL N 140 44.83 -22.87 5.99
C VAL N 140 43.93 -23.61 6.91
N SER N 141 43.85 -23.22 8.17
CA SER N 141 43.01 -23.98 9.05
C SER N 141 41.70 -23.29 9.39
N VAL N 142 40.69 -24.09 9.66
CA VAL N 142 39.44 -23.51 9.93
C VAL N 142 39.56 -22.67 11.18
N VAL N 143 38.96 -21.49 11.24
CA VAL N 143 38.96 -20.65 12.41
C VAL N 143 37.64 -20.78 13.18
N SER N 144 37.60 -20.66 14.49
CA SER N 144 36.31 -20.87 15.17
C SER N 144 35.24 -19.90 14.84
N GLU N 145 34.02 -20.38 14.98
CA GLU N 145 32.89 -19.53 14.67
C GLU N 145 32.91 -18.25 15.49
N GLU N 146 33.23 -18.33 16.77
CA GLU N 146 33.25 -17.14 17.55
C GLU N 146 34.22 -16.17 16.98
N VAL N 147 35.46 -16.55 16.86
CA VAL N 147 36.36 -15.54 16.34
C VAL N 147 35.86 -14.96 14.98
N CYS N 148 35.45 -15.85 14.04
CA CYS N 148 34.97 -15.41 12.67
C CYS N 148 33.72 -14.45 12.79
N SER N 149 32.74 -14.72 13.63
CA SER N 149 31.67 -13.84 13.63
C SER N 149 32.01 -12.51 14.29
N LYS N 150 32.92 -12.51 15.26
CA LYS N 150 33.23 -11.25 15.90
C LYS N 150 34.15 -10.51 14.97
N LEU N 151 35.11 -11.15 14.40
CA LEU N 151 35.98 -10.44 13.56
C LEU N 151 35.28 -9.81 12.35
N TYR N 152 34.12 -10.31 11.96
CA TYR N 152 33.53 -9.88 10.71
C TYR N 152 32.17 -9.41 10.91
N ASP N 153 31.79 -9.27 12.19
CA ASP N 153 30.49 -8.66 12.53
C ASP N 153 30.49 -7.23 11.82
N PRO N 154 29.37 -6.74 11.28
CA PRO N 154 28.08 -7.39 11.22
C PRO N 154 27.89 -8.03 9.87
N LEU N 155 28.94 -8.11 9.06
CA LEU N 155 28.79 -8.80 7.82
C LEU N 155 28.77 -10.33 7.93
N TYR N 156 29.14 -10.93 9.04
CA TYR N 156 29.21 -12.39 9.06
C TYR N 156 27.87 -13.02 9.04
N HIS N 157 27.70 -14.08 8.28
CA HIS N 157 26.43 -14.80 8.19
C HIS N 157 26.70 -16.28 8.23
N PRO N 158 25.70 -17.05 8.58
CA PRO N 158 25.88 -18.48 8.65
C PRO N 158 26.25 -19.15 7.35
N SER N 159 26.21 -18.42 6.27
CA SER N 159 26.50 -19.03 5.03
C SER N 159 27.91 -18.85 4.75
N MET N 160 28.71 -18.57 5.75
CA MET N 160 30.14 -18.35 5.52
C MET N 160 30.97 -18.83 6.66
N PHE N 161 32.28 -18.96 6.47
CA PHE N 161 33.21 -19.42 7.50
C PHE N 161 34.54 -18.96 7.17
N CYS N 162 35.37 -18.86 8.19
CA CYS N 162 36.72 -18.22 8.01
C CYS N 162 37.78 -19.24 8.06
N ALA N 163 38.90 -19.11 7.44
CA ALA N 163 39.90 -20.15 7.49
C ALA N 163 41.20 -19.43 7.26
N GLY N 164 42.25 -19.83 7.94
CA GLY N 164 43.49 -19.14 7.78
C GLY N 164 43.65 -18.01 8.78
N GLY N 165 44.32 -16.93 8.37
CA GLY N 165 44.46 -15.80 9.29
C GLY N 165 45.58 -16.01 10.28
N GLY N 166 46.34 -17.06 10.00
CA GLY N 166 47.45 -17.37 10.87
C GLY N 166 48.63 -16.44 10.67
N GLN N 167 49.64 -16.66 11.48
CA GLN N 167 50.81 -15.86 11.46
C GLN N 167 51.60 -16.15 10.21
N ASP N 168 51.44 -17.32 9.70
CA ASP N 168 52.18 -17.67 8.48
C ASP N 168 51.76 -16.92 7.23
N GLN N 169 50.77 -16.07 7.40
CA GLN N 169 50.27 -15.30 6.30
C GLN N 169 49.90 -16.10 5.04
N LYS N 170 49.29 -17.28 5.23
CA LYS N 170 48.84 -18.13 4.15
C LYS N 170 47.36 -17.79 3.94
N ASP N 171 46.96 -17.48 2.69
CA ASP N 171 45.54 -17.15 2.43
C ASP N 171 45.22 -17.09 0.98
N SER N 172 43.94 -16.98 0.60
CA SER N 172 43.59 -16.81 -0.81
C SER N 172 43.70 -15.33 -1.08
N CYS N 173 43.44 -14.90 -2.29
CA CYS N 173 43.55 -13.48 -2.61
C CYS N 173 42.73 -13.27 -3.86
N ASN N 174 42.62 -12.07 -4.38
CA ASN N 174 41.91 -11.74 -5.64
C ASN N 174 42.25 -12.69 -6.79
N GLY N 175 41.19 -13.20 -7.45
CA GLY N 175 41.43 -14.10 -8.55
C GLY N 175 41.21 -15.52 -8.15
N ASP N 176 40.96 -15.73 -6.86
CA ASP N 176 40.76 -17.08 -6.37
C ASP N 176 39.29 -17.29 -6.07
N SER N 177 38.49 -16.25 -6.31
CA SER N 177 37.10 -16.33 -5.93
C SER N 177 36.52 -17.56 -6.56
N GLY N 178 35.64 -18.23 -5.83
CA GLY N 178 35.00 -19.40 -6.37
C GLY N 178 35.86 -20.61 -6.33
N GLY N 179 37.13 -20.41 -5.94
CA GLY N 179 38.03 -21.54 -5.77
C GLY N 179 37.57 -22.51 -4.64
N PRO N 180 38.12 -23.73 -4.68
CA PRO N 180 37.79 -24.75 -3.70
C PRO N 180 38.57 -24.68 -2.41
N LEU N 181 37.91 -25.10 -1.35
CA LEU N 181 38.56 -25.27 -0.07
C LEU N 181 38.21 -26.74 0.33
N ILE N 182 39.19 -27.63 0.19
CA ILE N 182 38.97 -29.06 0.49
C ILE N 182 39.39 -29.38 1.93
N CYS N 183 38.52 -30.14 2.61
CA CYS N 183 38.86 -30.52 3.99
C CYS N 183 38.65 -32.08 4.11
N ASN N 184 39.78 -32.79 4.17
CA ASN N 184 39.69 -34.25 4.27
C ASN N 184 39.01 -34.77 3.03
N GLY N 185 39.52 -34.31 1.89
CA GLY N 185 38.96 -34.72 0.64
C GLY N 185 37.54 -34.33 0.26
N TYR N 186 36.91 -33.47 1.00
CA TYR N 186 35.60 -33.04 0.60
C TYR N 186 35.72 -31.54 0.26
N LEU N 187 34.79 -31.09 -0.61
CA LEU N 187 34.68 -29.70 -1.00
C LEU N 187 33.96 -29.07 0.19
N GLN N 188 34.70 -28.27 0.98
CA GLN N 188 34.14 -27.65 2.21
C GLN N 188 33.62 -26.24 1.91
N GLY N 189 34.34 -25.51 1.09
CA GLY N 189 33.89 -24.21 0.73
C GLY N 189 34.41 -23.57 -0.56
N LEU N 190 33.98 -22.30 -0.78
CA LEU N 190 34.44 -21.58 -1.95
C LEU N 190 35.07 -20.30 -1.52
N VAL N 191 36.14 -19.94 -2.15
CA VAL N 191 36.76 -18.67 -1.88
C VAL N 191 35.75 -17.57 -2.18
N SER N 192 35.25 -16.86 -1.17
CA SER N 192 34.25 -15.74 -1.28
C SER N 192 34.84 -14.37 -1.15
N PHE N 193 35.27 -13.96 0.03
CA PHE N 193 35.87 -12.63 0.21
C PHE N 193 36.78 -12.59 1.45
N GLY N 194 37.34 -11.41 1.71
CA GLY N 194 38.15 -11.20 2.87
C GLY N 194 38.73 -9.81 2.88
N LYS N 195 39.24 -9.34 4.01
CA LYS N 195 39.85 -8.00 4.08
C LYS N 195 41.12 -7.86 3.20
N ALA N 196 41.46 -6.62 2.91
CA ALA N 196 42.61 -6.43 2.03
C ALA N 196 43.48 -5.50 2.77
N PRO N 197 44.82 -5.60 2.56
CA PRO N 197 45.38 -6.61 1.66
C PRO N 197 45.19 -8.03 2.19
N CYS N 198 45.82 -8.91 1.39
CA CYS N 198 45.72 -10.35 1.56
C CYS N 198 46.73 -10.93 2.53
N GLY N 199 46.40 -12.01 3.21
CA GLY N 199 47.43 -12.51 4.07
C GLY N 199 47.83 -11.74 5.33
N GLN N 200 46.88 -11.03 5.90
CA GLN N 200 47.15 -10.29 7.13
C GLN N 200 47.02 -11.22 8.32
N VAL N 201 47.94 -10.99 9.26
CA VAL N 201 47.93 -11.82 10.46
C VAL N 201 46.65 -11.55 11.24
N GLY N 202 45.98 -12.57 11.71
CA GLY N 202 44.80 -12.25 12.50
C GLY N 202 43.55 -11.89 11.68
N VAL N 203 43.68 -11.98 10.37
CA VAL N 203 42.57 -11.68 9.55
C VAL N 203 42.34 -12.84 8.60
N PRO N 204 41.53 -13.79 9.00
CA PRO N 204 41.25 -14.92 8.14
C PRO N 204 40.42 -14.54 6.90
N GLY N 205 40.37 -15.42 5.90
CA GLY N 205 39.54 -15.14 4.75
C GLY N 205 38.17 -15.79 4.94
N VAL N 206 37.17 -15.34 4.19
CA VAL N 206 35.79 -15.91 4.28
C VAL N 206 35.52 -16.85 3.09
N TYR N 207 34.78 -17.95 3.35
CA TYR N 207 34.51 -18.98 2.33
C TYR N 207 33.08 -19.32 2.44
N THR N 208 32.45 -19.63 1.29
CA THR N 208 31.03 -19.98 1.34
C THR N 208 30.82 -21.30 2.12
N ASN N 209 29.90 -21.34 3.05
CA ASN N 209 29.74 -22.51 3.85
C ASN N 209 28.88 -23.58 3.22
N LEU N 210 29.47 -24.32 2.27
CA LEU N 210 28.72 -25.27 1.49
C LEU N 210 27.96 -26.25 2.22
N CYS N 211 28.46 -26.60 3.38
CA CYS N 211 27.72 -27.60 4.11
C CYS N 211 26.24 -27.18 4.39
N LYS N 212 26.00 -25.90 4.10
CA LYS N 212 24.69 -25.30 4.34
C LYS N 212 23.73 -25.31 3.15
N PHE N 213 24.25 -25.57 1.98
CA PHE N 213 23.43 -25.53 0.77
C PHE N 213 23.33 -26.86 0.05
N THR N 214 23.54 -27.95 0.77
CA THR N 214 23.50 -29.28 0.12
C THR N 214 22.11 -29.48 -0.56
N GLU N 215 21.04 -29.40 0.22
CA GLU N 215 19.74 -29.52 -0.43
C GLU N 215 19.55 -28.59 -1.69
N TRP N 216 19.93 -27.36 -1.63
CA TRP N 216 19.79 -26.54 -2.78
C TRP N 216 20.66 -27.04 -3.89
N ILE N 217 21.95 -27.27 -3.64
CA ILE N 217 22.83 -27.72 -4.69
C ILE N 217 22.25 -28.96 -5.36
N GLU N 218 21.60 -29.81 -4.57
CA GLU N 218 21.05 -31.03 -5.11
C GLU N 218 19.84 -30.77 -5.98
N LYS N 219 18.80 -30.20 -5.39
CA LYS N 219 17.57 -29.90 -6.08
C LYS N 219 17.84 -29.18 -7.38
N THR N 220 18.97 -28.48 -7.48
CA THR N 220 19.30 -27.73 -8.67
C THR N 220 19.95 -28.61 -9.68
N VAL N 221 21.07 -29.23 -9.31
CA VAL N 221 21.83 -30.07 -10.23
C VAL N 221 20.94 -31.11 -10.84
N GLN N 222 20.18 -31.75 -9.99
CA GLN N 222 19.30 -32.82 -10.42
C GLN N 222 18.10 -32.24 -11.17
N ALA N 223 16.99 -32.10 -10.47
CA ALA N 223 15.78 -31.53 -11.05
C ALA N 223 16.08 -30.15 -11.78
N ILE O 1 63.24 -3.90 16.54
CA ILE O 1 62.91 -2.92 17.63
C ILE O 1 62.73 -1.54 17.04
N ILE O 2 61.64 -0.90 17.41
CA ILE O 2 61.36 0.43 16.88
C ILE O 2 61.66 1.49 17.90
N ASN O 3 62.49 2.46 17.52
CA ASN O 3 62.89 3.54 18.41
C ASN O 3 63.63 3.12 19.67
N GLY O 4 64.58 2.21 19.49
CA GLY O 4 65.42 1.75 20.59
C GLY O 4 66.89 2.09 20.29
N GLU O 5 67.81 1.43 20.97
CA GLU O 5 69.22 1.66 20.70
C GLU O 5 70.06 0.40 20.82
N ASP O 6 71.29 0.45 20.35
CA ASP O 6 72.19 -0.69 20.46
C ASP O 6 72.29 -1.09 21.89
N CYS O 7 72.13 -2.36 22.17
CA CYS O 7 72.20 -2.73 23.56
C CYS O 7 73.59 -2.50 23.93
N SER O 8 73.87 -2.77 25.22
CA SER O 8 75.21 -2.84 25.78
C SER O 8 75.66 -4.31 25.46
N PRO O 9 76.69 -4.43 24.64
CA PRO O 9 77.20 -5.71 24.24
C PRO O 9 77.12 -6.71 25.32
N HIS O 10 76.38 -7.78 25.06
CA HIS O 10 76.26 -8.90 25.99
C HIS O 10 75.49 -8.62 27.26
N SER O 11 74.67 -7.57 27.21
CA SER O 11 73.84 -7.20 28.36
C SER O 11 72.64 -8.12 28.53
N GLN O 12 72.36 -8.95 27.49
CA GLN O 12 71.21 -9.90 27.49
C GLN O 12 71.75 -11.24 27.09
N PRO O 13 72.53 -11.85 27.97
CA PRO O 13 73.11 -13.15 27.65
C PRO O 13 72.12 -14.31 27.36
N TRP O 14 70.83 -14.12 27.58
CA TRP O 14 69.87 -15.18 27.38
C TRP O 14 69.33 -15.10 25.98
N GLN O 15 69.71 -14.05 25.27
CA GLN O 15 69.20 -13.84 23.94
C GLN O 15 69.71 -14.90 23.02
N ALA O 16 68.80 -15.54 22.29
CA ALA O 16 69.11 -16.55 21.30
C ALA O 16 68.71 -16.10 19.92
N ALA O 17 69.60 -16.18 18.96
CA ALA O 17 69.25 -15.80 17.59
C ALA O 17 68.88 -17.07 16.78
N LEU O 18 67.81 -17.03 15.98
CA LEU O 18 67.41 -18.16 15.14
C LEU O 18 67.65 -17.77 13.68
N VAL O 19 68.63 -18.42 13.03
CA VAL O 19 68.94 -18.12 11.63
C VAL O 19 68.62 -19.31 10.72
N MET O 20 68.19 -18.99 9.50
CA MET O 20 67.82 -19.93 8.47
C MET O 20 68.93 -19.95 7.48
N GLU O 21 68.59 -20.19 6.25
CA GLU O 21 69.61 -20.29 5.24
C GLU O 21 70.81 -19.40 5.61
N ASN O 22 70.60 -18.11 5.73
CA ASN O 22 71.73 -17.25 6.07
C ASN O 22 71.21 -16.00 6.70
N GLU O 23 69.98 -16.05 7.21
CA GLU O 23 69.45 -14.82 7.76
C GLU O 23 68.71 -15.08 9.04
N LEU O 24 68.55 -14.03 9.83
CA LEU O 24 67.86 -14.12 11.10
C LEU O 24 66.34 -14.02 10.83
N PHE O 25 65.55 -14.87 11.46
CA PHE O 25 64.11 -14.78 11.30
C PHE O 25 63.32 -14.70 12.65
N CYS O 26 63.99 -15.03 13.75
CA CYS O 26 63.48 -15.07 15.15
C CYS O 26 64.54 -15.05 16.21
N SER O 27 64.04 -14.99 17.39
CA SER O 27 64.93 -14.98 18.53
C SER O 27 64.34 -15.97 19.52
N GLY O 28 65.07 -16.24 20.59
CA GLY O 28 64.57 -17.17 21.61
C GLY O 28 65.20 -16.81 22.94
N VAL O 29 64.83 -17.48 24.01
CA VAL O 29 65.42 -17.10 25.26
C VAL O 29 65.91 -18.35 25.87
N LEU O 30 67.18 -18.32 26.26
CA LEU O 30 67.82 -19.52 26.94
C LEU O 30 67.24 -19.65 28.30
N VAL O 31 66.30 -20.55 28.48
CA VAL O 31 65.70 -20.62 29.78
C VAL O 31 66.29 -21.77 30.61
N HIS O 32 67.28 -22.43 30.02
CA HIS O 32 67.91 -23.57 30.60
C HIS O 32 69.09 -23.91 29.73
N PRO O 33 70.08 -24.60 30.28
CA PRO O 33 71.30 -24.95 29.51
C PRO O 33 71.08 -25.66 28.20
N GLN O 34 70.07 -26.52 28.18
CA GLN O 34 69.75 -27.22 26.94
C GLN O 34 68.34 -26.93 26.28
N TRP O 35 67.79 -25.76 26.59
CA TRP O 35 66.49 -25.38 26.14
C TRP O 35 66.37 -23.93 25.81
N VAL O 36 65.87 -23.64 24.62
CA VAL O 36 65.63 -22.30 24.16
C VAL O 36 64.11 -22.09 24.01
N LEU O 37 63.55 -21.08 24.72
CA LEU O 37 62.13 -20.73 24.69
C LEU O 37 61.97 -19.77 23.53
N SER O 38 60.86 -19.94 22.84
CA SER O 38 60.56 -19.10 21.70
C SER O 38 59.11 -19.05 21.31
N ALA O 39 58.81 -18.34 20.24
CA ALA O 39 57.44 -18.25 19.77
C ALA O 39 57.09 -19.40 18.93
N ALA O 40 55.98 -20.06 19.25
CA ALA O 40 55.49 -21.21 18.43
C ALA O 40 55.44 -20.88 16.95
N HIS O 41 55.17 -19.62 16.59
CA HIS O 41 55.14 -19.34 15.20
C HIS O 41 56.48 -19.21 14.63
N CYS O 42 57.45 -19.73 15.29
CA CYS O 42 58.76 -19.65 14.70
C CYS O 42 59.34 -21.03 14.34
N PHE O 43 58.55 -22.03 14.68
CA PHE O 43 58.85 -23.43 14.49
C PHE O 43 59.50 -23.75 13.17
N GLN O 44 60.47 -24.66 13.21
CA GLN O 44 61.21 -25.16 12.06
C GLN O 44 61.53 -26.62 12.29
N ASN O 45 62.09 -27.29 11.29
CA ASN O 45 62.41 -28.71 11.47
C ASN O 45 63.75 -28.82 12.11
N SER O 46 64.55 -27.82 11.83
CA SER O 46 65.84 -27.77 12.43
C SER O 46 66.23 -26.30 12.55
N TYR O 47 66.87 -25.94 13.65
CA TYR O 47 67.26 -24.53 13.86
C TYR O 47 68.75 -24.46 14.00
N THR O 48 69.25 -23.26 13.76
CA THR O 48 70.68 -22.95 13.93
C THR O 48 70.70 -21.79 14.90
N ILE O 49 70.68 -22.10 16.20
CA ILE O 49 70.66 -21.11 17.27
C ILE O 49 72.05 -20.48 17.56
N GLY O 50 72.10 -19.17 17.65
CA GLY O 50 73.33 -18.48 17.96
C GLY O 50 73.23 -17.87 19.35
N LEU O 51 74.11 -18.30 20.25
CA LEU O 51 74.14 -17.76 21.60
C LEU O 51 75.33 -16.83 21.82
N GLY O 52 75.24 -15.95 22.79
CA GLY O 52 76.33 -15.07 23.11
C GLY O 52 76.65 -14.08 22.06
N LEU O 53 75.71 -13.84 21.17
CA LEU O 53 75.96 -12.86 20.09
C LEU O 53 75.61 -11.42 20.44
N HIS O 54 75.96 -10.51 19.53
CA HIS O 54 75.63 -9.09 19.68
C HIS O 54 75.51 -8.64 18.23
N SER O 55 76.43 -9.11 17.38
CA SER O 55 76.26 -8.80 16.02
C SER O 55 75.97 -10.19 15.43
N LEU O 56 75.27 -10.21 14.29
CA LEU O 56 74.93 -11.49 13.64
C LEU O 56 76.18 -12.24 13.13
N GLU O 57 77.25 -11.46 12.92
CA GLU O 57 78.56 -11.96 12.47
C GLU O 57 79.15 -12.85 13.55
N ALA O 58 78.66 -14.07 13.66
CA ALA O 58 79.17 -15.00 14.68
C ALA O 58 80.69 -15.02 14.87
N ASP O 59 81.44 -15.01 13.77
CA ASP O 59 82.92 -15.06 13.83
C ASP O 59 83.49 -13.68 14.07
N GLN O 60 82.91 -12.94 15.01
CA GLN O 60 83.34 -11.57 15.33
C GLN O 60 82.93 -11.42 16.78
N GLU O 61 82.34 -12.46 17.36
CA GLU O 61 81.92 -12.38 18.74
C GLU O 61 82.54 -13.54 19.44
N PRO O 62 83.41 -13.29 20.40
CA PRO O 62 84.13 -14.27 21.21
C PRO O 62 83.33 -15.40 21.79
N GLY O 63 82.84 -15.25 23.01
CA GLY O 63 82.14 -16.35 23.63
C GLY O 63 80.96 -16.90 22.90
N SER O 64 80.71 -16.44 21.69
CA SER O 64 79.57 -16.87 20.92
C SER O 64 79.62 -18.35 20.58
N GLN O 65 78.45 -18.99 20.49
CA GLN O 65 78.35 -20.40 20.12
C GLN O 65 77.14 -20.67 19.20
N MET O 66 77.42 -21.08 17.97
CA MET O 66 76.37 -21.41 17.04
C MET O 66 75.99 -22.84 17.19
N VAL O 67 75.23 -23.19 18.21
CA VAL O 67 74.78 -24.56 18.35
C VAL O 67 73.62 -24.94 17.34
N GLU O 68 73.20 -26.21 17.36
CA GLU O 68 72.16 -26.74 16.50
C GLU O 68 71.17 -27.52 17.29
N ALA O 69 69.97 -27.60 16.74
CA ALA O 69 68.87 -28.36 17.38
C ALA O 69 67.82 -28.75 16.39
N SER O 70 67.02 -29.72 16.78
CA SER O 70 65.94 -30.12 15.88
C SER O 70 64.69 -30.55 16.63
N LEU O 71 64.81 -30.89 17.90
CA LEU O 71 63.60 -31.28 18.63
C LEU O 71 62.92 -30.04 19.17
N SER O 72 61.73 -29.70 18.65
CA SER O 72 60.99 -28.52 19.13
C SER O 72 59.64 -28.97 19.66
N VAL O 73 59.12 -28.37 20.70
CA VAL O 73 57.84 -28.73 21.16
C VAL O 73 56.97 -27.48 21.19
N ARG O 74 55.98 -27.39 20.29
CA ARG O 74 55.06 -26.25 20.29
C ARG O 74 54.01 -26.50 21.34
N HIS O 75 53.41 -25.48 21.91
CA HIS O 75 52.40 -25.77 22.86
C HIS O 75 51.16 -26.42 22.26
N PRO O 76 50.66 -27.42 22.91
CA PRO O 76 49.47 -28.13 22.47
C PRO O 76 48.38 -27.24 21.85
N GLU O 77 48.00 -26.15 22.52
CA GLU O 77 46.93 -25.23 22.07
C GLU O 77 47.40 -24.08 21.25
N TYR O 78 48.60 -24.13 20.72
CA TYR O 78 49.01 -22.97 19.96
C TYR O 78 48.01 -22.65 18.84
N ASN O 79 47.81 -21.37 18.54
CA ASN O 79 46.88 -20.91 17.53
C ASN O 79 45.38 -21.28 17.66
N ARG O 80 44.98 -21.71 18.84
CA ARG O 80 43.62 -22.07 19.10
C ARG O 80 43.32 -21.47 20.39
N PRO O 81 42.71 -20.28 20.40
CA PRO O 81 42.23 -19.46 19.29
C PRO O 81 43.30 -18.89 18.48
N LEU O 82 42.85 -18.31 17.38
CA LEU O 82 43.77 -17.76 16.42
C LEU O 82 44.82 -16.90 17.11
N LEU O 83 46.07 -17.23 16.82
CA LEU O 83 47.19 -16.48 17.39
C LEU O 83 47.58 -16.78 18.91
N ALA O 84 46.71 -17.47 19.67
CA ALA O 84 46.99 -17.75 21.06
C ALA O 84 48.02 -18.79 21.37
N ASN O 85 48.40 -18.83 22.66
CA ASN O 85 49.42 -19.78 23.14
C ASN O 85 50.66 -19.84 22.22
N ASP O 86 51.19 -18.70 21.83
CA ASP O 86 52.31 -18.62 20.93
C ASP O 86 53.65 -18.90 21.57
N LEU O 87 53.84 -20.06 22.22
CA LEU O 87 55.19 -20.36 22.79
C LEU O 87 55.63 -21.74 22.38
N MET O 88 56.95 -21.92 22.29
CA MET O 88 57.56 -23.22 21.92
C MET O 88 58.95 -23.44 22.53
N LEU O 89 59.18 -24.63 23.08
CA LEU O 89 60.50 -24.97 23.64
C LEU O 89 61.34 -25.73 22.57
N ILE O 90 62.56 -25.26 22.31
CA ILE O 90 63.48 -25.90 21.41
C ILE O 90 64.57 -26.57 22.24
N LYS O 91 64.75 -27.92 22.14
CA LYS O 91 65.80 -28.65 22.88
C LYS O 91 67.04 -28.68 22.01
N LEU O 92 68.11 -28.12 22.53
CA LEU O 92 69.38 -28.04 21.86
C LEU O 92 70.06 -29.40 21.82
N ASP O 93 70.80 -29.66 20.73
CA ASP O 93 71.45 -30.99 20.57
C ASP O 93 72.37 -31.24 21.75
N GLU O 94 73.36 -30.37 21.84
CA GLU O 94 74.31 -30.44 22.91
C GLU O 94 74.07 -29.26 23.90
N SER O 95 73.83 -29.61 25.16
CA SER O 95 73.70 -28.61 26.23
C SER O 95 74.87 -27.58 26.24
N VAL O 96 74.59 -26.27 26.43
CA VAL O 96 75.69 -25.26 26.42
C VAL O 96 76.17 -24.96 27.82
N SER O 97 77.38 -24.38 27.89
CA SER O 97 77.96 -24.06 29.18
C SER O 97 77.84 -22.58 29.41
N GLU O 98 77.09 -22.21 30.47
CA GLU O 98 76.84 -20.82 30.81
C GLU O 98 78.12 -20.04 30.90
N SER O 99 78.43 -19.28 29.90
CA SER O 99 79.62 -18.49 29.93
C SER O 99 79.39 -17.04 30.44
N ASP O 100 80.36 -16.22 30.12
CA ASP O 100 80.36 -14.85 30.52
C ASP O 100 79.34 -14.09 29.70
N THR O 101 79.24 -14.42 28.42
CA THR O 101 78.31 -13.76 27.55
C THR O 101 77.10 -14.60 27.21
N ILE O 102 76.94 -15.74 27.85
CA ILE O 102 75.83 -16.62 27.56
C ILE O 102 75.25 -17.18 28.81
N ARG O 103 74.22 -16.58 29.35
CA ARG O 103 73.65 -17.09 30.59
C ARG O 103 72.15 -17.30 30.40
N SER O 104 71.55 -18.23 31.14
CA SER O 104 70.15 -18.43 30.97
C SER O 104 69.35 -17.53 31.90
N ILE O 105 68.07 -17.27 31.65
CA ILE O 105 67.27 -16.38 32.52
C ILE O 105 66.02 -17.09 32.99
N SER O 106 65.44 -16.66 34.08
CA SER O 106 64.27 -17.37 34.60
C SER O 106 63.01 -16.67 34.26
N ILE O 107 61.98 -17.48 34.19
CA ILE O 107 60.67 -17.04 33.74
C ILE O 107 59.89 -16.56 34.86
N ALA O 108 59.31 -15.39 34.73
CA ALA O 108 58.47 -14.83 35.77
C ALA O 108 57.30 -15.73 36.21
N SER O 109 57.02 -15.86 37.48
CA SER O 109 55.95 -16.74 37.88
C SER O 109 54.76 -15.91 38.18
N GLN O 110 54.97 -14.62 38.38
CA GLN O 110 53.87 -13.69 38.62
C GLN O 110 53.41 -13.02 37.29
N CYS O 111 52.17 -12.60 37.20
CA CYS O 111 51.72 -11.94 35.91
C CYS O 111 51.99 -10.52 35.73
N PRO O 112 52.20 -9.97 34.49
CA PRO O 112 52.51 -8.55 34.18
C PRO O 112 51.70 -7.54 35.00
N THR O 113 52.30 -6.43 35.44
CA THR O 113 51.51 -5.45 36.18
C THR O 113 51.49 -4.19 35.32
N ALA O 114 50.31 -3.64 35.18
CA ALA O 114 50.10 -2.52 34.35
C ALA O 114 50.95 -1.35 34.67
N GLY O 115 51.48 -0.66 33.69
CA GLY O 115 52.30 0.47 34.01
C GLY O 115 53.75 0.18 34.18
N ASN O 116 54.05 -1.04 34.61
CA ASN O 116 55.42 -1.49 34.82
C ASN O 116 56.27 -1.37 33.58
N SER O 117 57.45 -0.87 33.69
CA SER O 117 58.25 -0.67 32.53
C SER O 117 59.23 -1.82 32.35
N CYS O 118 59.42 -2.34 31.12
CA CYS O 118 60.19 -3.55 30.84
C CYS O 118 61.00 -3.31 29.70
N LEU O 119 61.78 -4.31 29.32
CA LEU O 119 62.68 -4.14 28.22
C LEU O 119 62.51 -5.31 27.27
N VAL O 120 62.71 -5.03 25.98
CA VAL O 120 62.59 -6.05 24.98
C VAL O 120 63.77 -5.77 24.07
N SER O 121 64.30 -6.84 23.48
CA SER O 121 65.48 -6.72 22.61
C SER O 121 65.36 -7.68 21.44
N GLY O 122 66.02 -7.34 20.34
CA GLY O 122 65.97 -8.20 19.16
C GLY O 122 66.60 -7.59 17.95
N TRP O 123 66.73 -8.39 16.90
CA TRP O 123 67.40 -7.88 15.67
C TRP O 123 66.37 -7.55 14.58
N GLY O 124 65.11 -7.33 14.99
CA GLY O 124 64.03 -7.11 14.06
C GLY O 124 64.16 -5.77 13.44
N LEU O 125 63.27 -5.47 12.46
CA LEU O 125 63.26 -4.19 11.73
C LEU O 125 63.26 -2.98 12.62
N LEU O 126 63.92 -1.93 12.17
CA LEU O 126 64.02 -0.65 12.89
C LEU O 126 62.99 0.33 12.41
N ALA O 127 62.92 1.49 13.08
CA ALA O 127 61.97 2.55 12.74
C ALA O 127 62.06 2.93 11.26
N ASN O 128 63.24 2.76 10.68
CA ASN O 128 63.52 3.04 9.26
C ASN O 128 63.19 1.88 8.33
N GLY O 129 62.60 0.82 8.87
CA GLY O 129 62.28 -0.34 8.07
C GLY O 129 63.53 -1.10 7.71
N ARG O 130 64.60 -0.86 8.43
CA ARG O 130 65.84 -1.50 8.14
C ARG O 130 66.27 -2.43 9.25
N MET O 131 67.02 -3.45 8.89
CA MET O 131 67.52 -4.42 9.87
C MET O 131 68.78 -3.86 10.53
N PRO O 132 68.90 -3.96 11.87
CA PRO O 132 70.06 -3.45 12.60
C PRO O 132 71.26 -4.34 12.48
N THR O 133 72.44 -3.81 12.80
CA THR O 133 73.67 -4.61 12.73
C THR O 133 73.92 -5.29 14.07
N VAL O 134 73.44 -4.68 15.15
CA VAL O 134 73.62 -5.28 16.48
C VAL O 134 72.30 -5.41 17.22
N LEU O 135 72.29 -6.17 18.32
CA LEU O 135 71.06 -6.41 19.08
C LEU O 135 70.50 -5.12 19.59
N GLN O 136 69.19 -4.90 19.38
CA GLN O 136 68.54 -3.65 19.83
C GLN O 136 67.81 -3.84 21.15
N CYS O 137 67.58 -2.75 21.83
CA CYS O 137 66.97 -2.76 23.14
C CYS O 137 66.07 -1.59 23.25
N VAL O 138 64.94 -1.77 23.94
CA VAL O 138 64.02 -0.68 24.13
C VAL O 138 63.12 -0.92 25.30
N ASN O 139 62.55 0.16 25.83
CA ASN O 139 61.68 -0.02 26.96
C ASN O 139 60.21 0.21 26.63
N VAL O 140 59.34 -0.64 27.15
CA VAL O 140 57.96 -0.42 26.89
C VAL O 140 57.21 -0.76 28.16
N SER O 141 56.07 -0.14 28.45
CA SER O 141 55.44 -0.47 29.67
C SER O 141 54.21 -1.34 29.50
N VAL O 142 53.94 -2.14 30.51
CA VAL O 142 52.85 -3.05 30.42
C VAL O 142 51.59 -2.20 30.30
N VAL O 143 50.65 -2.58 29.46
CA VAL O 143 49.38 -1.89 29.33
C VAL O 143 48.28 -2.66 30.08
N SER O 144 47.25 -2.02 30.58
CA SER O 144 46.25 -2.76 31.34
C SER O 144 45.47 -3.73 30.61
N GLU O 145 45.03 -4.75 31.32
CA GLU O 145 44.27 -5.80 30.68
C GLU O 145 43.06 -5.25 29.97
N GLU O 146 42.35 -4.35 30.61
CA GLU O 146 41.20 -3.81 29.94
C GLU O 146 41.55 -3.21 28.62
N VAL O 147 42.39 -2.21 28.63
CA VAL O 147 42.70 -1.64 27.35
C VAL O 147 43.14 -2.72 26.31
N CYS O 148 44.03 -3.63 26.69
CA CYS O 148 44.52 -4.71 25.85
C CYS O 148 43.38 -5.58 25.21
N SER O 149 42.51 -6.05 26.08
CA SER O 149 41.50 -6.90 25.57
C SER O 149 40.53 -6.14 24.70
N LYS O 150 40.22 -4.90 25.00
CA LYS O 150 39.27 -4.21 24.12
C LYS O 150 39.99 -3.81 22.83
N LEU O 151 41.20 -3.29 22.91
CA LEU O 151 41.89 -2.97 21.72
C LEU O 151 42.10 -4.15 20.79
N TYR O 152 42.07 -5.40 21.26
CA TYR O 152 42.44 -6.51 20.42
C TYR O 152 41.39 -7.50 20.39
N ASP O 153 40.23 -7.14 20.93
CA ASP O 153 39.07 -8.00 20.83
C ASP O 153 38.79 -8.26 19.33
N PRO O 154 38.43 -9.48 18.91
CA PRO O 154 38.16 -10.68 19.67
C PRO O 154 39.36 -11.55 19.60
N LEU O 155 40.46 -11.08 19.05
CA LEU O 155 41.62 -11.93 19.05
C LEU O 155 42.36 -12.03 20.43
N TYR O 156 42.09 -11.16 21.38
CA TYR O 156 42.85 -11.22 22.62
C TYR O 156 42.56 -12.47 23.44
N HIS O 157 43.57 -13.05 24.02
CA HIS O 157 43.35 -14.22 24.84
C HIS O 157 44.20 -14.10 26.11
N PRO O 158 43.84 -14.85 27.12
CA PRO O 158 44.63 -14.78 28.34
C PRO O 158 46.07 -15.20 28.18
N SER O 159 46.43 -15.77 27.05
CA SER O 159 47.78 -16.21 26.94
C SER O 159 48.58 -15.14 26.36
N MET O 160 48.09 -13.92 26.44
CA MET O 160 48.85 -12.81 25.88
C MET O 160 48.69 -11.56 26.69
N PHE O 161 49.57 -10.58 26.45
CA PHE O 161 49.44 -9.27 27.08
C PHE O 161 50.10 -8.19 26.25
N CYS O 162 49.68 -6.93 26.56
CA CYS O 162 50.09 -5.74 25.75
C CYS O 162 51.06 -4.95 26.46
N ALA O 163 52.04 -4.40 25.73
CA ALA O 163 53.08 -3.59 26.31
C ALA O 163 53.50 -2.54 25.29
N GLY O 164 53.74 -1.33 25.75
CA GLY O 164 54.13 -0.28 24.86
C GLY O 164 52.90 0.44 24.35
N GLY O 165 52.94 0.87 23.11
CA GLY O 165 51.75 1.57 22.57
C GLY O 165 51.70 3.02 22.98
N GLY O 166 52.81 3.46 23.57
CA GLY O 166 52.86 4.83 24.00
C GLY O 166 53.12 5.77 22.87
N GLN O 167 53.09 7.03 23.23
CA GLN O 167 53.29 8.07 22.28
C GLN O 167 54.73 8.08 21.75
N ASP O 168 55.64 7.59 22.55
CA ASP O 168 57.02 7.61 22.12
C ASP O 168 57.32 6.65 20.97
N GLN O 169 56.28 5.95 20.56
CA GLN O 169 56.42 5.02 19.50
C GLN O 169 57.51 4.00 19.65
N LYS O 170 57.68 3.48 20.88
CA LYS O 170 58.70 2.43 21.16
C LYS O 170 57.98 1.08 21.06
N ASP O 171 58.52 0.13 20.30
CA ASP O 171 57.85 -1.16 20.17
C ASP O 171 58.69 -2.18 19.49
N SER O 172 58.27 -3.45 19.48
CA SER O 172 59.00 -4.46 18.75
C SER O 172 58.49 -4.37 17.33
N CYS O 173 59.01 -5.24 16.52
CA CYS O 173 58.72 -5.36 15.12
C CYS O 173 59.08 -6.72 14.52
N ASN O 174 58.71 -6.81 13.25
CA ASN O 174 59.04 -8.02 12.46
C ASN O 174 60.53 -8.40 12.64
N GLY O 175 60.76 -9.67 12.96
CA GLY O 175 62.10 -10.10 13.13
C GLY O 175 62.44 -10.20 14.58
N ASP O 176 61.54 -9.75 15.44
CA ASP O 176 61.78 -9.80 16.87
C ASP O 176 60.95 -10.90 17.50
N SER O 177 60.17 -11.58 16.67
CA SER O 177 59.29 -12.59 17.19
C SER O 177 60.08 -13.53 18.09
N GLY O 178 59.46 -13.94 19.20
CA GLY O 178 60.13 -14.87 20.09
C GLY O 178 61.18 -14.25 20.95
N GLY O 179 61.43 -12.96 20.72
CA GLY O 179 62.36 -12.17 21.54
C GLY O 179 61.80 -12.04 22.97
N PRO O 180 62.70 -11.69 23.87
CA PRO O 180 62.38 -11.55 25.29
C PRO O 180 61.80 -10.23 25.75
N LEU O 181 60.94 -10.29 26.74
CA LEU O 181 60.44 -9.13 27.34
C LEU O 181 60.72 -9.32 28.84
N ILE O 182 61.72 -8.62 29.37
CA ILE O 182 62.14 -8.74 30.77
C ILE O 182 61.50 -7.68 31.65
N CYS O 183 60.88 -8.04 32.75
CA CYS O 183 60.39 -7.06 33.68
C CYS O 183 61.03 -7.35 35.03
N ASN O 184 61.90 -6.48 35.51
CA ASN O 184 62.50 -6.66 36.84
C ASN O 184 63.32 -7.91 36.85
N GLY O 185 64.13 -8.03 35.79
CA GLY O 185 64.98 -9.19 35.68
C GLY O 185 64.35 -10.56 35.45
N TYR O 186 63.06 -10.62 35.18
CA TYR O 186 62.50 -11.91 34.87
C TYR O 186 62.08 -11.90 33.42
N LEU O 187 61.98 -13.08 32.83
CA LEU O 187 61.51 -13.25 31.49
C LEU O 187 60.01 -13.21 31.69
N GLN O 188 59.35 -12.12 31.24
CA GLN O 188 57.92 -11.90 31.40
C GLN O 188 57.14 -12.39 30.15
N GLY O 189 57.69 -12.12 28.97
CA GLY O 189 57.06 -12.54 27.76
C GLY O 189 57.91 -12.71 26.49
N LEU O 190 57.24 -13.09 25.41
CA LEU O 190 57.90 -13.26 24.14
C LEU O 190 57.23 -12.40 23.12
N VAL O 191 58.02 -11.82 22.27
CA VAL O 191 57.46 -11.00 21.19
C VAL O 191 56.60 -11.92 20.26
N SER O 192 55.28 -11.73 20.25
CA SER O 192 54.31 -12.57 19.51
C SER O 192 53.79 -11.89 18.28
N PHE O 193 52.96 -10.86 18.42
CA PHE O 193 52.44 -10.15 17.25
C PHE O 193 51.96 -8.77 17.63
N GLY O 194 51.46 -8.06 16.64
CA GLY O 194 50.89 -6.74 16.85
C GLY O 194 50.45 -6.12 15.50
N LYS O 195 49.62 -5.09 15.53
CA LYS O 195 49.21 -4.40 14.30
C LYS O 195 50.37 -3.77 13.53
N ALA O 196 50.14 -3.53 12.25
CA ALA O 196 51.22 -2.98 11.39
C ALA O 196 50.65 -1.75 10.78
N PRO O 197 51.48 -0.76 10.51
CA PRO O 197 52.93 -0.84 10.81
C PRO O 197 53.20 -0.85 12.34
N CYS O 198 54.48 -1.03 12.65
CA CYS O 198 54.98 -1.09 14.00
C CYS O 198 54.97 0.36 14.59
N GLY O 199 55.07 0.44 15.94
CA GLY O 199 55.20 1.73 16.61
C GLY O 199 54.11 2.76 16.48
N GLN O 200 52.87 2.29 16.37
CA GLN O 200 51.76 3.20 16.27
C GLN O 200 51.32 3.65 17.60
N VAL O 201 50.96 4.91 17.65
CA VAL O 201 50.54 5.46 18.91
C VAL O 201 49.24 4.78 19.33
N GLY O 202 49.11 4.34 20.55
CA GLY O 202 47.80 3.80 20.92
C GLY O 202 47.60 2.38 20.50
N VAL O 203 48.66 1.81 19.93
CA VAL O 203 48.54 0.41 19.50
C VAL O 203 49.71 -0.36 20.10
N PRO O 204 49.50 -0.93 21.24
CA PRO O 204 50.58 -1.68 21.87
C PRO O 204 50.84 -3.01 21.13
N GLY O 205 51.97 -3.65 21.43
CA GLY O 205 52.28 -4.94 20.81
C GLY O 205 51.82 -6.04 21.75
N VAL O 206 51.67 -7.27 21.25
CA VAL O 206 51.21 -8.40 22.06
C VAL O 206 52.40 -9.29 22.29
N TYR O 207 52.46 -9.87 23.48
CA TYR O 207 53.57 -10.74 23.93
C TYR O 207 52.92 -11.97 24.59
N THR O 208 53.58 -13.11 24.46
CA THR O 208 53.05 -14.36 25.06
C THR O 208 53.12 -14.23 26.60
N ASN O 209 52.03 -14.52 27.28
CA ASN O 209 51.99 -14.32 28.70
C ASN O 209 52.56 -15.47 29.47
N LEU O 210 53.91 -15.53 29.54
CA LEU O 210 54.61 -16.65 30.15
C LEU O 210 54.24 -17.03 31.51
N CYS O 211 53.92 -16.08 32.36
CA CYS O 211 53.50 -16.51 33.71
C CYS O 211 52.32 -17.46 33.63
N LYS O 212 51.74 -17.68 32.47
CA LYS O 212 50.62 -18.60 32.36
C LYS O 212 51.01 -20.06 31.95
N PHE O 213 52.27 -20.27 31.53
CA PHE O 213 52.69 -21.56 31.07
C PHE O 213 53.87 -22.12 31.87
N THR O 214 54.02 -21.66 33.11
CA THR O 214 55.14 -22.17 33.96
C THR O 214 55.04 -23.72 34.09
N GLU O 215 53.92 -24.23 34.58
CA GLU O 215 53.81 -25.64 34.66
C GLU O 215 54.18 -26.37 33.33
N TRP O 216 53.64 -25.94 32.22
CA TRP O 216 53.97 -26.56 30.96
C TRP O 216 55.44 -26.44 30.66
N ILE O 217 55.98 -25.25 30.76
CA ILE O 217 57.37 -25.08 30.45
C ILE O 217 58.19 -26.02 31.30
N GLU O 218 57.74 -26.25 32.54
CA GLU O 218 58.51 -27.11 33.44
C GLU O 218 58.42 -28.56 33.02
N LYS O 219 57.19 -29.05 33.01
CA LYS O 219 56.93 -30.45 32.68
C LYS O 219 57.64 -30.85 31.40
N THR O 220 57.92 -29.88 30.55
CA THR O 220 58.53 -30.16 29.29
C THR O 220 59.98 -30.19 29.39
N VAL O 221 60.57 -29.10 29.86
CA VAL O 221 62.03 -29.01 29.98
C VAL O 221 62.61 -30.15 30.79
N GLN O 222 61.93 -30.45 31.90
CA GLN O 222 62.37 -31.52 32.78
C GLN O 222 62.04 -32.86 32.20
N ALA O 223 60.91 -33.41 32.62
CA ALA O 223 60.44 -34.70 32.11
C ALA O 223 60.41 -34.73 30.53
N ILE P 1 49.03 21.35 10.78
CA ILE P 1 47.60 21.68 10.57
C ILE P 1 47.20 21.21 9.17
N ILE P 2 46.08 20.51 9.08
CA ILE P 2 45.63 19.99 7.79
C ILE P 2 44.49 20.85 7.29
N ASN P 3 44.63 21.35 6.07
CA ASN P 3 43.62 22.21 5.43
C ASN P 3 43.31 23.49 6.15
N GLY P 4 44.36 24.15 6.55
CA GLY P 4 44.24 25.44 7.23
C GLY P 4 44.97 26.52 6.44
N GLU P 5 45.28 27.66 7.06
CA GLU P 5 45.98 28.72 6.34
C GLU P 5 46.95 29.45 7.24
N ASP P 6 47.84 30.23 6.64
CA ASP P 6 48.80 31.00 7.40
C ASP P 6 48.05 31.84 8.40
N CYS P 7 48.41 31.77 9.68
CA CYS P 7 47.70 32.62 10.60
C CYS P 7 48.19 34.09 10.47
N SER P 8 47.30 35.00 10.85
CA SER P 8 47.64 36.40 10.84
C SER P 8 48.81 36.56 11.77
N PRO P 9 49.93 36.97 11.24
CA PRO P 9 51.17 37.15 12.00
C PRO P 9 50.93 37.67 13.37
N HIS P 10 51.31 36.88 14.36
CA HIS P 10 51.15 37.27 15.75
C HIS P 10 49.75 37.34 16.28
N SER P 11 48.84 36.64 15.64
CA SER P 11 47.48 36.57 16.06
C SER P 11 47.25 35.64 17.23
N GLN P 12 48.28 34.84 17.54
CA GLN P 12 48.24 33.84 18.66
C GLN P 12 49.53 34.06 19.48
N PRO P 13 49.59 35.17 20.18
CA PRO P 13 50.79 35.47 20.97
C PRO P 13 51.10 34.45 22.10
N TRP P 14 50.21 33.51 22.39
CA TRP P 14 50.48 32.56 23.47
C TRP P 14 51.18 31.34 22.88
N GLN P 15 51.26 31.29 21.58
CA GLN P 15 51.89 30.16 20.94
C GLN P 15 53.36 30.05 21.27
N ALA P 16 53.76 28.87 21.73
CA ALA P 16 55.15 28.57 22.06
C ALA P 16 55.72 27.47 21.14
N ALA P 17 56.85 27.69 20.53
CA ALA P 17 57.41 26.69 19.72
C ALA P 17 58.49 25.91 20.53
N LEU P 18 58.54 24.57 20.41
CA LEU P 18 59.56 23.76 21.09
C LEU P 18 60.50 23.18 20.02
N VAL P 19 61.74 23.64 20.01
CA VAL P 19 62.73 23.12 19.03
C VAL P 19 63.85 22.36 19.72
N MET P 20 64.34 21.34 19.00
CA MET P 20 65.40 20.44 19.45
C MET P 20 66.61 20.84 18.73
N GLU P 21 67.45 19.87 18.42
CA GLU P 21 68.70 20.18 17.78
C GLU P 21 68.56 21.38 16.88
N ASN P 22 67.68 21.29 15.90
CA ASN P 22 67.52 22.44 15.02
C ASN P 22 66.15 22.38 14.40
N GLU P 23 65.22 21.63 15.00
CA GLU P 23 63.95 21.51 14.38
C GLU P 23 62.85 21.56 15.36
N LEU P 24 61.66 21.88 14.87
CA LEU P 24 60.47 22.00 15.73
C LEU P 24 59.90 20.61 15.94
N PHE P 25 59.53 20.28 17.17
CA PHE P 25 58.92 18.97 17.41
C PHE P 25 57.58 19.05 18.18
N CYS P 26 57.31 20.24 18.69
CA CYS P 26 56.13 20.50 19.51
C CYS P 26 55.84 21.96 19.69
N SER P 27 54.72 22.19 20.36
CA SER P 27 54.31 23.59 20.63
C SER P 27 53.85 23.63 22.08
N GLY P 28 53.62 24.82 22.62
CA GLY P 28 53.12 24.95 23.99
C GLY P 28 52.31 26.18 24.14
N VAL P 29 51.72 26.43 25.28
CA VAL P 29 50.92 27.62 25.36
C VAL P 29 51.39 28.35 26.56
N LEU P 30 51.73 29.64 26.36
CA LEU P 30 52.17 30.51 27.49
C LEU P 30 50.97 30.75 28.40
N VAL P 31 50.87 30.07 29.52
CA VAL P 31 49.72 30.27 30.31
C VAL P 31 50.04 31.15 31.48
N HIS P 32 51.26 31.67 31.49
CA HIS P 32 51.77 32.51 32.59
C HIS P 32 53.11 33.02 32.14
N PRO P 33 53.56 34.09 32.72
CA PRO P 33 54.86 34.69 32.33
C PRO P 33 56.05 33.81 32.40
N GLN P 34 56.03 32.92 33.40
CA GLN P 34 57.14 31.97 33.53
C GLN P 34 56.77 30.44 33.37
N TRP P 35 55.67 30.19 32.71
CA TRP P 35 55.19 28.84 32.51
C TRP P 35 54.61 28.58 31.14
N VAL P 36 55.08 27.50 30.50
CA VAL P 36 54.56 27.10 29.20
C VAL P 36 53.84 25.75 29.34
N LEU P 37 52.54 25.70 28.98
CA LEU P 37 51.71 24.52 29.07
C LEU P 37 51.93 23.77 27.77
N SER P 38 51.96 22.43 27.88
CA SER P 38 52.21 21.59 26.75
C SER P 38 51.80 20.16 26.93
N ALA P 39 52.07 19.34 25.93
CA ALA P 39 51.65 17.94 26.03
C ALA P 39 52.69 17.15 26.75
N ALA P 40 52.28 16.38 27.75
CA ALA P 40 53.22 15.53 28.45
C ALA P 40 54.12 14.68 27.51
N HIS P 41 53.58 14.30 26.36
CA HIS P 41 54.39 13.49 25.52
C HIS P 41 55.36 14.34 24.75
N CYS P 42 55.63 15.58 25.14
CA CYS P 42 56.63 16.46 24.45
C CYS P 42 57.90 16.66 25.33
N PHE P 43 57.77 16.09 26.58
CA PHE P 43 58.78 16.18 27.63
C PHE P 43 60.19 15.97 27.14
N GLN P 44 61.08 16.79 27.67
CA GLN P 44 62.52 16.75 27.36
C GLN P 44 63.28 17.13 28.63
N ASN P 45 64.62 17.03 28.58
CA ASN P 45 65.40 17.39 29.78
C ASN P 45 65.63 18.83 29.78
N SER P 46 65.68 19.38 28.60
CA SER P 46 65.84 20.78 28.50
C SER P 46 65.14 21.21 27.17
N TYR P 47 64.46 22.37 27.19
CA TYR P 47 63.76 22.85 26.02
C TYR P 47 64.34 24.17 25.57
N THR P 48 64.13 24.48 24.30
CA THR P 48 64.51 25.75 23.73
C THR P 48 63.20 26.32 23.18
N ILE P 49 62.41 26.99 24.02
CA ILE P 49 61.14 27.57 23.65
C ILE P 49 61.28 28.93 22.89
N GLY P 50 60.53 29.03 21.82
CA GLY P 50 60.52 30.23 21.02
C GLY P 50 59.16 30.95 21.14
N LEU P 51 59.19 32.18 21.68
CA LEU P 51 57.97 32.96 21.85
C LEU P 51 57.91 34.08 20.85
N GLY P 52 56.67 34.57 20.58
CA GLY P 52 56.47 35.67 19.65
C GLY P 52 56.85 35.35 18.23
N LEU P 53 56.93 34.08 17.87
CA LEU P 53 57.30 33.74 16.50
C LEU P 53 56.13 33.65 15.53
N HIS P 54 56.47 33.47 14.26
CA HIS P 54 55.45 33.32 13.21
C HIS P 54 56.15 32.44 12.23
N SER P 55 57.40 32.72 11.98
CA SER P 55 58.13 31.82 11.13
C SER P 55 59.17 31.23 12.10
N LEU P 56 59.66 30.04 11.81
CA LEU P 56 60.61 29.38 12.71
C LEU P 56 61.95 30.12 12.75
N GLU P 57 62.21 30.92 11.71
CA GLU P 57 63.41 31.76 11.56
C GLU P 57 63.42 32.83 12.64
N ALA P 58 63.78 32.46 13.87
CA ALA P 58 63.77 33.40 14.99
C ALA P 58 64.37 34.81 14.68
N ASP P 59 65.48 34.85 13.96
CA ASP P 59 66.14 36.13 13.62
C ASP P 59 65.50 36.74 12.37
N GLN P 60 64.18 36.80 12.34
CA GLN P 60 63.44 37.35 11.23
C GLN P 60 62.15 37.80 11.88
N GLU P 61 62.01 37.61 13.17
CA GLU P 61 60.80 38.02 13.86
C GLU P 61 61.18 38.90 15.00
N PRO P 62 60.78 40.14 14.96
CA PRO P 62 61.06 41.14 15.98
C PRO P 62 60.86 40.75 17.41
N GLY P 63 59.71 41.06 17.98
CA GLY P 63 59.53 40.78 19.38
C GLY P 63 59.78 39.39 19.83
N SER P 64 60.29 38.54 18.92
CA SER P 64 60.53 37.14 19.27
C SER P 64 61.59 36.95 20.37
N GLN P 65 61.42 35.91 21.19
CA GLN P 65 62.38 35.60 22.24
C GLN P 65 62.61 34.07 22.39
N MET P 66 63.84 33.64 22.09
CA MET P 66 64.17 32.25 22.24
C MET P 66 64.63 31.96 23.67
N VAL P 67 63.75 31.86 24.61
CA VAL P 67 64.16 31.55 25.94
C VAL P 67 64.53 30.07 26.13
N GLU P 68 64.98 29.71 27.35
CA GLU P 68 65.39 28.35 27.71
C GLU P 68 64.77 27.92 29.01
N ALA P 69 64.63 26.60 29.14
CA ALA P 69 64.07 26.04 30.38
C ALA P 69 64.49 24.59 30.55
N SER P 70 64.37 24.11 31.78
CA SER P 70 64.69 22.70 31.99
C SER P 70 63.79 22.06 33.03
N LEU P 71 63.15 22.84 33.88
CA LEU P 71 62.26 22.22 34.87
C LEU P 71 60.89 21.98 34.25
N SER P 72 60.52 20.71 34.05
CA SER P 72 59.21 20.36 33.47
C SER P 72 58.45 19.51 34.45
N VAL P 73 57.16 19.66 34.55
CA VAL P 73 56.40 18.81 35.46
C VAL P 73 55.28 18.12 34.66
N ARG P 74 55.43 16.81 34.40
CA ARG P 74 54.40 16.05 33.67
C ARG P 74 53.30 15.75 34.66
N HIS P 75 52.09 15.54 34.21
CA HIS P 75 51.09 15.24 35.18
C HIS P 75 51.30 13.83 35.81
N PRO P 76 51.18 13.76 37.11
CA PRO P 76 51.30 12.51 37.82
C PRO P 76 50.69 11.29 37.05
N GLU P 77 49.45 11.37 36.54
CA GLU P 77 48.78 10.26 35.88
C GLU P 77 48.95 10.20 34.36
N TYR P 78 49.91 10.91 33.86
CA TYR P 78 50.05 10.84 32.45
C TYR P 78 50.20 9.40 31.98
N ASN P 79 49.65 9.10 30.83
CA ASN P 79 49.70 7.75 30.23
C ASN P 79 49.11 6.60 30.99
N ARG P 80 48.31 6.90 31.96
CA ARG P 80 47.67 5.88 32.74
C ARG P 80 46.28 6.36 32.87
N PRO P 81 45.34 5.87 32.03
CA PRO P 81 45.47 4.88 31.02
C PRO P 81 46.21 5.33 29.88
N LEU P 82 46.48 4.38 29.01
CA LEU P 82 47.35 4.62 27.87
C LEU P 82 46.91 5.90 27.19
N LEU P 83 47.88 6.77 26.97
CA LEU P 83 47.58 8.04 26.29
C LEU P 83 46.82 9.19 27.13
N ALA P 84 46.24 8.86 28.30
CA ALA P 84 45.56 9.84 29.06
C ALA P 84 46.41 10.91 29.80
N ASN P 85 45.71 11.95 30.29
CA ASN P 85 46.33 13.01 31.01
C ASN P 85 47.56 13.54 30.34
N ASP P 86 47.47 13.77 29.06
CA ASP P 86 48.65 14.24 28.29
C ASP P 86 48.98 15.73 28.44
N LEU P 87 49.09 16.23 29.67
CA LEU P 87 49.53 17.68 29.81
C LEU P 87 50.81 17.79 30.68
N MET P 88 51.58 18.86 30.41
CA MET P 88 52.84 19.10 31.16
C MET P 88 53.17 20.57 31.27
N LEU P 89 53.53 21.04 32.46
CA LEU P 89 53.94 22.49 32.63
C LEU P 89 55.48 22.61 32.56
N ILE P 90 55.97 23.49 31.71
CA ILE P 90 57.39 23.74 31.60
C ILE P 90 57.68 25.13 32.25
N LYS P 91 58.56 25.20 33.26
CA LYS P 91 58.90 26.45 33.93
C LYS P 91 60.10 27.00 33.23
N LEU P 92 59.92 28.19 32.72
CA LEU P 92 60.97 28.89 32.00
C LEU P 92 62.06 29.40 32.97
N ASP P 93 63.32 29.42 32.49
CA ASP P 93 64.44 29.85 33.35
C ASP P 93 64.17 31.26 33.81
N GLU P 94 64.07 32.14 32.85
CA GLU P 94 63.82 33.52 33.15
C GLU P 94 62.41 33.89 32.66
N SER P 95 61.57 34.40 33.58
CA SER P 95 60.22 34.87 33.26
C SER P 95 60.20 35.87 32.10
N VAL P 96 59.24 35.79 31.18
CA VAL P 96 59.25 36.71 30.00
C VAL P 96 58.35 37.88 30.23
N SER P 97 58.53 38.94 29.43
CA SER P 97 57.73 40.14 29.58
C SER P 97 56.74 40.20 28.48
N GLU P 98 55.46 40.12 28.85
CA GLU P 98 54.35 40.12 27.88
C GLU P 98 54.47 41.26 26.88
N SER P 99 54.92 40.97 25.68
CA SER P 99 55.06 42.04 24.73
C SER P 99 53.82 42.15 23.84
N ASP P 100 54.05 42.83 22.73
CA ASP P 100 53.02 43.08 21.75
C ASP P 100 52.74 41.78 21.00
N THR P 101 53.80 41.00 20.71
CA THR P 101 53.64 39.76 20.01
C THR P 101 53.76 38.54 20.91
N ILE P 102 53.86 38.75 22.22
CA ILE P 102 54.00 37.62 23.13
C ILE P 102 53.09 37.81 24.34
N ARG P 103 51.91 37.22 24.37
CA ARG P 103 51.07 37.44 25.52
C ARG P 103 50.61 36.10 26.02
N SER P 104 50.28 35.97 27.30
CA SER P 104 49.84 34.66 27.76
C SER P 104 48.32 34.52 27.62
N ILE P 105 47.74 33.31 27.62
CA ILE P 105 46.29 33.13 27.51
C ILE P 105 45.75 32.35 28.67
N SER P 106 44.48 32.49 28.96
CA SER P 106 43.96 31.79 30.10
C SER P 106 43.22 30.50 29.73
N ILE P 107 43.21 29.60 30.67
CA ILE P 107 42.69 28.29 30.47
C ILE P 107 41.25 28.27 30.78
N ALA P 108 40.45 27.74 29.88
CA ALA P 108 39.02 27.61 30.11
C ALA P 108 38.66 26.85 31.42
N SER P 109 37.72 27.33 32.18
CA SER P 109 37.41 26.59 33.37
C SER P 109 36.17 25.72 33.13
N GLN P 110 35.45 26.04 32.08
CA GLN P 110 34.26 25.29 31.69
C GLN P 110 34.66 24.17 30.64
N CYS P 111 33.98 23.02 30.57
CA CYS P 111 34.41 21.98 29.64
C CYS P 111 33.75 22.16 28.24
N PRO P 112 34.43 21.74 27.14
CA PRO P 112 34.02 21.86 25.72
C PRO P 112 32.54 21.64 25.49
N THR P 113 31.93 22.41 24.57
CA THR P 113 30.49 22.16 24.25
C THR P 113 30.47 21.65 22.82
N ALA P 114 29.72 20.59 22.65
CA ALA P 114 29.61 20.00 21.33
C ALA P 114 29.13 20.96 20.27
N GLY P 115 29.71 20.89 19.11
CA GLY P 115 29.23 21.76 18.07
C GLY P 115 29.96 23.09 17.98
N ASN P 116 30.46 23.52 19.13
CA ASN P 116 31.20 24.76 19.23
C ASN P 116 32.41 24.80 18.33
N SER P 117 32.65 25.90 17.67
CA SER P 117 33.73 25.92 16.75
C SER P 117 34.90 26.59 17.40
N CYS P 118 36.13 26.01 17.28
CA CYS P 118 37.34 26.49 17.92
C CYS P 118 38.40 26.65 16.98
N LEU P 119 39.58 27.01 17.37
CA LEU P 119 40.67 27.19 16.45
C LEU P 119 41.87 26.49 17.06
N VAL P 120 42.74 26.01 16.22
CA VAL P 120 43.95 25.34 16.65
C VAL P 120 45.00 25.80 15.67
N SER P 121 46.22 25.90 16.15
CA SER P 121 47.31 26.40 15.33
C SER P 121 48.58 25.66 15.62
N GLY P 122 49.49 25.64 14.66
CA GLY P 122 50.75 24.96 14.86
C GLY P 122 51.61 24.86 13.63
N TRP P 123 52.83 24.36 13.77
CA TRP P 123 53.73 24.23 12.63
C TRP P 123 53.84 22.80 12.15
N GLY P 124 52.88 21.98 12.54
CA GLY P 124 52.89 20.58 12.18
C GLY P 124 52.69 20.38 10.69
N LEU P 125 52.78 19.09 10.24
CA LEU P 125 52.62 18.69 8.83
C LEU P 125 51.34 19.21 8.24
N LEU P 126 51.40 19.53 6.96
CA LEU P 126 50.26 20.06 6.19
C LEU P 126 49.59 18.93 5.40
N ALA P 127 48.44 19.26 4.79
CA ALA P 127 47.70 18.30 3.99
C ALA P 127 48.61 17.59 2.95
N ASN P 128 49.67 18.26 2.51
CA ASN P 128 50.62 17.70 1.53
C ASN P 128 51.74 16.89 2.20
N GLY P 129 51.63 16.71 3.52
CA GLY P 129 52.65 15.97 4.22
C GLY P 129 53.91 16.81 4.34
N ARG P 130 53.79 18.10 4.16
CA ARG P 130 54.93 18.97 4.23
C ARG P 130 54.84 19.92 5.40
N MET P 131 56.00 20.34 5.91
CA MET P 131 56.04 21.26 7.04
C MET P 131 55.86 22.68 6.52
N PRO P 132 55.02 23.49 7.17
CA PRO P 132 54.78 24.87 6.76
C PRO P 132 55.91 25.82 7.14
N THR P 133 55.94 27.00 6.51
CA THR P 133 57.01 27.97 6.81
C THR P 133 56.53 28.90 7.91
N VAL P 134 55.21 29.10 8.01
CA VAL P 134 54.68 29.95 9.07
C VAL P 134 53.59 29.23 9.87
N LEU P 135 53.25 29.78 11.03
CA LEU P 135 52.28 29.18 11.93
C LEU P 135 50.94 29.01 11.21
N GLN P 136 50.35 27.83 11.30
CA GLN P 136 49.10 27.55 10.64
C GLN P 136 47.95 27.65 11.59
N CYS P 137 46.80 27.98 10.98
CA CYS P 137 45.48 28.14 11.61
C CYS P 137 44.37 27.39 11.00
N VAL P 138 43.48 26.83 11.86
CA VAL P 138 42.32 26.15 11.30
C VAL P 138 41.23 26.03 12.29
N ASN P 139 40.01 25.88 11.80
CA ASN P 139 38.92 25.75 12.69
C ASN P 139 38.34 24.37 12.74
N VAL P 140 38.01 23.90 13.93
CA VAL P 140 37.42 22.58 14.03
C VAL P 140 36.35 22.68 15.11
N SER P 141 35.29 21.93 15.04
CA SER P 141 34.30 22.05 16.04
C SER P 141 34.33 20.90 17.04
N VAL P 142 33.88 21.21 18.23
CA VAL P 142 33.91 20.19 19.23
C VAL P 142 32.95 19.10 18.82
N VAL P 143 33.31 17.83 19.01
CA VAL P 143 32.44 16.71 18.73
C VAL P 143 31.79 16.20 20.02
N SER P 144 30.60 15.62 19.95
CA SER P 144 30.00 15.18 21.21
C SER P 144 30.69 14.09 21.94
N GLU P 145 30.50 14.08 23.24
CA GLU P 145 31.15 13.06 24.03
C GLU P 145 30.81 11.66 23.58
N GLU P 146 29.53 11.42 23.32
CA GLU P 146 29.15 10.12 22.87
C GLU P 146 29.95 9.71 21.67
N VAL P 147 29.83 10.49 20.61
CA VAL P 147 30.57 10.05 19.44
C VAL P 147 32.01 9.84 19.80
N CYS P 148 32.40 10.67 20.74
CA CYS P 148 33.75 10.73 21.08
C CYS P 148 34.35 9.54 21.80
N SER P 149 33.60 9.07 22.68
CA SER P 149 34.02 7.94 23.41
C SER P 149 33.81 6.65 22.64
N LYS P 150 32.79 6.59 21.82
CA LYS P 150 32.58 5.33 21.06
C LYS P 150 33.59 5.26 19.96
N LEU P 151 33.87 6.33 19.30
CA LEU P 151 34.86 6.24 18.28
C LEU P 151 36.23 5.89 18.77
N TYR P 152 36.55 6.15 20.05
CA TYR P 152 37.90 5.97 20.49
C TYR P 152 37.96 5.02 21.62
N ASP P 153 36.85 4.37 21.92
CA ASP P 153 36.80 3.30 22.90
C ASP P 153 37.91 2.24 22.48
N PRO P 154 38.67 1.64 23.42
CA PRO P 154 38.63 1.85 24.86
C PRO P 154 39.71 2.82 25.26
N LEU P 155 40.38 3.45 24.30
CA LEU P 155 41.37 4.42 24.68
C LEU P 155 40.79 5.76 25.21
N TYR P 156 39.51 6.02 25.01
CA TYR P 156 39.02 7.39 25.41
C TYR P 156 38.97 7.58 26.87
N HIS P 157 39.39 8.74 27.34
CA HIS P 157 39.33 8.97 28.78
C HIS P 157 38.77 10.34 29.05
N PRO P 158 38.29 10.60 30.24
CA PRO P 158 37.76 11.92 30.50
C PRO P 158 38.78 13.03 30.40
N SER P 159 40.02 12.70 30.23
CA SER P 159 40.95 13.75 30.20
C SER P 159 41.18 14.13 28.83
N MET P 160 40.25 13.80 27.96
CA MET P 160 40.44 14.13 26.55
C MET P 160 39.12 14.47 25.90
N PHE P 161 39.15 15.10 24.69
CA PHE P 161 37.95 15.42 23.90
C PHE P 161 38.31 15.50 22.50
N CYS P 162 37.26 15.27 21.68
CA CYS P 162 37.42 15.19 20.21
C CYS P 162 36.92 16.47 19.65
N ALA P 163 37.56 16.94 18.52
CA ALA P 163 37.18 18.14 17.79
C ALA P 163 37.55 17.93 16.35
N GLY P 164 36.69 18.41 15.48
CA GLY P 164 36.96 18.23 14.04
C GLY P 164 36.37 16.94 13.52
N GLY P 165 37.04 16.30 12.61
CA GLY P 165 36.51 15.05 12.07
C GLY P 165 35.42 15.29 11.03
N GLY P 166 35.31 16.53 10.60
CA GLY P 166 34.29 16.85 9.67
C GLY P 166 34.70 16.47 8.28
N GLN P 167 33.74 16.68 7.35
CA GLN P 167 33.94 16.34 5.98
C GLN P 167 34.98 17.26 5.36
N ASP P 168 35.13 18.45 5.91
CA ASP P 168 36.09 19.38 5.35
C ASP P 168 37.51 18.97 5.54
N GLN P 169 37.71 17.84 6.20
CA GLN P 169 39.03 17.36 6.45
C GLN P 169 39.98 18.36 7.10
N LYS P 170 39.45 19.17 8.06
CA LYS P 170 40.29 20.14 8.78
C LYS P 170 40.72 19.45 10.10
N ASP P 171 42.01 19.48 10.42
CA ASP P 171 42.50 18.83 11.62
C ASP P 171 43.93 19.12 11.95
N SER P 172 44.40 18.74 13.12
CA SER P 172 45.80 18.93 13.44
C SER P 172 46.51 17.75 12.88
N CYS P 173 47.78 17.71 13.11
CA CYS P 173 48.66 16.70 12.62
C CYS P 173 50.04 16.62 13.29
N ASN P 174 50.81 15.63 12.98
CA ASN P 174 52.13 15.49 13.56
C ASN P 174 52.91 16.79 13.58
N GLY P 175 53.46 17.14 14.76
CA GLY P 175 54.20 18.37 14.86
C GLY P 175 53.37 19.46 15.49
N ASP P 176 52.11 19.18 15.74
CA ASP P 176 51.25 20.16 16.35
C ASP P 176 50.99 19.80 17.79
N SER P 177 51.60 18.70 18.23
CA SER P 177 51.34 18.20 19.58
C SER P 177 51.59 19.31 20.55
N GLY P 178 50.73 19.37 21.57
CA GLY P 178 50.91 20.41 22.58
C GLY P 178 50.45 21.77 22.15
N GLY P 179 50.04 21.88 20.88
CA GLY P 179 49.50 23.14 20.37
C GLY P 179 48.15 23.45 21.09
N PRO P 180 47.73 24.72 20.96
CA PRO P 180 46.51 25.23 21.55
C PRO P 180 45.26 25.01 20.77
N LEU P 181 44.18 24.83 21.50
CA LEU P 181 42.86 24.76 20.90
C LEU P 181 42.06 25.79 21.69
N ILE P 182 41.80 26.95 21.05
CA ILE P 182 41.08 28.04 21.65
C ILE P 182 39.62 28.02 21.34
N CYS P 183 38.80 28.33 22.31
CA CYS P 183 37.44 28.37 22.10
C CYS P 183 36.96 29.50 22.87
N ASN P 184 36.44 30.47 22.06
CA ASN P 184 35.84 31.74 22.57
C ASN P 184 36.87 32.39 23.42
N GLY P 185 38.06 32.49 22.83
CA GLY P 185 39.17 33.11 23.52
C GLY P 185 39.79 32.43 24.75
N TYR P 186 39.37 31.24 25.07
CA TYR P 186 40.04 30.54 26.15
C TYR P 186 40.83 29.34 25.58
N LEU P 187 41.85 28.96 26.31
CA LEU P 187 42.67 27.80 25.97
C LEU P 187 41.79 26.63 26.45
N GLN P 188 41.24 25.88 25.51
CA GLN P 188 40.31 24.77 25.80
C GLN P 188 41.08 23.44 25.85
N GLY P 189 42.06 23.27 24.96
CA GLY P 189 42.82 22.06 24.92
C GLY P 189 44.19 22.07 24.26
N LEU P 190 44.82 20.93 24.31
CA LEU P 190 46.13 20.83 23.67
C LEU P 190 46.09 19.70 22.63
N VAL P 191 46.79 19.93 21.54
CA VAL P 191 46.85 18.87 20.55
C VAL P 191 47.54 17.65 21.16
N SER P 192 46.81 16.53 21.33
CA SER P 192 47.33 15.27 21.94
C SER P 192 47.62 14.19 20.96
N PHE P 193 46.61 13.58 20.41
CA PHE P 193 46.81 12.52 19.41
C PHE P 193 45.54 12.37 18.52
N GLY P 194 45.63 11.41 17.61
CA GLY P 194 44.51 11.05 16.76
C GLY P 194 44.93 9.97 15.75
N LYS P 195 43.96 9.34 15.09
CA LYS P 195 44.26 8.33 14.06
C LYS P 195 45.05 8.89 12.84
N ALA P 196 45.72 7.99 12.13
CA ALA P 196 46.53 8.45 11.01
C ALA P 196 46.04 7.67 9.86
N PRO P 197 46.06 8.24 8.65
CA PRO P 197 46.59 9.59 8.47
C PRO P 197 45.59 10.65 9.10
N CYS P 198 46.08 11.88 9.11
CA CYS P 198 45.43 13.08 9.52
C CYS P 198 44.29 13.55 8.55
N GLY P 199 43.33 14.22 9.13
CA GLY P 199 42.25 14.71 8.28
C GLY P 199 41.29 13.74 7.64
N GLN P 200 41.02 12.63 8.29
CA GLN P 200 40.09 11.68 7.77
C GLN P 200 38.67 12.06 8.15
N VAL P 201 37.78 11.85 7.23
CA VAL P 201 36.42 12.19 7.47
C VAL P 201 35.89 11.30 8.56
N GLY P 202 35.16 11.83 9.51
CA GLY P 202 34.58 10.95 10.53
C GLY P 202 35.55 10.51 11.62
N VAL P 203 36.77 11.03 11.57
CA VAL P 203 37.75 10.67 12.55
C VAL P 203 38.30 11.94 13.16
N PRO P 204 37.69 12.42 14.23
CA PRO P 204 38.15 13.64 14.87
C PRO P 204 39.46 13.45 15.55
N GLY P 205 40.17 14.54 15.88
CA GLY P 205 41.45 14.42 16.61
C GLY P 205 41.15 14.52 18.12
N VAL P 206 42.11 14.07 18.96
CA VAL P 206 41.98 14.11 20.41
C VAL P 206 42.80 15.24 20.99
N TYR P 207 42.24 15.92 22.01
CA TYR P 207 42.91 17.06 22.63
C TYR P 207 42.78 16.88 24.12
N THR P 208 43.80 17.36 24.86
CA THR P 208 43.78 17.22 26.34
C THR P 208 42.69 18.10 26.92
N ASN P 209 41.85 17.54 27.78
CA ASN P 209 40.71 18.29 28.26
C ASN P 209 41.07 19.16 29.41
N LEU P 210 41.68 20.32 29.11
CA LEU P 210 42.20 21.23 30.16
C LEU P 210 41.21 21.62 31.24
N CYS P 211 39.93 21.72 30.98
CA CYS P 211 39.07 22.07 32.10
C CYS P 211 39.12 21.07 33.17
N LYS P 212 39.80 20.02 32.91
CA LYS P 212 39.78 19.03 33.94
C LYS P 212 41.00 19.14 34.87
N PHE P 213 41.99 19.93 34.50
CA PHE P 213 43.20 20.02 35.29
C PHE P 213 43.48 21.43 35.80
N THR P 214 42.41 22.22 35.95
CA THR P 214 42.62 23.63 36.43
C THR P 214 43.32 23.58 37.82
N GLU P 215 42.70 22.92 38.80
CA GLU P 215 43.36 22.84 40.08
C GLU P 215 44.86 22.38 40.00
N TRP P 216 45.18 21.35 39.25
CA TRP P 216 46.53 20.95 39.13
C TRP P 216 47.37 22.00 38.48
N ILE P 217 46.91 22.53 37.37
CA ILE P 217 47.72 23.54 36.70
C ILE P 217 48.03 24.70 37.68
N GLU P 218 47.06 24.99 38.54
CA GLU P 218 47.23 26.09 39.46
C GLU P 218 48.23 25.76 40.52
N LYS P 219 47.91 24.75 41.30
CA LYS P 219 48.76 24.32 42.38
C LYS P 219 50.23 24.19 41.94
N THR P 220 50.44 23.98 40.66
CA THR P 220 51.77 23.78 40.17
C THR P 220 52.41 25.09 39.83
N VAL P 221 51.77 25.86 38.96
CA VAL P 221 52.31 27.12 38.53
C VAL P 221 52.60 28.00 39.71
N GLN P 222 51.66 28.02 40.64
CA GLN P 222 51.81 28.88 41.81
C GLN P 222 52.80 28.24 42.78
N ALA P 223 52.25 27.51 43.76
CA ALA P 223 53.09 26.82 44.75
C ALA P 223 54.20 25.93 44.06
CO CO Q . -29.84 -4.97 29.01
N2 PBZ R . -35.46 -0.30 2.82
N3 PBZ R . -33.05 0.10 2.95
C7 PBZ R . -34.38 0.56 3.12
C4 PBZ R . -34.71 2.04 3.73
C2 PBZ R . -33.83 4.15 4.44
C3 PBZ R . -33.67 2.91 3.92
C5 PBZ R . -36.07 2.54 4.14
C6 PBZ R . -36.23 3.87 4.70
C1 PBZ R . -35.01 4.64 4.82
N1 PBZ R . -34.92 5.87 5.27
N2 PBZ S . -39.77 -16.53 -11.39
N3 PBZ S . -41.21 -15.20 -10.02
C7 PBZ S . -40.07 -15.88 -10.22
C4 PBZ S . -39.13 -15.90 -8.98
C2 PBZ S . -38.04 -14.69 -7.15
C3 PBZ S . -38.85 -14.68 -8.33
C5 PBZ S . -38.54 -17.16 -8.43
C6 PBZ S . -37.74 -17.14 -7.26
C1 PBZ S . -37.49 -15.88 -6.60
N1 PBZ S . -36.72 -15.78 -5.39
N2 PBZ T . -53.89 -0.77 -21.56
N3 PBZ T . -53.02 -0.83 -19.40
C7 PBZ T . -53.58 -1.41 -20.47
C4 PBZ T . -53.84 -2.83 -20.43
C2 PBZ T . -53.33 -5.14 -19.54
C3 PBZ T . -53.10 -3.73 -19.58
C5 PBZ T . -54.80 -3.33 -21.22
C6 PBZ T . -55.04 -4.74 -21.19
C1 PBZ T . -54.32 -5.63 -20.36
N1 PBZ T . -54.64 -6.97 -20.43
N2 PBZ U . -47.76 16.04 -6.43
N3 PBZ U . -47.17 13.91 -7.29
C7 PBZ U . -47.96 14.99 -7.29
C4 PBZ U . -49.22 15.02 -8.20
C2 PBZ U . -51.51 14.25 -8.61
C3 PBZ U . -50.33 14.26 -7.85
C5 PBZ U . -49.33 15.79 -9.36
C6 PBZ U . -50.54 15.77 -10.15
C1 PBZ U . -51.62 14.98 -9.71
N1 PBZ U . -52.79 14.93 -10.36
CO CO V . -31.37 25.46 -68.47
N2 PBZ W . -26.94 15.11 -44.33
N3 PBZ W . -24.69 14.73 -43.53
C7 PBZ W . -25.79 15.57 -43.81
C4 PBZ W . -25.71 17.14 -43.59
C2 PBZ W . -24.71 19.16 -42.64
C3 PBZ W . -24.73 17.75 -42.77
C5 PBZ W . -26.67 18.03 -44.25
C6 PBZ W . -26.65 19.40 -44.12
C1 PBZ W . -25.68 20.02 -43.32
N1 PBZ W . -25.68 21.53 -43.22
N2 PBZ X . -17.42 -6.59 -41.01
N3 PBZ X . -16.12 -4.63 -40.77
C7 PBZ X . -17.07 -5.32 -41.34
C4 PBZ X . -17.80 -4.62 -42.42
C2 PBZ X . -18.14 -2.81 -43.88
C3 PBZ X . -17.40 -3.40 -42.85
C5 PBZ X . -18.93 -5.20 -43.03
C6 PBZ X . -19.65 -4.60 -44.03
C1 PBZ X . -19.25 -3.41 -44.44
N1 PBZ X . -19.96 -2.77 -45.39
N2 PBZ Y . -5.42 3.40 -25.39
N3 PBZ Y . -3.84 2.66 -23.73
C7 PBZ Y . -4.51 2.45 -24.88
C4 PBZ Y . -4.27 1.04 -25.56
C2 PBZ Y . -3.73 -0.40 -27.42
C3 PBZ Y . -3.94 0.88 -26.92
C5 PBZ Y . -4.38 -0.13 -24.73
C6 PBZ Y . -4.19 -1.40 -25.23
C1 PBZ Y . -3.87 -1.57 -26.54
N1 PBZ Y . -3.69 -2.94 -26.96
N2 PBZ Z . -13.88 21.27 -26.44
N3 PBZ Z . -13.02 22.35 -28.12
C7 PBZ Z . -12.87 21.78 -26.98
C4 PBZ Z . -11.52 21.69 -26.31
C2 PBZ Z . -10.03 22.14 -24.49
C3 PBZ Z . -11.29 22.24 -25.04
C5 PBZ Z . -10.46 21.01 -27.04
C6 PBZ Z . -9.13 20.89 -26.49
C1 PBZ Z . -8.88 21.45 -25.20
N1 PBZ Z . -7.51 21.36 -24.66
CO CO AA . 33.74 -12.54 72.29
N2 PBZ BA . 25.99 -7.79 44.89
N3 PBZ BA . 27.63 -7.98 46.49
C7 PBZ BA . 26.58 -7.33 45.97
C4 PBZ BA . 26.00 -6.07 46.64
C2 PBZ BA . 26.28 -3.74 47.55
C3 PBZ BA . 26.84 -4.95 46.93
C5 PBZ BA . 24.59 -6.00 46.97
C6 PBZ BA . 23.98 -4.82 47.59
C1 PBZ BA . 24.84 -3.67 47.88
N1 PBZ BA . 24.27 -2.48 48.47
N2 PBZ CA . 21.45 -23.92 32.93
N3 PBZ CA . 19.46 -24.40 33.94
C7 PBZ CA . 20.74 -24.17 33.98
C4 PBZ CA . 21.46 -24.27 35.26
C2 PBZ CA . 21.80 -23.66 37.59
C3 PBZ CA . 21.06 -23.51 36.34
C5 PBZ CA . 22.58 -25.14 35.41
C6 PBZ CA . 23.28 -25.25 36.63
C1 PBZ CA . 22.87 -24.51 37.70
N1 PBZ CA . 23.50 -24.64 38.85
N2 PBZ DA . 5.58 -9.84 22.30
N3 PBZ DA . 5.31 -9.72 24.64
C7 PBZ DA . 5.47 -10.42 23.53
C4 PBZ DA . 5.47 -11.91 23.69
C2 PBZ DA . 6.38 -14.01 24.61
C3 PBZ DA . 6.44 -12.56 24.47
C5 PBZ DA . 4.52 -12.63 23.10
C6 PBZ DA . 4.47 -14.00 23.24
C1 PBZ DA . 5.35 -14.73 23.96
N1 PBZ DA . 5.20 -16.15 24.04
N2 PBZ EA . 12.93 7.12 36.01
N3 PBZ EA . 12.11 4.79 36.34
C7 PBZ EA . 11.91 6.14 35.96
C4 PBZ EA . 10.47 6.52 35.38
C2 PBZ EA . 8.17 5.82 34.87
C3 PBZ EA . 9.44 5.54 35.42
C5 PBZ EA . 10.21 7.83 34.79
C6 PBZ EA . 8.93 8.13 34.24
C1 PBZ EA . 7.86 7.11 34.26
N1 PBZ EA . 6.51 7.35 33.68
CO CO FA . 25.06 16.74 -25.19
N2 PBZ GA . 30.72 6.74 -1.85
N3 PBZ GA . 32.74 6.14 -0.93
C7 PBZ GA . 31.87 7.02 -1.35
C4 PBZ GA . 32.28 8.41 -1.21
C2 PBZ GA . 34.15 10.03 -1.27
C3 PBZ GA . 33.66 8.73 -1.38
C5 PBZ GA . 31.34 9.40 -0.92
C6 PBZ GA . 31.80 10.72 -0.80
C1 PBZ GA . 33.22 11.05 -0.97
N1 PBZ GA . 33.71 12.41 -0.88
N2 PBZ HA . 41.08 -13.80 1.54
N3 PBZ HA . 41.76 -11.61 1.46
C7 PBZ HA . 41.05 -12.64 0.97
C4 PBZ HA . 40.27 -12.44 -0.31
C2 PBZ HA . 40.21 -11.30 -2.64
C3 PBZ HA . 40.84 -11.57 -1.36
C5 PBZ HA . 39.06 -13.08 -0.55
C6 PBZ HA . 38.42 -12.82 -1.86
C1 PBZ HA . 38.99 -11.93 -2.92
N1 PBZ HA . 38.33 -11.72 -4.17
N2 PBZ IA . 53.08 -5.12 17.15
N3 PBZ IA . 55.15 -4.94 18.11
C7 PBZ IA . 54.37 -5.46 17.17
C4 PBZ IA . 54.96 -6.51 16.18
C2 PBZ IA . 55.98 -7.19 14.15
C3 PBZ IA . 55.44 -6.17 14.98
C5 PBZ IA . 55.00 -7.88 16.53
C6 PBZ IA . 55.52 -8.89 15.71
C1 PBZ IA . 56.01 -8.54 14.54
N1 PBZ IA . 56.55 -9.51 13.68
N2 PBZ JA . 45.20 13.66 13.84
N3 PBZ JA . 45.43 16.01 14.43
C7 PBZ JA . 45.84 14.67 14.47
C4 PBZ JA . 47.16 14.30 15.25
C2 PBZ JA . 48.48 14.00 17.37
C3 PBZ JA . 47.25 14.33 16.72
C5 PBZ JA . 48.37 13.93 14.47
C6 PBZ JA . 49.59 13.60 15.14
C1 PBZ JA . 49.64 13.64 16.57
N1 PBZ JA . 50.85 13.29 17.19
#